data_8ZY0
#
_entry.id   8ZY0
#
_cell.length_a   1.00
_cell.length_b   1.00
_cell.length_c   1.00
_cell.angle_alpha   90.00
_cell.angle_beta   90.00
_cell.angle_gamma   90.00
#
_symmetry.space_group_name_H-M   'P 1'
#
loop_
_entity.id
_entity.type
_entity.pdbx_description
1 polymer 'Spike glycoprotein'
2 branched 2-acetamido-2-deoxy-beta-D-glucopyranose-(1-4)-2-acetamido-2-deoxy-beta-D-glucopyranose
3 branched alpha-D-mannopyranose-(1-2)-alpha-D-mannopyranose-(1-3)-beta-D-mannopyranose-(1-4)-2-acetamido-2-deoxy-beta-D-glucopyranose-(1-4)-2-acetamido-2-deoxy-beta-D-glucopyranose
4 branched alpha-D-mannopyranose-(1-3)-beta-D-mannopyranose-(1-4)-2-acetamido-2-deoxy-beta-D-glucopyranose-(1-4)-2-acetamido-2-deoxy-beta-D-glucopyranose
5 non-polymer 2-acetamido-2-deoxy-beta-D-glucopyranose
6 non-polymer 'BILIVERDINE IX ALPHA'
#
_entity_poly.entity_id   1
_entity_poly.type   'polypeptide(L)'
_entity_poly.pdbx_seq_one_letter_code
;MKFFILLSLLSFTTAQEGCGILSNKSNPALTQYFSSRRGFYYFDDTFRSSVRVLTTGYFLPFNSNLTGYSSRNSVTGRLI
QFDNPNIPFKDGLYFAATERSNVIRGWIFGSTLDNTTQSAVLFNNGTHIVINVCNFYFCQDPMLAVANGSHFKSWVFLNA
TNCTYNRVHGFEIDPSPNTGSFIHLREHVFRNVDGFLYVYHNYERVDVYDNFPQGFSVLKPIFKLPFGLNITQFKVIMTL
FSPTTSSFNADASVYFVGHLKPLTMLAEFDENGTITDAVDCSQDPLSELKCTTKSLTVEKGIYQTSNFRVSPSTEVVRFP
NITNLCPFGQVFNASNFPSVYAWERLRISDCVADYAVLYNSSSSFSTFKCYGVSPTKLNDLCFSSVYADYFVVKGDDVRQ
IAPAQTGVIADYNYKLPDDFTGCVLAWNTNSVDSKSGNNFYYRLFRHGKIKPYERDISNVLYNSAGGTCSSISQLGCYEP
LKSYGFTPTVGVGYQPYRVVVLSFELLNAPATVCGPKKSTELVKNKCVNFNFNGLTGTGVLTSSTKKFQPFQQFGRDVSD
FTDSVRDPKTFEILDISPCSYGGVSVITPGTNTSKAVAVLYQDVNCTDVPTMIHVEQVSSDWRVYAFNSYGNMFQTQAGC
LVGAIYENTTYECDIPIGAGICAKFGSDKIRMGQESIVAYTMSIGEDQSIAYSNNIIAIPTNFSISVTTEVLPVSMTKTS
VDCNMYICGDSTECSNLLLQYGSFCTQLNRALSGIAVEQDRNTRDVFAQTKSIYKTPNIKDFGGFNFSQILPDPKKLSYR
SFIEDLLYNKVTLSDPGFMKQYGDCLGGINARDLICAQKFNGLTVLPPLLTDDMIAAYTAALISGTATAGYTFGAGAALQ
IPFAMQMAYRFNGIGVTQNVLYENQKQIANQFNNAISKIQDSLTTTSAALGKLQDVINQNAVALNTLVKQLSSNFGAISS
VLNDILSRLDKVEAEVQIDRLITGRLQSLQTYVTQQLIRAAEIRASANLAATKMSECVLGQSKRVDFCGKGYHLMSFPQA
APHGVVFLHVTYVPSQQQNFTTAPAICHNGKAYFPREGVFVMNGTHWFITQRNFYSPQVITTDNTFESGSCDVVIGIINN
TVYDPLQPELESFKQELDKYFKNHTSPDVDFGDISGINASVVDIKKEIAHLNEIAKNLNESLIDLQELGKYEQ
;
_entity_poly.pdbx_strand_id   A,B,C
#
# COMPACT_ATOMS: atom_id res chain seq x y z
N GLU A 17 -19.64 -67.61 -5.19
CA GLU A 17 -19.10 -68.95 -4.96
C GLU A 17 -20.05 -69.79 -4.10
N GLY A 18 -21.34 -69.76 -4.46
CA GLY A 18 -22.33 -70.50 -3.71
C GLY A 18 -22.73 -69.82 -2.41
N CYS A 19 -23.33 -68.64 -2.52
CA CYS A 19 -23.64 -67.84 -1.34
C CYS A 19 -24.75 -68.48 -0.52
N GLY A 20 -24.52 -68.58 0.80
CA GLY A 20 -25.54 -69.09 1.68
C GLY A 20 -26.67 -68.10 1.88
N ILE A 21 -27.83 -68.64 2.28
CA ILE A 21 -29.04 -67.85 2.40
C ILE A 21 -29.58 -67.96 3.83
N LEU A 22 -30.35 -66.95 4.21
CA LEU A 22 -31.05 -66.92 5.49
C LEU A 22 -32.55 -66.76 5.23
N SER A 23 -33.35 -67.17 6.21
CA SER A 23 -34.80 -67.16 6.07
C SER A 23 -35.45 -66.07 6.92
N ASN A 24 -35.18 -66.05 8.23
CA ASN A 24 -35.77 -65.07 9.12
C ASN A 24 -34.65 -64.36 9.89
N LYS A 25 -34.69 -63.03 9.89
CA LYS A 25 -33.77 -62.23 10.67
C LYS A 25 -34.54 -61.10 11.35
N SER A 26 -34.07 -60.71 12.53
CA SER A 26 -34.74 -59.68 13.30
C SER A 26 -34.50 -58.30 12.69
N ASN A 27 -35.41 -57.39 12.99
CA ASN A 27 -35.30 -56.02 12.49
C ASN A 27 -34.12 -55.32 13.16
N PRO A 28 -33.40 -54.47 12.44
CA PRO A 28 -32.29 -53.73 13.05
C PRO A 28 -32.77 -52.72 14.07
N ALA A 29 -31.98 -52.54 15.13
CA ALA A 29 -32.21 -51.54 16.16
C ALA A 29 -31.18 -50.44 15.97
N LEU A 30 -31.63 -49.27 15.50
CA LEU A 30 -30.73 -48.17 15.18
C LEU A 30 -30.48 -47.31 16.41
N THR A 31 -29.82 -47.92 17.40
CA THR A 31 -29.40 -47.19 18.58
C THR A 31 -28.28 -46.22 18.24
N GLN A 32 -28.36 -45.01 18.77
CA GLN A 32 -27.44 -43.94 18.42
C GLN A 32 -26.53 -43.62 19.60
N TYR A 33 -25.23 -43.55 19.33
CA TYR A 33 -24.20 -43.27 20.32
C TYR A 33 -23.55 -41.93 20.03
N PHE A 34 -22.54 -41.59 20.83
CA PHE A 34 -21.83 -40.33 20.73
C PHE A 34 -20.35 -40.58 20.45
N SER A 35 -19.79 -39.84 19.50
CA SER A 35 -18.37 -39.88 19.19
C SER A 35 -17.73 -38.60 19.69
N SER A 36 -16.87 -38.71 20.70
CA SER A 36 -16.38 -37.52 21.38
C SER A 36 -15.41 -36.71 20.53
N ARG A 37 -14.24 -37.26 20.24
CA ARG A 37 -13.21 -36.58 19.45
C ARG A 37 -12.54 -37.56 18.50
N ARG A 38 -13.31 -38.46 17.91
CA ARG A 38 -12.73 -39.62 17.24
C ARG A 38 -12.44 -39.42 15.76
N GLY A 39 -13.19 -38.56 15.07
CA GLY A 39 -13.02 -38.43 13.64
C GLY A 39 -12.09 -37.35 13.20
N PHE A 40 -10.83 -37.71 12.90
CA PHE A 40 -9.86 -36.77 12.39
C PHE A 40 -8.76 -37.56 11.68
N TYR A 41 -8.20 -36.95 10.62
CA TYR A 41 -7.20 -37.61 9.80
C TYR A 41 -6.18 -36.59 9.34
N TYR A 42 -5.12 -37.09 8.69
CA TYR A 42 -4.13 -36.23 8.07
C TYR A 42 -4.69 -35.74 6.75
N PHE A 43 -5.00 -34.45 6.68
CA PHE A 43 -5.73 -33.90 5.54
C PHE A 43 -4.86 -33.64 4.33
N ASP A 44 -3.54 -33.67 4.47
CA ASP A 44 -2.64 -33.47 3.33
C ASP A 44 -1.37 -34.26 3.57
N ASP A 45 -0.34 -33.97 2.77
CA ASP A 45 0.95 -34.62 2.89
C ASP A 45 2.10 -33.64 3.12
N THR A 46 1.81 -32.35 3.32
CA THR A 46 2.85 -31.38 3.61
C THR A 46 3.41 -31.62 5.00
N PHE A 47 4.75 -31.61 5.09
CA PHE A 47 5.43 -31.87 6.35
C PHE A 47 5.51 -30.59 7.16
N ARG A 48 4.99 -30.62 8.38
CA ARG A 48 4.96 -29.46 9.26
C ARG A 48 5.66 -29.80 10.57
N SER A 49 6.00 -28.75 11.32
CA SER A 49 6.69 -28.94 12.60
C SER A 49 6.44 -27.73 13.49
N SER A 50 5.83 -27.95 14.66
CA SER A 50 5.64 -26.93 15.70
C SER A 50 4.87 -25.73 15.20
N VAL A 51 3.80 -25.97 14.44
CA VAL A 51 2.96 -24.90 13.91
C VAL A 51 1.50 -25.31 14.10
N ARG A 52 0.64 -24.30 14.19
CA ARG A 52 -0.81 -24.50 14.26
C ARG A 52 -1.44 -23.92 13.01
N VAL A 53 -2.16 -24.74 12.27
CA VAL A 53 -2.76 -24.35 10.99
C VAL A 53 -4.27 -24.43 11.10
N LEU A 54 -4.96 -23.68 10.25
CA LEU A 54 -6.42 -23.67 10.17
C LEU A 54 -6.84 -24.21 8.81
N THR A 55 -7.64 -25.27 8.81
CA THR A 55 -7.99 -25.98 7.60
C THR A 55 -9.50 -26.10 7.47
N THR A 56 -9.95 -26.26 6.24
CA THR A 56 -11.37 -26.44 5.92
C THR A 56 -11.53 -27.63 4.99
N GLY A 57 -12.52 -28.46 5.28
CA GLY A 57 -12.74 -29.65 4.47
C GLY A 57 -13.94 -30.42 4.99
N TYR A 58 -13.92 -31.73 4.74
CA TYR A 58 -14.99 -32.63 5.18
C TYR A 58 -14.49 -33.44 6.36
N PHE A 59 -15.03 -33.17 7.54
CA PHE A 59 -14.66 -33.85 8.77
C PHE A 59 -15.92 -34.24 9.52
N LEU A 60 -15.77 -35.21 10.43
CA LEU A 60 -16.86 -35.59 11.31
C LEU A 60 -16.85 -34.69 12.53
N PRO A 61 -17.93 -33.95 12.82
CA PRO A 61 -17.92 -33.02 13.95
C PRO A 61 -17.90 -33.74 15.28
N PHE A 62 -17.37 -33.05 16.29
CA PHE A 62 -17.28 -33.61 17.62
C PHE A 62 -18.65 -33.72 18.27
N ASN A 63 -18.83 -34.75 19.09
CA ASN A 63 -20.09 -35.08 19.76
C ASN A 63 -21.22 -35.26 18.75
N SER A 64 -21.00 -36.17 17.81
CA SER A 64 -21.96 -36.48 16.76
C SER A 64 -22.74 -37.74 17.12
N ASN A 65 -23.65 -38.13 16.21
CA ASN A 65 -24.47 -39.31 16.39
C ASN A 65 -23.92 -40.43 15.51
N LEU A 66 -23.66 -41.59 16.11
CA LEU A 66 -23.22 -42.77 15.39
C LEU A 66 -24.28 -43.86 15.53
N THR A 67 -24.68 -44.45 14.41
CA THR A 67 -25.65 -45.54 14.42
C THR A 67 -24.93 -46.88 14.55
N GLY A 68 -25.36 -47.67 15.52
CA GLY A 68 -24.76 -48.97 15.78
C GLY A 68 -25.50 -50.10 15.09
N TYR A 69 -24.77 -51.15 14.75
CA TYR A 69 -25.34 -52.30 14.05
C TYR A 69 -24.77 -53.57 14.68
N SER A 70 -25.58 -54.25 15.48
CA SER A 70 -25.14 -55.45 16.18
C SER A 70 -25.16 -56.66 15.25
N SER A 71 -24.51 -57.75 15.70
CA SER A 71 -24.48 -58.98 14.91
C SER A 71 -24.57 -60.24 15.76
N ARG A 72 -25.08 -60.16 17.00
CA ARG A 72 -25.06 -61.30 17.90
C ARG A 72 -26.33 -62.14 17.76
N ASN A 73 -26.25 -63.36 18.29
CA ASN A 73 -27.39 -64.27 18.34
C ASN A 73 -27.27 -65.13 19.59
N SER A 74 -28.41 -65.63 20.07
CA SER A 74 -28.49 -66.52 21.21
C SER A 74 -28.84 -67.93 20.75
N VAL A 75 -28.95 -68.85 21.71
CA VAL A 75 -29.25 -70.24 21.39
C VAL A 75 -30.71 -70.37 20.94
N THR A 76 -31.63 -69.78 21.70
CA THR A 76 -33.06 -69.83 21.38
C THR A 76 -33.65 -68.46 21.69
N GLY A 77 -34.97 -68.37 21.64
CA GLY A 77 -35.63 -67.10 21.88
C GLY A 77 -35.43 -66.13 20.74
N ARG A 78 -34.58 -65.14 20.97
CA ARG A 78 -34.23 -64.18 19.92
C ARG A 78 -33.48 -64.87 18.79
N LEU A 79 -33.70 -64.37 17.57
CA LEU A 79 -33.17 -64.97 16.36
C LEU A 79 -31.96 -64.19 15.87
N ILE A 80 -31.49 -64.52 14.66
CA ILE A 80 -30.26 -63.94 14.11
C ILE A 80 -30.44 -62.44 13.86
N GLN A 81 -29.33 -61.71 13.98
CA GLN A 81 -29.38 -60.25 13.99
C GLN A 81 -28.27 -59.64 13.13
N PHE A 82 -28.10 -60.11 11.89
CA PHE A 82 -27.29 -59.36 10.94
C PHE A 82 -27.95 -58.03 10.61
N ASP A 83 -27.14 -56.98 10.61
CA ASP A 83 -27.58 -55.62 10.28
C ASP A 83 -26.64 -55.10 9.19
N ASN A 84 -26.98 -55.38 7.94
CA ASN A 84 -26.20 -54.91 6.78
C ASN A 84 -27.12 -54.22 5.78
N PRO A 85 -27.54 -52.99 6.05
CA PRO A 85 -28.35 -52.25 5.10
C PRO A 85 -27.48 -51.46 4.12
N ASN A 86 -28.15 -50.82 3.16
CA ASN A 86 -27.47 -49.99 2.17
C ASN A 86 -27.33 -48.59 2.73
N ILE A 87 -26.21 -48.36 3.41
CA ILE A 87 -25.93 -47.05 4.01
C ILE A 87 -25.50 -46.09 2.91
N PRO A 88 -26.05 -44.87 2.85
CA PRO A 88 -25.60 -43.90 1.86
C PRO A 88 -24.16 -43.45 2.12
N PHE A 89 -23.48 -43.10 1.02
CA PHE A 89 -22.09 -42.66 1.13
C PHE A 89 -22.00 -41.16 1.35
N LYS A 90 -22.79 -40.38 0.60
CA LYS A 90 -22.85 -38.92 0.67
C LYS A 90 -21.47 -38.34 0.36
N ASP A 91 -20.87 -37.55 1.25
CA ASP A 91 -19.54 -36.99 1.00
C ASP A 91 -18.42 -37.78 1.66
N GLY A 92 -18.75 -38.75 2.51
CA GLY A 92 -17.73 -39.54 3.17
C GLY A 92 -18.35 -40.30 4.32
N LEU A 93 -17.55 -41.20 4.88
CA LEU A 93 -18.01 -42.04 5.98
C LEU A 93 -16.90 -42.18 7.01
N TYR A 94 -17.32 -42.37 8.27
CA TYR A 94 -16.44 -42.77 9.35
C TYR A 94 -16.90 -44.13 9.82
N PHE A 95 -16.01 -45.12 9.73
CA PHE A 95 -16.34 -46.50 10.08
C PHE A 95 -15.48 -46.93 11.25
N ALA A 96 -16.11 -47.49 12.28
CA ALA A 96 -15.41 -48.00 13.45
C ALA A 96 -15.97 -49.38 13.80
N ALA A 97 -15.07 -50.30 14.16
CA ALA A 97 -15.44 -51.67 14.50
C ALA A 97 -14.86 -52.04 15.85
N THR A 98 -15.64 -52.77 16.64
CA THR A 98 -15.28 -53.18 18.00
C THR A 98 -15.49 -54.67 18.18
N GLU A 99 -14.98 -55.48 17.27
CA GLU A 99 -15.15 -56.92 17.36
C GLU A 99 -14.10 -57.54 18.28
N ARG A 100 -14.37 -58.80 18.68
CA ARG A 100 -13.45 -59.57 19.50
C ARG A 100 -13.03 -60.89 18.88
N SER A 101 -13.84 -61.47 17.99
CA SER A 101 -13.55 -62.76 17.38
C SER A 101 -13.13 -62.63 15.93
N ASN A 102 -12.66 -61.43 15.53
CA ASN A 102 -12.17 -61.15 14.17
C ASN A 102 -13.24 -61.43 13.12
N VAL A 103 -14.46 -60.97 13.40
CA VAL A 103 -15.63 -61.39 12.63
C VAL A 103 -16.01 -60.40 11.55
N ILE A 104 -15.94 -59.09 11.79
CA ILE A 104 -16.30 -58.10 10.79
C ILE A 104 -15.09 -57.80 9.91
N ARG A 105 -15.26 -57.93 8.60
CA ARG A 105 -14.18 -57.67 7.66
C ARG A 105 -14.77 -57.28 6.32
N GLY A 106 -14.21 -56.22 5.73
CA GLY A 106 -14.51 -55.88 4.35
C GLY A 106 -15.69 -54.94 4.19
N TRP A 107 -15.72 -54.28 3.03
CA TRP A 107 -16.79 -53.35 2.67
C TRP A 107 -17.09 -53.53 1.19
N ILE A 108 -18.25 -53.02 0.78
CA ILE A 108 -18.68 -53.03 -0.61
C ILE A 108 -19.08 -51.61 -1.01
N PHE A 109 -18.49 -51.11 -2.09
CA PHE A 109 -18.78 -49.78 -2.60
C PHE A 109 -19.41 -49.87 -3.97
N GLY A 110 -20.36 -48.97 -4.24
CA GLY A 110 -21.04 -48.96 -5.51
C GLY A 110 -22.16 -47.94 -5.52
N SER A 111 -23.01 -48.04 -6.55
CA SER A 111 -24.13 -47.14 -6.72
C SER A 111 -25.47 -47.86 -6.67
N THR A 112 -25.61 -48.99 -7.34
CA THR A 112 -26.84 -49.78 -7.30
C THR A 112 -26.63 -51.19 -6.75
N LEU A 113 -25.38 -51.66 -6.65
CA LEU A 113 -25.01 -52.94 -6.04
C LEU A 113 -25.68 -54.12 -6.75
N ASP A 114 -25.78 -54.05 -8.08
CA ASP A 114 -26.17 -55.18 -8.91
C ASP A 114 -25.18 -55.29 -10.06
N ASN A 115 -25.45 -56.20 -10.99
CA ASN A 115 -24.52 -56.49 -12.08
C ASN A 115 -24.77 -55.64 -13.32
N THR A 116 -25.64 -54.63 -13.22
CA THR A 116 -25.82 -53.68 -14.31
C THR A 116 -24.96 -52.43 -14.17
N THR A 117 -24.23 -52.29 -13.07
CA THR A 117 -23.35 -51.16 -12.83
C THR A 117 -22.13 -51.67 -12.06
N GLN A 118 -20.97 -51.09 -12.36
CA GLN A 118 -19.73 -51.54 -11.74
C GLN A 118 -19.70 -51.22 -10.25
N SER A 119 -19.17 -52.16 -9.46
CA SER A 119 -19.04 -52.00 -8.02
C SER A 119 -17.68 -52.56 -7.59
N ALA A 120 -17.20 -52.08 -6.45
CA ALA A 120 -15.89 -52.46 -5.93
C ALA A 120 -16.03 -53.18 -4.61
N VAL A 121 -15.11 -54.10 -4.33
CA VAL A 121 -15.03 -54.81 -3.06
C VAL A 121 -13.63 -54.67 -2.51
N LEU A 122 -13.54 -54.50 -1.18
CA LEU A 122 -12.26 -54.41 -0.48
C LEU A 122 -12.43 -55.21 0.80
N PHE A 123 -12.11 -56.51 0.74
CA PHE A 123 -12.36 -57.40 1.86
C PHE A 123 -11.17 -58.30 2.10
N ASN A 124 -11.02 -58.74 3.35
CA ASN A 124 -9.99 -59.69 3.72
C ASN A 124 -10.48 -61.10 3.37
N ASN A 125 -9.76 -61.75 2.46
CA ASN A 125 -10.13 -63.10 2.03
C ASN A 125 -9.93 -64.13 3.12
N GLY A 126 -9.07 -63.86 4.09
CA GLY A 126 -8.70 -64.85 5.10
C GLY A 126 -7.23 -65.16 5.00
N THR A 127 -6.74 -65.28 3.77
CA THR A 127 -5.32 -65.43 3.49
C THR A 127 -4.79 -64.36 2.55
N HIS A 128 -5.62 -63.41 2.12
CA HIS A 128 -5.21 -62.34 1.22
C HIS A 128 -6.12 -61.14 1.43
N ILE A 129 -5.66 -59.99 0.93
CA ILE A 129 -6.47 -58.78 0.86
C ILE A 129 -6.87 -58.59 -0.60
N VAL A 130 -8.16 -58.69 -0.88
CA VAL A 130 -8.67 -58.71 -2.25
C VAL A 130 -9.31 -57.36 -2.56
N ILE A 131 -8.80 -56.69 -3.58
CA ILE A 131 -9.38 -55.46 -4.09
C ILE A 131 -9.78 -55.72 -5.53
N ASN A 132 -11.06 -55.51 -5.85
CA ASN A 132 -11.59 -55.84 -7.16
C ASN A 132 -12.78 -54.92 -7.45
N VAL A 133 -12.76 -54.26 -8.60
CA VAL A 133 -13.90 -53.50 -9.10
C VAL A 133 -14.35 -54.11 -10.43
N CYS A 134 -15.55 -54.70 -10.42
CA CYS A 134 -16.07 -55.42 -11.58
C CYS A 134 -17.58 -55.18 -11.65
N ASN A 135 -18.25 -55.96 -12.50
CA ASN A 135 -19.71 -56.03 -12.53
C ASN A 135 -20.11 -57.24 -11.70
N PHE A 136 -20.45 -57.00 -10.44
CA PHE A 136 -20.66 -58.06 -9.47
C PHE A 136 -22.14 -58.41 -9.35
N TYR A 137 -22.42 -59.70 -9.30
CA TYR A 137 -23.77 -60.20 -9.02
C TYR A 137 -23.78 -60.64 -7.55
N PHE A 138 -24.03 -59.69 -6.67
CA PHE A 138 -24.00 -59.96 -5.24
C PHE A 138 -25.21 -60.78 -4.82
N CYS A 139 -25.00 -61.64 -3.82
CA CYS A 139 -26.09 -62.38 -3.22
C CYS A 139 -26.81 -61.50 -2.19
N GLN A 140 -27.83 -62.06 -1.56
CA GLN A 140 -28.64 -61.28 -0.63
C GLN A 140 -27.88 -60.96 0.66
N ASP A 141 -27.04 -61.89 1.12
CA ASP A 141 -26.26 -61.71 2.33
C ASP A 141 -24.80 -62.02 2.04
N PRO A 142 -24.02 -61.03 1.62
CA PRO A 142 -22.58 -61.25 1.36
C PRO A 142 -21.83 -61.52 2.67
N MET A 143 -21.09 -62.63 2.69
CA MET A 143 -20.43 -63.09 3.90
C MET A 143 -19.36 -64.10 3.51
N LEU A 144 -18.61 -64.57 4.51
CA LEU A 144 -17.68 -65.67 4.33
C LEU A 144 -17.71 -66.54 5.57
N ALA A 145 -17.64 -67.85 5.38
CA ALA A 145 -17.83 -68.80 6.47
C ALA A 145 -16.52 -69.48 6.84
N VAL A 146 -16.34 -69.70 8.14
CA VAL A 146 -15.17 -70.38 8.68
C VAL A 146 -15.64 -71.52 9.56
N ALA A 147 -14.74 -72.47 9.80
CA ALA A 147 -15.06 -73.65 10.59
C ALA A 147 -13.84 -74.09 11.40
N ASN A 148 -13.99 -74.10 12.73
CA ASN A 148 -12.97 -74.57 13.67
C ASN A 148 -11.64 -73.85 13.51
N GLY A 149 -11.70 -72.53 13.33
CA GLY A 149 -10.49 -71.75 13.16
C GLY A 149 -9.81 -71.93 11.83
N SER A 150 -10.54 -72.37 10.82
CA SER A 150 -10.00 -72.54 9.47
C SER A 150 -10.93 -71.89 8.47
N HIS A 151 -10.34 -71.30 7.43
CA HIS A 151 -11.10 -70.61 6.39
C HIS A 151 -11.80 -71.65 5.53
N PHE A 152 -13.11 -71.77 5.69
CA PHE A 152 -13.86 -72.80 4.95
C PHE A 152 -14.17 -72.33 3.54
N LYS A 153 -14.98 -71.27 3.41
CA LYS A 153 -15.45 -70.81 2.11
C LYS A 153 -15.68 -69.31 2.16
N SER A 154 -15.68 -68.69 0.98
CA SER A 154 -16.05 -67.29 0.83
C SER A 154 -17.29 -67.23 -0.06
N TRP A 155 -18.31 -66.50 0.41
CA TRP A 155 -19.63 -66.49 -0.21
C TRP A 155 -20.05 -65.06 -0.52
N VAL A 156 -19.15 -64.28 -1.11
CA VAL A 156 -19.43 -62.86 -1.33
C VAL A 156 -20.30 -62.66 -2.56
N PHE A 157 -19.82 -63.11 -3.72
CA PHE A 157 -20.51 -62.88 -4.99
C PHE A 157 -20.64 -64.19 -5.75
N LEU A 158 -21.50 -64.18 -6.76
CA LEU A 158 -21.71 -65.33 -7.64
C LEU A 158 -20.95 -65.19 -8.95
N ASN A 159 -21.12 -64.07 -9.66
CA ASN A 159 -20.48 -63.84 -10.94
C ASN A 159 -19.75 -62.50 -10.92
N ALA A 160 -18.62 -62.46 -11.61
CA ALA A 160 -17.83 -61.24 -11.74
C ALA A 160 -17.32 -61.15 -13.18
N THR A 161 -17.76 -60.13 -13.90
CA THR A 161 -17.43 -59.99 -15.31
C THR A 161 -17.02 -58.54 -15.61
N ASN A 162 -16.33 -58.39 -16.74
CA ASN A 162 -15.99 -57.09 -17.35
C ASN A 162 -15.16 -56.21 -16.41
N CYS A 163 -13.94 -56.70 -16.14
CA CYS A 163 -13.00 -55.89 -15.36
C CYS A 163 -11.57 -56.26 -15.70
N THR A 164 -10.66 -55.32 -15.45
CA THR A 164 -9.23 -55.53 -15.58
C THR A 164 -8.45 -55.13 -14.33
N TYR A 165 -9.11 -54.56 -13.32
CA TYR A 165 -8.44 -54.11 -12.11
C TYR A 165 -8.48 -55.22 -11.06
N ASN A 166 -7.33 -55.54 -10.50
CA ASN A 166 -7.23 -56.59 -9.49
C ASN A 166 -5.93 -56.40 -8.72
N ARG A 167 -6.02 -56.32 -7.40
CA ARG A 167 -4.86 -56.26 -6.52
C ARG A 167 -5.03 -57.25 -5.38
N VAL A 168 -3.97 -58.01 -5.09
CA VAL A 168 -3.99 -59.01 -4.04
C VAL A 168 -2.73 -58.84 -3.20
N HIS A 169 -2.92 -58.68 -1.89
CA HIS A 169 -1.81 -58.51 -0.94
C HIS A 169 -1.79 -59.71 0.00
N GLY A 170 -0.59 -60.23 0.25
CA GLY A 170 -0.46 -61.34 1.18
C GLY A 170 -0.69 -60.89 2.62
N PHE A 171 -1.53 -61.64 3.32
CA PHE A 171 -1.90 -61.30 4.69
C PHE A 171 -2.38 -62.57 5.38
N GLU A 172 -2.48 -62.53 6.69
CA GLU A 172 -2.90 -63.70 7.45
C GLU A 172 -3.57 -63.26 8.74
N ILE A 173 -4.72 -63.86 9.06
CA ILE A 173 -5.45 -63.58 10.29
C ILE A 173 -5.81 -64.91 10.95
N ASP A 174 -6.34 -64.81 12.17
CA ASP A 174 -6.81 -65.99 12.90
C ASP A 174 -8.32 -66.00 12.89
N PRO A 175 -8.97 -66.93 12.17
CA PRO A 175 -10.43 -66.92 12.10
C PRO A 175 -11.13 -67.65 13.24
N SER A 176 -10.41 -68.09 14.26
CA SER A 176 -11.03 -68.82 15.36
C SER A 176 -11.83 -67.87 16.23
N PRO A 177 -13.08 -68.19 16.55
CA PRO A 177 -13.86 -67.32 17.44
C PRO A 177 -13.33 -67.36 18.86
N ASN A 178 -13.51 -66.24 19.56
CA ASN A 178 -13.02 -66.10 20.93
C ASN A 178 -14.09 -65.41 21.77
N THR A 179 -14.01 -65.63 23.07
CA THR A 179 -14.89 -64.96 24.03
C THR A 179 -14.13 -63.84 24.74
N GLY A 180 -14.87 -62.83 25.17
CA GLY A 180 -14.24 -61.68 25.81
C GLY A 180 -15.22 -60.51 25.87
N SER A 181 -14.65 -59.32 25.85
CA SER A 181 -15.42 -58.08 26.01
C SER A 181 -14.95 -57.03 24.99
N PHE A 182 -14.77 -57.46 23.74
CA PHE A 182 -14.47 -56.60 22.59
C PHE A 182 -13.17 -55.81 22.81
N ILE A 183 -12.07 -56.56 22.86
CA ILE A 183 -10.77 -55.98 23.20
C ILE A 183 -10.11 -55.24 22.05
N HIS A 184 -10.75 -55.13 20.89
CA HIS A 184 -10.15 -54.48 19.73
C HIS A 184 -11.04 -53.33 19.26
N LEU A 185 -10.40 -52.27 18.76
CA LEU A 185 -11.10 -51.14 18.16
C LEU A 185 -10.36 -50.73 16.90
N ARG A 186 -10.98 -50.93 15.74
CA ARG A 186 -10.39 -50.59 14.46
C ARG A 186 -11.30 -49.57 13.77
N GLU A 187 -10.71 -48.47 13.29
CA GLU A 187 -11.49 -47.38 12.73
C GLU A 187 -10.91 -46.93 11.41
N HIS A 188 -11.79 -46.59 10.47
CA HIS A 188 -11.40 -46.14 9.13
C HIS A 188 -12.30 -44.97 8.72
N VAL A 189 -11.81 -44.17 7.79
CA VAL A 189 -12.64 -43.19 7.09
C VAL A 189 -12.44 -43.37 5.60
N PHE A 190 -13.47 -43.03 4.82
CA PHE A 190 -13.46 -43.21 3.38
C PHE A 190 -13.95 -41.93 2.71
N ARG A 191 -13.29 -41.56 1.61
CA ARG A 191 -13.71 -40.44 0.78
C ARG A 191 -13.10 -40.63 -0.60
N ASN A 192 -13.88 -40.33 -1.64
CA ASN A 192 -13.37 -40.35 -3.00
C ASN A 192 -13.56 -39.00 -3.68
N VAL A 193 -12.45 -38.44 -4.16
CA VAL A 193 -12.44 -37.18 -4.91
C VAL A 193 -11.49 -37.33 -6.08
N ASP A 194 -11.94 -36.85 -7.25
CA ASP A 194 -11.16 -36.85 -8.51
C ASP A 194 -10.71 -38.26 -8.89
N GLY A 195 -11.56 -39.25 -8.65
CA GLY A 195 -11.29 -40.63 -9.00
C GLY A 195 -10.68 -41.49 -7.92
N PHE A 196 -9.70 -40.97 -7.18
CA PHE A 196 -9.02 -41.77 -6.17
C PHE A 196 -9.92 -41.98 -4.96
N LEU A 197 -9.90 -43.20 -4.42
CA LEU A 197 -10.59 -43.53 -3.18
C LEU A 197 -9.57 -43.61 -2.06
N TYR A 198 -9.82 -42.87 -0.98
CA TYR A 198 -8.87 -42.74 0.12
C TYR A 198 -9.31 -43.59 1.29
N VAL A 199 -8.37 -44.36 1.85
CA VAL A 199 -8.63 -45.19 3.02
C VAL A 199 -7.62 -44.83 4.09
N TYR A 200 -8.10 -44.54 5.29
CA TYR A 200 -7.28 -44.19 6.44
C TYR A 200 -7.47 -45.25 7.53
N HIS A 201 -6.44 -45.43 8.35
CA HIS A 201 -6.42 -46.55 9.29
C HIS A 201 -5.92 -46.10 10.66
N ASN A 202 -6.54 -46.65 11.71
CA ASN A 202 -6.09 -46.47 13.08
C ASN A 202 -6.59 -47.64 13.92
N TYR A 203 -5.80 -48.02 14.91
CA TYR A 203 -6.15 -49.13 15.79
C TYR A 203 -5.65 -48.83 17.21
N GLU A 204 -6.46 -49.20 18.19
CA GLU A 204 -6.05 -49.11 19.59
C GLU A 204 -6.83 -50.16 20.38
N ARG A 205 -6.30 -50.50 21.56
CA ARG A 205 -6.87 -51.53 22.41
C ARG A 205 -7.74 -50.88 23.48
N VAL A 206 -8.96 -51.39 23.62
CA VAL A 206 -9.92 -50.92 24.60
C VAL A 206 -10.53 -52.12 25.32
N ASP A 207 -11.41 -51.84 26.28
CA ASP A 207 -12.17 -52.86 26.99
C ASP A 207 -13.57 -52.29 27.22
N VAL A 208 -14.47 -52.55 26.29
CA VAL A 208 -15.80 -51.94 26.29
C VAL A 208 -16.71 -52.84 25.46
N TYR A 209 -17.99 -52.90 25.84
CA TYR A 209 -18.89 -53.91 25.28
C TYR A 209 -20.00 -53.31 24.41
N ASP A 210 -20.80 -52.38 24.93
CA ASP A 210 -22.02 -51.98 24.21
C ASP A 210 -22.16 -50.47 24.02
N ASN A 211 -21.07 -49.72 24.06
CA ASN A 211 -21.12 -48.32 23.68
C ASN A 211 -19.76 -47.86 23.15
N PHE A 212 -19.79 -46.74 22.45
CA PHE A 212 -18.58 -46.23 21.80
C PHE A 212 -17.60 -45.69 22.84
N PRO A 213 -16.33 -46.07 22.80
CA PRO A 213 -15.35 -45.49 23.73
C PRO A 213 -15.09 -44.03 23.42
N GLN A 214 -14.68 -43.29 24.45
CA GLN A 214 -14.38 -41.87 24.35
C GLN A 214 -12.88 -41.67 24.24
N GLY A 215 -12.47 -40.66 23.48
CA GLY A 215 -11.07 -40.32 23.35
C GLY A 215 -10.83 -39.50 22.11
N PHE A 216 -9.55 -39.31 21.81
CA PHE A 216 -9.10 -38.58 20.63
C PHE A 216 -8.21 -39.48 19.79
N SER A 217 -8.44 -39.50 18.48
CA SER A 217 -7.68 -40.36 17.59
C SER A 217 -7.41 -39.63 16.28
N VAL A 218 -6.28 -39.97 15.66
CA VAL A 218 -5.87 -39.42 14.38
C VAL A 218 -5.69 -40.58 13.40
N LEU A 219 -6.29 -40.44 12.22
CA LEU A 219 -6.26 -41.49 11.20
C LEU A 219 -5.10 -41.25 10.24
N LYS A 220 -4.44 -42.34 9.85
CA LYS A 220 -3.29 -42.27 8.95
C LYS A 220 -3.60 -42.95 7.63
N PRO A 221 -3.18 -42.36 6.51
CA PRO A 221 -3.56 -42.91 5.20
C PRO A 221 -2.78 -44.17 4.83
N ILE A 222 -3.48 -45.14 4.26
CA ILE A 222 -2.85 -46.36 3.77
C ILE A 222 -3.13 -46.64 2.31
N PHE A 223 -4.20 -46.13 1.71
CA PHE A 223 -4.58 -46.49 0.35
C PHE A 223 -4.93 -45.24 -0.45
N LYS A 224 -4.68 -45.32 -1.75
CA LYS A 224 -5.17 -44.31 -2.70
C LYS A 224 -5.42 -45.07 -4.00
N LEU A 225 -6.66 -45.51 -4.20
CA LEU A 225 -6.98 -46.48 -5.24
C LEU A 225 -7.54 -45.78 -6.47
N PRO A 226 -6.90 -45.92 -7.63
CA PRO A 226 -7.32 -45.19 -8.85
C PRO A 226 -8.32 -45.93 -9.72
N PHE A 227 -9.58 -45.99 -9.27
CA PHE A 227 -10.67 -46.43 -10.12
C PHE A 227 -11.77 -45.38 -10.12
N GLY A 228 -12.24 -45.03 -11.31
CA GLY A 228 -13.27 -44.01 -11.42
C GLY A 228 -14.65 -44.61 -11.25
N LEU A 229 -15.20 -44.48 -10.04
CA LEU A 229 -16.43 -45.18 -9.68
C LEU A 229 -17.40 -44.19 -9.06
N ASN A 230 -18.64 -44.22 -9.54
CA ASN A 230 -19.74 -43.44 -8.96
C ASN A 230 -20.21 -44.18 -7.73
N ILE A 231 -19.79 -43.72 -6.55
CA ILE A 231 -20.04 -44.41 -5.29
C ILE A 231 -21.10 -43.62 -4.52
N THR A 232 -22.24 -44.26 -4.28
CA THR A 232 -23.31 -43.68 -3.46
C THR A 232 -23.82 -44.60 -2.36
N GLN A 233 -23.60 -45.90 -2.45
CA GLN A 233 -24.06 -46.86 -1.45
C GLN A 233 -22.88 -47.51 -0.75
N PHE A 234 -23.18 -48.35 0.23
CA PHE A 234 -22.17 -48.92 1.11
C PHE A 234 -22.75 -50.12 1.84
N LYS A 235 -21.95 -51.18 1.97
CA LYS A 235 -22.41 -52.41 2.61
C LYS A 235 -21.22 -53.07 3.30
N VAL A 236 -21.51 -53.85 4.33
CA VAL A 236 -20.48 -54.47 5.18
C VAL A 236 -20.61 -55.99 5.07
N ILE A 237 -19.46 -56.66 4.92
CA ILE A 237 -19.38 -58.12 4.83
C ILE A 237 -19.13 -58.69 6.22
N MET A 238 -19.79 -59.81 6.53
CA MET A 238 -19.76 -60.41 7.85
C MET A 238 -19.18 -61.83 7.77
N THR A 239 -19.22 -62.55 8.90
CA THR A 239 -18.64 -63.88 9.01
C THR A 239 -19.59 -64.78 9.80
N LEU A 240 -19.60 -66.07 9.46
CA LEU A 240 -20.40 -67.06 10.15
C LEU A 240 -19.50 -68.17 10.69
N PHE A 241 -19.97 -68.85 11.73
CA PHE A 241 -19.19 -69.83 12.47
C PHE A 241 -19.99 -71.12 12.65
N SER A 242 -19.32 -72.26 12.45
CA SER A 242 -19.95 -73.57 12.69
C SER A 242 -18.87 -74.64 12.82
N PRO A 243 -18.99 -75.55 13.80
CA PRO A 243 -18.03 -76.66 13.98
C PRO A 243 -18.36 -77.89 13.14
N THR A 244 -18.02 -77.81 11.84
CA THR A 244 -18.28 -78.87 10.84
C THR A 244 -19.77 -79.22 10.77
N THR A 245 -20.63 -78.21 10.89
CA THR A 245 -22.06 -78.42 10.77
C THR A 245 -22.66 -77.41 9.79
N SER A 246 -23.96 -77.51 9.53
CA SER A 246 -24.66 -76.57 8.68
C SER A 246 -25.50 -75.58 9.49
N SER A 247 -25.19 -75.45 10.79
CA SER A 247 -25.90 -74.49 11.64
C SER A 247 -25.55 -73.05 11.24
N PHE A 248 -24.26 -72.72 11.27
CA PHE A 248 -23.71 -71.42 10.87
C PHE A 248 -24.36 -70.28 11.68
N ASN A 249 -24.06 -70.30 12.97
CA ASN A 249 -24.52 -69.27 13.90
C ASN A 249 -23.45 -68.18 14.00
N ALA A 250 -23.89 -66.96 14.29
CA ALA A 250 -23.02 -65.80 14.27
C ALA A 250 -22.33 -65.58 15.61
N ASP A 251 -21.61 -64.48 15.71
CA ASP A 251 -20.89 -64.09 16.91
C ASP A 251 -21.09 -62.60 17.16
N ALA A 252 -20.89 -62.19 18.40
CA ALA A 252 -21.21 -60.83 18.81
C ALA A 252 -20.22 -59.82 18.23
N SER A 253 -20.75 -58.74 17.66
CA SER A 253 -19.97 -57.61 17.20
C SER A 253 -20.91 -56.43 16.99
N VAL A 254 -20.33 -55.25 16.86
CA VAL A 254 -21.09 -54.03 16.58
C VAL A 254 -20.16 -53.04 15.89
N TYR A 255 -20.69 -52.35 14.87
CA TYR A 255 -19.93 -51.32 14.16
C TYR A 255 -20.77 -50.05 14.09
N PHE A 256 -20.06 -48.92 13.95
CA PHE A 256 -20.66 -47.59 14.01
C PHE A 256 -20.33 -46.83 12.74
N VAL A 257 -21.29 -46.06 12.25
CA VAL A 257 -21.17 -45.33 10.98
C VAL A 257 -21.48 -43.87 11.22
N GLY A 258 -20.58 -42.99 10.81
CA GLY A 258 -20.81 -41.56 10.90
C GLY A 258 -20.46 -40.86 9.60
N HIS A 259 -21.19 -39.79 9.33
CA HIS A 259 -21.05 -39.04 8.09
C HIS A 259 -20.18 -37.80 8.29
N LEU A 260 -19.45 -37.45 7.24
CA LEU A 260 -18.57 -36.28 7.25
C LEU A 260 -19.34 -35.04 6.82
N LYS A 261 -19.01 -33.90 7.42
CA LYS A 261 -19.74 -32.67 7.22
C LYS A 261 -18.78 -31.55 6.82
N PRO A 262 -19.24 -30.56 6.05
CA PRO A 262 -18.35 -29.44 5.69
C PRO A 262 -18.14 -28.48 6.84
N LEU A 263 -16.92 -28.44 7.38
CA LEU A 263 -16.63 -27.57 8.51
C LEU A 263 -15.12 -27.33 8.55
N THR A 264 -14.71 -26.47 9.48
CA THR A 264 -13.31 -26.10 9.65
C THR A 264 -12.82 -26.51 11.03
N MET A 265 -11.53 -26.84 11.12
CA MET A 265 -10.91 -27.17 12.39
C MET A 265 -9.51 -26.57 12.45
N LEU A 266 -9.00 -26.48 13.67
CA LEU A 266 -7.64 -26.01 13.95
C LEU A 266 -6.80 -27.20 14.38
N ALA A 267 -5.69 -27.43 13.67
CA ALA A 267 -4.82 -28.56 13.92
C ALA A 267 -3.50 -28.09 14.52
N GLU A 268 -2.96 -28.87 15.44
CA GLU A 268 -1.73 -28.53 16.16
C GLU A 268 -0.70 -29.62 15.89
N PHE A 269 0.49 -29.20 15.46
CA PHE A 269 1.58 -30.11 15.13
C PHE A 269 2.71 -29.94 16.11
N ASP A 270 3.35 -31.05 16.48
CA ASP A 270 4.53 -31.01 17.34
C ASP A 270 5.79 -30.95 16.48
N GLU A 271 6.95 -31.14 17.11
CA GLU A 271 8.22 -31.07 16.39
C GLU A 271 8.50 -32.33 15.57
N ASN A 272 7.78 -33.42 15.79
CA ASN A 272 7.92 -34.62 14.98
C ASN A 272 6.91 -34.69 13.85
N GLY A 273 6.05 -33.68 13.69
CA GLY A 273 5.09 -33.68 12.62
C GLY A 273 3.81 -34.44 12.88
N THR A 274 3.58 -34.87 14.11
CA THR A 274 2.38 -35.61 14.47
C THR A 274 1.36 -34.67 15.11
N ILE A 275 0.09 -34.94 14.84
CA ILE A 275 -1.01 -34.14 15.39
C ILE A 275 -1.28 -34.63 16.81
N THR A 276 -1.15 -33.71 17.77
CA THR A 276 -1.41 -34.06 19.17
C THR A 276 -2.89 -33.92 19.51
N ASP A 277 -3.48 -32.80 19.12
CA ASP A 277 -4.91 -32.55 19.36
C ASP A 277 -5.42 -31.51 18.38
N ALA A 278 -6.75 -31.47 18.23
CA ALA A 278 -7.40 -30.57 17.30
C ALA A 278 -8.61 -29.93 17.97
N VAL A 279 -9.09 -28.84 17.38
CA VAL A 279 -10.20 -28.06 17.92
C VAL A 279 -11.24 -27.87 16.82
N ASP A 280 -12.49 -28.19 17.12
CA ASP A 280 -13.61 -27.94 16.21
C ASP A 280 -14.13 -26.54 16.46
N CYS A 281 -14.11 -25.70 15.41
CA CYS A 281 -14.43 -24.29 15.57
C CYS A 281 -15.92 -24.01 15.71
N SER A 282 -16.78 -24.93 15.27
CA SER A 282 -18.22 -24.69 15.21
C SER A 282 -18.98 -25.35 16.34
N GLN A 283 -18.28 -25.85 17.36
CA GLN A 283 -18.93 -26.66 18.39
C GLN A 283 -19.51 -25.81 19.52
N ASP A 284 -18.71 -24.96 20.14
CA ASP A 284 -19.12 -24.20 21.30
C ASP A 284 -18.20 -23.00 21.45
N PRO A 285 -18.57 -22.01 22.25
CA PRO A 285 -17.60 -20.98 22.63
C PRO A 285 -16.47 -21.56 23.45
N LEU A 286 -15.33 -20.85 23.42
CA LEU A 286 -13.98 -21.22 23.87
C LEU A 286 -13.34 -22.18 22.86
N SER A 287 -14.11 -22.68 21.91
CA SER A 287 -13.56 -23.32 20.73
C SER A 287 -13.57 -22.41 19.52
N GLU A 288 -14.60 -21.56 19.40
CA GLU A 288 -14.56 -20.45 18.47
C GLU A 288 -13.51 -19.43 18.89
N LEU A 289 -13.32 -19.24 20.19
CA LEU A 289 -12.30 -18.32 20.69
C LEU A 289 -10.89 -18.82 20.37
N LYS A 290 -10.64 -20.11 20.55
CA LYS A 290 -9.33 -20.66 20.21
C LYS A 290 -9.11 -20.78 18.72
N CYS A 291 -10.18 -20.68 17.92
CA CYS A 291 -10.07 -20.82 16.47
C CYS A 291 -9.77 -19.49 15.78
N THR A 292 -10.17 -18.37 16.38
CA THR A 292 -9.84 -17.06 15.86
C THR A 292 -8.43 -16.61 16.26
N THR A 293 -8.03 -16.91 17.49
CA THR A 293 -6.69 -16.57 17.96
C THR A 293 -5.62 -17.53 17.46
N LYS A 294 -6.03 -18.68 16.91
CA LYS A 294 -5.13 -19.71 16.37
C LYS A 294 -4.13 -20.20 17.41
N SER A 295 -4.60 -20.34 18.66
CA SER A 295 -3.77 -20.85 19.73
C SER A 295 -4.65 -21.66 20.67
N LEU A 296 -4.08 -22.70 21.25
CA LEU A 296 -4.84 -23.59 22.13
C LEU A 296 -4.81 -23.16 23.59
N THR A 297 -4.00 -22.17 23.95
CA THR A 297 -4.02 -21.57 25.27
C THR A 297 -4.30 -20.08 25.14
N VAL A 298 -5.22 -19.59 25.97
CA VAL A 298 -5.69 -18.21 25.90
C VAL A 298 -5.54 -17.57 27.27
N GLU A 299 -4.89 -16.41 27.32
CA GLU A 299 -4.82 -15.64 28.55
C GLU A 299 -6.13 -14.89 28.78
N LYS A 300 -6.32 -14.39 30.00
CA LYS A 300 -7.58 -13.80 30.39
C LYS A 300 -7.80 -12.45 29.71
N GLY A 301 -9.06 -12.12 29.50
CA GLY A 301 -9.43 -10.90 28.82
C GLY A 301 -10.68 -11.09 28.00
N ILE A 302 -11.00 -10.08 27.20
CA ILE A 302 -12.14 -10.08 26.29
C ILE A 302 -11.62 -10.06 24.86
N TYR A 303 -12.23 -10.87 24.00
CA TYR A 303 -11.77 -11.03 22.62
C TYR A 303 -12.96 -10.99 21.68
N GLN A 304 -12.74 -10.43 20.49
CA GLN A 304 -13.74 -10.37 19.44
C GLN A 304 -13.60 -11.60 18.54
N THR A 305 -14.67 -12.38 18.43
CA THR A 305 -14.65 -13.62 17.67
C THR A 305 -15.39 -13.48 16.36
N SER A 306 -15.01 -14.32 15.39
CA SER A 306 -15.56 -14.31 14.05
C SER A 306 -16.67 -15.35 13.93
N ASN A 307 -17.22 -15.50 12.73
CA ASN A 307 -18.34 -16.39 12.48
C ASN A 307 -17.83 -17.81 12.25
N PHE A 308 -18.26 -18.74 13.09
CA PHE A 308 -18.07 -20.16 12.84
C PHE A 308 -19.29 -21.01 13.15
N ARG A 309 -20.28 -20.48 13.89
CA ARG A 309 -21.37 -21.30 14.41
C ARG A 309 -22.38 -21.68 13.33
N VAL A 310 -22.76 -20.76 12.46
CA VAL A 310 -23.86 -20.94 11.51
C VAL A 310 -23.30 -21.03 10.11
N SER A 311 -23.68 -22.09 9.38
CA SER A 311 -23.28 -22.30 8.00
C SER A 311 -24.49 -22.66 7.16
N PRO A 312 -24.60 -22.12 5.95
CA PRO A 312 -25.76 -22.44 5.10
C PRO A 312 -25.64 -23.84 4.50
N SER A 313 -26.79 -24.50 4.40
CA SER A 313 -26.85 -25.84 3.81
C SER A 313 -27.92 -25.97 2.74
N THR A 314 -29.05 -25.29 2.89
CA THR A 314 -30.18 -25.45 1.98
C THR A 314 -30.02 -24.54 0.76
N GLU A 315 -30.22 -25.11 -0.42
CA GLU A 315 -30.21 -24.35 -1.67
C GLU A 315 -31.65 -24.05 -2.07
N VAL A 316 -31.97 -22.77 -2.23
CA VAL A 316 -33.28 -22.33 -2.70
C VAL A 316 -33.11 -21.60 -4.02
N VAL A 317 -33.92 -21.95 -5.00
CA VAL A 317 -33.86 -21.35 -6.32
C VAL A 317 -35.26 -20.96 -6.76
N ARG A 318 -35.38 -19.75 -7.32
CA ARG A 318 -36.62 -19.26 -7.89
C ARG A 318 -36.35 -18.83 -9.32
N PHE A 319 -37.24 -19.19 -10.24
CA PHE A 319 -37.05 -18.95 -11.66
C PHE A 319 -38.38 -18.57 -12.26
N PRO A 320 -38.40 -17.84 -13.37
CA PRO A 320 -39.66 -17.47 -14.02
C PRO A 320 -40.39 -18.69 -14.57
N ASN A 321 -41.67 -18.46 -14.92
CA ASN A 321 -42.58 -19.51 -15.36
C ASN A 321 -42.47 -19.83 -16.84
N ILE A 322 -41.34 -19.50 -17.47
CA ILE A 322 -41.15 -19.79 -18.88
C ILE A 322 -40.95 -21.28 -19.07
N THR A 323 -41.73 -21.88 -19.98
CA THR A 323 -41.76 -23.33 -20.11
C THR A 323 -41.49 -23.86 -21.51
N ASN A 324 -41.70 -23.09 -22.57
CA ASN A 324 -41.58 -23.62 -23.92
C ASN A 324 -40.12 -23.80 -24.33
N LEU A 325 -39.89 -24.73 -25.25
CA LEU A 325 -38.55 -25.01 -25.73
C LEU A 325 -38.11 -23.94 -26.73
N CYS A 326 -36.82 -23.59 -26.68
CA CYS A 326 -36.47 -22.38 -27.41
C CYS A 326 -36.02 -22.75 -28.83
N PRO A 327 -36.44 -21.99 -29.86
CA PRO A 327 -36.29 -22.47 -31.25
C PRO A 327 -34.87 -22.56 -31.76
N PHE A 328 -34.17 -23.63 -31.37
CA PHE A 328 -32.88 -23.95 -31.98
C PHE A 328 -33.02 -24.66 -33.31
N GLY A 329 -34.22 -25.12 -33.65
CA GLY A 329 -34.39 -25.87 -34.89
C GLY A 329 -34.42 -24.98 -36.12
N GLN A 330 -35.10 -23.84 -36.03
CA GLN A 330 -35.28 -22.96 -37.18
C GLN A 330 -34.12 -21.97 -37.36
N VAL A 331 -33.14 -22.00 -36.46
CA VAL A 331 -31.98 -21.13 -36.59
C VAL A 331 -30.70 -21.93 -36.84
N PHE A 332 -30.67 -23.22 -36.52
CA PHE A 332 -29.53 -24.08 -36.84
C PHE A 332 -29.83 -24.99 -38.03
N ASN A 333 -30.94 -25.72 -38.00
CA ASN A 333 -31.34 -26.58 -39.10
C ASN A 333 -32.35 -25.81 -39.95
N ALA A 334 -31.84 -24.86 -40.71
CA ALA A 334 -32.62 -24.13 -41.70
C ALA A 334 -31.98 -24.32 -43.07
N SER A 335 -32.50 -23.61 -44.06
CA SER A 335 -31.94 -23.65 -45.41
C SER A 335 -31.68 -22.23 -45.90
N ASN A 336 -30.60 -22.09 -46.67
CA ASN A 336 -30.23 -20.85 -47.36
C ASN A 336 -30.03 -19.70 -46.38
N PHE A 337 -28.97 -19.83 -45.57
CA PHE A 337 -28.50 -18.68 -44.82
C PHE A 337 -27.98 -17.62 -45.80
N PRO A 338 -28.08 -16.35 -45.46
CA PRO A 338 -27.59 -15.28 -46.34
C PRO A 338 -26.07 -15.26 -46.35
N SER A 339 -25.53 -14.51 -47.31
CA SER A 339 -24.10 -14.29 -47.39
C SER A 339 -23.66 -13.31 -46.31
N VAL A 340 -22.33 -13.15 -46.19
CA VAL A 340 -21.76 -12.42 -45.06
C VAL A 340 -22.06 -10.92 -45.15
N TYR A 341 -22.10 -10.35 -46.36
CA TYR A 341 -22.34 -8.92 -46.49
C TYR A 341 -23.80 -8.54 -46.26
N ALA A 342 -24.71 -9.51 -46.23
CA ALA A 342 -26.13 -9.29 -46.02
C ALA A 342 -26.65 -10.14 -44.87
N TRP A 343 -25.93 -10.10 -43.75
CA TRP A 343 -26.29 -10.90 -42.58
C TRP A 343 -27.58 -10.38 -41.96
N GLU A 344 -28.25 -11.26 -41.22
CA GLU A 344 -29.58 -10.98 -40.68
C GLU A 344 -29.59 -11.09 -39.16
N ARG A 345 -30.40 -10.24 -38.54
CA ARG A 345 -30.63 -10.23 -37.11
C ARG A 345 -31.90 -11.00 -36.77
N LEU A 346 -31.86 -11.70 -35.65
CA LEU A 346 -33.03 -12.41 -35.13
C LEU A 346 -33.12 -12.17 -33.63
N ARG A 347 -34.25 -11.66 -33.17
CA ARG A 347 -34.48 -11.44 -31.75
C ARG A 347 -35.11 -12.69 -31.15
N ILE A 348 -34.50 -13.20 -30.08
CA ILE A 348 -34.94 -14.41 -29.40
C ILE A 348 -35.41 -14.01 -28.02
N SER A 349 -36.65 -14.37 -27.68
CA SER A 349 -37.25 -13.93 -26.43
C SER A 349 -38.30 -14.93 -25.97
N ASP A 350 -38.47 -14.99 -24.64
CA ASP A 350 -39.47 -15.82 -23.97
C ASP A 350 -39.30 -17.30 -24.30
N CYS A 351 -38.13 -17.84 -23.95
CA CYS A 351 -37.83 -19.23 -24.20
C CYS A 351 -36.84 -19.73 -23.15
N VAL A 352 -36.67 -21.06 -23.12
CA VAL A 352 -35.76 -21.72 -22.20
C VAL A 352 -34.57 -22.23 -23.01
N ALA A 353 -33.39 -21.72 -22.71
CA ALA A 353 -32.18 -21.99 -23.50
C ALA A 353 -31.56 -23.30 -23.02
N ASP A 354 -32.03 -24.41 -23.61
CA ASP A 354 -31.51 -25.74 -23.32
C ASP A 354 -30.55 -26.13 -24.44
N TYR A 355 -29.25 -26.04 -24.16
CA TYR A 355 -28.24 -26.36 -25.16
C TYR A 355 -28.02 -27.87 -25.32
N ALA A 356 -28.61 -28.69 -24.45
CA ALA A 356 -28.43 -30.13 -24.53
C ALA A 356 -29.20 -30.77 -25.67
N VAL A 357 -30.21 -30.08 -26.21
CA VAL A 357 -30.98 -30.63 -27.33
C VAL A 357 -30.23 -30.58 -28.65
N LEU A 358 -29.12 -29.83 -28.71
CA LEU A 358 -28.30 -29.78 -29.91
C LEU A 358 -27.38 -30.99 -30.05
N TYR A 359 -27.24 -31.80 -29.00
CA TYR A 359 -26.41 -32.99 -29.08
C TYR A 359 -27.06 -34.07 -29.95
N ASN A 360 -28.39 -34.05 -30.04
CA ASN A 360 -29.12 -35.06 -30.78
C ASN A 360 -29.00 -34.85 -32.29
N SER A 361 -28.67 -33.63 -32.72
CA SER A 361 -28.57 -33.32 -34.13
C SER A 361 -27.30 -33.93 -34.73
N SER A 362 -27.21 -33.89 -36.05
CA SER A 362 -26.08 -34.45 -36.77
C SER A 362 -24.96 -33.45 -37.00
N SER A 363 -25.15 -32.18 -36.63
CA SER A 363 -24.13 -31.15 -36.84
C SER A 363 -23.35 -30.94 -35.54
N SER A 364 -22.02 -30.95 -35.66
CA SER A 364 -21.13 -30.75 -34.52
C SER A 364 -20.36 -29.45 -34.72
N PHE A 365 -20.30 -28.63 -33.67
CA PHE A 365 -19.66 -27.33 -33.75
C PHE A 365 -18.15 -27.48 -33.65
N SER A 366 -17.44 -26.94 -34.64
CA SER A 366 -15.98 -26.88 -34.57
C SER A 366 -15.48 -25.64 -33.82
N THR A 367 -16.36 -24.70 -33.49
CA THR A 367 -15.99 -23.49 -32.77
C THR A 367 -17.09 -23.17 -31.77
N PHE A 368 -16.75 -23.08 -30.49
CA PHE A 368 -17.70 -22.72 -29.44
C PHE A 368 -17.06 -21.71 -28.50
N LYS A 369 -16.46 -20.67 -29.05
CA LYS A 369 -15.86 -19.63 -28.22
C LYS A 369 -16.93 -18.77 -27.57
N CYS A 370 -16.69 -18.41 -26.30
CA CYS A 370 -17.61 -17.57 -25.54
C CYS A 370 -16.81 -16.45 -24.88
N TYR A 371 -17.39 -15.25 -24.87
CA TYR A 371 -16.73 -14.06 -24.37
C TYR A 371 -17.57 -13.42 -23.28
N GLY A 372 -16.96 -13.18 -22.12
CA GLY A 372 -17.63 -12.54 -21.01
C GLY A 372 -18.34 -13.48 -20.07
N VAL A 373 -18.61 -14.72 -20.49
CA VAL A 373 -19.24 -15.74 -19.66
C VAL A 373 -18.48 -17.05 -19.85
N SER A 374 -18.80 -18.00 -18.99
CA SER A 374 -18.21 -19.33 -19.16
C SER A 374 -19.21 -20.26 -19.83
N PRO A 375 -18.72 -21.16 -20.68
CA PRO A 375 -19.63 -22.13 -21.32
C PRO A 375 -20.28 -23.09 -20.34
N THR A 376 -19.61 -23.42 -19.23
CA THR A 376 -20.20 -24.32 -18.24
C THR A 376 -21.31 -23.64 -17.46
N LYS A 377 -21.18 -22.35 -17.17
CA LYS A 377 -22.19 -21.61 -16.41
C LYS A 377 -23.20 -20.93 -17.31
N LEU A 378 -23.83 -21.69 -18.21
CA LEU A 378 -24.90 -21.18 -19.05
C LEU A 378 -26.26 -21.79 -18.72
N ASN A 379 -26.30 -22.92 -18.02
CA ASN A 379 -27.55 -23.49 -17.57
C ASN A 379 -28.09 -22.80 -16.32
N ASP A 380 -27.27 -22.01 -15.63
CA ASP A 380 -27.68 -21.31 -14.43
C ASP A 380 -27.94 -19.83 -14.65
N LEU A 381 -27.51 -19.28 -15.79
CA LEU A 381 -27.72 -17.86 -16.06
C LEU A 381 -29.13 -17.62 -16.60
N CYS A 382 -29.52 -16.35 -16.59
CA CYS A 382 -30.89 -15.95 -16.93
C CYS A 382 -30.80 -14.56 -17.54
N PHE A 383 -30.93 -14.47 -18.86
CA PHE A 383 -30.61 -13.25 -19.59
C PHE A 383 -31.85 -12.37 -19.78
N SER A 384 -31.59 -11.09 -20.04
CA SER A 384 -32.64 -10.11 -20.25
C SER A 384 -33.04 -9.99 -21.72
N SER A 385 -32.05 -9.97 -22.62
CA SER A 385 -32.32 -9.90 -24.05
C SER A 385 -31.14 -10.49 -24.80
N VAL A 386 -31.43 -11.33 -25.79
CA VAL A 386 -30.40 -11.94 -26.62
C VAL A 386 -30.72 -11.71 -28.08
N TYR A 387 -29.68 -11.76 -28.92
CA TYR A 387 -29.81 -11.56 -30.35
C TYR A 387 -28.96 -12.60 -31.07
N ALA A 388 -29.32 -12.90 -32.32
CA ALA A 388 -28.63 -13.90 -33.11
C ALA A 388 -28.30 -13.34 -34.49
N ASP A 389 -27.07 -13.58 -34.94
CA ASP A 389 -26.61 -13.20 -36.27
C ASP A 389 -26.07 -14.42 -36.99
N TYR A 390 -26.50 -14.62 -38.23
CA TYR A 390 -26.12 -15.82 -38.98
C TYR A 390 -25.76 -15.47 -40.41
N PHE A 391 -24.71 -16.12 -40.92
CA PHE A 391 -24.20 -15.91 -42.27
C PHE A 391 -23.32 -17.11 -42.63
N VAL A 392 -22.66 -17.02 -43.79
CA VAL A 392 -21.81 -18.09 -44.31
C VAL A 392 -20.49 -17.49 -44.75
N VAL A 393 -19.37 -18.08 -44.30
CA VAL A 393 -18.04 -17.58 -44.62
C VAL A 393 -17.21 -18.65 -45.32
N LYS A 394 -15.95 -18.32 -45.64
CA LYS A 394 -15.08 -19.16 -46.46
C LYS A 394 -14.54 -20.38 -45.72
N GLY A 395 -14.44 -20.35 -44.40
CA GLY A 395 -13.94 -21.50 -43.67
C GLY A 395 -12.65 -21.23 -42.94
N ASP A 396 -11.73 -20.50 -43.59
CA ASP A 396 -10.60 -19.92 -42.89
C ASP A 396 -10.81 -18.44 -42.58
N ASP A 397 -12.00 -17.93 -42.83
CA ASP A 397 -12.44 -16.61 -42.38
C ASP A 397 -13.15 -16.67 -41.05
N VAL A 398 -13.29 -17.86 -40.46
CA VAL A 398 -14.00 -18.02 -39.20
C VAL A 398 -13.24 -17.36 -38.06
N ARG A 399 -11.91 -17.38 -38.10
CA ARG A 399 -11.10 -16.75 -37.06
C ARG A 399 -11.18 -15.22 -37.09
N GLN A 400 -11.74 -14.63 -38.13
CA GLN A 400 -11.99 -13.19 -38.15
C GLN A 400 -13.26 -12.81 -37.42
N ILE A 401 -14.10 -13.76 -37.03
CA ILE A 401 -15.32 -13.46 -36.27
C ILE A 401 -14.93 -13.49 -34.81
N ALA A 402 -14.37 -12.38 -34.36
CA ALA A 402 -13.87 -12.22 -32.99
C ALA A 402 -13.64 -10.74 -32.75
N PRO A 403 -13.67 -10.29 -31.49
CA PRO A 403 -13.32 -8.89 -31.20
C PRO A 403 -11.88 -8.58 -31.58
N ALA A 404 -11.68 -7.38 -32.15
CA ALA A 404 -10.38 -6.83 -32.51
C ALA A 404 -9.63 -7.74 -33.50
N GLN A 405 -10.23 -7.86 -34.69
CA GLN A 405 -9.66 -8.66 -35.76
C GLN A 405 -9.53 -7.81 -37.03
N THR A 406 -8.65 -8.25 -37.92
CA THR A 406 -8.46 -7.61 -39.21
C THR A 406 -8.56 -8.65 -40.31
N GLY A 407 -8.91 -8.19 -41.50
CA GLY A 407 -9.09 -9.06 -42.65
C GLY A 407 -10.14 -8.47 -43.57
N VAL A 408 -10.69 -9.33 -44.42
CA VAL A 408 -11.75 -8.91 -45.33
C VAL A 408 -13.10 -8.86 -44.63
N ILE A 409 -13.40 -9.89 -43.84
CA ILE A 409 -14.68 -9.96 -43.16
C ILE A 409 -14.75 -8.93 -42.03
N ALA A 410 -13.66 -8.81 -41.26
CA ALA A 410 -13.66 -7.93 -40.09
C ALA A 410 -13.62 -6.46 -40.43
N ASP A 411 -13.33 -6.09 -41.68
CA ASP A 411 -13.21 -4.69 -42.07
C ASP A 411 -14.34 -4.20 -42.95
N TYR A 412 -14.86 -5.03 -43.85
CA TYR A 412 -15.86 -4.59 -44.80
C TYR A 412 -17.19 -5.32 -44.69
N ASN A 413 -17.26 -6.44 -43.97
CA ASN A 413 -18.45 -7.28 -43.97
C ASN A 413 -19.14 -7.36 -42.61
N TYR A 414 -18.42 -7.72 -41.56
CA TYR A 414 -19.04 -7.94 -40.25
C TYR A 414 -17.99 -7.66 -39.18
N LYS A 415 -18.29 -6.72 -38.30
CA LYS A 415 -17.37 -6.32 -37.23
C LYS A 415 -18.05 -6.48 -35.87
N LEU A 416 -17.34 -7.12 -34.94
CA LEU A 416 -17.75 -7.23 -33.54
C LEU A 416 -17.07 -6.15 -32.71
N PRO A 417 -17.80 -5.49 -31.82
CA PRO A 417 -17.20 -4.42 -31.01
C PRO A 417 -16.31 -4.98 -29.91
N ASP A 418 -15.48 -4.10 -29.37
CA ASP A 418 -14.74 -4.45 -28.17
C ASP A 418 -15.69 -4.50 -26.97
N ASP A 419 -15.26 -5.24 -25.94
CA ASP A 419 -16.09 -5.60 -24.80
C ASP A 419 -17.37 -6.29 -25.25
N PHE A 420 -17.23 -7.24 -26.16
CA PHE A 420 -18.35 -8.02 -26.66
C PHE A 420 -18.66 -9.15 -25.69
N THR A 421 -19.94 -9.29 -25.34
CA THR A 421 -20.40 -10.36 -24.45
C THR A 421 -21.30 -11.29 -25.25
N GLY A 422 -20.97 -12.56 -25.27
CA GLY A 422 -21.75 -13.54 -25.99
C GLY A 422 -20.90 -14.73 -26.38
N CYS A 423 -21.41 -15.51 -27.32
CA CYS A 423 -20.73 -16.71 -27.81
C CYS A 423 -20.78 -16.75 -29.32
N VAL A 424 -19.79 -17.40 -29.92
CA VAL A 424 -19.69 -17.57 -31.37
C VAL A 424 -19.69 -19.05 -31.68
N LEU A 425 -20.58 -19.48 -32.57
CA LEU A 425 -20.71 -20.88 -32.96
C LEU A 425 -20.51 -21.00 -34.46
N ALA A 426 -19.80 -22.04 -34.87
CA ALA A 426 -19.53 -22.28 -36.29
C ALA A 426 -19.41 -23.77 -36.53
N TRP A 427 -19.91 -24.22 -37.68
CA TRP A 427 -19.81 -25.62 -38.06
C TRP A 427 -19.78 -25.72 -39.57
N ASN A 428 -19.21 -26.82 -40.06
CA ASN A 428 -18.97 -27.03 -41.48
C ASN A 428 -20.19 -27.65 -42.14
N THR A 429 -20.66 -27.03 -43.23
CA THR A 429 -21.76 -27.56 -44.03
C THR A 429 -21.27 -27.63 -45.47
N ASN A 430 -20.59 -28.72 -45.81
CA ASN A 430 -20.17 -28.94 -47.19
C ASN A 430 -21.07 -29.91 -47.94
N SER A 431 -21.74 -30.82 -47.23
CA SER A 431 -22.60 -31.81 -47.85
C SER A 431 -23.97 -31.24 -48.23
N VAL A 432 -24.35 -30.09 -47.70
CA VAL A 432 -25.67 -29.54 -47.96
C VAL A 432 -25.65 -28.14 -48.55
N ASP A 433 -24.60 -27.35 -48.30
CA ASP A 433 -24.58 -25.93 -48.66
C ASP A 433 -23.71 -25.64 -49.87
N SER A 434 -23.27 -26.68 -50.60
CA SER A 434 -22.38 -26.47 -51.74
C SER A 434 -22.75 -27.23 -53.00
N LYS A 435 -23.72 -28.14 -52.97
CA LYS A 435 -23.97 -28.95 -54.16
C LYS A 435 -24.70 -28.17 -55.24
N SER A 436 -25.55 -27.22 -54.84
CA SER A 436 -26.45 -26.58 -55.78
C SER A 436 -25.74 -25.41 -56.47
N GLY A 437 -26.51 -24.62 -57.20
CA GLY A 437 -26.02 -23.38 -57.77
C GLY A 437 -26.15 -22.24 -56.78
N ASN A 438 -25.38 -22.29 -55.70
CA ASN A 438 -25.43 -21.30 -54.65
C ASN A 438 -24.86 -19.96 -55.12
N ASN A 439 -25.24 -18.90 -54.41
CA ASN A 439 -24.90 -17.53 -54.77
C ASN A 439 -24.37 -16.78 -53.56
N PHE A 440 -23.40 -17.37 -52.87
CA PHE A 440 -22.76 -16.71 -51.74
C PHE A 440 -21.69 -15.74 -52.23
N TYR A 441 -21.68 -14.54 -51.64
CA TYR A 441 -20.76 -13.48 -52.02
C TYR A 441 -20.12 -12.87 -50.78
N TYR A 442 -19.10 -12.06 -51.01
CA TYR A 442 -18.53 -11.22 -49.97
C TYR A 442 -18.07 -9.92 -50.61
N ARG A 443 -18.00 -8.87 -49.80
CA ARG A 443 -17.69 -7.54 -50.29
C ARG A 443 -16.19 -7.28 -50.20
N LEU A 444 -15.56 -7.12 -51.35
CA LEU A 444 -14.25 -6.49 -51.44
C LEU A 444 -14.44 -5.00 -51.77
N PHE A 445 -13.34 -4.27 -51.75
CA PHE A 445 -13.22 -2.93 -52.36
C PHE A 445 -14.23 -1.94 -51.77
N ARG A 446 -14.02 -1.63 -50.50
CA ARG A 446 -14.81 -0.59 -49.82
C ARG A 446 -13.90 0.57 -49.47
N HIS A 447 -14.46 1.79 -49.56
CA HIS A 447 -13.74 3.00 -49.19
C HIS A 447 -13.96 3.26 -47.71
N GLY A 448 -13.07 2.72 -46.88
CA GLY A 448 -13.18 2.88 -45.44
C GLY A 448 -13.69 1.60 -44.77
N LYS A 449 -13.49 1.53 -43.46
CA LYS A 449 -13.87 0.38 -42.67
C LYS A 449 -15.33 0.49 -42.23
N ILE A 450 -15.86 -0.60 -41.68
CA ILE A 450 -17.25 -0.66 -41.24
C ILE A 450 -17.27 -0.52 -39.72
N LYS A 451 -18.40 0.00 -39.22
CA LYS A 451 -18.64 0.13 -37.79
C LYS A 451 -19.15 -1.20 -37.22
N PRO A 452 -19.02 -1.42 -35.91
CA PRO A 452 -19.56 -2.64 -35.31
C PRO A 452 -21.07 -2.73 -35.45
N TYR A 453 -21.54 -3.96 -35.70
CA TYR A 453 -22.97 -4.29 -35.83
C TYR A 453 -23.67 -3.48 -36.91
N GLU A 454 -22.97 -3.25 -38.02
CA GLU A 454 -23.53 -2.51 -39.14
C GLU A 454 -23.29 -3.27 -40.44
N ARG A 455 -24.11 -2.96 -41.44
CA ARG A 455 -23.99 -3.60 -42.75
C ARG A 455 -24.33 -2.57 -43.82
N ASP A 456 -23.88 -2.85 -45.04
CA ASP A 456 -24.21 -2.04 -46.20
C ASP A 456 -24.56 -2.94 -47.37
N ILE A 457 -25.84 -3.00 -47.73
CA ILE A 457 -26.29 -3.76 -48.90
C ILE A 457 -26.35 -2.76 -50.04
N SER A 458 -25.22 -2.60 -50.72
CA SER A 458 -25.11 -1.70 -51.86
C SER A 458 -24.28 -2.37 -52.94
N ASN A 459 -24.69 -2.21 -54.18
CA ASN A 459 -24.05 -2.85 -55.31
C ASN A 459 -23.69 -1.83 -56.39
N VAL A 460 -23.10 -0.72 -55.98
CA VAL A 460 -22.61 0.28 -56.91
C VAL A 460 -21.16 -0.02 -57.24
N LEU A 461 -20.74 0.43 -58.42
CA LEU A 461 -19.41 0.09 -58.92
C LEU A 461 -18.34 0.87 -58.17
N TYR A 462 -17.19 0.22 -57.98
CA TYR A 462 -16.09 0.76 -57.19
C TYR A 462 -15.00 1.29 -58.10
N ASN A 463 -14.58 2.54 -57.88
CA ASN A 463 -13.50 3.15 -58.63
C ASN A 463 -12.44 3.64 -57.66
N SER A 464 -11.18 3.30 -57.94
CA SER A 464 -10.08 3.81 -57.13
C SER A 464 -9.87 5.30 -57.39
N ALA A 465 -9.47 6.00 -56.33
CA ALA A 465 -9.22 7.45 -56.33
C ALA A 465 -10.47 8.22 -56.77
N GLY A 466 -11.51 8.10 -55.98
CA GLY A 466 -12.78 8.75 -56.26
C GLY A 466 -13.75 7.82 -56.95
N GLY A 467 -15.03 7.99 -56.65
CA GLY A 467 -16.07 7.11 -57.13
C GLY A 467 -16.69 7.56 -58.44
N THR A 468 -17.87 7.00 -58.72
CA THR A 468 -18.70 7.29 -59.90
C THR A 468 -17.92 7.03 -61.19
N CYS A 469 -17.55 5.76 -61.37
CA CYS A 469 -16.89 5.36 -62.61
C CYS A 469 -17.88 5.23 -63.77
N SER A 470 -19.10 4.76 -63.49
CA SER A 470 -20.24 4.65 -64.39
C SER A 470 -20.06 3.62 -65.51
N SER A 471 -18.94 2.91 -65.57
CA SER A 471 -18.73 1.87 -66.58
C SER A 471 -17.69 0.90 -66.06
N ILE A 472 -17.93 -0.40 -66.30
CA ILE A 472 -17.07 -1.43 -65.73
C ILE A 472 -15.73 -1.49 -66.45
N SER A 473 -15.73 -1.32 -67.76
CA SER A 473 -14.50 -1.51 -68.56
C SER A 473 -13.86 -0.17 -68.92
N GLN A 474 -13.45 0.59 -67.90
CA GLN A 474 -12.72 1.83 -68.12
C GLN A 474 -11.99 2.22 -66.85
N LEU A 475 -10.70 2.57 -66.99
CA LEU A 475 -9.87 3.24 -65.98
C LEU A 475 -9.55 2.37 -64.77
N GLY A 476 -10.13 1.18 -64.69
CA GLY A 476 -9.92 0.33 -63.53
C GLY A 476 -11.05 0.39 -62.52
N CYS A 477 -12.27 0.24 -63.01
CA CYS A 477 -13.46 0.20 -62.15
C CYS A 477 -13.88 -1.26 -61.96
N TYR A 478 -14.06 -1.67 -60.72
CA TYR A 478 -14.32 -3.06 -60.38
C TYR A 478 -15.64 -3.21 -59.65
N GLU A 479 -16.22 -4.41 -59.77
CA GLU A 479 -17.38 -4.75 -58.96
C GLU A 479 -16.98 -4.92 -57.51
N PRO A 480 -17.81 -4.48 -56.56
CA PRO A 480 -17.43 -4.60 -55.14
C PRO A 480 -17.54 -6.01 -54.60
N LEU A 481 -18.56 -6.75 -55.02
CA LEU A 481 -18.82 -8.07 -54.48
C LEU A 481 -18.08 -9.15 -55.26
N LYS A 482 -17.45 -10.07 -54.54
CA LYS A 482 -16.76 -11.21 -55.13
C LYS A 482 -17.41 -12.49 -54.63
N SER A 483 -17.55 -13.46 -55.53
CA SER A 483 -18.26 -14.69 -55.22
C SER A 483 -17.34 -15.72 -54.56
N TYR A 484 -17.82 -16.29 -53.46
CA TYR A 484 -17.27 -17.55 -52.98
C TYR A 484 -17.37 -18.62 -54.06
N GLY A 485 -16.26 -19.29 -54.32
CA GLY A 485 -16.25 -20.36 -55.30
C GLY A 485 -16.52 -21.71 -54.67
N PHE A 486 -17.67 -21.85 -54.04
CA PHE A 486 -18.00 -23.08 -53.34
C PHE A 486 -18.34 -24.19 -54.33
N THR A 487 -17.66 -25.32 -54.18
CA THR A 487 -17.89 -26.50 -55.01
C THR A 487 -17.42 -27.70 -54.21
N PRO A 488 -17.98 -28.89 -54.45
CA PRO A 488 -17.47 -30.09 -53.79
C PRO A 488 -16.07 -30.43 -54.28
N THR A 489 -15.42 -31.33 -53.53
CA THR A 489 -14.04 -31.78 -53.72
C THR A 489 -13.08 -30.59 -53.74
N VAL A 490 -13.03 -29.89 -52.61
CA VAL A 490 -11.99 -28.91 -52.31
C VAL A 490 -11.47 -29.20 -50.91
N GLY A 491 -10.41 -28.48 -50.53
CA GLY A 491 -9.75 -28.71 -49.26
C GLY A 491 -10.53 -28.12 -48.10
N VAL A 492 -9.93 -28.25 -46.92
CA VAL A 492 -10.44 -27.57 -45.74
C VAL A 492 -10.03 -26.11 -45.82
N GLY A 493 -10.99 -25.21 -45.67
CA GLY A 493 -10.79 -23.90 -46.27
C GLY A 493 -11.25 -23.90 -47.70
N TYR A 494 -11.84 -22.77 -48.12
CA TYR A 494 -12.66 -22.67 -49.33
C TYR A 494 -13.85 -23.62 -49.28
N GLN A 495 -14.34 -23.91 -48.07
CA GLN A 495 -15.50 -24.75 -47.84
C GLN A 495 -16.50 -24.01 -46.97
N PRO A 496 -17.79 -24.06 -47.30
CA PRO A 496 -18.77 -23.22 -46.58
C PRO A 496 -18.94 -23.62 -45.13
N TYR A 497 -18.94 -22.61 -44.25
CA TYR A 497 -19.19 -22.78 -42.83
C TYR A 497 -20.35 -21.88 -42.43
N ARG A 498 -21.24 -22.41 -41.60
CA ARG A 498 -22.38 -21.65 -41.08
C ARG A 498 -22.01 -21.12 -39.70
N VAL A 499 -22.07 -19.81 -39.53
CA VAL A 499 -21.63 -19.14 -38.32
C VAL A 499 -22.83 -18.47 -37.66
N VAL A 500 -23.03 -18.74 -36.37
CA VAL A 500 -24.07 -18.09 -35.57
C VAL A 500 -23.40 -17.35 -34.44
N VAL A 501 -23.67 -16.05 -34.33
CA VAL A 501 -23.14 -15.20 -33.27
C VAL A 501 -24.28 -14.84 -32.34
N LEU A 502 -24.13 -15.16 -31.06
CA LEU A 502 -25.12 -14.84 -30.04
C LEU A 502 -24.59 -13.71 -29.16
N SER A 503 -25.43 -12.71 -28.93
CA SER A 503 -25.07 -11.56 -28.10
C SER A 503 -25.96 -11.54 -26.87
N PHE A 504 -25.33 -11.51 -25.69
CA PHE A 504 -26.04 -11.56 -24.42
C PHE A 504 -26.07 -10.17 -23.78
N GLU A 505 -27.10 -9.93 -22.97
CA GLU A 505 -27.26 -8.67 -22.28
C GLU A 505 -27.85 -8.94 -20.91
N LEU A 506 -27.15 -8.50 -19.86
CA LEU A 506 -27.54 -8.78 -18.47
C LEU A 506 -27.76 -7.46 -17.74
N LEU A 507 -29.04 -7.10 -17.55
CA LEU A 507 -29.40 -5.84 -16.90
C LEU A 507 -30.37 -6.05 -15.76
N ASN A 508 -30.92 -4.96 -15.24
CA ASN A 508 -31.95 -5.00 -14.21
C ASN A 508 -33.35 -5.16 -14.81
N ALA A 509 -33.46 -5.37 -16.12
CA ALA A 509 -34.72 -5.60 -16.76
C ALA A 509 -35.23 -7.00 -16.44
N PRO A 510 -36.54 -7.24 -16.60
CA PRO A 510 -37.06 -8.61 -16.46
C PRO A 510 -36.46 -9.55 -17.50
N ALA A 511 -36.30 -10.81 -17.11
CA ALA A 511 -35.65 -11.80 -17.95
C ALA A 511 -36.58 -12.31 -19.03
N THR A 512 -36.02 -12.56 -20.22
CA THR A 512 -36.77 -13.13 -21.33
C THR A 512 -36.28 -14.51 -21.73
N VAL A 513 -34.98 -14.66 -21.99
CA VAL A 513 -34.39 -15.96 -22.29
C VAL A 513 -33.62 -16.42 -21.06
N CYS A 514 -33.89 -17.64 -20.61
CA CYS A 514 -33.40 -18.03 -19.30
C CYS A 514 -33.07 -19.52 -19.32
N GLY A 515 -32.19 -19.93 -18.40
CA GLY A 515 -31.66 -21.27 -18.39
C GLY A 515 -32.56 -22.28 -17.72
N PRO A 516 -32.36 -23.58 -18.03
CA PRO A 516 -33.19 -24.64 -17.44
C PRO A 516 -32.69 -25.05 -16.06
N LYS A 517 -33.46 -24.71 -15.04
CA LYS A 517 -33.18 -25.14 -13.67
C LYS A 517 -34.48 -25.44 -12.96
N LYS A 518 -34.40 -26.34 -11.97
CA LYS A 518 -35.58 -26.83 -11.28
C LYS A 518 -35.81 -25.97 -10.04
N SER A 519 -36.88 -25.19 -10.05
CA SER A 519 -37.17 -24.28 -8.96
C SER A 519 -37.60 -25.04 -7.71
N THR A 520 -37.28 -24.47 -6.55
CA THR A 520 -37.63 -25.04 -5.26
C THR A 520 -38.56 -24.08 -4.50
N GLU A 521 -38.87 -24.44 -3.27
CA GLU A 521 -39.80 -23.68 -2.43
C GLU A 521 -39.05 -22.62 -1.64
N LEU A 522 -39.67 -21.44 -1.51
CA LEU A 522 -39.07 -20.36 -0.76
C LEU A 522 -39.01 -20.68 0.72
N VAL A 523 -37.87 -20.40 1.34
CA VAL A 523 -37.63 -20.64 2.76
C VAL A 523 -37.16 -19.33 3.38
N LYS A 524 -37.86 -18.86 4.40
CA LYS A 524 -37.55 -17.60 5.06
C LYS A 524 -36.99 -17.84 6.44
N ASN A 525 -36.31 -16.80 6.96
CA ASN A 525 -35.72 -16.78 8.30
C ASN A 525 -34.75 -17.93 8.51
N LYS A 526 -33.86 -18.12 7.54
CA LYS A 526 -32.86 -19.18 7.62
C LYS A 526 -31.69 -18.81 6.72
N CYS A 527 -30.47 -18.98 7.23
CA CYS A 527 -29.26 -18.69 6.48
C CYS A 527 -29.10 -19.75 5.40
N VAL A 528 -29.43 -19.38 4.16
CA VAL A 528 -29.43 -20.30 3.03
C VAL A 528 -28.67 -19.67 1.87
N ASN A 529 -28.49 -20.45 0.82
CA ASN A 529 -27.93 -19.97 -0.44
C ASN A 529 -29.06 -19.87 -1.46
N PHE A 530 -29.23 -18.69 -2.03
CA PHE A 530 -30.34 -18.43 -2.94
C PHE A 530 -29.83 -18.22 -4.36
N ASN A 531 -30.78 -18.22 -5.30
CA ASN A 531 -30.49 -17.96 -6.71
C ASN A 531 -31.82 -17.54 -7.36
N PHE A 532 -31.88 -16.32 -7.89
CA PHE A 532 -33.13 -15.73 -8.35
C PHE A 532 -33.17 -15.50 -9.85
N ASN A 533 -32.15 -14.84 -10.41
CA ASN A 533 -32.07 -14.70 -11.86
C ASN A 533 -30.64 -14.83 -12.35
N GLY A 534 -29.86 -15.68 -11.69
CA GLY A 534 -28.42 -15.61 -11.82
C GLY A 534 -27.79 -14.69 -10.80
N LEU A 535 -28.37 -14.62 -9.60
CA LEU A 535 -27.98 -13.66 -8.57
C LEU A 535 -27.66 -14.41 -7.28
N THR A 536 -26.81 -15.43 -7.39
CA THR A 536 -26.50 -16.31 -6.27
C THR A 536 -25.85 -15.55 -5.12
N GLY A 537 -26.25 -15.89 -3.90
CA GLY A 537 -25.71 -15.25 -2.71
C GLY A 537 -25.89 -16.10 -1.47
N THR A 538 -25.81 -15.48 -0.30
CA THR A 538 -25.97 -16.19 0.97
C THR A 538 -26.51 -15.22 2.01
N GLY A 539 -27.59 -15.62 2.68
CA GLY A 539 -28.18 -14.77 3.70
C GLY A 539 -29.54 -15.30 4.11
N VAL A 540 -30.29 -14.46 4.80
CA VAL A 540 -31.66 -14.81 5.22
C VAL A 540 -32.63 -13.97 4.40
N LEU A 541 -33.83 -14.51 4.21
CA LEU A 541 -34.88 -13.85 3.45
C LEU A 541 -36.02 -13.46 4.39
N THR A 542 -36.45 -12.21 4.29
CA THR A 542 -37.48 -11.66 5.17
C THR A 542 -38.45 -10.85 4.32
N SER A 543 -39.74 -10.93 4.64
CA SER A 543 -40.76 -10.15 3.94
C SER A 543 -40.50 -8.67 4.12
N SER A 544 -40.68 -7.92 3.04
CA SER A 544 -40.25 -6.52 2.95
C SER A 544 -41.44 -5.58 2.91
N THR A 545 -41.14 -4.29 2.95
CA THR A 545 -42.12 -3.24 2.75
C THR A 545 -41.64 -2.17 1.77
N LYS A 546 -40.56 -2.43 1.05
CA LYS A 546 -40.01 -1.47 0.12
C LYS A 546 -40.81 -1.44 -1.18
N LYS A 547 -40.68 -0.33 -1.90
CA LYS A 547 -41.37 -0.11 -3.17
C LYS A 547 -40.32 -0.01 -4.27
N PHE A 548 -40.50 -0.80 -5.32
CA PHE A 548 -39.62 -0.78 -6.48
C PHE A 548 -40.30 -0.09 -7.66
N GLN A 549 -39.48 0.21 -8.67
CA GLN A 549 -39.99 0.59 -9.97
C GLN A 549 -40.66 -0.61 -10.63
N PRO A 550 -41.55 -0.37 -11.60
CA PRO A 550 -42.25 -1.50 -12.24
C PRO A 550 -41.34 -2.49 -12.97
N PHE A 551 -40.13 -2.08 -13.38
CA PHE A 551 -39.20 -2.96 -14.06
C PHE A 551 -37.91 -3.16 -13.28
N GLN A 552 -37.94 -3.00 -11.96
CA GLN A 552 -36.76 -3.22 -11.14
C GLN A 552 -36.80 -4.62 -10.53
N GLN A 553 -35.67 -5.32 -10.61
CA GLN A 553 -35.57 -6.69 -10.13
C GLN A 553 -34.85 -6.82 -8.80
N PHE A 554 -33.83 -6.01 -8.55
CA PHE A 554 -33.12 -6.05 -7.27
C PHE A 554 -32.74 -4.64 -6.87
N GLY A 555 -32.60 -4.43 -5.57
CA GLY A 555 -32.21 -3.14 -5.02
C GLY A 555 -30.82 -3.19 -4.43
N ARG A 556 -30.04 -2.16 -4.71
CA ARG A 556 -28.67 -2.06 -4.23
C ARG A 556 -28.55 -1.08 -3.07
N ASP A 557 -27.46 -1.21 -2.34
CA ASP A 557 -27.17 -0.40 -1.17
C ASP A 557 -26.10 0.64 -1.54
N VAL A 558 -25.81 1.55 -0.61
CA VAL A 558 -24.77 2.54 -0.82
C VAL A 558 -23.40 1.86 -0.98
N SER A 559 -23.17 0.78 -0.22
CA SER A 559 -21.98 -0.03 -0.38
C SER A 559 -22.09 -1.06 -1.50
N ASP A 560 -23.16 -0.97 -2.30
CA ASP A 560 -23.35 -1.72 -3.54
C ASP A 560 -23.37 -3.24 -3.28
N PHE A 561 -24.40 -3.65 -2.55
CA PHE A 561 -24.75 -5.07 -2.47
C PHE A 561 -26.26 -5.18 -2.38
N THR A 562 -26.79 -6.32 -2.80
CA THR A 562 -28.24 -6.50 -2.86
C THR A 562 -28.80 -6.68 -1.46
N ASP A 563 -29.63 -5.74 -1.03
CA ASP A 563 -30.37 -5.86 0.22
C ASP A 563 -31.84 -6.17 0.00
N SER A 564 -32.29 -6.21 -1.25
CA SER A 564 -33.69 -6.50 -1.55
C SER A 564 -33.77 -7.11 -2.95
N VAL A 565 -34.75 -7.99 -3.13
CA VAL A 565 -34.94 -8.69 -4.40
C VAL A 565 -36.44 -8.93 -4.59
N ARG A 566 -36.85 -9.08 -5.84
CA ARG A 566 -38.23 -9.39 -6.19
C ARG A 566 -38.33 -10.83 -6.66
N ASP A 567 -39.26 -11.58 -6.07
CA ASP A 567 -39.44 -12.99 -6.42
C ASP A 567 -40.03 -13.12 -7.81
N PRO A 568 -39.40 -13.86 -8.73
CA PRO A 568 -39.93 -13.93 -10.11
C PRO A 568 -41.28 -14.60 -10.24
N LYS A 569 -41.61 -15.57 -9.39
CA LYS A 569 -42.87 -16.29 -9.54
C LYS A 569 -44.04 -15.47 -8.99
N THR A 570 -44.00 -15.16 -7.70
CA THR A 570 -44.99 -14.29 -7.07
C THR A 570 -44.35 -12.92 -6.86
N PHE A 571 -44.97 -11.88 -7.44
CA PHE A 571 -44.34 -10.57 -7.47
C PHE A 571 -44.37 -9.89 -6.12
N GLU A 572 -43.51 -10.34 -5.20
CA GLU A 572 -43.37 -9.75 -3.88
C GLU A 572 -41.91 -9.38 -3.64
N ILE A 573 -41.70 -8.51 -2.66
CA ILE A 573 -40.38 -7.98 -2.34
C ILE A 573 -39.87 -8.65 -1.07
N LEU A 574 -38.62 -9.11 -1.11
CA LEU A 574 -37.98 -9.73 0.03
C LEU A 574 -36.78 -8.89 0.44
N ASP A 575 -36.38 -9.01 1.72
CA ASP A 575 -35.17 -8.39 2.23
C ASP A 575 -34.07 -9.42 2.39
N ILE A 576 -32.85 -9.03 2.04
CA ILE A 576 -31.67 -9.87 2.18
C ILE A 576 -30.73 -9.20 3.16
N SER A 577 -30.43 -9.88 4.26
CA SER A 577 -29.49 -9.44 5.26
C SER A 577 -28.57 -10.58 5.61
N PRO A 578 -27.34 -10.30 6.05
CA PRO A 578 -26.42 -11.38 6.44
C PRO A 578 -26.95 -12.15 7.64
N CYS A 579 -26.66 -13.45 7.66
CA CYS A 579 -27.14 -14.32 8.71
C CYS A 579 -26.26 -14.31 9.95
N SER A 580 -25.19 -13.51 9.95
CA SER A 580 -24.43 -13.24 11.17
C SER A 580 -23.80 -11.85 11.01
N TYR A 581 -24.45 -10.84 11.57
CA TYR A 581 -23.91 -9.49 11.61
C TYR A 581 -24.06 -8.95 13.02
N GLY A 582 -23.08 -8.15 13.43
CA GLY A 582 -22.99 -7.72 14.81
C GLY A 582 -21.93 -8.51 15.55
N GLY A 583 -21.16 -7.84 16.40
CA GLY A 583 -20.05 -8.51 17.06
C GLY A 583 -20.51 -9.40 18.20
N VAL A 584 -19.70 -10.41 18.48
CA VAL A 584 -19.89 -11.32 19.61
C VAL A 584 -18.55 -11.46 20.31
N SER A 585 -18.53 -11.15 21.61
CA SER A 585 -17.32 -11.18 22.40
C SER A 585 -17.40 -12.28 23.45
N VAL A 586 -16.30 -13.01 23.62
CA VAL A 586 -16.21 -14.09 24.60
C VAL A 586 -15.25 -13.64 25.70
N ILE A 587 -15.74 -13.66 26.94
CA ILE A 587 -14.97 -13.25 28.11
C ILE A 587 -14.53 -14.51 28.85
N THR A 588 -13.23 -14.63 29.07
CA THR A 588 -12.70 -15.82 29.71
C THR A 588 -11.64 -15.44 30.74
N PRO A 589 -11.48 -16.26 31.78
CA PRO A 589 -10.22 -16.25 32.53
C PRO A 589 -9.15 -17.02 31.77
N GLY A 590 -8.01 -17.25 32.40
CA GLY A 590 -6.98 -18.04 31.76
C GLY A 590 -7.43 -19.46 31.49
N THR A 591 -6.96 -20.01 30.36
CA THR A 591 -7.30 -21.38 30.01
C THR A 591 -6.69 -22.37 30.99
N ASN A 592 -5.52 -22.05 31.54
CA ASN A 592 -4.93 -22.86 32.61
C ASN A 592 -5.76 -22.78 33.89
N THR A 593 -6.52 -21.69 34.08
CA THR A 593 -7.30 -21.52 35.30
C THR A 593 -8.60 -22.32 35.25
N SER A 594 -9.43 -22.08 34.25
CA SER A 594 -10.74 -22.72 34.16
C SER A 594 -11.18 -22.79 32.71
N LYS A 595 -12.27 -23.54 32.48
CA LYS A 595 -12.83 -23.74 31.15
C LYS A 595 -14.18 -23.03 30.98
N ALA A 596 -14.50 -22.09 31.87
CA ALA A 596 -15.79 -21.41 31.85
C ALA A 596 -15.66 -20.07 31.15
N VAL A 597 -16.60 -19.79 30.25
CA VAL A 597 -16.58 -18.57 29.45
C VAL A 597 -17.96 -17.90 29.52
N ALA A 598 -17.97 -16.61 29.21
CA ALA A 598 -19.19 -15.84 29.07
C ALA A 598 -19.22 -15.16 27.70
N VAL A 599 -20.41 -15.07 27.13
CA VAL A 599 -20.60 -14.55 25.77
C VAL A 599 -21.32 -13.21 25.88
N LEU A 600 -20.75 -12.19 25.26
CA LEU A 600 -21.33 -10.85 25.23
C LEU A 600 -21.74 -10.49 23.80
N TYR A 601 -23.00 -10.16 23.62
CA TYR A 601 -23.51 -9.64 22.36
C TYR A 601 -23.46 -8.12 22.39
N GLN A 602 -23.15 -7.52 21.24
CA GLN A 602 -22.69 -6.14 21.25
C GLN A 602 -23.82 -5.14 21.48
N ASP A 603 -24.77 -5.04 20.55
CA ASP A 603 -25.77 -3.97 20.59
C ASP A 603 -27.18 -4.48 20.38
N VAL A 604 -27.52 -5.65 20.87
CA VAL A 604 -28.87 -6.18 20.71
C VAL A 604 -29.59 -6.15 22.06
N ASN A 605 -30.91 -6.02 22.00
CA ASN A 605 -31.72 -6.31 23.17
C ASN A 605 -31.65 -7.79 23.47
N CYS A 606 -31.82 -8.15 24.74
CA CYS A 606 -31.48 -9.48 25.19
C CYS A 606 -32.72 -10.36 25.31
N THR A 607 -33.81 -9.96 24.65
CA THR A 607 -35.00 -10.79 24.53
C THR A 607 -35.16 -11.39 23.14
N ASP A 608 -34.42 -10.91 22.16
CA ASP A 608 -34.39 -11.47 20.81
C ASP A 608 -32.98 -11.92 20.42
N VAL A 609 -32.23 -12.41 21.41
CA VAL A 609 -30.95 -13.04 21.12
C VAL A 609 -31.10 -14.29 20.25
N PRO A 610 -32.04 -15.22 20.50
CA PRO A 610 -32.21 -16.33 19.54
C PRO A 610 -32.66 -15.91 18.15
N THR A 611 -33.24 -14.72 18.00
CA THR A 611 -33.62 -14.25 16.66
C THR A 611 -32.40 -13.93 15.81
N MET A 612 -31.41 -13.24 16.39
CA MET A 612 -30.24 -12.81 15.64
C MET A 612 -29.12 -13.84 15.62
N ILE A 613 -29.25 -14.93 16.38
CA ILE A 613 -28.23 -15.98 16.39
C ILE A 613 -28.65 -17.20 15.61
N HIS A 614 -29.94 -17.32 15.26
CA HIS A 614 -30.52 -18.46 14.53
C HIS A 614 -30.27 -19.77 15.28
N VAL A 615 -30.90 -19.85 16.46
CA VAL A 615 -30.69 -20.98 17.36
C VAL A 615 -31.23 -22.28 16.79
N GLU A 616 -32.17 -22.22 15.84
CA GLU A 616 -32.76 -23.42 15.26
C GLU A 616 -31.80 -24.22 14.40
N GLN A 617 -30.67 -23.64 13.99
CA GLN A 617 -29.68 -24.35 13.19
C GLN A 617 -28.26 -24.17 13.72
N VAL A 618 -28.10 -23.62 14.93
CA VAL A 618 -26.79 -23.50 15.56
C VAL A 618 -26.49 -24.83 16.22
N SER A 619 -25.25 -25.04 16.67
CA SER A 619 -24.86 -26.28 17.33
C SER A 619 -25.57 -26.42 18.68
N SER A 620 -25.54 -27.65 19.19
CA SER A 620 -26.28 -27.96 20.41
C SER A 620 -25.67 -27.32 21.64
N ASP A 621 -24.35 -27.18 21.68
CA ASP A 621 -23.69 -26.56 22.83
C ASP A 621 -23.82 -25.05 22.85
N TRP A 622 -24.24 -24.44 21.74
CA TRP A 622 -24.51 -23.01 21.70
C TRP A 622 -25.88 -22.65 22.23
N ARG A 623 -26.76 -23.63 22.42
CA ARG A 623 -28.13 -23.34 22.85
C ARG A 623 -28.19 -22.91 24.30
N VAL A 624 -27.26 -23.39 25.14
CA VAL A 624 -27.24 -23.00 26.54
C VAL A 624 -26.75 -21.57 26.76
N TYR A 625 -26.19 -20.95 25.72
CA TYR A 625 -25.77 -19.55 25.78
C TYR A 625 -26.73 -18.61 25.09
N ALA A 626 -27.97 -19.06 24.83
CA ALA A 626 -28.98 -18.23 24.19
C ALA A 626 -30.34 -18.34 24.88
N PHE A 627 -30.36 -18.81 26.12
CA PHE A 627 -31.61 -18.97 26.86
C PHE A 627 -31.38 -18.61 28.32
N ASN A 628 -32.49 -18.28 29.00
CA ASN A 628 -32.48 -17.81 30.38
C ASN A 628 -32.93 -18.90 31.35
N SER A 629 -32.54 -20.15 31.10
CA SER A 629 -32.98 -21.26 31.95
C SER A 629 -32.38 -21.17 33.34
N TYR A 630 -31.09 -20.81 33.44
CA TYR A 630 -30.41 -20.79 34.73
C TYR A 630 -30.55 -19.46 35.45
N GLY A 631 -30.83 -18.38 34.74
CA GLY A 631 -30.90 -17.07 35.34
C GLY A 631 -29.66 -16.22 35.24
N ASN A 632 -28.69 -16.61 34.42
CA ASN A 632 -27.45 -15.87 34.25
C ASN A 632 -27.51 -14.88 33.08
N MET A 633 -28.68 -14.72 32.47
CA MET A 633 -28.84 -13.93 31.25
C MET A 633 -29.48 -12.59 31.64
N PHE A 634 -28.65 -11.57 31.83
CA PHE A 634 -29.09 -10.26 32.30
C PHE A 634 -28.55 -9.18 31.38
N GLN A 635 -29.32 -8.09 31.26
CA GLN A 635 -29.06 -7.04 30.29
C GLN A 635 -28.16 -5.96 30.87
N THR A 636 -27.12 -5.60 30.12
CA THR A 636 -26.23 -4.49 30.45
C THR A 636 -26.50 -3.33 29.49
N GLN A 637 -25.69 -2.28 29.61
CA GLN A 637 -25.79 -1.15 28.71
C GLN A 637 -25.10 -1.42 27.38
N ALA A 638 -24.10 -2.29 27.38
CA ALA A 638 -23.34 -2.66 26.18
C ALA A 638 -23.76 -4.03 25.64
N GLY A 639 -25.05 -4.34 25.69
CA GLY A 639 -25.53 -5.65 25.28
C GLY A 639 -26.03 -6.44 26.46
N CYS A 640 -25.87 -7.76 26.45
CA CYS A 640 -26.16 -8.54 27.64
C CYS A 640 -25.15 -9.67 27.78
N LEU A 641 -24.98 -10.13 29.01
CA LEU A 641 -24.06 -11.19 29.35
C LEU A 641 -24.81 -12.48 29.61
N VAL A 642 -24.31 -13.57 29.01
CA VAL A 642 -24.82 -14.91 29.26
C VAL A 642 -23.69 -15.74 29.85
N GLY A 643 -23.96 -16.36 31.00
CA GLY A 643 -22.96 -17.15 31.69
C GLY A 643 -22.28 -16.48 32.86
N ALA A 644 -22.70 -15.26 33.22
CA ALA A 644 -22.15 -14.53 34.34
C ALA A 644 -23.27 -14.02 35.22
N ILE A 645 -23.02 -13.99 36.53
CA ILE A 645 -24.00 -13.54 37.51
C ILE A 645 -23.62 -12.16 38.02
N TYR A 646 -24.62 -11.29 38.09
CA TYR A 646 -24.41 -9.92 38.53
C TYR A 646 -24.26 -9.85 40.05
N GLU A 647 -23.44 -8.91 40.50
CA GLU A 647 -23.19 -8.67 41.91
C GLU A 647 -23.34 -7.19 42.22
N ASN A 648 -23.84 -6.90 43.42
CA ASN A 648 -24.10 -5.52 43.82
C ASN A 648 -22.88 -4.83 44.41
N THR A 649 -21.96 -5.58 45.01
CA THR A 649 -20.77 -4.99 45.59
C THR A 649 -19.81 -4.53 44.49
N THR A 650 -19.17 -3.39 44.73
CA THR A 650 -18.27 -2.79 43.75
C THR A 650 -16.82 -3.15 44.07
N TYR A 651 -16.05 -3.47 43.04
CA TYR A 651 -14.64 -3.81 43.17
C TYR A 651 -13.83 -3.02 42.16
N GLU A 652 -12.51 -3.18 42.22
CA GLU A 652 -11.63 -2.63 41.22
C GLU A 652 -11.76 -3.43 39.92
N CYS A 653 -11.68 -2.73 38.79
CA CYS A 653 -11.89 -3.37 37.49
C CYS A 653 -10.77 -4.35 37.18
N ASP A 654 -11.16 -5.54 36.71
CA ASP A 654 -10.22 -6.58 36.32
C ASP A 654 -10.27 -6.87 34.83
N ILE A 655 -11.43 -7.20 34.30
CA ILE A 655 -11.63 -7.43 32.87
C ILE A 655 -12.69 -6.44 32.39
N PRO A 656 -12.28 -5.38 31.68
CA PRO A 656 -13.25 -4.37 31.26
C PRO A 656 -14.20 -4.89 30.18
N ILE A 657 -15.46 -4.49 30.30
CA ILE A 657 -16.51 -4.88 29.36
C ILE A 657 -17.08 -3.65 28.64
N GLY A 658 -17.41 -2.61 29.40
CA GLY A 658 -17.94 -1.37 28.85
C GLY A 658 -19.04 -0.82 29.73
N ALA A 659 -19.23 0.50 29.66
CA ALA A 659 -20.25 1.24 30.42
C ALA A 659 -20.13 1.01 31.92
N GLY A 660 -18.90 1.01 32.43
CA GLY A 660 -18.67 0.89 33.86
C GLY A 660 -18.94 -0.47 34.44
N ILE A 661 -18.88 -1.52 33.62
CA ILE A 661 -19.11 -2.89 34.07
C ILE A 661 -17.86 -3.71 33.76
N CYS A 662 -17.36 -4.43 34.77
CA CYS A 662 -16.20 -5.29 34.61
C CYS A 662 -16.57 -6.72 35.01
N ALA A 663 -15.59 -7.61 34.90
CA ALA A 663 -15.78 -9.01 35.22
C ALA A 663 -14.53 -9.56 35.90
N LYS A 664 -14.71 -10.62 36.68
CA LYS A 664 -13.62 -11.26 37.38
C LYS A 664 -13.99 -12.72 37.66
N PHE A 665 -12.97 -13.50 38.01
CA PHE A 665 -13.13 -14.92 38.30
C PHE A 665 -13.20 -15.14 39.80
N GLY A 666 -14.22 -15.86 40.25
CA GLY A 666 -14.39 -16.16 41.65
C GLY A 666 -15.28 -15.15 42.36
N SER A 667 -15.79 -15.58 43.52
CA SER A 667 -16.67 -14.75 44.31
C SER A 667 -16.61 -15.20 45.77
N ASP A 668 -17.10 -14.35 46.65
CA ASP A 668 -17.12 -14.63 48.08
C ASP A 668 -18.45 -15.24 48.55
N LYS A 669 -19.38 -15.50 47.64
CA LYS A 669 -20.67 -16.07 48.01
C LYS A 669 -20.56 -17.56 48.28
N MET A 672 -22.54 -20.06 46.20
CA MET A 672 -21.15 -20.53 46.21
C MET A 672 -20.56 -20.50 44.80
N GLY A 673 -19.83 -19.43 44.50
CA GLY A 673 -19.16 -19.30 43.22
C GLY A 673 -17.75 -19.86 43.23
N GLN A 674 -17.63 -21.19 43.25
CA GLN A 674 -16.30 -21.79 43.30
C GLN A 674 -15.58 -21.71 41.97
N GLU A 675 -16.33 -21.69 40.85
CA GLU A 675 -15.72 -21.55 39.53
C GLU A 675 -16.50 -20.65 38.59
N SER A 676 -17.57 -20.02 39.04
CA SER A 676 -18.34 -19.12 38.19
C SER A 676 -17.75 -17.73 38.22
N ILE A 677 -17.85 -17.02 37.11
CA ILE A 677 -17.38 -15.65 37.02
C ILE A 677 -18.53 -14.71 37.33
N VAL A 678 -18.21 -13.52 37.80
CA VAL A 678 -19.22 -12.55 38.22
C VAL A 678 -19.01 -11.25 37.45
N ALA A 679 -20.09 -10.50 37.31
CA ALA A 679 -20.06 -9.19 36.68
C ALA A 679 -20.49 -8.14 37.70
N TYR A 680 -19.74 -7.05 37.77
CA TYR A 680 -19.97 -6.03 38.79
C TYR A 680 -19.79 -4.65 38.17
N THR A 681 -20.20 -3.64 38.91
CA THR A 681 -19.96 -2.25 38.54
C THR A 681 -18.68 -1.78 39.21
N MET A 682 -17.76 -1.24 38.41
CA MET A 682 -16.48 -0.80 38.93
C MET A 682 -16.63 0.44 39.80
N SER A 683 -15.69 0.62 40.72
CA SER A 683 -15.74 1.67 41.71
C SER A 683 -14.70 2.74 41.41
N ILE A 684 -15.11 4.02 41.52
CA ILE A 684 -14.18 5.12 41.33
C ILE A 684 -13.47 5.53 42.61
N GLY A 685 -13.90 5.00 43.76
CA GLY A 685 -13.27 5.36 45.02
C GLY A 685 -14.25 5.13 46.16
N GLU A 686 -13.95 5.76 47.29
CA GLU A 686 -14.80 5.69 48.48
C GLU A 686 -15.14 7.10 48.94
N ASP A 687 -16.26 7.20 49.65
CA ASP A 687 -16.74 8.50 50.12
C ASP A 687 -15.86 9.02 51.25
N GLN A 688 -15.50 10.29 51.16
CA GLN A 688 -14.62 10.96 52.11
C GLN A 688 -15.21 12.31 52.51
N SER A 689 -16.47 12.29 52.93
CA SER A 689 -17.21 13.51 53.28
C SER A 689 -16.57 14.27 54.43
N ILE A 690 -16.05 15.46 54.14
CA ILE A 690 -15.42 16.31 55.14
C ILE A 690 -16.29 17.54 55.35
N ALA A 691 -16.17 18.12 56.54
CA ALA A 691 -16.98 19.26 56.93
C ALA A 691 -16.22 20.57 56.69
N TYR A 692 -16.97 21.61 56.36
CA TYR A 692 -16.42 22.94 56.12
C TYR A 692 -16.90 23.90 57.20
N SER A 693 -15.99 24.68 57.75
CA SER A 693 -16.28 25.68 58.75
C SER A 693 -15.54 26.96 58.42
N ASN A 694 -16.05 28.08 58.91
CA ASN A 694 -15.50 29.38 58.62
C ASN A 694 -14.35 29.79 59.54
N ASN A 695 -14.13 29.05 60.64
CA ASN A 695 -13.07 29.41 61.57
C ASN A 695 -12.35 28.18 62.11
N ILE A 696 -12.23 27.13 61.30
CA ILE A 696 -11.55 25.90 61.68
C ILE A 696 -10.48 25.61 60.64
N ILE A 697 -9.24 25.40 61.09
CA ILE A 697 -8.12 25.07 60.22
C ILE A 697 -7.48 23.78 60.72
N ALA A 698 -6.80 23.09 59.81
CA ALA A 698 -6.10 21.85 60.12
C ALA A 698 -4.63 22.03 59.75
N ILE A 699 -3.75 21.77 60.72
CA ILE A 699 -2.31 21.96 60.53
C ILE A 699 -1.58 20.68 60.95
N PRO A 700 -0.70 20.14 60.11
CA PRO A 700 0.01 18.91 60.46
C PRO A 700 0.99 19.12 61.60
N THR A 701 1.19 18.05 62.38
CA THR A 701 2.15 18.05 63.47
C THR A 701 3.27 17.06 63.28
N ASN A 702 3.28 16.31 62.18
CA ASN A 702 4.34 15.37 61.88
C ASN A 702 4.40 15.17 60.37
N PHE A 703 5.38 14.40 59.93
CA PHE A 703 5.61 14.22 58.49
C PHE A 703 6.38 12.92 58.27
N SER A 704 6.37 12.47 57.02
CA SER A 704 7.08 11.27 56.61
C SER A 704 7.77 11.52 55.28
N ILE A 705 8.84 10.77 55.03
CA ILE A 705 9.63 10.89 53.81
C ILE A 705 9.43 9.63 52.99
N SER A 706 9.01 9.77 51.74
CA SER A 706 8.73 8.66 50.86
C SER A 706 9.59 8.74 49.61
N VAL A 707 9.81 7.58 48.99
CA VAL A 707 10.58 7.48 47.75
C VAL A 707 9.65 6.88 46.69
N THR A 708 9.52 7.58 45.57
CA THR A 708 8.63 7.19 44.49
C THR A 708 9.44 6.76 43.27
N THR A 709 9.01 5.68 42.63
CA THR A 709 9.73 5.08 41.52
C THR A 709 8.81 5.01 40.31
N GLU A 710 9.25 5.58 39.19
CA GLU A 710 8.56 5.43 37.91
C GLU A 710 9.59 5.19 36.81
N VAL A 711 9.15 4.50 35.76
CA VAL A 711 9.99 4.19 34.61
C VAL A 711 9.35 4.74 33.36
N LEU A 712 10.18 5.00 32.35
CA LEU A 712 9.70 5.47 31.06
C LEU A 712 10.74 5.16 30.00
N PRO A 713 10.35 4.67 28.82
CA PRO A 713 11.34 4.27 27.82
C PRO A 713 12.05 5.46 27.21
N VAL A 714 13.29 5.21 26.78
CA VAL A 714 14.15 6.24 26.18
C VAL A 714 14.45 5.93 24.72
N SER A 715 14.88 4.71 24.43
CA SER A 715 15.22 4.31 23.08
C SER A 715 14.72 2.89 22.83
N MET A 716 14.77 2.48 21.56
CA MET A 716 14.40 1.13 21.17
C MET A 716 15.50 0.53 20.32
N THR A 717 15.28 -0.70 19.86
CA THR A 717 16.30 -1.41 19.11
C THR A 717 16.42 -0.87 17.69
N LYS A 718 17.64 -0.86 17.17
CA LYS A 718 17.92 -0.40 15.81
C LYS A 718 17.96 -1.61 14.89
N THR A 719 17.24 -1.54 13.78
CA THR A 719 17.13 -2.64 12.84
C THR A 719 17.51 -2.18 11.44
N SER A 720 17.82 -3.15 10.59
CA SER A 720 18.19 -2.88 9.21
C SER A 720 17.67 -4.01 8.33
N VAL A 721 17.34 -3.68 7.08
CA VAL A 721 16.73 -4.63 6.17
C VAL A 721 17.51 -4.60 4.86
N ASP A 722 17.47 -5.73 4.14
CA ASP A 722 18.06 -5.87 2.82
C ASP A 722 16.97 -6.36 1.88
N CYS A 723 16.59 -5.52 0.91
CA CYS A 723 15.54 -5.89 -0.03
C CYS A 723 15.96 -7.02 -0.95
N ASN A 724 17.20 -6.98 -1.45
CA ASN A 724 17.64 -7.96 -2.44
C ASN A 724 17.78 -9.36 -1.84
N MET A 725 17.76 -9.49 -0.52
CA MET A 725 17.72 -10.79 0.14
C MET A 725 16.33 -11.15 0.62
N TYR A 726 15.51 -10.16 0.95
CA TYR A 726 14.15 -10.43 1.45
C TYR A 726 13.18 -10.67 0.31
N ILE A 727 13.18 -9.79 -0.70
CA ILE A 727 12.24 -9.93 -1.81
C ILE A 727 12.59 -11.14 -2.66
N CYS A 728 13.87 -11.30 -2.98
CA CYS A 728 14.34 -12.42 -3.79
C CYS A 728 15.37 -13.23 -3.02
N GLY A 729 15.26 -14.55 -3.08
CA GLY A 729 16.29 -15.39 -2.43
C GLY A 729 17.42 -15.70 -3.41
N ASP A 730 18.42 -14.82 -3.50
CA ASP A 730 19.60 -15.04 -4.40
C ASP A 730 19.14 -15.56 -5.77
N SER A 731 18.12 -14.95 -6.37
CA SER A 731 17.66 -15.35 -7.73
C SER A 731 18.09 -14.27 -8.72
N THR A 732 19.08 -14.56 -9.57
CA THR A 732 19.58 -13.53 -10.48
C THR A 732 18.54 -13.09 -11.50
N GLU A 733 17.51 -13.89 -11.73
CA GLU A 733 16.38 -13.51 -12.57
C GLU A 733 15.23 -12.89 -11.80
N CYS A 734 15.36 -12.76 -10.47
CA CYS A 734 14.43 -11.96 -9.68
C CYS A 734 14.96 -10.56 -9.40
N SER A 735 16.28 -10.40 -9.33
CA SER A 735 16.88 -9.09 -9.11
C SER A 735 16.61 -8.15 -10.29
N ASN A 736 16.66 -8.67 -11.51
CA ASN A 736 16.38 -7.86 -12.69
C ASN A 736 14.92 -7.41 -12.71
N LEU A 737 14.00 -8.28 -12.28
CA LEU A 737 12.60 -7.89 -12.20
C LEU A 737 12.35 -6.90 -11.07
N LEU A 738 13.09 -7.01 -9.97
CA LEU A 738 12.96 -6.05 -8.88
C LEU A 738 13.54 -4.69 -9.26
N LEU A 739 14.55 -4.67 -10.14
CA LEU A 739 15.22 -3.43 -10.52
C LEU A 739 14.30 -2.49 -11.30
N GLN A 740 13.23 -3.00 -11.92
CA GLN A 740 12.30 -2.19 -12.69
C GLN A 740 11.15 -1.64 -11.86
N TYR A 741 11.36 -1.43 -10.56
CA TYR A 741 10.32 -0.89 -9.69
C TYR A 741 10.64 0.49 -9.12
N GLY A 742 11.88 0.97 -9.28
CA GLY A 742 12.21 2.31 -8.83
C GLY A 742 13.07 2.37 -7.60
N SER A 743 12.80 3.35 -6.74
CA SER A 743 13.61 3.61 -5.54
C SER A 743 12.78 3.50 -4.28
N PHE A 744 11.94 2.48 -4.19
CA PHE A 744 11.20 2.23 -2.95
C PHE A 744 12.13 1.78 -1.84
N CYS A 745 13.07 0.90 -2.17
CA CYS A 745 13.92 0.29 -1.16
C CYS A 745 14.97 1.25 -0.62
N THR A 746 15.42 2.20 -1.45
CA THR A 746 16.28 3.27 -0.94
C THR A 746 15.51 4.13 0.06
N GLN A 747 14.22 4.35 -0.18
CA GLN A 747 13.39 5.07 0.77
C GLN A 747 13.28 4.31 2.09
N LEU A 748 13.06 2.99 2.03
CA LEU A 748 13.01 2.19 3.26
C LEU A 748 14.35 2.22 4.01
N ASN A 749 15.46 2.11 3.28
CA ASN A 749 16.77 2.14 3.92
C ASN A 749 17.05 3.49 4.57
N ARG A 750 16.68 4.59 3.90
CA ARG A 750 16.87 5.91 4.49
C ARG A 750 16.00 6.11 5.73
N ALA A 751 14.74 5.63 5.68
CA ALA A 751 13.88 5.74 6.85
C ALA A 751 14.42 4.94 8.04
N LEU A 752 14.89 3.71 7.79
CA LEU A 752 15.42 2.90 8.88
C LEU A 752 16.73 3.47 9.42
N SER A 753 17.56 4.05 8.55
CA SER A 753 18.79 4.68 9.01
C SER A 753 18.51 5.92 9.84
N GLY A 754 17.50 6.71 9.45
CA GLY A 754 17.11 7.85 10.27
C GLY A 754 16.59 7.45 11.63
N ILE A 755 15.79 6.38 11.69
CA ILE A 755 15.31 5.85 12.96
C ILE A 755 16.48 5.39 13.83
N ALA A 756 17.44 4.69 13.22
CA ALA A 756 18.59 4.19 13.97
C ALA A 756 19.46 5.33 14.52
N VAL A 757 19.62 6.41 13.76
CA VAL A 757 20.37 7.56 14.24
C VAL A 757 19.62 8.27 15.37
N GLU A 758 18.30 8.40 15.22
CA GLU A 758 17.49 9.05 16.25
C GLU A 758 17.50 8.26 17.57
N GLN A 759 17.60 6.93 17.48
CA GLN A 759 17.64 6.11 18.70
C GLN A 759 18.89 6.40 19.53
N ASP A 760 20.03 6.60 18.88
CA ASP A 760 21.24 6.97 19.62
C ASP A 760 21.19 8.42 20.07
N ARG A 761 20.53 9.29 19.28
CA ARG A 761 20.39 10.68 19.68
C ARG A 761 19.57 10.82 20.96
N ASN A 762 18.54 9.98 21.12
CA ASN A 762 17.71 10.02 22.32
C ASN A 762 18.52 9.72 23.58
N THR A 763 19.26 8.62 23.58
CA THR A 763 20.03 8.25 24.76
C THR A 763 21.25 9.15 24.94
N ARG A 764 21.71 9.85 23.89
CA ARG A 764 22.70 10.88 24.12
C ARG A 764 22.09 12.11 24.79
N ASP A 765 20.87 12.46 24.41
CA ASP A 765 20.22 13.65 24.99
C ASP A 765 19.81 13.44 26.43
N VAL A 766 19.35 12.23 26.79
CA VAL A 766 18.80 12.01 28.13
C VAL A 766 19.92 11.99 29.17
N PHE A 767 20.98 11.22 28.92
CA PHE A 767 21.97 10.95 29.97
C PHE A 767 23.14 11.91 29.99
N ALA A 768 23.65 12.32 28.83
CA ALA A 768 24.81 13.21 28.78
C ALA A 768 24.36 14.63 29.13
N GLN A 769 24.47 14.97 30.41
CA GLN A 769 24.03 16.27 30.92
C GLN A 769 25.13 17.11 31.52
N THR A 770 26.27 16.50 31.89
CA THR A 770 27.30 17.21 32.65
C THR A 770 28.61 17.38 31.91
N LYS A 771 28.94 16.48 30.97
CA LYS A 771 30.17 16.45 30.17
C LYS A 771 31.46 16.52 31.00
N SER A 772 31.37 16.20 32.30
CA SER A 772 32.54 16.18 33.18
C SER A 772 32.22 15.21 34.32
N ILE A 773 32.75 13.99 34.22
CA ILE A 773 32.39 12.95 35.17
C ILE A 773 33.14 13.15 36.48
N TYR A 774 32.47 12.85 37.58
CA TYR A 774 33.01 13.03 38.92
C TYR A 774 33.36 11.69 39.53
N LYS A 775 34.49 11.64 40.23
CA LYS A 775 34.92 10.41 40.88
C LYS A 775 34.05 10.12 42.11
N THR A 776 33.62 8.87 42.23
CA THR A 776 32.78 8.46 43.35
C THR A 776 33.60 8.43 44.63
N PRO A 777 33.19 9.16 45.68
CA PRO A 777 33.94 9.11 46.94
C PRO A 777 33.84 7.75 47.61
N ASN A 778 34.92 7.37 48.29
CA ASN A 778 34.96 6.09 48.98
C ASN A 778 34.14 6.09 50.27
N ILE A 779 34.02 7.24 50.92
CA ILE A 779 33.27 7.36 52.16
C ILE A 779 31.85 7.80 51.84
N LYS A 780 30.91 7.44 52.71
CA LYS A 780 29.50 7.80 52.56
C LYS A 780 28.96 8.47 53.81
N ASP A 781 29.81 9.20 54.53
CA ASP A 781 29.39 9.91 55.74
C ASP A 781 28.80 11.26 55.33
N PHE A 782 27.55 11.21 54.85
CA PHE A 782 26.83 12.39 54.39
C PHE A 782 25.88 12.91 55.44
N GLY A 783 26.25 12.81 56.72
CA GLY A 783 25.38 13.21 57.79
C GLY A 783 24.38 12.18 58.23
N GLY A 784 24.66 10.90 57.98
CA GLY A 784 23.75 9.82 58.31
C GLY A 784 22.98 9.25 57.14
N PHE A 785 23.10 9.86 55.96
CA PHE A 785 22.40 9.39 54.77
C PHE A 785 23.25 8.37 54.03
N ASN A 786 22.70 7.19 53.79
CA ASN A 786 23.42 6.10 53.18
C ASN A 786 23.21 6.11 51.67
N PHE A 787 24.27 6.42 50.92
CA PHE A 787 24.24 6.45 49.46
C PHE A 787 24.85 5.22 48.83
N SER A 788 25.11 4.17 49.61
CA SER A 788 25.81 3.00 49.09
C SER A 788 24.94 2.16 48.14
N GLN A 789 23.62 2.23 48.29
CA GLN A 789 22.74 1.41 47.45
C GLN A 789 22.61 1.97 46.04
N ILE A 790 22.66 3.29 45.88
CA ILE A 790 22.49 3.90 44.56
C ILE A 790 23.81 4.27 43.90
N LEU A 791 24.94 4.05 44.57
CA LEU A 791 26.25 4.32 44.02
C LEU A 791 27.00 3.02 43.74
N PRO A 792 27.88 2.98 42.75
CA PRO A 792 28.69 1.78 42.52
C PRO A 792 29.65 1.52 43.67
N ASP A 793 29.82 0.26 44.00
CA ASP A 793 30.65 -0.16 45.12
C ASP A 793 32.12 -0.13 44.75
N PRO A 794 33.00 0.10 45.73
CA PRO A 794 34.43 -0.16 45.50
C PRO A 794 34.66 -1.65 45.28
N LYS A 795 35.75 -1.96 44.56
CA LYS A 795 36.15 -3.29 44.08
C LYS A 795 34.97 -4.09 43.52
N LYS A 796 34.09 -3.42 42.77
CA LYS A 796 32.86 -4.02 42.30
C LYS A 796 33.11 -5.08 41.24
N LEU A 797 32.33 -6.16 41.29
CA LEU A 797 32.37 -7.16 40.24
C LEU A 797 31.69 -6.66 38.98
N SER A 798 30.58 -5.94 39.13
CA SER A 798 29.86 -5.33 38.02
C SER A 798 29.96 -3.81 38.13
N TYR A 799 30.15 -3.16 36.98
CA TYR A 799 30.43 -1.73 36.96
C TYR A 799 29.16 -0.88 37.04
N ARG A 800 28.31 -1.15 38.03
CA ARG A 800 27.09 -0.39 38.26
C ARG A 800 26.62 -0.65 39.68
N SER A 801 25.67 0.17 40.12
CA SER A 801 25.18 0.10 41.49
C SER A 801 24.28 -1.13 41.69
N PHE A 802 23.87 -1.35 42.93
CA PHE A 802 23.10 -2.53 43.28
C PHE A 802 21.67 -2.47 42.77
N ILE A 803 21.05 -1.29 42.77
CA ILE A 803 19.66 -1.17 42.35
C ILE A 803 19.53 -1.39 40.85
N GLU A 804 20.41 -0.80 40.05
CA GLU A 804 20.38 -1.03 38.62
C GLU A 804 20.90 -2.41 38.24
N ASP A 805 21.66 -3.07 39.11
CA ASP A 805 21.93 -4.49 38.93
C ASP A 805 20.67 -5.32 39.15
N LEU A 806 19.87 -4.94 40.15
CA LEU A 806 18.69 -5.71 40.51
C LEU A 806 17.60 -5.60 39.46
N LEU A 807 17.52 -4.45 38.78
CA LEU A 807 16.53 -4.26 37.73
C LEU A 807 17.07 -4.55 36.33
N TYR A 808 18.35 -4.91 36.21
CA TYR A 808 18.88 -5.31 34.90
C TYR A 808 18.39 -6.69 34.52
N ASN A 809 18.39 -7.63 35.46
CA ASN A 809 17.91 -8.99 35.21
C ASN A 809 16.43 -9.16 35.51
N LYS A 810 15.75 -8.11 35.98
CA LYS A 810 14.30 -8.18 36.15
C LYS A 810 13.61 -8.23 34.79
N VAL A 811 14.12 -7.48 33.82
CA VAL A 811 13.64 -7.55 32.44
C VAL A 811 14.55 -8.49 31.66
N THR A 812 13.99 -9.12 30.63
CA THR A 812 14.71 -10.08 29.81
C THR A 812 14.83 -9.53 28.40
N LEU A 813 16.06 -9.40 27.90
CA LEU A 813 16.27 -8.88 26.55
C LEU A 813 15.91 -9.93 25.50
N SER A 814 16.12 -11.21 25.81
CA SER A 814 15.79 -12.28 24.87
C SER A 814 14.29 -12.50 24.80
N ALA A 831 17.82 -25.77 15.59
CA ALA A 831 16.74 -25.93 16.56
C ALA A 831 15.50 -25.15 16.13
N ARG A 832 15.45 -24.81 14.84
CA ARG A 832 14.35 -24.06 14.23
C ARG A 832 14.12 -22.72 14.91
N ASP A 833 15.21 -22.06 15.29
CA ASP A 833 15.12 -20.75 15.93
C ASP A 833 14.74 -19.69 14.92
N LEU A 834 14.04 -18.65 15.41
CA LEU A 834 13.62 -17.56 14.54
C LEU A 834 14.78 -16.62 14.18
N ILE A 835 15.87 -16.64 14.95
CA ILE A 835 16.98 -15.74 14.70
C ILE A 835 17.67 -16.10 13.39
N CYS A 836 17.87 -17.39 13.12
CA CYS A 836 18.48 -17.81 11.86
C CYS A 836 17.58 -17.51 10.68
N ALA A 837 16.26 -17.65 10.85
CA ALA A 837 15.31 -17.29 9.81
C ALA A 837 15.33 -15.80 9.53
N GLN A 838 15.52 -14.98 10.56
CA GLN A 838 15.64 -13.54 10.35
C GLN A 838 16.96 -13.19 9.65
N LYS A 839 18.04 -13.87 10.03
CA LYS A 839 19.35 -13.57 9.45
C LYS A 839 19.44 -14.01 8.00
N PHE A 840 18.78 -15.11 7.63
CA PHE A 840 18.82 -15.60 6.27
C PHE A 840 17.99 -14.76 5.30
N ASN A 841 17.18 -13.83 5.80
CA ASN A 841 16.34 -12.99 4.95
C ASN A 841 16.67 -11.51 5.08
N GLY A 842 17.86 -11.18 5.56
CA GLY A 842 18.32 -9.80 5.55
C GLY A 842 17.86 -8.94 6.71
N LEU A 843 17.34 -9.53 7.78
CA LEU A 843 16.90 -8.78 8.95
C LEU A 843 17.99 -8.86 10.01
N THR A 844 18.64 -7.72 10.28
CA THR A 844 19.72 -7.64 11.25
C THR A 844 19.38 -6.60 12.32
N VAL A 845 20.04 -6.73 13.46
CA VAL A 845 19.88 -5.81 14.59
C VAL A 845 21.24 -5.18 14.88
N LEU A 846 21.30 -3.86 14.85
CA LEU A 846 22.53 -3.12 15.09
C LEU A 846 22.69 -2.81 16.58
N PRO A 847 23.90 -2.94 17.11
CA PRO A 847 24.10 -2.65 18.53
C PRO A 847 24.07 -1.16 18.79
N PRO A 848 23.72 -0.73 20.00
CA PRO A 848 23.72 0.71 20.31
C PRO A 848 25.14 1.26 20.41
N LEU A 849 25.23 2.57 20.19
CA LEU A 849 26.54 3.23 20.21
C LEU A 849 27.11 3.30 21.63
N LEU A 850 26.29 3.68 22.60
CA LEU A 850 26.72 3.79 23.98
C LEU A 850 26.46 2.47 24.70
N THR A 851 27.52 1.82 25.17
CA THR A 851 27.36 0.62 25.96
C THR A 851 26.86 0.98 27.36
N ASP A 852 26.36 -0.04 28.08
CA ASP A 852 25.74 0.20 29.38
C ASP A 852 26.74 0.63 30.45
N ASP A 853 28.02 0.34 30.25
CA ASP A 853 29.03 0.81 31.19
C ASP A 853 29.13 2.33 31.20
N MET A 854 29.07 2.94 30.02
CA MET A 854 29.11 4.41 29.95
C MET A 854 27.84 5.04 30.51
N ILE A 855 26.69 4.39 30.33
CA ILE A 855 25.45 4.89 30.91
C ILE A 855 25.50 4.81 32.44
N ALA A 856 26.04 3.70 32.96
CA ALA A 856 26.21 3.58 34.41
C ALA A 856 27.20 4.60 34.94
N ALA A 857 28.26 4.89 34.18
CA ALA A 857 29.21 5.93 34.56
C ALA A 857 28.55 7.31 34.57
N TYR A 858 27.68 7.58 33.59
CA TYR A 858 26.95 8.84 33.57
C TYR A 858 26.04 8.99 34.78
N THR A 859 25.31 7.93 35.12
CA THR A 859 24.43 7.99 36.30
C THR A 859 25.22 8.13 37.59
N ALA A 860 26.37 7.44 37.68
CA ALA A 860 27.22 7.57 38.87
C ALA A 860 27.80 8.97 38.98
N ALA A 861 28.18 9.58 37.86
CA ALA A 861 28.68 10.95 37.88
C ALA A 861 27.58 11.94 38.24
N LEU A 862 26.33 11.64 37.88
CA LEU A 862 25.22 12.48 38.31
C LEU A 862 24.99 12.36 39.82
N ILE A 863 24.99 11.13 40.34
CA ILE A 863 24.75 10.92 41.76
C ILE A 863 25.88 11.51 42.60
N SER A 864 27.11 11.03 42.40
CA SER A 864 28.26 11.61 43.07
C SER A 864 28.56 12.93 42.38
N GLY A 865 28.01 14.01 42.96
CA GLY A 865 28.04 15.30 42.33
C GLY A 865 26.72 16.02 42.56
N THR A 866 25.62 15.25 42.64
CA THR A 866 24.42 15.81 43.23
C THR A 866 24.52 15.85 44.75
N ALA A 867 25.10 14.81 45.35
CA ALA A 867 25.20 14.73 46.81
C ALA A 867 26.30 15.62 47.38
N THR A 868 27.43 15.73 46.70
CA THR A 868 28.59 16.43 47.23
C THR A 868 28.74 17.84 46.71
N ALA A 869 27.86 18.29 45.80
CA ALA A 869 27.97 19.64 45.27
C ALA A 869 26.63 20.34 45.11
N GLY A 870 25.53 19.73 45.55
CA GLY A 870 24.24 20.35 45.40
C GLY A 870 23.75 20.32 43.95
N TYR A 871 22.78 21.18 43.66
CA TYR A 871 22.22 21.29 42.34
C TYR A 871 22.92 22.33 41.47
N THR A 872 23.88 23.07 42.03
CA THR A 872 24.48 24.20 41.32
C THR A 872 25.49 23.80 40.26
N PHE A 873 25.90 22.53 40.21
CA PHE A 873 26.84 22.10 39.19
C PHE A 873 26.18 21.92 37.82
N GLY A 874 24.84 21.87 37.78
CA GLY A 874 24.15 21.83 36.50
C GLY A 874 24.05 23.17 35.81
N ALA A 875 24.23 24.26 36.53
CA ALA A 875 24.21 25.61 35.98
C ALA A 875 25.48 26.32 36.45
N GLY A 876 26.55 26.15 35.71
CA GLY A 876 27.84 26.70 36.06
C GLY A 876 28.78 25.65 36.62
N ALA A 877 29.75 26.13 37.40
CA ALA A 877 30.73 25.24 38.02
C ALA A 877 30.16 24.62 39.29
N ALA A 878 30.84 23.58 39.78
CA ALA A 878 30.42 22.89 40.98
C ALA A 878 30.87 23.64 42.22
N LEU A 879 29.97 23.77 43.19
CA LEU A 879 30.25 24.43 44.46
C LEU A 879 30.15 23.41 45.58
N GLN A 880 31.22 23.29 46.37
CA GLN A 880 31.23 22.36 47.48
C GLN A 880 30.33 22.86 48.60
N ILE A 881 29.55 21.94 49.17
CA ILE A 881 28.63 22.28 50.27
C ILE A 881 28.42 21.04 51.12
N PRO A 882 28.31 21.18 52.45
CA PRO A 882 27.91 20.04 53.27
C PRO A 882 26.50 19.58 52.96
N PHE A 883 26.24 18.30 53.20
CA PHE A 883 24.97 17.70 52.82
C PHE A 883 23.82 18.22 53.68
N ALA A 884 24.06 18.43 54.98
CA ALA A 884 23.02 18.89 55.88
C ALA A 884 22.57 20.31 55.56
N MET A 885 23.51 21.18 55.18
CA MET A 885 23.14 22.53 54.78
C MET A 885 22.32 22.54 53.49
N GLN A 886 22.65 21.63 52.58
CA GLN A 886 21.82 21.43 51.38
C GLN A 886 20.42 20.95 51.76
N MET A 887 20.32 20.07 52.76
CA MET A 887 19.01 19.60 53.19
C MET A 887 18.20 20.73 53.81
N ALA A 888 18.86 21.60 54.57
CA ALA A 888 18.19 22.77 55.15
C ALA A 888 17.71 23.72 54.08
N TYR A 889 18.53 23.93 53.04
CA TYR A 889 18.11 24.78 51.94
C TYR A 889 16.92 24.20 51.17
N ARG A 890 16.92 22.88 50.95
CA ARG A 890 15.78 22.27 50.26
C ARG A 890 14.52 22.30 51.11
N PHE A 891 14.66 22.08 52.42
CA PHE A 891 13.52 22.18 53.33
C PHE A 891 12.97 23.60 53.35
N ASN A 892 13.85 24.60 53.34
CA ASN A 892 13.41 25.99 53.22
C ASN A 892 12.70 26.23 51.89
N GLY A 893 13.18 25.58 50.82
CA GLY A 893 12.51 25.68 49.54
C GLY A 893 11.14 25.02 49.50
N ILE A 894 10.88 24.06 50.39
CA ILE A 894 9.54 23.50 50.50
C ILE A 894 8.57 24.55 51.05
N GLY A 895 8.97 25.24 52.11
CA GLY A 895 8.09 26.22 52.74
C GLY A 895 8.19 26.16 54.25
N VAL A 896 8.72 25.06 54.76
CA VAL A 896 8.96 24.88 56.18
C VAL A 896 10.34 25.43 56.50
N THR A 897 10.52 25.97 57.70
CA THR A 897 11.78 26.57 58.08
C THR A 897 12.87 25.51 58.25
N GLN A 898 14.11 25.97 58.34
CA GLN A 898 15.26 25.09 58.55
C GLN A 898 15.45 24.77 60.04
N ASN A 899 14.35 24.44 60.70
CA ASN A 899 14.29 24.11 62.12
C ASN A 899 13.95 22.65 62.35
N VAL A 900 13.06 22.08 61.53
CA VAL A 900 12.69 20.68 61.64
C VAL A 900 13.77 19.74 61.11
N LEU A 901 14.80 20.28 60.45
CA LEU A 901 15.89 19.44 59.99
C LEU A 901 16.93 19.23 61.08
N TYR A 902 17.52 20.32 61.57
CA TYR A 902 18.65 20.23 62.50
C TYR A 902 18.23 19.65 63.84
N GLU A 903 16.97 19.82 64.22
CA GLU A 903 16.46 19.24 65.46
C GLU A 903 15.99 17.79 65.29
N ASN A 904 15.87 17.31 64.05
CA ASN A 904 15.38 15.96 63.78
C ASN A 904 16.21 15.30 62.69
N GLN A 905 17.52 15.54 62.68
CA GLN A 905 18.37 15.05 61.60
C GLN A 905 18.51 13.53 61.62
N LYS A 906 18.61 12.95 62.82
CA LYS A 906 18.72 11.51 62.94
C LYS A 906 17.46 10.81 62.47
N GLN A 907 16.29 11.38 62.76
CA GLN A 907 15.02 10.83 62.27
C GLN A 907 14.96 10.88 60.75
N ILE A 908 15.41 11.99 60.15
CA ILE A 908 15.40 12.13 58.69
C ILE A 908 16.32 11.11 58.05
N ALA A 909 17.53 10.95 58.60
CA ALA A 909 18.48 9.98 58.04
C ALA A 909 17.96 8.56 58.19
N ASN A 910 17.42 8.21 59.37
CA ASN A 910 16.95 6.85 59.60
C ASN A 910 15.73 6.52 58.74
N GLN A 911 14.86 7.51 58.48
CA GLN A 911 13.70 7.25 57.65
C GLN A 911 14.08 7.19 56.17
N PHE A 912 15.04 8.01 55.75
CA PHE A 912 15.52 7.95 54.37
C PHE A 912 16.21 6.62 54.07
N ASN A 913 16.98 6.11 55.03
CA ASN A 913 17.77 4.90 54.79
C ASN A 913 16.90 3.67 54.59
N ASN A 914 15.77 3.57 55.27
CA ASN A 914 14.89 2.43 55.03
C ASN A 914 13.80 2.71 54.01
N ALA A 915 13.49 3.99 53.72
CA ALA A 915 12.68 4.29 52.56
C ALA A 915 13.40 3.92 51.27
N ILE A 916 14.72 4.09 51.24
CA ILE A 916 15.52 3.61 50.11
C ILE A 916 15.51 2.09 50.06
N SER A 917 15.63 1.43 51.22
CA SER A 917 15.70 -0.02 51.27
C SER A 917 14.38 -0.70 50.91
N LYS A 918 13.25 -0.02 51.11
CA LYS A 918 11.96 -0.58 50.71
C LYS A 918 11.81 -0.72 49.19
N ILE A 919 12.59 0.04 48.42
CA ILE A 919 12.57 -0.08 46.97
C ILE A 919 13.09 -1.45 46.53
N GLN A 920 14.02 -2.02 47.30
CA GLN A 920 14.51 -3.38 47.02
C GLN A 920 13.38 -4.41 47.08
N ASP A 921 12.56 -4.33 48.13
CA ASP A 921 11.42 -5.25 48.23
C ASP A 921 10.33 -4.92 47.22
N SER A 922 10.17 -3.64 46.88
CA SER A 922 9.15 -3.26 45.90
C SER A 922 9.54 -3.65 44.48
N LEU A 923 10.83 -3.84 44.21
CA LEU A 923 11.28 -4.22 42.87
C LEU A 923 11.64 -5.69 42.72
N THR A 924 12.04 -6.35 43.81
CA THR A 924 12.47 -7.75 43.70
C THR A 924 11.29 -8.71 43.68
N THR A 925 10.49 -8.68 44.75
CA THR A 925 9.40 -9.65 44.88
C THR A 925 8.24 -9.34 43.93
N THR A 926 7.83 -8.07 43.84
CA THR A 926 6.68 -7.70 43.06
C THR A 926 7.07 -7.53 41.59
N SER A 927 6.35 -8.20 40.70
CA SER A 927 6.58 -8.12 39.27
C SER A 927 5.63 -7.08 38.67
N ALA A 928 5.65 -6.98 37.34
CA ALA A 928 4.79 -6.09 36.54
C ALA A 928 4.97 -4.61 36.88
N ALA A 929 6.08 -4.24 37.52
CA ALA A 929 6.39 -2.84 37.78
C ALA A 929 7.21 -2.21 36.67
N LEU A 930 7.72 -3.01 35.74
CA LEU A 930 8.49 -2.53 34.59
C LEU A 930 7.87 -2.99 33.28
N GLY A 931 6.53 -3.14 33.27
CA GLY A 931 5.86 -3.61 32.07
C GLY A 931 5.93 -2.64 30.91
N LYS A 932 5.90 -1.33 31.20
CA LYS A 932 6.06 -0.31 30.18
C LYS A 932 7.41 -0.40 29.49
N LEU A 933 8.42 -0.91 30.19
CA LEU A 933 9.77 -1.03 29.64
C LEU A 933 10.01 -2.39 29.01
N GLN A 934 9.18 -3.39 29.32
CA GLN A 934 9.23 -4.70 28.70
C GLN A 934 8.43 -4.75 27.40
N ASP A 935 7.37 -3.95 27.30
CA ASP A 935 6.59 -3.90 26.07
C ASP A 935 7.40 -3.37 24.89
N VAL A 936 8.34 -2.46 25.15
CA VAL A 936 9.20 -1.93 24.09
C VAL A 936 10.07 -3.05 23.50
N ILE A 937 10.60 -3.92 24.37
CA ILE A 937 11.38 -5.06 23.90
C ILE A 937 10.49 -6.06 23.18
N ASN A 938 9.28 -6.29 23.71
CA ASN A 938 8.40 -7.32 23.13
C ASN A 938 7.88 -6.92 21.75
N GLN A 939 7.63 -5.63 21.55
CA GLN A 939 7.02 -5.17 20.29
C GLN A 939 7.94 -5.38 19.10
N ASN A 940 9.24 -5.13 19.27
CA ASN A 940 10.19 -5.35 18.19
C ASN A 940 10.29 -6.82 17.80
N ALA A 941 10.32 -7.70 18.80
CA ALA A 941 10.37 -9.14 18.52
C ALA A 941 9.11 -9.62 17.83
N VAL A 942 7.95 -9.10 18.25
CA VAL A 942 6.69 -9.48 17.62
C VAL A 942 6.64 -8.98 16.17
N ALA A 943 7.10 -7.74 15.94
CA ALA A 943 7.06 -7.18 14.60
C ALA A 943 8.06 -7.87 13.66
N LEU A 944 9.21 -8.27 14.18
CA LEU A 944 10.18 -8.98 13.34
C LEU A 944 9.78 -10.43 13.10
N ASN A 945 9.10 -11.07 14.05
CA ASN A 945 8.63 -12.43 13.84
C ASN A 945 7.46 -12.48 12.86
N THR A 946 6.59 -11.47 12.88
CA THR A 946 5.45 -11.44 11.98
C THR A 946 5.81 -11.00 10.57
N LEU A 947 7.03 -10.49 10.35
CA LEU A 947 7.47 -10.10 9.02
C LEU A 947 8.09 -11.28 8.27
N VAL A 948 8.81 -12.15 8.97
CA VAL A 948 9.44 -13.30 8.33
C VAL A 948 8.43 -14.39 8.00
N LYS A 949 7.25 -14.37 8.63
CA LYS A 949 6.22 -15.36 8.34
C LYS A 949 5.34 -14.97 7.15
N GLN A 950 5.46 -13.73 6.65
CA GLN A 950 4.73 -13.33 5.46
C GLN A 950 5.35 -13.88 4.17
N LEU A 951 6.56 -14.44 4.25
CA LEU A 951 7.19 -15.03 3.07
C LEU A 951 6.55 -16.34 2.64
N SER A 952 5.68 -16.91 3.47
CA SER A 952 4.98 -18.16 3.16
C SER A 952 3.58 -17.90 2.61
N SER A 953 3.38 -16.79 1.91
CA SER A 953 2.09 -16.43 1.36
C SER A 953 2.13 -16.48 -0.17
N ASN A 954 1.07 -17.04 -0.76
CA ASN A 954 1.00 -17.14 -2.21
C ASN A 954 0.84 -15.78 -2.88
N PHE A 955 0.03 -14.90 -2.28
CA PHE A 955 -0.34 -13.60 -2.84
C PHE A 955 -0.98 -13.76 -4.23
N GLY A 956 -1.76 -14.81 -4.40
CA GLY A 956 -2.42 -15.07 -5.66
C GLY A 956 -1.58 -15.80 -6.69
N ALA A 957 -0.41 -16.30 -6.32
CA ALA A 957 0.46 -17.05 -7.22
C ALA A 957 0.26 -18.55 -6.98
N ILE A 958 0.91 -19.36 -7.81
CA ILE A 958 0.77 -20.81 -7.69
C ILE A 958 1.53 -21.34 -6.48
N SER A 959 2.58 -20.63 -6.06
CA SER A 959 3.38 -21.08 -4.93
C SER A 959 4.04 -19.88 -4.28
N SER A 960 4.47 -20.06 -3.03
CA SER A 960 5.20 -19.04 -2.29
C SER A 960 6.70 -19.12 -2.49
N VAL A 961 7.18 -20.10 -3.25
CA VAL A 961 8.59 -20.31 -3.48
C VAL A 961 8.91 -19.92 -4.92
N LEU A 962 9.91 -19.04 -5.09
CA LEU A 962 10.31 -18.63 -6.44
C LEU A 962 10.91 -19.78 -7.22
N ASN A 963 11.53 -20.74 -6.53
CA ASN A 963 12.15 -21.87 -7.22
C ASN A 963 11.12 -22.82 -7.80
N ASP A 964 9.95 -22.96 -7.16
CA ASP A 964 8.89 -23.78 -7.72
C ASP A 964 8.31 -23.14 -8.98
N ILE A 965 8.18 -21.82 -8.98
CA ILE A 965 7.63 -21.13 -10.15
C ILE A 965 8.64 -21.14 -11.30
N LEU A 966 9.90 -20.84 -11.01
CA LEU A 966 10.89 -20.65 -12.07
C LEU A 966 11.31 -21.96 -12.71
N SER A 967 11.23 -23.07 -11.97
CA SER A 967 11.60 -24.36 -12.54
C SER A 967 10.46 -25.03 -13.29
N ARG A 968 9.21 -24.59 -13.08
CA ARG A 968 8.07 -25.23 -13.69
C ARG A 968 7.48 -24.46 -14.87
N LEU A 969 7.83 -23.19 -15.02
CA LEU A 969 7.24 -22.35 -16.06
C LEU A 969 8.35 -21.72 -16.88
N ASP A 970 8.03 -21.42 -18.13
CA ASP A 970 8.95 -20.72 -19.01
C ASP A 970 9.08 -19.26 -18.58
N LYS A 971 9.99 -18.54 -19.24
CA LYS A 971 10.33 -17.20 -18.79
C LYS A 971 9.20 -16.22 -19.04
N VAL A 972 8.41 -16.43 -20.10
CA VAL A 972 7.35 -15.49 -20.44
C VAL A 972 6.22 -15.54 -19.42
N GLU A 973 5.81 -16.74 -19.02
CA GLU A 973 4.76 -16.91 -18.02
C GLU A 973 5.25 -16.68 -16.59
N ALA A 974 6.55 -16.47 -16.39
CA ALA A 974 7.09 -16.33 -15.05
C ALA A 974 6.84 -14.97 -14.42
N GLU A 975 6.86 -13.89 -15.22
CA GLU A 975 6.77 -12.55 -14.63
C GLU A 975 5.39 -12.27 -14.05
N VAL A 976 4.34 -12.81 -14.69
CA VAL A 976 2.97 -12.53 -14.26
C VAL A 976 2.68 -13.11 -12.88
N GLN A 977 3.46 -14.09 -12.44
CA GLN A 977 3.33 -14.66 -11.10
C GLN A 977 4.45 -14.27 -10.16
N ILE A 978 5.60 -13.85 -10.68
CA ILE A 978 6.65 -13.27 -9.83
C ILE A 978 6.24 -11.88 -9.35
N ASP A 979 5.50 -11.13 -10.18
CA ASP A 979 5.11 -9.76 -9.85
C ASP A 979 4.18 -9.73 -8.63
N ARG A 980 3.31 -10.72 -8.49
CA ARG A 980 2.41 -10.77 -7.34
C ARG A 980 3.19 -10.96 -6.03
N LEU A 981 4.17 -11.86 -6.03
CA LEU A 981 5.03 -12.05 -4.86
C LEU A 981 5.83 -10.79 -4.55
N ILE A 982 6.34 -10.14 -5.60
CA ILE A 982 7.14 -8.93 -5.41
C ILE A 982 6.30 -7.82 -4.79
N THR A 983 5.07 -7.64 -5.29
CA THR A 983 4.19 -6.60 -4.77
C THR A 983 3.76 -6.91 -3.34
N GLY A 984 3.46 -8.17 -3.03
CA GLY A 984 3.08 -8.52 -1.67
C GLY A 984 4.20 -8.32 -0.66
N ARG A 985 5.42 -8.73 -1.02
CA ARG A 985 6.55 -8.53 -0.11
C ARG A 985 6.91 -7.06 0.04
N LEU A 986 6.78 -6.28 -1.05
CA LEU A 986 7.00 -4.84 -0.95
C LEU A 986 5.97 -4.18 -0.05
N GLN A 987 4.71 -4.63 -0.13
CA GLN A 987 3.66 -4.10 0.73
C GLN A 987 3.93 -4.42 2.20
N SER A 988 4.43 -5.64 2.48
CA SER A 988 4.81 -6.01 3.83
C SER A 988 5.93 -5.12 4.36
N LEU A 989 6.93 -4.84 3.52
CA LEU A 989 8.02 -3.96 3.92
C LEU A 989 7.52 -2.52 4.18
N GLN A 990 6.61 -2.02 3.33
CA GLN A 990 6.03 -0.70 3.54
C GLN A 990 5.31 -0.61 4.88
N THR A 991 4.51 -1.63 5.20
CA THR A 991 3.79 -1.65 6.47
C THR A 991 4.75 -1.65 7.65
N TYR A 992 5.78 -2.50 7.59
CA TYR A 992 6.74 -2.59 8.69
C TYR A 992 7.44 -1.26 8.93
N VAL A 993 7.84 -0.59 7.85
CA VAL A 993 8.48 0.72 7.98
C VAL A 993 7.49 1.75 8.56
N THR A 994 6.20 1.63 8.22
CA THR A 994 5.21 2.59 8.71
C THR A 994 5.02 2.50 10.23
N GLN A 995 4.78 1.28 10.76
CA GLN A 995 4.69 1.23 12.23
C GLN A 995 6.03 1.46 12.91
N GLN A 996 7.17 1.19 12.25
CA GLN A 996 8.45 1.55 12.84
C GLN A 996 8.57 3.07 13.01
N LEU A 997 8.14 3.83 12.00
CA LEU A 997 8.18 5.29 12.09
C LEU A 997 7.26 5.82 13.18
N ILE A 998 6.05 5.26 13.28
CA ILE A 998 5.12 5.74 14.31
C ILE A 998 5.63 5.42 15.72
N ARG A 999 6.17 4.22 15.91
CA ARG A 999 6.75 3.86 17.21
C ARG A 999 7.96 4.70 17.53
N ALA A 1000 8.76 5.07 16.52
CA ALA A 1000 9.90 5.95 16.74
C ALA A 1000 9.45 7.33 17.19
N ALA A 1001 8.35 7.82 16.62
CA ALA A 1001 7.80 9.11 17.07
C ALA A 1001 7.35 9.06 18.52
N GLU A 1002 6.66 7.97 18.92
CA GLU A 1002 6.23 7.84 20.32
C GLU A 1002 7.43 7.75 21.26
N ILE A 1003 8.46 6.99 20.87
CA ILE A 1003 9.67 6.87 21.68
C ILE A 1003 10.40 8.20 21.79
N ARG A 1004 10.39 9.00 20.71
CA ARG A 1004 11.01 10.33 20.76
C ARG A 1004 10.28 11.24 21.74
N ALA A 1005 8.95 11.21 21.76
CA ALA A 1005 8.21 12.01 22.72
C ALA A 1005 8.51 11.58 24.15
N SER A 1006 8.55 10.27 24.40
CA SER A 1006 8.88 9.78 25.74
C SER A 1006 10.30 10.15 26.15
N ALA A 1007 11.24 10.12 25.20
CA ALA A 1007 12.62 10.47 25.50
C ALA A 1007 12.76 11.96 25.79
N ASN A 1008 12.00 12.81 25.10
CA ASN A 1008 12.00 14.24 25.42
C ASN A 1008 11.46 14.50 26.81
N LEU A 1009 10.39 13.78 27.19
CA LEU A 1009 9.87 13.90 28.55
C LEU A 1009 10.89 13.44 29.58
N ALA A 1010 11.60 12.34 29.30
CA ALA A 1010 12.63 11.85 30.21
C ALA A 1010 13.78 12.86 30.33
N ALA A 1011 14.15 13.49 29.22
CA ALA A 1011 15.24 14.47 29.24
C ALA A 1011 14.87 15.71 30.05
N THR A 1012 13.64 16.22 29.89
CA THR A 1012 13.27 17.40 30.67
C THR A 1012 13.06 17.05 32.14
N LYS A 1013 12.62 15.82 32.45
CA LYS A 1013 12.55 15.38 33.84
C LYS A 1013 13.94 15.28 34.45
N MET A 1014 14.91 14.76 33.68
CA MET A 1014 16.30 14.71 34.11
C MET A 1014 16.85 16.10 34.38
N SER A 1015 16.53 17.06 33.50
CA SER A 1015 17.06 18.41 33.65
C SER A 1015 16.43 19.13 34.83
N GLU A 1016 15.14 18.95 35.06
CA GLU A 1016 14.42 19.76 36.04
C GLU A 1016 14.37 19.15 37.43
N CYS A 1017 14.47 17.83 37.58
CA CYS A 1017 14.31 17.21 38.89
C CYS A 1017 15.59 16.66 39.48
N VAL A 1018 16.59 16.32 38.66
CA VAL A 1018 17.86 15.86 39.18
C VAL A 1018 18.83 17.01 39.36
N LEU A 1019 18.86 17.95 38.41
CA LEU A 1019 19.77 19.09 38.46
C LEU A 1019 19.17 20.29 39.18
N GLY A 1020 17.96 20.16 39.73
CA GLY A 1020 17.36 21.27 40.45
C GLY A 1020 16.18 20.77 41.27
N GLN A 1021 15.49 21.73 41.88
CA GLN A 1021 14.30 21.46 42.68
C GLN A 1021 13.11 22.12 42.00
N SER A 1022 12.09 21.32 41.71
CA SER A 1022 10.95 21.78 40.90
C SER A 1022 9.77 22.11 41.80
N LYS A 1023 9.15 23.26 41.55
CA LYS A 1023 7.97 23.69 42.28
C LYS A 1023 6.66 23.31 41.59
N ARG A 1024 6.74 22.68 40.42
CA ARG A 1024 5.53 22.26 39.73
C ARG A 1024 4.85 21.12 40.48
N VAL A 1025 3.52 21.18 40.57
CA VAL A 1025 2.77 20.25 41.40
C VAL A 1025 2.63 18.92 40.68
N ASP A 1026 3.12 17.86 41.34
CA ASP A 1026 3.08 16.48 40.85
C ASP A 1026 3.77 16.41 39.48
N PHE A 1027 5.06 16.71 39.48
CA PHE A 1027 5.93 16.48 38.33
C PHE A 1027 6.97 15.40 38.62
N CYS A 1028 7.43 15.33 39.87
CA CYS A 1028 8.38 14.32 40.32
C CYS A 1028 7.97 13.91 41.72
N GLY A 1029 7.15 12.87 41.81
CA GLY A 1029 6.65 12.39 43.09
C GLY A 1029 5.22 12.82 43.34
N LYS A 1030 4.75 12.49 44.54
CA LYS A 1030 3.38 12.80 44.94
C LYS A 1030 3.31 14.06 45.79
N GLY A 1031 4.15 14.16 46.81
CA GLY A 1031 4.15 15.29 47.72
C GLY A 1031 5.09 16.40 47.28
N TYR A 1032 5.66 17.08 48.26
CA TYR A 1032 6.57 18.18 47.99
C TYR A 1032 7.93 17.63 47.62
N HIS A 1033 8.40 17.95 46.41
CA HIS A 1033 9.60 17.34 45.86
C HIS A 1033 10.85 17.90 46.52
N LEU A 1034 11.79 17.00 46.86
CA LEU A 1034 13.07 17.39 47.42
C LEU A 1034 14.21 17.17 46.43
N MET A 1035 14.32 15.96 45.87
CA MET A 1035 15.39 15.62 44.94
C MET A 1035 15.01 14.37 44.18
N SER A 1036 15.86 14.01 43.22
CA SER A 1036 15.67 12.81 42.43
C SER A 1036 17.01 12.12 42.21
N PHE A 1037 16.95 10.81 41.96
CA PHE A 1037 18.13 10.01 41.68
C PHE A 1037 17.90 9.23 40.39
N PRO A 1038 18.73 9.41 39.36
CA PRO A 1038 18.59 8.60 38.15
C PRO A 1038 19.29 7.26 38.26
N GLN A 1039 18.62 6.23 37.73
CA GLN A 1039 19.18 4.89 37.67
C GLN A 1039 19.06 4.37 36.24
N ALA A 1040 20.12 3.74 35.75
CA ALA A 1040 20.13 3.21 34.39
C ALA A 1040 19.29 1.95 34.29
N ALA A 1041 18.61 1.80 33.17
CA ALA A 1041 17.78 0.64 32.88
C ALA A 1041 17.98 0.26 31.42
N PRO A 1042 17.73 -0.99 31.06
CA PRO A 1042 17.77 -1.37 29.63
C PRO A 1042 16.65 -0.68 28.86
N HIS A 1043 17.03 0.08 27.83
CA HIS A 1043 16.13 0.83 26.96
C HIS A 1043 15.29 1.85 27.72
N GLY A 1044 15.80 2.38 28.83
CA GLY A 1044 15.02 3.33 29.60
C GLY A 1044 15.80 3.89 30.77
N VAL A 1045 15.10 4.63 31.62
CA VAL A 1045 15.68 5.26 32.79
C VAL A 1045 14.68 5.16 33.94
N VAL A 1046 15.20 5.08 35.17
CA VAL A 1046 14.40 4.96 36.38
C VAL A 1046 14.72 6.14 37.28
N PHE A 1047 13.69 6.78 37.82
CA PHE A 1047 13.83 7.93 38.69
C PHE A 1047 13.37 7.60 40.10
N LEU A 1048 14.17 8.01 41.08
CA LEU A 1048 13.85 7.80 42.49
C LEU A 1048 13.59 9.17 43.12
N HIS A 1049 12.32 9.53 43.26
CA HIS A 1049 11.93 10.85 43.72
C HIS A 1049 11.78 10.84 45.24
N VAL A 1050 12.55 11.68 45.93
CA VAL A 1050 12.42 11.85 47.37
C VAL A 1050 11.47 13.02 47.63
N THR A 1051 10.38 12.75 48.33
CA THR A 1051 9.34 13.74 48.56
C THR A 1051 9.09 13.91 50.06
N TYR A 1052 8.31 14.95 50.37
CA TYR A 1052 7.96 15.30 51.74
C TYR A 1052 6.44 15.33 51.85
N VAL A 1053 5.88 14.43 52.64
CA VAL A 1053 4.43 14.41 52.85
C VAL A 1053 4.11 14.53 54.33
N PRO A 1054 3.16 15.39 54.71
CA PRO A 1054 2.68 15.41 56.09
C PRO A 1054 1.81 14.20 56.38
N SER A 1055 1.82 13.78 57.65
CA SER A 1055 1.16 12.55 58.06
C SER A 1055 -0.03 12.81 58.99
N GLN A 1056 0.20 13.48 60.11
CA GLN A 1056 -0.85 13.70 61.09
C GLN A 1056 -1.47 15.08 60.89
N GLN A 1057 -2.50 15.38 61.70
CA GLN A 1057 -3.15 16.67 61.66
C GLN A 1057 -3.89 16.89 62.97
N GLN A 1058 -4.24 18.14 63.24
CA GLN A 1058 -4.96 18.50 64.45
C GLN A 1058 -5.82 19.72 64.18
N ASN A 1059 -7.07 19.68 64.64
CA ASN A 1059 -7.98 20.79 64.44
C ASN A 1059 -7.59 22.00 65.29
N PHE A 1060 -7.80 23.19 64.73
CA PHE A 1060 -7.51 24.44 65.43
C PHE A 1060 -8.53 25.49 64.98
N THR A 1061 -8.70 26.50 65.82
CA THR A 1061 -9.57 27.63 65.51
C THR A 1061 -8.70 28.81 65.11
N THR A 1062 -9.02 29.43 63.99
CA THR A 1062 -8.17 30.44 63.37
C THR A 1062 -8.93 31.75 63.19
N ALA A 1063 -8.17 32.82 62.94
CA ALA A 1063 -8.70 34.14 62.71
C ALA A 1063 -7.97 34.77 61.53
N PRO A 1064 -8.64 35.62 60.75
CA PRO A 1064 -7.94 36.28 59.64
C PRO A 1064 -6.99 37.37 60.09
N ALA A 1065 -7.35 38.13 61.12
CA ALA A 1065 -6.53 39.24 61.58
C ALA A 1065 -6.81 39.50 63.06
N ILE A 1066 -5.99 40.35 63.65
CA ILE A 1066 -6.11 40.72 65.06
C ILE A 1066 -6.14 42.24 65.16
N CYS A 1067 -7.17 42.77 65.80
CA CYS A 1067 -7.29 44.20 66.06
C CYS A 1067 -6.80 44.47 67.47
N HIS A 1068 -5.67 45.17 67.59
CA HIS A 1068 -5.06 45.38 68.90
C HIS A 1068 -5.76 46.50 69.67
N ASN A 1069 -5.62 47.73 69.20
CA ASN A 1069 -6.27 48.88 69.83
C ASN A 1069 -6.88 49.79 68.76
N GLY A 1070 -7.53 49.19 67.78
CA GLY A 1070 -8.15 49.93 66.70
C GLY A 1070 -7.49 49.76 65.35
N LYS A 1071 -6.33 49.11 65.29
CA LYS A 1071 -5.61 48.88 64.03
C LYS A 1071 -5.44 47.39 63.82
N ALA A 1072 -5.67 46.96 62.58
CA ALA A 1072 -5.62 45.55 62.24
C ALA A 1072 -4.18 45.08 62.03
N TYR A 1073 -3.94 43.81 62.33
CA TYR A 1073 -2.63 43.19 62.17
C TYR A 1073 -2.77 41.92 61.36
N PHE A 1074 -1.97 41.78 60.31
CA PHE A 1074 -2.01 40.62 59.45
C PHE A 1074 -0.71 39.84 59.54
N PRO A 1075 -0.76 38.51 59.50
CA PRO A 1075 0.46 37.72 59.63
C PRO A 1075 1.26 37.66 58.34
N ARG A 1076 2.52 37.30 58.48
CA ARG A 1076 3.41 37.05 57.36
C ARG A 1076 3.93 35.61 57.44
N GLU A 1077 3.95 34.94 56.28
CA GLU A 1077 4.27 33.53 56.08
C GLU A 1077 3.70 32.58 57.15
N GLY A 1078 2.49 32.85 57.61
CA GLY A 1078 1.90 32.01 58.63
C GLY A 1078 0.44 32.34 58.83
N VAL A 1079 -0.16 31.67 59.83
CA VAL A 1079 -1.56 31.84 60.16
C VAL A 1079 -1.69 32.01 61.67
N PHE A 1080 -2.82 32.56 62.09
CA PHE A 1080 -3.12 32.76 63.51
C PHE A 1080 -3.84 31.52 64.04
N VAL A 1081 -3.21 30.85 65.00
CA VAL A 1081 -3.73 29.61 65.57
C VAL A 1081 -3.62 29.68 67.08
N MET A 1082 -4.73 29.43 67.78
CA MET A 1082 -4.73 29.32 69.23
C MET A 1082 -4.82 27.85 69.62
N ASN A 1083 -4.18 27.52 70.75
CA ASN A 1083 -4.11 26.14 71.21
C ASN A 1083 -5.13 25.82 72.31
N GLY A 1084 -6.01 26.77 72.64
CA GLY A 1084 -7.02 26.53 73.66
C GLY A 1084 -7.04 27.57 74.74
N THR A 1085 -5.90 28.20 75.01
CA THR A 1085 -5.79 29.22 76.04
C THR A 1085 -5.57 30.61 75.47
N HIS A 1086 -4.54 30.79 74.63
CA HIS A 1086 -4.29 32.06 73.97
C HIS A 1086 -3.79 31.80 72.57
N TRP A 1087 -3.62 32.87 71.80
CA TRP A 1087 -3.35 32.76 70.37
C TRP A 1087 -1.86 32.79 70.08
N PHE A 1088 -1.46 32.06 69.04
CA PHE A 1088 -0.08 31.99 68.57
C PHE A 1088 -0.06 32.23 67.07
N ILE A 1089 1.14 32.14 66.49
CA ILE A 1089 1.34 32.20 65.05
C ILE A 1089 2.23 31.03 64.66
N THR A 1090 1.90 30.39 63.54
CA THR A 1090 2.63 29.20 63.12
C THR A 1090 2.58 29.08 61.61
N GLN A 1091 3.53 28.32 61.06
CA GLN A 1091 3.56 28.02 59.64
C GLN A 1091 2.56 26.90 59.32
N ARG A 1092 2.14 26.86 58.06
CA ARG A 1092 1.03 25.99 57.67
C ARG A 1092 1.46 24.53 57.56
N ASN A 1093 2.68 24.27 57.09
CA ASN A 1093 3.12 22.92 56.80
C ASN A 1093 3.64 22.16 58.01
N PHE A 1094 3.79 22.83 59.15
CA PHE A 1094 4.28 22.16 60.37
C PHE A 1094 3.80 22.95 61.57
N TYR A 1095 3.32 22.26 62.60
CA TYR A 1095 2.81 22.92 63.80
C TYR A 1095 4.00 23.34 64.66
N SER A 1096 4.43 24.58 64.47
CA SER A 1096 5.50 25.19 65.27
C SER A 1096 5.00 26.53 65.77
N PRO A 1097 4.26 26.54 66.88
CA PRO A 1097 3.66 27.79 67.35
C PRO A 1097 4.68 28.74 67.93
N GLN A 1098 4.51 30.02 67.61
CA GLN A 1098 5.38 31.08 68.09
C GLN A 1098 4.53 32.20 68.69
N VAL A 1099 5.15 32.97 69.58
CA VAL A 1099 4.44 34.09 70.20
C VAL A 1099 4.26 35.20 69.19
N ILE A 1100 3.13 35.89 69.26
CA ILE A 1100 2.81 36.95 68.31
C ILE A 1100 3.52 38.22 68.75
N THR A 1101 4.43 38.72 67.93
CA THR A 1101 5.19 39.93 68.19
C THR A 1101 4.88 40.96 67.10
N THR A 1102 5.56 42.11 67.19
CA THR A 1102 5.41 43.15 66.17
C THR A 1102 6.26 42.87 64.94
N ASP A 1103 7.15 41.88 64.98
CA ASP A 1103 7.93 41.51 63.82
C ASP A 1103 7.25 40.45 62.97
N ASN A 1104 6.39 39.63 63.57
CA ASN A 1104 5.65 38.61 62.84
C ASN A 1104 4.44 39.17 62.11
N THR A 1105 4.00 40.38 62.43
CA THR A 1105 2.83 40.99 61.84
C THR A 1105 3.19 42.39 61.33
N PHE A 1106 2.31 42.93 60.48
CA PHE A 1106 2.51 44.27 59.95
C PHE A 1106 1.21 45.06 60.06
N GLU A 1107 1.34 46.31 60.51
CA GLU A 1107 0.19 47.21 60.60
C GLU A 1107 -0.22 47.68 59.21
N SER A 1108 -1.52 47.60 58.93
CA SER A 1108 -2.05 48.08 57.65
C SER A 1108 -3.55 48.32 57.81
N GLY A 1109 -3.96 49.59 57.65
CA GLY A 1109 -5.36 49.92 57.68
C GLY A 1109 -5.96 49.90 59.08
N SER A 1110 -7.29 49.94 59.10
CA SER A 1110 -8.07 49.94 60.33
C SER A 1110 -8.78 48.60 60.50
N CYS A 1111 -9.14 48.28 61.73
CA CYS A 1111 -9.81 47.04 62.07
C CYS A 1111 -11.33 47.17 62.11
N ASP A 1112 -11.87 48.30 61.63
CA ASP A 1112 -13.31 48.54 61.71
C ASP A 1112 -14.10 47.58 60.83
N VAL A 1113 -13.60 47.28 59.63
CA VAL A 1113 -14.27 46.37 58.70
C VAL A 1113 -13.28 45.29 58.23
N VAL A 1114 -13.25 44.18 58.98
CA VAL A 1114 -12.59 42.95 58.58
C VAL A 1114 -13.52 41.82 58.97
N ILE A 1115 -13.81 40.92 58.03
CA ILE A 1115 -14.76 39.84 58.28
C ILE A 1115 -14.11 38.82 59.19
N GLY A 1116 -14.61 38.70 60.42
CA GLY A 1116 -14.13 37.70 61.35
C GLY A 1116 -12.95 38.10 62.21
N ILE A 1117 -12.68 39.41 62.36
CA ILE A 1117 -11.52 39.84 63.13
C ILE A 1117 -11.82 39.72 64.62
N ILE A 1118 -10.77 39.46 65.40
CA ILE A 1118 -10.87 39.21 66.82
C ILE A 1118 -10.11 40.30 67.58
N ASN A 1119 -10.22 40.25 68.91
CA ASN A 1119 -9.53 41.18 69.80
C ASN A 1119 -8.42 40.44 70.54
N ASN A 1120 -7.19 40.91 70.37
CA ASN A 1120 -6.05 40.33 71.08
C ASN A 1120 -4.93 41.35 71.12
N THR A 1121 -3.97 41.11 72.01
CA THR A 1121 -2.82 41.98 72.18
C THR A 1121 -1.63 41.47 71.36
N VAL A 1122 -0.70 42.38 71.11
CA VAL A 1122 0.52 42.08 70.36
C VAL A 1122 1.72 42.46 71.24
N TYR A 1123 2.74 41.60 71.25
CA TYR A 1123 3.88 41.80 72.13
C TYR A 1123 4.83 42.83 71.52
N ASP A 1124 5.19 43.83 72.32
CA ASP A 1124 6.18 44.83 71.93
C ASP A 1124 7.46 44.58 72.72
N PRO A 1125 8.59 44.27 72.06
CA PRO A 1125 9.82 43.97 72.80
C PRO A 1125 10.41 45.14 73.56
N LEU A 1126 9.98 46.37 73.29
CA LEU A 1126 10.48 47.54 74.01
C LEU A 1126 9.98 47.54 75.45
N GLU B 17 -46.34 7.32 -53.11
CA GLU B 17 -47.80 7.33 -53.25
C GLU B 17 -48.27 8.60 -53.94
N GLY B 18 -47.56 9.01 -54.97
CA GLY B 18 -47.92 10.21 -55.71
C GLY B 18 -47.54 11.48 -54.97
N CYS B 19 -46.25 11.69 -54.76
CA CYS B 19 -45.77 12.81 -53.96
C CYS B 19 -45.98 14.13 -54.69
N GLY B 20 -46.52 15.11 -53.96
CA GLY B 20 -46.70 16.44 -54.52
C GLY B 20 -45.40 17.22 -54.58
N ILE B 21 -45.42 18.28 -55.38
CA ILE B 21 -44.23 19.08 -55.63
C ILE B 21 -44.54 20.54 -55.34
N LEU B 22 -43.48 21.30 -55.05
CA LEU B 22 -43.55 22.74 -54.86
C LEU B 22 -42.65 23.42 -55.89
N SER B 23 -43.18 24.46 -56.53
CA SER B 23 -42.48 25.13 -57.61
C SER B 23 -41.40 26.08 -57.09
N ASN B 24 -41.81 27.09 -56.32
CA ASN B 24 -40.90 28.10 -55.80
C ASN B 24 -40.91 28.05 -54.28
N LYS B 25 -39.72 27.99 -53.69
CA LYS B 25 -39.56 28.03 -52.24
C LYS B 25 -38.62 29.18 -51.88
N SER B 26 -38.96 29.89 -50.82
CA SER B 26 -38.13 30.98 -50.36
C SER B 26 -36.85 30.45 -49.71
N ASN B 27 -35.83 31.30 -49.69
CA ASN B 27 -34.55 30.91 -49.12
C ASN B 27 -34.66 30.76 -47.61
N PRO B 28 -34.10 29.69 -47.04
CA PRO B 28 -34.20 29.49 -45.59
C PRO B 28 -33.28 30.45 -44.84
N ALA B 29 -33.84 31.12 -43.83
CA ALA B 29 -33.08 32.01 -42.96
C ALA B 29 -32.64 31.22 -41.73
N LEU B 30 -31.32 31.04 -41.59
CA LEU B 30 -30.77 30.23 -40.49
C LEU B 30 -30.54 31.12 -39.26
N THR B 31 -31.66 31.54 -38.67
CA THR B 31 -31.61 32.30 -37.43
C THR B 31 -31.18 31.39 -36.29
N GLN B 32 -30.34 31.91 -35.41
CA GLN B 32 -29.72 31.13 -34.34
C GLN B 32 -30.25 31.57 -32.98
N TYR B 33 -30.60 30.60 -32.14
CA TYR B 33 -31.15 30.83 -30.82
C TYR B 33 -30.22 30.22 -29.78
N PHE B 34 -30.63 30.30 -28.51
CA PHE B 34 -29.86 29.80 -27.38
C PHE B 34 -30.68 28.77 -26.62
N SER B 35 -30.05 27.67 -26.25
CA SER B 35 -30.66 26.64 -25.41
C SER B 35 -30.07 26.77 -24.00
N SER B 36 -30.92 27.13 -23.05
CA SER B 36 -30.44 27.51 -21.72
C SER B 36 -29.87 26.31 -20.95
N ARG B 37 -30.73 25.36 -20.60
CA ARG B 37 -30.31 24.16 -19.87
C ARG B 37 -31.04 22.94 -20.38
N ARG B 38 -31.22 22.85 -21.70
CA ARG B 38 -31.99 21.78 -22.31
C ARG B 38 -31.08 20.84 -23.08
N GLY B 39 -31.46 19.55 -23.09
CA GLY B 39 -30.73 18.56 -23.86
C GLY B 39 -30.13 17.46 -23.02
N PHE B 40 -30.53 17.35 -21.77
CA PHE B 40 -30.05 16.29 -20.89
C PHE B 40 -30.98 15.09 -20.94
N TYR B 41 -30.41 13.90 -20.79
CA TYR B 41 -31.15 12.66 -20.86
C TYR B 41 -30.59 11.67 -19.85
N TYR B 42 -31.28 10.54 -19.70
CA TYR B 42 -30.81 9.45 -18.86
C TYR B 42 -29.74 8.68 -19.61
N PHE B 43 -28.51 8.71 -19.10
CA PHE B 43 -27.37 8.13 -19.81
C PHE B 43 -27.20 6.64 -19.59
N ASP B 44 -27.95 6.03 -18.66
CA ASP B 44 -27.88 4.60 -18.44
C ASP B 44 -29.20 4.13 -17.85
N ASP B 45 -29.22 2.90 -17.36
CA ASP B 45 -30.41 2.33 -16.73
C ASP B 45 -30.16 1.85 -15.30
N THR B 46 -29.01 2.17 -14.72
CA THR B 46 -28.73 1.82 -13.34
C THR B 46 -29.61 2.63 -12.40
N PHE B 47 -30.23 1.95 -11.44
CA PHE B 47 -31.15 2.59 -10.50
C PHE B 47 -30.34 3.22 -9.36
N ARG B 48 -30.41 4.55 -9.24
CA ARG B 48 -29.70 5.29 -8.22
C ARG B 48 -30.70 6.02 -7.33
N SER B 49 -30.21 6.47 -6.17
CA SER B 49 -31.04 7.19 -5.22
C SER B 49 -30.16 8.03 -4.32
N SER B 50 -30.37 9.35 -4.33
CA SER B 50 -29.72 10.30 -3.41
C SER B 50 -28.19 10.25 -3.51
N VAL B 51 -27.68 10.32 -4.74
CA VAL B 51 -26.25 10.28 -4.99
C VAL B 51 -25.92 11.29 -6.08
N ARG B 52 -24.71 11.84 -6.02
CA ARG B 52 -24.19 12.74 -7.05
C ARG B 52 -23.17 11.97 -7.87
N VAL B 53 -23.40 11.88 -9.18
CA VAL B 53 -22.56 11.08 -10.06
C VAL B 53 -21.95 11.99 -11.11
N LEU B 54 -20.74 11.64 -11.55
CA LEU B 54 -20.02 12.38 -12.57
C LEU B 54 -19.83 11.47 -13.77
N THR B 55 -20.34 11.90 -14.92
CA THR B 55 -20.39 11.06 -16.12
C THR B 55 -19.83 11.81 -17.32
N THR B 56 -19.29 11.05 -18.26
CA THR B 56 -18.70 11.59 -19.49
C THR B 56 -19.35 10.92 -20.69
N GLY B 57 -19.74 11.73 -21.66
CA GLY B 57 -20.37 11.20 -22.86
C GLY B 57 -20.63 12.30 -23.86
N TYR B 58 -21.62 12.07 -24.72
CA TYR B 58 -22.02 13.02 -25.74
C TYR B 58 -23.28 13.74 -25.28
N PHE B 59 -23.14 15.02 -24.95
CA PHE B 59 -24.24 15.85 -24.49
C PHE B 59 -24.21 17.18 -25.23
N LEU B 60 -25.33 17.89 -25.19
CA LEU B 60 -25.39 19.24 -25.75
C LEU B 60 -24.99 20.23 -24.67
N PRO B 61 -23.97 21.06 -24.89
CA PRO B 61 -23.51 21.98 -23.84
C PRO B 61 -24.53 23.06 -23.54
N PHE B 62 -24.46 23.58 -22.32
CA PHE B 62 -25.38 24.62 -21.90
C PHE B 62 -25.04 25.94 -22.59
N ASN B 63 -26.09 26.73 -22.87
CA ASN B 63 -25.99 28.00 -23.61
C ASN B 63 -25.33 27.82 -24.97
N SER B 64 -25.80 26.80 -25.70
CA SER B 64 -25.29 26.50 -27.02
C SER B 64 -26.20 27.10 -28.10
N ASN B 65 -25.70 27.09 -29.33
CA ASN B 65 -26.43 27.67 -30.46
C ASN B 65 -27.36 26.64 -31.06
N LEU B 66 -28.59 27.05 -31.35
CA LEU B 66 -29.58 26.22 -32.02
C LEU B 66 -30.05 26.93 -33.28
N THR B 67 -30.16 26.16 -34.38
CA THR B 67 -30.61 26.70 -35.66
C THR B 67 -32.08 26.40 -35.85
N GLY B 68 -32.85 27.43 -36.22
CA GLY B 68 -34.29 27.31 -36.36
C GLY B 68 -34.70 27.26 -37.82
N TYR B 69 -35.77 26.50 -38.11
CA TYR B 69 -36.29 26.34 -39.45
C TYR B 69 -37.80 26.52 -39.40
N SER B 70 -38.30 27.62 -39.96
CA SER B 70 -39.70 27.94 -39.93
C SER B 70 -40.44 27.23 -41.06
N SER B 71 -41.79 27.27 -41.00
CA SER B 71 -42.60 26.68 -42.04
C SER B 71 -43.88 27.48 -42.35
N ARG B 72 -43.96 28.73 -41.92
CA ARG B 72 -45.21 29.48 -42.04
C ARG B 72 -45.38 30.05 -43.45
N ASN B 73 -46.63 30.36 -43.78
CA ASN B 73 -46.95 31.01 -45.05
C ASN B 73 -48.26 31.77 -44.88
N SER B 74 -48.40 32.85 -45.66
CA SER B 74 -49.61 33.66 -45.63
C SER B 74 -50.15 33.88 -47.05
N VAL B 75 -51.13 34.76 -47.19
CA VAL B 75 -51.70 35.07 -48.49
C VAL B 75 -51.05 36.30 -49.13
N THR B 76 -49.91 36.73 -48.61
CA THR B 76 -49.22 37.91 -49.11
C THR B 76 -48.32 37.52 -50.28
N GLY B 77 -47.45 38.44 -50.70
CA GLY B 77 -46.58 38.20 -51.83
C GLY B 77 -45.40 37.30 -51.57
N ARG B 78 -45.10 36.99 -50.32
CA ARG B 78 -43.98 36.12 -50.01
C ARG B 78 -44.33 34.66 -50.36
N LEU B 79 -43.28 33.87 -50.55
CA LEU B 79 -43.43 32.50 -51.00
C LEU B 79 -43.57 31.56 -49.79
N ILE B 80 -43.55 30.26 -50.05
CA ILE B 80 -43.63 29.25 -49.00
C ILE B 80 -42.31 29.17 -48.26
N GLN B 81 -42.37 28.92 -46.95
CA GLN B 81 -41.18 28.74 -46.12
C GLN B 81 -40.93 27.27 -45.80
N PHE B 82 -41.17 26.38 -46.75
CA PHE B 82 -40.98 24.94 -46.54
C PHE B 82 -39.48 24.66 -46.45
N ASP B 83 -38.97 24.56 -45.23
CA ASP B 83 -37.53 24.44 -44.97
C ASP B 83 -37.22 23.02 -44.51
N ASN B 84 -36.54 22.26 -45.35
CA ASN B 84 -36.16 20.88 -45.01
C ASN B 84 -34.84 20.48 -45.68
N PRO B 85 -33.73 21.04 -45.22
CA PRO B 85 -32.43 20.66 -45.78
C PRO B 85 -31.90 19.39 -45.15
N ASN B 86 -30.79 18.90 -45.69
CA ASN B 86 -30.14 17.69 -45.19
C ASN B 86 -29.17 18.09 -44.07
N ILE B 87 -29.62 17.92 -42.84
CA ILE B 87 -28.80 18.25 -41.67
C ILE B 87 -27.84 17.09 -41.40
N PRO B 88 -26.56 17.36 -41.17
CA PRO B 88 -25.64 16.27 -40.84
C PRO B 88 -25.93 15.64 -39.49
N PHE B 89 -25.68 14.34 -39.41
CA PHE B 89 -25.83 13.56 -38.19
C PHE B 89 -24.44 13.27 -37.63
N LYS B 90 -23.91 14.21 -36.85
CA LYS B 90 -22.55 14.13 -36.31
C LYS B 90 -22.63 13.82 -34.82
N ASP B 91 -22.39 12.55 -34.48
CA ASP B 91 -22.30 12.07 -33.10
C ASP B 91 -23.57 12.28 -32.29
N GLY B 92 -24.71 12.44 -32.95
CA GLY B 92 -25.98 12.65 -32.28
C GLY B 92 -26.60 13.99 -32.62
N LEU B 93 -27.86 14.11 -32.24
CA LEU B 93 -28.64 15.31 -32.52
C LEU B 93 -29.57 15.59 -31.36
N TYR B 94 -30.00 16.84 -31.25
CA TYR B 94 -31.07 17.26 -30.34
C TYR B 94 -32.14 17.95 -31.17
N PHE B 95 -33.37 17.46 -31.07
CA PHE B 95 -34.48 17.95 -31.87
C PHE B 95 -35.53 18.52 -30.94
N ALA B 96 -35.89 19.78 -31.15
CA ALA B 96 -36.93 20.46 -30.39
C ALA B 96 -37.99 20.96 -31.36
N ALA B 97 -39.25 20.77 -30.99
CA ALA B 97 -40.38 21.12 -31.84
C ALA B 97 -41.37 21.97 -31.06
N THR B 98 -41.82 23.07 -31.68
CA THR B 98 -42.73 24.02 -31.05
C THR B 98 -43.90 24.31 -31.98
N GLU B 99 -44.53 23.28 -32.52
CA GLU B 99 -45.69 23.49 -33.39
C GLU B 99 -46.98 23.55 -32.56
N ARG B 100 -48.05 24.02 -33.20
CA ARG B 100 -49.34 24.17 -32.56
C ARG B 100 -50.44 23.31 -33.16
N SER B 101 -50.26 22.78 -34.38
CA SER B 101 -51.31 22.01 -35.03
C SER B 101 -50.76 20.74 -35.66
N ASN B 102 -49.73 20.14 -35.03
CA ASN B 102 -49.11 18.88 -35.46
C ASN B 102 -48.59 18.97 -36.89
N VAL B 103 -47.88 20.07 -37.18
CA VAL B 103 -47.41 20.31 -38.54
C VAL B 103 -46.27 19.37 -38.90
N ILE B 104 -45.21 19.40 -38.11
CA ILE B 104 -44.06 18.54 -38.36
C ILE B 104 -44.26 17.22 -37.64
N ARG B 105 -43.99 16.12 -38.34
CA ARG B 105 -44.13 14.79 -37.76
C ARG B 105 -43.19 13.84 -38.48
N GLY B 106 -42.24 13.27 -37.74
CA GLY B 106 -41.40 12.23 -38.27
C GLY B 106 -40.07 12.75 -38.80
N TRP B 107 -39.14 11.80 -39.00
CA TRP B 107 -37.79 12.10 -39.46
C TRP B 107 -37.35 11.03 -40.44
N ILE B 108 -36.31 11.36 -41.21
CA ILE B 108 -35.70 10.45 -42.18
C ILE B 108 -34.22 10.33 -41.85
N PHE B 109 -33.74 9.09 -41.69
CA PHE B 109 -32.35 8.83 -41.38
C PHE B 109 -31.70 8.03 -42.50
N GLY B 110 -30.42 8.27 -42.73
CA GLY B 110 -29.70 7.54 -43.75
C GLY B 110 -28.37 8.21 -44.05
N SER B 111 -27.68 7.62 -45.04
CA SER B 111 -26.39 8.15 -45.49
C SER B 111 -26.56 8.97 -46.77
N THR B 112 -27.09 8.35 -47.81
CA THR B 112 -27.51 9.05 -49.03
C THR B 112 -28.99 8.80 -49.22
N LEU B 113 -29.76 9.88 -49.35
CA LEU B 113 -31.23 9.78 -49.35
C LEU B 113 -31.75 9.49 -50.76
N ASP B 114 -31.35 8.32 -51.27
CA ASP B 114 -31.87 7.78 -52.52
C ASP B 114 -31.95 6.27 -52.37
N ASN B 115 -32.21 5.57 -53.47
CA ASN B 115 -32.37 4.12 -53.43
C ASN B 115 -31.05 3.39 -53.67
N THR B 116 -29.93 4.11 -53.71
CA THR B 116 -28.61 3.48 -53.74
C THR B 116 -28.31 2.74 -52.45
N THR B 117 -28.50 3.41 -51.31
CA THR B 117 -28.26 2.83 -49.99
C THR B 117 -29.58 2.74 -49.23
N GLN B 118 -29.51 2.11 -48.06
CA GLN B 118 -30.70 1.92 -47.24
C GLN B 118 -30.92 3.12 -46.33
N SER B 119 -32.19 3.45 -46.12
CA SER B 119 -32.59 4.58 -45.29
C SER B 119 -33.75 4.17 -44.41
N ALA B 120 -33.90 4.88 -43.29
CA ALA B 120 -34.92 4.58 -42.30
C ALA B 120 -35.90 5.74 -42.19
N VAL B 121 -37.17 5.41 -41.93
CA VAL B 121 -38.21 6.39 -41.69
C VAL B 121 -38.91 6.06 -40.38
N LEU B 122 -39.18 7.09 -39.58
CA LEU B 122 -39.90 6.97 -38.32
C LEU B 122 -40.87 8.15 -38.27
N PHE B 123 -42.08 7.96 -38.79
CA PHE B 123 -43.02 9.06 -38.92
C PHE B 123 -44.41 8.61 -38.49
N ASN B 124 -45.19 9.59 -38.04
CA ASN B 124 -46.58 9.35 -37.66
C ASN B 124 -47.45 9.38 -38.91
N ASN B 125 -48.05 8.24 -39.24
CA ASN B 125 -48.87 8.12 -40.44
C ASN B 125 -50.16 8.92 -40.33
N GLY B 126 -50.61 9.21 -39.13
CA GLY B 126 -51.89 9.86 -38.91
C GLY B 126 -52.81 8.96 -38.12
N THR B 127 -52.77 7.67 -38.43
CA THR B 127 -53.47 6.65 -37.67
C THR B 127 -52.55 5.55 -37.18
N HIS B 128 -51.25 5.64 -37.43
CA HIS B 128 -50.28 4.64 -37.02
C HIS B 128 -48.90 5.28 -36.90
N ILE B 129 -48.00 4.59 -36.22
CA ILE B 129 -46.59 4.95 -36.17
C ILE B 129 -45.82 3.94 -37.02
N VAL B 130 -45.19 4.41 -38.08
CA VAL B 130 -44.60 3.56 -39.10
C VAL B 130 -43.08 3.65 -38.98
N ILE B 131 -42.43 2.50 -38.80
CA ILE B 131 -40.97 2.39 -38.76
C ILE B 131 -40.56 1.39 -39.84
N ASN B 132 -39.89 1.88 -40.89
CA ASN B 132 -39.40 1.03 -41.97
C ASN B 132 -37.97 1.45 -42.31
N VAL B 133 -37.13 0.45 -42.61
CA VAL B 133 -35.75 0.69 -43.03
C VAL B 133 -35.59 0.00 -44.37
N CYS B 134 -35.86 0.72 -45.47
CA CYS B 134 -35.83 0.12 -46.80
C CYS B 134 -35.04 0.99 -47.76
N ASN B 135 -34.89 0.50 -48.99
CA ASN B 135 -34.28 1.25 -50.09
C ASN B 135 -35.36 2.16 -50.68
N PHE B 136 -35.46 3.36 -50.12
CA PHE B 136 -36.54 4.28 -50.45
C PHE B 136 -36.14 5.18 -51.61
N TYR B 137 -37.10 5.43 -52.50
CA TYR B 137 -36.95 6.43 -53.56
C TYR B 137 -37.77 7.65 -53.14
N PHE B 138 -37.15 8.52 -52.36
CA PHE B 138 -37.85 9.68 -51.83
C PHE B 138 -38.13 10.70 -52.93
N CYS B 139 -39.23 11.43 -52.78
CA CYS B 139 -39.53 12.53 -53.66
C CYS B 139 -38.75 13.76 -53.22
N GLN B 140 -38.96 14.88 -53.93
CA GLN B 140 -38.20 16.10 -53.65
C GLN B 140 -38.61 16.70 -52.32
N ASP B 141 -39.90 16.68 -52.00
CA ASP B 141 -40.42 17.24 -50.74
C ASP B 141 -41.26 16.17 -50.05
N PRO B 142 -40.66 15.39 -49.15
CA PRO B 142 -41.44 14.39 -48.41
C PRO B 142 -42.39 15.07 -47.43
N MET B 143 -43.66 14.67 -47.47
CA MET B 143 -44.71 15.34 -46.72
C MET B 143 -45.91 14.42 -46.63
N LEU B 144 -47.01 14.95 -46.11
CA LEU B 144 -48.31 14.30 -46.15
C LEU B 144 -49.39 15.37 -46.07
N ALA B 145 -50.51 15.12 -46.72
CA ALA B 145 -51.55 16.12 -46.89
C ALA B 145 -52.81 15.74 -46.14
N VAL B 146 -53.47 16.74 -45.57
CA VAL B 146 -54.74 16.57 -44.87
C VAL B 146 -55.75 17.56 -45.46
N ALA B 147 -57.03 17.25 -45.28
CA ALA B 147 -58.11 18.05 -45.85
C ALA B 147 -59.27 18.10 -44.86
N ASN B 148 -59.53 19.29 -44.32
CA ASN B 148 -60.63 19.56 -43.39
C ASN B 148 -60.58 18.65 -42.17
N GLY B 149 -59.39 18.53 -41.58
CA GLY B 149 -59.23 17.73 -40.39
C GLY B 149 -59.31 16.23 -40.61
N SER B 150 -59.05 15.77 -41.82
CA SER B 150 -59.06 14.34 -42.13
C SER B 150 -57.79 13.97 -42.87
N HIS B 151 -57.28 12.77 -42.59
CA HIS B 151 -56.06 12.28 -43.20
C HIS B 151 -56.32 11.96 -44.66
N PHE B 152 -55.90 12.85 -45.55
CA PHE B 152 -56.19 12.68 -46.97
C PHE B 152 -55.20 11.72 -47.63
N LYS B 153 -53.92 12.09 -47.66
CA LYS B 153 -52.92 11.31 -48.37
C LYS B 153 -51.59 11.40 -47.63
N SER B 154 -50.73 10.43 -47.89
CA SER B 154 -49.35 10.43 -47.40
C SER B 154 -48.42 10.40 -48.60
N TRP B 155 -47.48 11.34 -48.67
CA TRP B 155 -46.65 11.56 -49.84
C TRP B 155 -45.17 11.53 -49.48
N VAL B 156 -44.77 10.51 -48.71
CA VAL B 156 -43.40 10.44 -48.23
C VAL B 156 -42.46 9.92 -49.31
N PHE B 157 -42.69 8.68 -49.76
CA PHE B 157 -41.81 8.03 -50.71
C PHE B 157 -42.62 7.56 -51.92
N LEU B 158 -41.91 6.93 -52.85
CA LEU B 158 -42.50 6.37 -54.07
C LEU B 158 -42.34 4.87 -54.17
N ASN B 159 -41.15 4.34 -53.92
CA ASN B 159 -40.89 2.91 -54.00
C ASN B 159 -40.11 2.46 -52.78
N ALA B 160 -40.35 1.22 -52.37
CA ALA B 160 -39.62 0.60 -51.27
C ALA B 160 -39.29 -0.84 -51.63
N THR B 161 -37.99 -1.16 -51.62
CA THR B 161 -37.51 -2.48 -52.00
C THR B 161 -36.43 -2.93 -51.02
N ASN B 162 -36.20 -4.25 -50.99
CA ASN B 162 -35.01 -4.87 -50.40
C ASN B 162 -34.88 -4.62 -48.90
N CYS B 163 -35.89 -4.94 -48.09
CA CYS B 163 -35.81 -4.63 -46.67
C CYS B 163 -36.41 -5.72 -45.78
N THR B 164 -36.06 -5.61 -44.49
CA THR B 164 -36.36 -6.62 -43.49
C THR B 164 -37.06 -6.10 -42.24
N TYR B 165 -36.97 -4.81 -41.93
CA TYR B 165 -37.52 -4.25 -40.71
C TYR B 165 -38.82 -3.52 -40.99
N ASN B 166 -39.83 -3.80 -40.17
CA ASN B 166 -41.14 -3.17 -40.30
C ASN B 166 -41.89 -3.30 -38.98
N ARG B 167 -42.19 -2.16 -38.35
CA ARG B 167 -42.99 -2.14 -37.14
C ARG B 167 -44.07 -1.08 -37.27
N VAL B 168 -45.27 -1.41 -36.81
CA VAL B 168 -46.42 -0.52 -36.87
C VAL B 168 -47.07 -0.50 -35.49
N HIS B 169 -47.22 0.70 -34.92
CA HIS B 169 -47.85 0.88 -33.62
C HIS B 169 -49.15 1.66 -33.79
N GLY B 170 -50.17 1.30 -33.01
CA GLY B 170 -51.45 1.99 -33.08
C GLY B 170 -51.39 3.33 -32.38
N PHE B 171 -51.88 4.36 -33.06
CA PHE B 171 -51.87 5.72 -32.52
C PHE B 171 -52.98 6.51 -33.21
N GLU B 172 -53.27 7.68 -32.66
CA GLU B 172 -54.30 8.55 -33.22
C GLU B 172 -54.04 9.98 -32.80
N ILE B 173 -54.03 10.89 -33.78
CA ILE B 173 -53.81 12.31 -33.54
C ILE B 173 -54.92 13.09 -34.26
N ASP B 174 -54.96 14.39 -33.97
CA ASP B 174 -55.95 15.28 -34.58
C ASP B 174 -55.29 16.12 -35.65
N PRO B 175 -55.58 15.91 -36.93
CA PRO B 175 -54.93 16.67 -38.01
C PRO B 175 -55.55 18.02 -38.34
N SER B 176 -56.55 18.47 -37.58
CA SER B 176 -57.20 19.73 -37.88
C SER B 176 -56.29 20.89 -37.51
N PRO B 177 -56.09 21.86 -38.40
CA PRO B 177 -55.23 23.00 -38.07
C PRO B 177 -55.89 23.93 -37.06
N ASN B 178 -55.06 24.66 -36.32
CA ASN B 178 -55.54 25.59 -35.31
C ASN B 178 -54.94 26.97 -35.51
N THR B 179 -55.15 27.87 -34.55
CA THR B 179 -54.63 29.22 -34.63
C THR B 179 -54.14 29.65 -33.25
N GLY B 180 -53.49 30.81 -33.21
CA GLY B 180 -52.94 31.33 -31.98
C GLY B 180 -51.46 31.05 -31.85
N SER B 181 -50.95 31.30 -30.64
CA SER B 181 -49.55 31.06 -30.35
C SER B 181 -49.28 29.57 -30.16
N PHE B 182 -48.01 29.21 -30.25
CA PHE B 182 -47.61 27.81 -30.09
C PHE B 182 -47.74 27.40 -28.63
N ILE B 183 -48.34 26.24 -28.39
CA ILE B 183 -48.65 25.79 -27.03
C ILE B 183 -48.02 24.45 -26.69
N HIS B 184 -47.31 23.80 -27.61
CA HIS B 184 -46.71 22.50 -27.36
C HIS B 184 -45.20 22.57 -27.63
N LEU B 185 -44.42 21.96 -26.74
CA LEU B 185 -42.98 21.81 -26.92
C LEU B 185 -42.61 20.35 -26.78
N ARG B 186 -42.06 19.77 -27.84
CA ARG B 186 -41.67 18.36 -27.87
C ARG B 186 -40.17 18.28 -28.14
N GLU B 187 -39.47 17.48 -27.34
CA GLU B 187 -38.02 17.38 -27.39
C GLU B 187 -37.60 15.94 -27.64
N HIS B 188 -36.64 15.76 -28.53
CA HIS B 188 -36.07 14.45 -28.82
C HIS B 188 -34.56 14.58 -28.99
N VAL B 189 -33.84 13.52 -28.63
CA VAL B 189 -32.44 13.37 -28.99
C VAL B 189 -32.28 11.99 -29.63
N PHE B 190 -31.38 11.90 -30.61
CA PHE B 190 -31.11 10.68 -31.34
C PHE B 190 -29.63 10.38 -31.31
N ARG B 191 -29.29 9.10 -31.19
CA ARG B 191 -27.91 8.65 -31.27
C ARG B 191 -27.90 7.17 -31.64
N ASN B 192 -26.93 6.78 -32.44
CA ASN B 192 -26.76 5.37 -32.77
C ASN B 192 -25.36 4.87 -32.43
N VAL B 193 -25.30 3.84 -31.59
CA VAL B 193 -24.07 3.16 -31.22
C VAL B 193 -24.34 1.66 -31.19
N ASP B 194 -23.38 0.89 -31.72
CA ASP B 194 -23.44 -0.57 -31.78
C ASP B 194 -24.68 -1.10 -32.49
N GLY B 195 -25.13 -0.37 -33.52
CA GLY B 195 -26.27 -0.81 -34.30
C GLY B 195 -27.63 -0.55 -33.70
N PHE B 196 -27.71 0.18 -32.59
CA PHE B 196 -28.98 0.52 -31.96
C PHE B 196 -29.21 2.02 -32.05
N LEU B 197 -30.36 2.41 -32.61
CA LEU B 197 -30.74 3.82 -32.64
C LEU B 197 -31.57 4.13 -31.41
N TYR B 198 -31.15 5.14 -30.65
CA TYR B 198 -31.80 5.51 -29.40
C TYR B 198 -32.67 6.75 -29.61
N VAL B 199 -33.90 6.70 -29.12
CA VAL B 199 -34.82 7.82 -29.19
C VAL B 199 -35.29 8.15 -27.77
N TYR B 200 -35.18 9.42 -27.40
CA TYR B 200 -35.60 9.91 -26.10
C TYR B 200 -36.72 10.93 -26.29
N HIS B 201 -37.60 11.04 -25.30
CA HIS B 201 -38.81 11.84 -25.44
C HIS B 201 -39.04 12.69 -24.20
N ASN B 202 -39.50 13.92 -24.43
CA ASN B 202 -39.96 14.80 -23.36
C ASN B 202 -40.97 15.78 -23.93
N TYR B 203 -41.96 16.13 -23.13
CA TYR B 203 -43.00 17.07 -23.54
C TYR B 203 -43.37 17.99 -22.39
N GLU B 204 -43.52 19.27 -22.71
CA GLU B 204 -44.10 20.24 -21.79
C GLU B 204 -44.76 21.33 -22.61
N ARG B 205 -45.68 22.05 -22.00
CA ARG B 205 -46.45 23.08 -22.70
C ARG B 205 -45.98 24.47 -22.28
N VAL B 206 -45.82 25.35 -23.27
CA VAL B 206 -45.33 26.71 -23.09
C VAL B 206 -46.23 27.66 -23.85
N ASP B 207 -45.88 28.94 -23.84
CA ASP B 207 -46.57 29.97 -24.62
C ASP B 207 -45.50 30.86 -25.26
N VAL B 208 -45.03 30.45 -26.45
CA VAL B 208 -44.03 31.21 -27.20
C VAL B 208 -44.46 31.22 -28.66
N TYR B 209 -43.91 32.18 -29.41
CA TYR B 209 -44.17 32.25 -30.85
C TYR B 209 -42.90 32.11 -31.69
N ASP B 210 -41.89 32.95 -31.46
CA ASP B 210 -40.71 32.98 -32.31
C ASP B 210 -39.43 33.00 -31.48
N ASN B 211 -39.40 32.23 -30.40
CA ASN B 211 -38.21 32.13 -29.57
C ASN B 211 -38.18 30.78 -28.88
N PHE B 212 -36.99 30.37 -28.48
CA PHE B 212 -36.81 29.10 -27.77
C PHE B 212 -37.11 29.30 -26.29
N PRO B 213 -38.00 28.50 -25.70
CA PRO B 213 -38.30 28.65 -24.27
C PRO B 213 -37.10 28.25 -23.41
N GLN B 214 -36.91 28.99 -22.32
CA GLN B 214 -35.81 28.73 -21.40
C GLN B 214 -36.26 27.78 -20.29
N GLY B 215 -35.30 27.06 -19.73
CA GLY B 215 -35.58 26.17 -18.62
C GLY B 215 -34.65 24.96 -18.65
N PHE B 216 -35.00 23.98 -17.84
CA PHE B 216 -34.23 22.76 -17.69
C PHE B 216 -35.13 21.55 -17.94
N SER B 217 -34.67 20.63 -18.78
CA SER B 217 -35.46 19.46 -19.15
C SER B 217 -34.59 18.22 -19.13
N VAL B 218 -35.21 17.09 -18.80
CA VAL B 218 -34.57 15.78 -18.81
C VAL B 218 -35.39 14.86 -19.71
N LEU B 219 -34.72 14.17 -20.62
CA LEU B 219 -35.40 13.32 -21.60
C LEU B 219 -35.36 11.87 -21.17
N LYS B 220 -36.45 11.14 -21.46
CA LYS B 220 -36.61 9.75 -21.07
C LYS B 220 -36.62 8.85 -22.29
N PRO B 221 -35.99 7.67 -22.22
CA PRO B 221 -35.89 6.81 -23.40
C PRO B 221 -37.20 6.09 -23.70
N ILE B 222 -37.52 6.01 -24.99
CA ILE B 222 -38.71 5.28 -25.45
C ILE B 222 -38.39 4.20 -26.47
N PHE B 223 -37.28 4.29 -27.20
CA PHE B 223 -37.00 3.36 -28.28
C PHE B 223 -35.55 2.90 -28.22
N LYS B 224 -35.33 1.67 -28.70
CA LYS B 224 -33.99 1.14 -28.94
C LYS B 224 -34.11 0.19 -30.13
N LEU B 225 -33.86 0.72 -31.32
CA LEU B 225 -34.23 0.05 -32.55
C LEU B 225 -33.03 -0.67 -33.15
N PRO B 226 -33.10 -2.00 -33.33
CA PRO B 226 -31.94 -2.79 -33.77
C PRO B 226 -31.80 -2.95 -35.28
N PHE B 227 -31.42 -1.87 -35.97
CA PHE B 227 -30.99 -1.97 -37.35
C PHE B 227 -29.59 -1.36 -37.47
N GLY B 228 -28.70 -2.07 -38.17
CA GLY B 228 -27.37 -1.57 -38.40
C GLY B 228 -27.31 -0.69 -39.63
N LEU B 229 -27.37 0.63 -39.41
CA LEU B 229 -27.48 1.58 -40.50
C LEU B 229 -26.38 2.62 -40.38
N ASN B 230 -25.74 2.92 -41.51
CA ASN B 230 -24.77 4.01 -41.59
C ASN B 230 -25.55 5.30 -41.74
N ILE B 231 -25.64 6.07 -40.66
CA ILE B 231 -26.46 7.27 -40.60
C ILE B 231 -25.54 8.48 -40.55
N THR B 232 -25.62 9.33 -41.59
CA THR B 232 -24.87 10.58 -41.62
C THR B 232 -25.72 11.79 -41.97
N GLN B 233 -26.93 11.61 -42.49
CA GLN B 233 -27.82 12.70 -42.85
C GLN B 233 -29.12 12.61 -42.06
N PHE B 234 -30.01 13.58 -42.28
CA PHE B 234 -31.19 13.77 -41.46
C PHE B 234 -32.14 14.72 -42.17
N LYS B 235 -33.44 14.41 -42.11
CA LYS B 235 -34.45 15.23 -42.77
C LYS B 235 -35.75 15.13 -41.99
N VAL B 236 -36.62 16.13 -42.17
CA VAL B 236 -37.86 16.28 -41.40
C VAL B 236 -39.04 16.23 -42.37
N ILE B 237 -40.09 15.51 -41.97
CA ILE B 237 -41.32 15.39 -42.74
C ILE B 237 -42.36 16.35 -42.17
N MET B 238 -43.03 17.10 -43.04
CA MET B 238 -44.01 18.10 -42.63
C MET B 238 -45.38 17.77 -43.22
N THR B 239 -46.32 18.70 -43.03
CA THR B 239 -47.71 18.54 -43.45
C THR B 239 -48.17 19.82 -44.13
N LEU B 240 -48.95 19.68 -45.20
CA LEU B 240 -49.58 20.80 -45.88
C LEU B 240 -51.09 20.75 -45.66
N PHE B 241 -51.73 21.92 -45.73
CA PHE B 241 -53.14 22.07 -45.39
C PHE B 241 -53.89 22.73 -46.52
N SER B 242 -55.10 22.21 -46.80
CA SER B 242 -56.01 22.78 -47.80
C SER B 242 -57.39 22.20 -47.58
N PRO B 243 -58.46 22.98 -47.79
CA PRO B 243 -59.83 22.42 -47.65
C PRO B 243 -60.33 21.76 -48.93
N THR B 244 -59.80 20.56 -49.19
CA THR B 244 -60.12 19.74 -50.38
C THR B 244 -59.93 20.52 -51.67
N THR B 245 -58.83 21.27 -51.75
CA THR B 245 -58.48 22.02 -52.95
C THR B 245 -57.06 21.67 -53.35
N SER B 246 -56.56 22.37 -54.37
CA SER B 246 -55.21 22.16 -54.87
C SER B 246 -54.22 23.21 -54.38
N SER B 247 -54.59 23.97 -53.35
CA SER B 247 -53.71 25.01 -52.84
C SER B 247 -52.56 24.41 -52.04
N PHE B 248 -52.87 23.69 -50.97
CA PHE B 248 -51.90 23.02 -50.09
C PHE B 248 -50.90 24.03 -49.50
N ASN B 249 -51.43 24.94 -48.70
CA ASN B 249 -50.63 25.98 -48.05
C ASN B 249 -50.35 25.61 -46.61
N ALA B 250 -49.10 25.80 -46.18
CA ALA B 250 -48.69 25.45 -44.83
C ALA B 250 -49.09 26.54 -43.84
N ASP B 251 -48.94 26.22 -42.56
CA ASP B 251 -49.16 27.18 -41.48
C ASP B 251 -47.93 27.27 -40.59
N ALA B 252 -48.05 27.96 -39.45
CA ALA B 252 -46.89 28.33 -38.66
C ALA B 252 -46.38 27.15 -37.84
N SER B 253 -45.08 26.88 -37.97
CA SER B 253 -44.35 25.94 -37.14
C SER B 253 -42.86 26.22 -37.29
N VAL B 254 -42.09 25.77 -36.30
CA VAL B 254 -40.64 25.94 -36.32
C VAL B 254 -40.02 24.88 -35.43
N TYR B 255 -38.84 24.39 -35.82
CA TYR B 255 -38.10 23.41 -35.06
C TYR B 255 -36.64 23.83 -34.94
N PHE B 256 -35.96 23.27 -33.94
CA PHE B 256 -34.59 23.63 -33.60
C PHE B 256 -33.72 22.39 -33.55
N VAL B 257 -32.48 22.52 -34.01
CA VAL B 257 -31.55 21.39 -34.15
C VAL B 257 -30.23 21.75 -33.48
N GLY B 258 -29.75 20.87 -32.61
CA GLY B 258 -28.45 21.06 -31.98
C GLY B 258 -27.65 19.78 -31.98
N HIS B 259 -26.33 19.94 -32.01
CA HIS B 259 -25.42 18.81 -32.08
C HIS B 259 -24.81 18.51 -30.71
N LEU B 260 -24.59 17.21 -30.47
CA LEU B 260 -24.02 16.73 -29.23
C LEU B 260 -22.49 16.81 -29.29
N LYS B 261 -21.88 17.09 -28.15
CA LYS B 261 -20.44 17.29 -28.04
C LYS B 261 -19.87 16.39 -26.95
N PRO B 262 -18.60 15.97 -27.07
CA PRO B 262 -17.97 15.16 -26.01
C PRO B 262 -17.57 16.03 -24.84
N LEU B 263 -18.25 15.83 -23.71
CA LEU B 263 -18.02 16.66 -22.53
C LEU B 263 -18.47 15.91 -21.29
N THR B 264 -18.17 16.51 -20.14
CA THR B 264 -18.45 15.91 -18.83
C THR B 264 -19.50 16.75 -18.11
N MET B 265 -20.46 16.08 -17.49
CA MET B 265 -21.44 16.73 -16.63
C MET B 265 -21.57 15.98 -15.30
N LEU B 266 -22.15 16.68 -14.33
CA LEU B 266 -22.47 16.11 -13.02
C LEU B 266 -23.98 16.10 -12.86
N ALA B 267 -24.52 14.91 -12.58
CA ALA B 267 -25.96 14.74 -12.37
C ALA B 267 -26.21 14.24 -10.96
N GLU B 268 -27.32 14.67 -10.38
CA GLU B 268 -27.70 14.27 -9.04
C GLU B 268 -29.12 13.71 -9.06
N PHE B 269 -29.36 12.72 -8.20
CA PHE B 269 -30.63 12.00 -8.16
C PHE B 269 -31.29 12.22 -6.80
N ASP B 270 -32.62 12.19 -6.78
CA ASP B 270 -33.36 12.26 -5.54
C ASP B 270 -33.62 10.84 -5.03
N GLU B 271 -34.47 10.72 -4.00
CA GLU B 271 -34.77 9.41 -3.44
C GLU B 271 -35.70 8.57 -4.32
N ASN B 272 -36.35 9.17 -5.30
CA ASN B 272 -37.17 8.44 -6.27
C ASN B 272 -36.41 8.06 -7.52
N GLY B 273 -35.14 8.45 -7.64
CA GLY B 273 -34.34 8.11 -8.80
C GLY B 273 -34.48 9.02 -10.00
N THR B 274 -35.02 10.22 -9.80
CA THR B 274 -35.18 11.18 -10.89
C THR B 274 -34.13 12.28 -10.77
N ILE B 275 -33.78 12.85 -11.92
CA ILE B 275 -32.79 13.93 -11.99
C ILE B 275 -33.52 15.25 -11.86
N THR B 276 -33.20 16.02 -10.82
CA THR B 276 -33.84 17.31 -10.60
C THR B 276 -33.07 18.46 -11.25
N ASP B 277 -31.73 18.43 -11.15
CA ASP B 277 -30.89 19.39 -11.85
C ASP B 277 -29.53 18.78 -12.10
N ALA B 278 -28.83 19.31 -13.09
CA ALA B 278 -27.51 18.83 -13.46
C ALA B 278 -26.59 20.03 -13.69
N VAL B 279 -25.30 19.79 -13.53
CA VAL B 279 -24.27 20.82 -13.70
C VAL B 279 -23.41 20.43 -14.89
N ASP B 280 -23.33 21.32 -15.88
CA ASP B 280 -22.43 21.14 -17.01
C ASP B 280 -21.05 21.65 -16.62
N CYS B 281 -20.09 20.73 -16.53
CA CYS B 281 -18.72 21.12 -16.24
C CYS B 281 -18.14 21.90 -17.42
N SER B 282 -17.14 22.74 -17.13
CA SER B 282 -16.42 23.54 -18.12
C SER B 282 -17.33 24.52 -18.86
N GLN B 283 -18.19 25.21 -18.11
CA GLN B 283 -18.98 26.31 -18.65
C GLN B 283 -18.53 27.65 -18.10
N ASP B 284 -18.51 27.80 -16.78
CA ASP B 284 -18.02 28.96 -16.08
C ASP B 284 -17.21 28.46 -14.89
N PRO B 285 -16.38 29.33 -14.28
CA PRO B 285 -15.56 28.86 -13.13
C PRO B 285 -16.35 28.34 -11.94
N LEU B 286 -17.62 28.71 -11.78
CA LEU B 286 -18.40 28.17 -10.67
C LEU B 286 -18.79 26.72 -10.93
N SER B 287 -19.15 26.38 -12.17
CA SER B 287 -19.50 25.00 -12.49
C SER B 287 -18.29 24.08 -12.41
N GLU B 288 -17.09 24.59 -12.72
CA GLU B 288 -15.87 23.82 -12.53
C GLU B 288 -15.62 23.54 -11.06
N LEU B 289 -15.96 24.50 -10.19
CA LEU B 289 -15.82 24.30 -8.75
C LEU B 289 -16.77 23.21 -8.24
N LYS B 290 -18.02 23.23 -8.69
CA LYS B 290 -18.99 22.23 -8.28
C LYS B 290 -18.70 20.86 -8.89
N CYS B 291 -17.98 20.82 -10.00
CA CYS B 291 -17.70 19.58 -10.70
C CYS B 291 -16.56 18.79 -10.09
N THR B 292 -15.67 19.45 -9.35
CA THR B 292 -14.58 18.77 -8.67
C THR B 292 -14.93 18.36 -7.24
N THR B 293 -15.75 19.16 -6.55
CA THR B 293 -16.15 18.82 -5.19
C THR B 293 -17.32 17.85 -5.14
N LYS B 294 -17.92 17.53 -6.29
CA LYS B 294 -19.05 16.59 -6.41
C LYS B 294 -20.22 17.00 -5.53
N SER B 295 -20.52 18.30 -5.49
CA SER B 295 -21.61 18.81 -4.67
C SER B 295 -22.29 19.96 -5.40
N LEU B 296 -23.54 20.20 -5.03
CA LEU B 296 -24.31 21.29 -5.62
C LEU B 296 -24.23 22.58 -4.81
N THR B 297 -23.98 22.49 -3.50
CA THR B 297 -23.83 23.65 -2.64
C THR B 297 -22.40 23.67 -2.09
N VAL B 298 -21.74 24.82 -2.22
CA VAL B 298 -20.35 24.98 -1.83
C VAL B 298 -20.26 26.05 -0.75
N GLU B 299 -19.65 25.70 0.37
CA GLU B 299 -19.41 26.66 1.44
C GLU B 299 -18.21 27.55 1.09
N LYS B 300 -18.09 28.65 1.83
CA LYS B 300 -17.09 29.66 1.49
C LYS B 300 -15.68 29.17 1.79
N GLY B 301 -14.72 29.73 1.06
CA GLY B 301 -13.33 29.37 1.17
C GLY B 301 -12.69 29.37 -0.20
N ILE B 302 -11.46 28.87 -0.26
CA ILE B 302 -10.69 28.78 -1.50
C ILE B 302 -10.44 27.31 -1.81
N TYR B 303 -10.65 26.93 -3.06
CA TYR B 303 -10.50 25.54 -3.50
C TYR B 303 -9.71 25.52 -4.79
N GLN B 304 -8.88 24.50 -4.96
CA GLN B 304 -8.08 24.33 -6.17
C GLN B 304 -8.77 23.33 -7.08
N THR B 305 -9.15 23.77 -8.27
CA THR B 305 -9.97 22.97 -9.16
C THR B 305 -9.12 22.30 -10.24
N SER B 306 -9.65 21.19 -10.76
CA SER B 306 -8.98 20.42 -11.80
C SER B 306 -9.32 20.99 -13.18
N ASN B 307 -8.63 20.49 -14.19
CA ASN B 307 -8.78 20.95 -15.56
C ASN B 307 -10.05 20.38 -16.18
N PHE B 308 -10.91 21.28 -16.68
CA PHE B 308 -12.03 20.89 -17.52
C PHE B 308 -12.21 21.78 -18.75
N ARG B 309 -11.59 22.96 -18.78
CA ARG B 309 -11.98 24.00 -19.73
C ARG B 309 -11.63 23.62 -21.17
N VAL B 310 -10.42 23.16 -21.41
CA VAL B 310 -9.92 22.93 -22.76
C VAL B 310 -9.95 21.43 -23.05
N SER B 311 -10.34 21.08 -24.27
CA SER B 311 -10.35 19.71 -24.74
C SER B 311 -9.88 19.74 -26.19
N PRO B 312 -9.03 18.80 -26.59
CA PRO B 312 -8.56 18.80 -27.98
C PRO B 312 -9.66 18.38 -28.94
N SER B 313 -9.69 19.04 -30.11
CA SER B 313 -10.66 18.72 -31.13
C SER B 313 -10.03 18.55 -32.51
N THR B 314 -8.76 18.89 -32.69
CA THR B 314 -8.06 18.71 -33.94
C THR B 314 -6.98 17.66 -33.76
N GLU B 315 -6.86 16.76 -34.74
CA GLU B 315 -5.92 15.64 -34.67
C GLU B 315 -4.99 15.74 -35.87
N VAL B 316 -3.68 15.78 -35.60
CA VAL B 316 -2.68 16.01 -36.64
C VAL B 316 -1.74 14.81 -36.71
N VAL B 317 -1.35 14.45 -37.93
CA VAL B 317 -0.37 13.40 -38.18
C VAL B 317 0.68 13.93 -39.14
N ARG B 318 1.94 13.49 -38.94
CA ARG B 318 3.07 13.90 -39.79
C ARG B 318 3.92 12.67 -40.06
N PHE B 319 3.61 11.96 -41.14
CA PHE B 319 4.37 10.79 -41.55
C PHE B 319 5.45 11.17 -42.56
N PRO B 320 6.52 10.37 -42.68
CA PRO B 320 7.57 10.68 -43.67
C PRO B 320 7.12 10.58 -45.12
N ASN B 321 8.03 10.91 -46.04
CA ASN B 321 7.71 11.02 -47.46
C ASN B 321 7.86 9.70 -48.22
N ILE B 322 7.78 8.56 -47.52
CA ILE B 322 7.85 7.28 -48.20
C ILE B 322 6.54 7.03 -48.95
N THR B 323 6.65 6.74 -50.24
CA THR B 323 5.47 6.67 -51.11
C THR B 323 5.33 5.39 -51.91
N ASN B 324 6.40 4.63 -52.15
CA ASN B 324 6.29 3.45 -53.00
C ASN B 324 5.64 2.28 -52.26
N LEU B 325 4.97 1.43 -53.02
CA LEU B 325 4.30 0.27 -52.45
C LEU B 325 5.33 -0.78 -52.04
N CYS B 326 5.01 -1.50 -50.96
CA CYS B 326 5.96 -2.43 -50.39
C CYS B 326 5.86 -3.78 -51.09
N PRO B 327 6.99 -4.46 -51.33
CA PRO B 327 6.96 -5.69 -52.16
C PRO B 327 6.29 -6.87 -51.47
N PHE B 328 4.95 -6.88 -51.49
CA PHE B 328 4.18 -8.03 -51.04
C PHE B 328 4.00 -9.08 -52.13
N GLY B 329 4.44 -8.79 -53.36
CA GLY B 329 4.26 -9.71 -54.47
C GLY B 329 5.40 -10.69 -54.62
N GLN B 330 6.64 -10.19 -54.53
CA GLN B 330 7.81 -11.04 -54.68
C GLN B 330 8.13 -11.82 -53.40
N VAL B 331 7.43 -11.53 -52.30
CA VAL B 331 7.59 -12.29 -51.07
C VAL B 331 6.56 -13.40 -50.97
N PHE B 332 5.29 -13.09 -51.24
CA PHE B 332 4.21 -14.04 -51.07
C PHE B 332 3.95 -14.85 -52.34
N ASN B 333 3.77 -14.18 -53.47
CA ASN B 333 3.59 -14.86 -54.76
C ASN B 333 4.95 -15.02 -55.43
N ALA B 334 5.73 -15.93 -54.87
CA ALA B 334 7.01 -16.34 -55.44
C ALA B 334 6.94 -17.83 -55.76
N SER B 335 8.08 -18.39 -56.15
CA SER B 335 8.17 -19.82 -56.44
C SER B 335 9.37 -20.40 -55.68
N ASN B 336 9.23 -21.66 -55.26
CA ASN B 336 10.30 -22.46 -54.67
C ASN B 336 10.85 -21.80 -53.40
N PHE B 337 10.00 -21.74 -52.37
CA PHE B 337 10.51 -21.42 -51.04
C PHE B 337 11.49 -22.50 -50.58
N PRO B 338 12.49 -22.12 -49.79
CA PRO B 338 13.43 -23.12 -49.28
C PRO B 338 12.78 -23.99 -48.21
N SER B 339 13.47 -25.08 -47.89
CA SER B 339 13.04 -25.96 -46.82
C SER B 339 13.29 -25.30 -45.46
N VAL B 340 12.76 -25.94 -44.41
CA VAL B 340 12.75 -25.33 -43.09
C VAL B 340 14.16 -25.26 -42.50
N TYR B 341 15.04 -26.20 -42.83
CA TYR B 341 16.38 -26.17 -42.27
C TYR B 341 17.30 -25.18 -42.99
N ALA B 342 16.87 -24.63 -44.12
CA ALA B 342 17.67 -23.68 -44.90
C ALA B 342 16.87 -22.42 -45.19
N TRP B 343 16.24 -21.87 -44.14
CA TRP B 343 15.42 -20.68 -44.25
C TRP B 343 16.27 -19.45 -44.57
N GLU B 344 15.63 -18.44 -45.14
CA GLU B 344 16.33 -17.27 -45.66
C GLU B 344 15.84 -15.99 -45.01
N ARG B 345 16.75 -15.02 -44.90
CA ARG B 345 16.48 -13.70 -44.37
C ARG B 345 16.12 -12.74 -45.52
N LEU B 346 15.44 -11.66 -45.15
CA LEU B 346 15.12 -10.60 -46.12
C LEU B 346 14.88 -9.31 -45.36
N ARG B 347 15.67 -8.28 -45.68
CA ARG B 347 15.52 -6.98 -45.05
C ARG B 347 14.57 -6.14 -45.90
N ILE B 348 13.49 -5.67 -45.27
CA ILE B 348 12.48 -4.86 -45.93
C ILE B 348 12.59 -3.44 -45.39
N SER B 349 12.80 -2.47 -46.28
CA SER B 349 13.02 -1.10 -45.86
C SER B 349 12.55 -0.13 -46.93
N ASP B 350 12.25 1.09 -46.50
CA ASP B 350 11.83 2.20 -47.36
C ASP B 350 10.59 1.85 -48.18
N CYS B 351 9.57 1.34 -47.50
CA CYS B 351 8.34 0.90 -48.16
C CYS B 351 7.15 1.29 -47.30
N VAL B 352 5.95 1.16 -47.88
CA VAL B 352 4.70 1.48 -47.20
C VAL B 352 3.94 0.17 -46.97
N ALA B 353 3.80 -0.21 -45.70
CA ALA B 353 3.22 -1.49 -45.33
C ALA B 353 1.70 -1.39 -45.42
N ASP B 354 1.17 -1.69 -46.60
CA ASP B 354 -0.28 -1.69 -46.85
C ASP B 354 -0.73 -3.15 -46.93
N TYR B 355 -1.39 -3.62 -45.87
CA TYR B 355 -1.86 -5.00 -45.83
C TYR B 355 -3.17 -5.22 -46.56
N ALA B 356 -3.83 -4.16 -47.01
CA ALA B 356 -5.10 -4.30 -47.71
C ALA B 356 -4.94 -4.80 -49.14
N VAL B 357 -3.74 -4.71 -49.71
CA VAL B 357 -3.52 -5.21 -51.07
C VAL B 357 -3.39 -6.73 -51.12
N LEU B 358 -3.23 -7.39 -49.98
CA LEU B 358 -3.18 -8.84 -49.94
C LEU B 358 -4.56 -9.48 -50.04
N TYR B 359 -5.63 -8.68 -49.87
CA TYR B 359 -6.98 -9.21 -49.99
C TYR B 359 -7.32 -9.54 -51.44
N ASN B 360 -6.68 -8.85 -52.38
CA ASN B 360 -6.98 -9.05 -53.80
C ASN B 360 -6.42 -10.38 -54.31
N SER B 361 -5.44 -10.93 -53.60
CA SER B 361 -4.79 -12.21 -54.01
C SER B 361 -5.78 -13.38 -53.88
N SER B 362 -5.36 -14.57 -54.32
CA SER B 362 -6.24 -15.77 -54.25
C SER B 362 -5.77 -16.72 -53.15
N SER B 363 -4.87 -16.26 -52.26
CA SER B 363 -4.39 -17.10 -51.14
C SER B 363 -4.82 -16.47 -49.80
N SER B 364 -5.54 -17.22 -48.97
CA SER B 364 -6.03 -16.68 -47.67
C SER B 364 -5.20 -17.26 -46.52
N PHE B 365 -4.84 -16.44 -45.54
CA PHE B 365 -3.96 -16.90 -44.44
C PHE B 365 -4.77 -17.69 -43.41
N SER B 366 -4.31 -18.91 -43.10
CA SER B 366 -4.98 -19.71 -42.06
C SER B 366 -4.47 -19.28 -40.68
N THR B 367 -3.32 -18.57 -40.64
CA THR B 367 -2.75 -18.09 -39.37
C THR B 367 -2.38 -16.63 -39.51
N PHE B 368 -2.72 -15.80 -38.51
CA PHE B 368 -2.34 -14.39 -38.52
C PHE B 368 -2.03 -13.97 -37.08
N LYS B 369 -1.20 -14.73 -36.40
CA LYS B 369 -0.85 -14.44 -35.02
C LYS B 369 0.16 -13.31 -34.93
N CYS B 370 -0.14 -12.31 -34.10
CA CYS B 370 0.77 -11.22 -33.79
C CYS B 370 1.03 -11.21 -32.29
N TYR B 371 2.25 -10.85 -31.90
CA TYR B 371 2.66 -11.01 -30.52
C TYR B 371 3.03 -9.72 -29.81
N GLY B 372 3.87 -8.88 -30.41
CA GLY B 372 4.29 -7.67 -29.74
C GLY B 372 3.34 -6.51 -29.91
N VAL B 373 2.51 -6.56 -30.95
CA VAL B 373 1.58 -5.49 -31.27
C VAL B 373 0.19 -6.11 -31.47
N SER B 374 -0.76 -5.26 -31.82
CA SER B 374 -2.11 -5.66 -32.15
C SER B 374 -2.33 -5.62 -33.66
N PRO B 375 -3.13 -6.55 -34.19
CA PRO B 375 -3.39 -6.54 -35.64
C PRO B 375 -4.16 -5.31 -36.11
N THR B 376 -5.00 -4.73 -35.26
CA THR B 376 -5.78 -3.56 -35.67
C THR B 376 -4.90 -2.32 -35.74
N LYS B 377 -3.96 -2.17 -34.81
CA LYS B 377 -3.09 -1.00 -34.77
C LYS B 377 -1.77 -1.27 -35.49
N LEU B 378 -1.88 -1.65 -36.76
CA LEU B 378 -0.72 -1.84 -37.61
C LEU B 378 -0.64 -0.85 -38.76
N ASN B 379 -1.69 -0.07 -38.99
CA ASN B 379 -1.67 1.01 -39.97
C ASN B 379 -1.22 2.34 -39.38
N ASP B 380 -0.90 2.37 -38.08
CA ASP B 380 -0.56 3.60 -37.39
C ASP B 380 0.84 3.63 -36.80
N LEU B 381 1.55 2.50 -36.91
CA LEU B 381 2.90 2.40 -36.32
C LEU B 381 3.97 2.44 -37.41
N CYS B 382 5.05 3.19 -37.19
CA CYS B 382 6.18 3.20 -38.15
C CYS B 382 7.33 2.40 -37.52
N PHE B 383 7.93 1.48 -38.27
CA PHE B 383 8.96 0.59 -37.66
C PHE B 383 10.36 1.04 -38.07
N SER B 384 11.30 0.99 -37.13
CA SER B 384 12.71 1.38 -37.42
C SER B 384 13.31 0.37 -38.42
N SER B 385 13.09 -0.92 -38.19
CA SER B 385 13.58 -1.93 -39.12
C SER B 385 12.74 -3.18 -38.99
N VAL B 386 12.43 -3.83 -40.12
CA VAL B 386 11.69 -5.08 -40.14
C VAL B 386 12.48 -6.11 -40.94
N TYR B 387 12.19 -7.39 -40.64
CA TYR B 387 12.83 -8.51 -41.33
C TYR B 387 11.77 -9.56 -41.63
N ALA B 388 12.07 -10.39 -42.63
CA ALA B 388 11.14 -11.44 -43.06
C ALA B 388 11.88 -12.76 -43.21
N ASP B 389 11.28 -13.82 -42.66
CA ASP B 389 11.80 -15.19 -42.78
C ASP B 389 10.73 -16.04 -43.44
N TYR B 390 11.15 -16.91 -44.37
CA TYR B 390 10.19 -17.74 -45.09
C TYR B 390 10.74 -19.14 -45.31
N PHE B 391 9.87 -20.13 -45.17
CA PHE B 391 10.20 -21.54 -45.34
C PHE B 391 8.89 -22.31 -45.57
N VAL B 392 8.99 -23.64 -45.60
CA VAL B 392 7.84 -24.52 -45.84
C VAL B 392 7.86 -25.63 -44.79
N VAL B 393 6.73 -25.85 -44.13
CA VAL B 393 6.63 -26.87 -43.08
C VAL B 393 5.56 -27.90 -43.42
N LYS B 394 5.35 -28.85 -42.52
CA LYS B 394 4.50 -30.02 -42.79
C LYS B 394 3.01 -29.69 -42.76
N GLY B 395 2.60 -28.74 -41.93
CA GLY B 395 1.15 -28.46 -41.78
C GLY B 395 0.73 -28.72 -40.35
N ASP B 396 1.21 -29.82 -39.75
CA ASP B 396 0.94 -30.09 -38.32
C ASP B 396 2.11 -29.51 -37.50
N ASP B 397 3.01 -28.79 -38.18
CA ASP B 397 4.20 -28.21 -37.49
C ASP B 397 4.09 -26.69 -37.45
N VAL B 398 2.98 -26.14 -37.97
CA VAL B 398 2.83 -24.69 -37.99
C VAL B 398 2.71 -24.13 -36.57
N ARG B 399 2.06 -24.87 -35.67
CA ARG B 399 1.90 -24.43 -34.29
C ARG B 399 3.21 -24.42 -33.51
N GLN B 400 4.28 -25.02 -34.04
CA GLN B 400 5.59 -24.92 -33.43
C GLN B 400 6.32 -23.61 -33.77
N ILE B 401 5.78 -22.81 -34.67
CA ILE B 401 6.38 -21.51 -35.01
C ILE B 401 5.76 -20.50 -34.05
N ALA B 402 6.31 -20.46 -32.84
CA ALA B 402 5.82 -19.62 -31.76
C ALA B 402 6.88 -19.59 -30.67
N PRO B 403 6.90 -18.54 -29.84
CA PRO B 403 7.81 -18.54 -28.68
C PRO B 403 7.46 -19.66 -27.71
N ALA B 404 8.51 -20.26 -27.13
CA ALA B 404 8.42 -21.31 -26.10
C ALA B 404 7.63 -22.52 -26.61
N GLN B 405 8.19 -23.15 -27.63
CA GLN B 405 7.61 -24.36 -28.22
C GLN B 405 8.67 -25.45 -28.29
N THR B 406 8.20 -26.69 -28.33
CA THR B 406 9.07 -27.85 -28.48
C THR B 406 8.57 -28.72 -29.63
N GLY B 407 9.50 -29.47 -30.21
CA GLY B 407 9.21 -30.30 -31.35
C GLY B 407 10.44 -30.42 -32.23
N VAL B 408 10.24 -31.01 -33.41
CA VAL B 408 11.36 -31.16 -34.34
C VAL B 408 11.78 -29.82 -34.91
N ILE B 409 10.80 -28.99 -35.29
CA ILE B 409 11.10 -27.70 -35.90
C ILE B 409 11.67 -26.74 -34.86
N ALA B 410 11.08 -26.70 -33.67
CA ALA B 410 11.45 -25.72 -32.66
C ALA B 410 12.78 -26.04 -31.98
N ASP B 411 13.30 -27.25 -32.11
CA ASP B 411 14.54 -27.63 -31.46
C ASP B 411 15.72 -27.77 -32.42
N TYR B 412 15.48 -28.17 -33.67
CA TYR B 412 16.57 -28.43 -34.61
C TYR B 412 16.53 -27.58 -35.86
N ASN B 413 15.41 -26.93 -36.19
CA ASN B 413 15.26 -26.25 -37.47
C ASN B 413 15.12 -24.75 -37.34
N TYR B 414 14.15 -24.26 -36.57
CA TYR B 414 13.88 -22.82 -36.50
C TYR B 414 13.29 -22.52 -35.13
N LYS B 415 13.92 -21.60 -34.40
CA LYS B 415 13.52 -21.25 -33.05
C LYS B 415 13.28 -19.75 -32.94
N LEU B 416 12.14 -19.38 -32.37
CA LEU B 416 11.83 -18.00 -32.07
C LEU B 416 12.20 -17.69 -30.62
N PRO B 417 12.85 -16.56 -30.36
CA PRO B 417 13.24 -16.22 -28.99
C PRO B 417 12.04 -15.83 -28.15
N ASP B 418 12.21 -15.93 -26.83
CA ASP B 418 11.21 -15.41 -25.92
C ASP B 418 11.22 -13.87 -25.98
N ASP B 419 10.06 -13.29 -25.65
CA ASP B 419 9.78 -11.87 -25.86
C ASP B 419 10.02 -11.48 -27.32
N PHE B 420 9.41 -12.25 -28.21
CA PHE B 420 9.47 -11.99 -29.65
C PHE B 420 8.42 -10.95 -30.02
N THR B 421 8.84 -9.95 -30.80
CA THR B 421 7.94 -8.90 -31.28
C THR B 421 7.79 -9.04 -32.78
N GLY B 422 6.56 -9.25 -33.24
CA GLY B 422 6.29 -9.39 -34.65
C GLY B 422 5.05 -10.21 -34.88
N CYS B 423 4.89 -10.66 -36.12
CA CYS B 423 3.74 -11.45 -36.54
C CYS B 423 4.21 -12.64 -37.36
N VAL B 424 3.41 -13.71 -37.34
CA VAL B 424 3.71 -14.93 -38.07
C VAL B 424 2.54 -15.24 -39.00
N LEU B 425 2.84 -15.58 -40.24
CA LEU B 425 1.84 -15.82 -41.28
C LEU B 425 1.96 -17.25 -41.78
N ALA B 426 0.83 -17.82 -42.20
CA ALA B 426 0.84 -19.17 -42.75
C ALA B 426 -0.39 -19.35 -43.63
N TRP B 427 -0.21 -20.07 -44.75
CA TRP B 427 -1.30 -20.38 -45.64
C TRP B 427 -0.98 -21.67 -46.38
N ASN B 428 -2.02 -22.43 -46.72
CA ASN B 428 -1.86 -23.74 -47.34
C ASN B 428 -1.59 -23.58 -48.83
N THR B 429 -0.56 -24.26 -49.33
CA THR B 429 -0.20 -24.26 -50.75
C THR B 429 -0.05 -25.72 -51.17
N ASN B 430 -1.14 -26.36 -51.55
CA ASN B 430 -1.10 -27.75 -51.99
C ASN B 430 -1.10 -27.91 -53.49
N SER B 431 -1.63 -26.93 -54.24
CA SER B 431 -1.77 -27.05 -55.68
C SER B 431 -0.56 -26.55 -56.46
N VAL B 432 0.39 -25.89 -55.81
CA VAL B 432 1.52 -25.30 -56.51
C VAL B 432 2.80 -26.11 -56.32
N ASP B 433 3.09 -26.59 -55.11
CA ASP B 433 4.28 -27.41 -54.87
C ASP B 433 3.90 -28.73 -54.19
N SER B 434 3.43 -29.67 -55.01
CA SER B 434 3.27 -31.06 -54.60
C SER B 434 3.62 -32.05 -55.71
N LYS B 435 3.96 -31.57 -56.90
CA LYS B 435 4.14 -32.41 -58.08
C LYS B 435 5.62 -32.46 -58.43
N SER B 436 6.27 -33.58 -58.08
CA SER B 436 7.68 -33.85 -58.39
C SER B 436 8.61 -32.77 -57.84
N GLY B 437 8.26 -32.22 -56.68
CA GLY B 437 9.12 -31.24 -56.04
C GLY B 437 10.39 -31.87 -55.51
N ASN B 438 10.24 -32.73 -54.49
CA ASN B 438 11.33 -33.54 -53.92
C ASN B 438 12.48 -32.68 -53.41
N ASN B 439 12.17 -31.47 -52.93
CA ASN B 439 13.19 -30.56 -52.45
C ASN B 439 12.96 -30.07 -51.03
N PHE B 440 11.92 -30.54 -50.36
CA PHE B 440 11.60 -30.10 -49.01
C PHE B 440 12.07 -31.14 -48.00
N TYR B 441 12.94 -30.73 -47.08
CA TYR B 441 13.50 -31.60 -46.06
C TYR B 441 13.41 -30.91 -44.71
N TYR B 442 13.56 -31.71 -43.66
CA TYR B 442 13.71 -31.18 -42.31
C TYR B 442 14.80 -31.98 -41.61
N ARG B 443 15.43 -31.36 -40.61
CA ARG B 443 16.56 -31.96 -39.93
C ARG B 443 16.08 -32.74 -38.71
N LEU B 444 16.30 -34.05 -38.73
CA LEU B 444 16.26 -34.88 -37.54
C LEU B 444 17.68 -35.08 -37.03
N PHE B 445 17.78 -35.69 -35.85
CA PHE B 445 19.02 -36.27 -35.33
C PHE B 445 20.13 -35.23 -35.22
N ARG B 446 19.94 -34.30 -34.29
CA ARG B 446 20.95 -33.30 -33.97
C ARG B 446 21.42 -33.49 -32.54
N HIS B 447 22.71 -33.22 -32.31
CA HIS B 447 23.30 -33.30 -30.97
C HIS B 447 23.18 -31.93 -30.32
N GLY B 448 22.08 -31.72 -29.61
CA GLY B 448 21.84 -30.46 -28.95
C GLY B 448 20.82 -29.60 -29.68
N LYS B 449 20.20 -28.69 -28.94
CA LYS B 449 19.16 -27.83 -29.47
C LYS B 449 19.78 -26.64 -30.21
N ILE B 450 18.94 -25.90 -30.93
CA ILE B 450 19.37 -24.77 -31.74
C ILE B 450 19.12 -23.48 -30.95
N LYS B 451 19.92 -22.46 -31.27
CA LYS B 451 19.75 -21.13 -30.69
C LYS B 451 18.67 -20.36 -31.46
N PRO B 452 18.07 -19.35 -30.83
CA PRO B 452 17.12 -18.50 -31.57
C PRO B 452 17.77 -17.78 -32.74
N TYR B 453 17.03 -17.73 -33.85
CA TYR B 453 17.43 -17.03 -35.09
C TYR B 453 18.74 -17.55 -35.65
N GLU B 454 18.97 -18.86 -35.54
CA GLU B 454 20.17 -19.48 -36.07
C GLU B 454 19.80 -20.68 -36.93
N ARG B 455 20.74 -21.08 -37.77
CA ARG B 455 20.54 -22.22 -38.66
C ARG B 455 21.86 -22.93 -38.87
N ASP B 456 21.77 -24.19 -39.28
CA ASP B 456 22.96 -24.98 -39.64
C ASP B 456 22.64 -25.78 -40.89
N ILE B 457 23.33 -25.47 -41.98
CA ILE B 457 23.20 -26.22 -43.23
C ILE B 457 24.41 -27.14 -43.30
N SER B 458 24.26 -28.34 -42.76
CA SER B 458 25.32 -29.33 -42.76
C SER B 458 24.71 -30.70 -43.03
N ASN B 459 25.44 -31.53 -43.77
CA ASN B 459 24.95 -32.84 -44.20
C ASN B 459 25.95 -33.93 -43.83
N VAL B 460 26.44 -33.89 -42.61
CA VAL B 460 27.35 -34.92 -42.12
C VAL B 460 26.53 -36.10 -41.60
N LEU B 461 27.14 -37.27 -41.57
CA LEU B 461 26.48 -38.46 -41.04
C LEU B 461 26.34 -38.35 -39.53
N TYR B 462 25.19 -38.82 -39.02
CA TYR B 462 24.89 -38.75 -37.59
C TYR B 462 25.16 -40.11 -36.97
N ASN B 463 25.98 -40.12 -35.92
CA ASN B 463 26.27 -41.33 -35.16
C ASN B 463 25.59 -41.23 -33.80
N SER B 464 24.68 -42.16 -33.54
CA SER B 464 23.99 -42.18 -32.25
C SER B 464 24.94 -42.67 -31.17
N ALA B 465 24.98 -41.93 -30.05
CA ALA B 465 25.85 -42.19 -28.90
C ALA B 465 27.31 -42.26 -29.34
N GLY B 466 27.80 -41.16 -29.86
CA GLY B 466 29.16 -41.06 -30.34
C GLY B 466 29.29 -39.94 -31.35
N GLY B 467 30.24 -40.12 -32.27
CA GLY B 467 30.44 -39.13 -33.32
C GLY B 467 31.39 -39.66 -34.36
N THR B 468 31.55 -38.87 -35.43
CA THR B 468 32.43 -39.14 -36.57
C THR B 468 32.12 -40.49 -37.21
N CYS B 469 30.91 -40.60 -37.75
CA CYS B 469 30.52 -41.81 -38.45
C CYS B 469 31.20 -41.86 -39.82
N SER B 470 31.42 -43.08 -40.32
CA SER B 470 32.14 -43.29 -41.56
C SER B 470 31.21 -43.56 -42.74
N SER B 471 30.37 -44.58 -42.64
CA SER B 471 29.50 -44.99 -43.74
C SER B 471 28.09 -45.23 -43.23
N ILE B 472 27.15 -45.28 -44.17
CA ILE B 472 25.75 -45.50 -43.83
C ILE B 472 25.51 -46.94 -43.38
N SER B 473 26.37 -47.89 -43.78
CA SER B 473 26.23 -49.27 -43.34
C SER B 473 26.80 -49.51 -41.96
N GLN B 474 27.51 -48.54 -41.39
CA GLN B 474 28.01 -48.66 -40.03
C GLN B 474 26.85 -48.63 -39.04
N LEU B 475 26.95 -49.45 -38.00
CA LEU B 475 25.87 -49.60 -37.03
C LEU B 475 25.61 -48.29 -36.28
N GLY B 476 24.34 -47.95 -36.14
CA GLY B 476 23.94 -46.71 -35.48
C GLY B 476 24.31 -45.45 -36.22
N CYS B 477 24.18 -45.44 -37.54
CA CYS B 477 24.47 -44.27 -38.36
C CYS B 477 23.27 -43.96 -39.24
N TYR B 478 22.84 -42.70 -39.23
CA TYR B 478 21.65 -42.28 -39.98
C TYR B 478 21.92 -40.96 -40.67
N GLU B 479 21.16 -40.72 -41.74
CA GLU B 479 21.17 -39.41 -42.38
C GLU B 479 20.46 -38.39 -41.48
N PRO B 480 20.96 -37.16 -41.41
CA PRO B 480 20.31 -36.16 -40.53
C PRO B 480 19.02 -35.61 -41.12
N LEU B 481 18.95 -35.45 -42.44
CA LEU B 481 17.79 -34.85 -43.07
C LEU B 481 16.79 -35.91 -43.50
N LYS B 482 15.52 -35.64 -43.22
CA LYS B 482 14.42 -36.51 -43.64
C LYS B 482 13.48 -35.71 -44.53
N SER B 483 12.98 -36.36 -45.58
CA SER B 483 12.19 -35.69 -46.59
C SER B 483 10.72 -35.63 -46.20
N TYR B 484 10.13 -34.44 -46.30
CA TYR B 484 8.68 -34.32 -46.43
C TYR B 484 8.17 -35.14 -47.61
N GLY B 485 7.17 -35.97 -47.35
CA GLY B 485 6.59 -36.77 -48.41
C GLY B 485 5.43 -36.07 -49.07
N PHE B 486 5.71 -34.92 -49.69
CA PHE B 486 4.66 -34.10 -50.27
C PHE B 486 4.19 -34.69 -51.58
N THR B 487 2.88 -34.95 -51.67
CA THR B 487 2.23 -35.46 -52.86
C THR B 487 0.76 -35.13 -52.77
N PRO B 488 0.07 -34.94 -53.90
CA PRO B 488 -1.36 -34.64 -53.84
C PRO B 488 -2.17 -35.81 -53.31
N THR B 489 -3.40 -35.50 -52.88
CA THR B 489 -4.34 -36.43 -52.26
C THR B 489 -3.75 -37.08 -51.02
N VAL B 490 -3.42 -36.23 -50.05
CA VAL B 490 -3.09 -36.65 -48.68
C VAL B 490 -3.92 -35.82 -47.73
N GLY B 491 -3.96 -36.27 -46.47
CA GLY B 491 -4.78 -35.60 -45.47
C GLY B 491 -4.20 -34.26 -45.07
N VAL B 492 -5.09 -33.39 -44.58
CA VAL B 492 -4.68 -32.09 -44.07
C VAL B 492 -3.85 -32.29 -42.81
N GLY B 493 -2.68 -31.65 -42.75
CA GLY B 493 -1.68 -31.93 -41.76
C GLY B 493 -0.44 -32.59 -42.34
N TYR B 494 -0.54 -33.15 -43.54
CA TYR B 494 0.59 -33.64 -44.29
C TYR B 494 0.84 -32.81 -45.55
N GLN B 495 0.00 -31.82 -45.82
CA GLN B 495 0.02 -30.92 -46.96
C GLN B 495 0.89 -29.70 -46.68
N PRO B 496 1.68 -29.26 -47.66
CA PRO B 496 2.64 -28.18 -47.41
C PRO B 496 1.98 -26.85 -47.09
N TYR B 497 2.62 -26.09 -46.20
CA TYR B 497 2.22 -24.75 -45.82
C TYR B 497 3.41 -23.82 -45.97
N ARG B 498 3.17 -22.62 -46.48
CA ARG B 498 4.19 -21.59 -46.58
C ARG B 498 4.06 -20.65 -45.39
N VAL B 499 5.16 -20.42 -44.69
CA VAL B 499 5.18 -19.66 -43.45
C VAL B 499 6.07 -18.44 -43.64
N VAL B 500 5.54 -17.26 -43.32
CA VAL B 500 6.31 -16.02 -43.31
C VAL B 500 6.28 -15.45 -41.91
N VAL B 501 7.45 -15.21 -41.34
CA VAL B 501 7.60 -14.63 -40.02
C VAL B 501 8.18 -13.23 -40.17
N LEU B 502 7.47 -12.23 -39.67
CA LEU B 502 7.90 -10.84 -39.72
C LEU B 502 8.34 -10.39 -38.33
N SER B 503 9.53 -9.80 -38.25
CA SER B 503 10.09 -9.36 -36.97
C SER B 503 10.17 -7.84 -36.96
N PHE B 504 9.48 -7.23 -36.01
CA PHE B 504 9.42 -5.77 -35.88
C PHE B 504 10.39 -5.28 -34.83
N GLU B 505 10.75 -4.00 -34.94
CA GLU B 505 11.70 -3.40 -34.00
C GLU B 505 11.43 -1.90 -33.95
N LEU B 506 11.05 -1.40 -32.78
CA LEU B 506 10.62 -0.01 -32.60
C LEU B 506 11.61 0.69 -31.69
N LEU B 507 12.46 1.54 -32.28
CA LEU B 507 13.48 2.25 -31.51
C LEU B 507 13.43 3.76 -31.76
N ASN B 508 14.45 4.46 -31.29
CA ASN B 508 14.61 5.89 -31.54
C ASN B 508 15.30 6.18 -32.87
N ALA B 509 15.51 5.16 -33.70
CA ALA B 509 16.08 5.35 -35.02
C ALA B 509 15.03 5.93 -35.96
N PRO B 510 15.45 6.54 -37.07
CA PRO B 510 14.48 6.99 -38.08
C PRO B 510 13.68 5.85 -38.66
N ALA B 511 12.41 6.12 -38.95
CA ALA B 511 11.48 5.12 -39.44
C ALA B 511 11.76 4.78 -40.90
N THR B 512 11.46 3.54 -41.27
CA THR B 512 11.67 3.07 -42.63
C THR B 512 10.40 2.50 -43.26
N VAL B 513 9.58 1.77 -42.50
CA VAL B 513 8.43 1.07 -43.04
C VAL B 513 7.20 1.42 -42.20
N CYS B 514 6.21 2.05 -42.82
CA CYS B 514 4.88 2.19 -42.25
C CYS B 514 3.85 2.58 -43.29
N GLY B 515 2.59 2.37 -42.93
CA GLY B 515 1.51 2.29 -43.88
C GLY B 515 0.75 3.57 -44.17
N PRO B 516 -0.46 3.43 -44.73
CA PRO B 516 -1.20 4.55 -45.34
C PRO B 516 -2.04 5.40 -44.39
N LYS B 517 -1.41 6.42 -43.80
CA LYS B 517 -2.11 7.49 -43.12
C LYS B 517 -1.81 8.80 -43.84
N LYS B 518 -2.87 9.52 -44.22
CA LYS B 518 -2.72 10.77 -44.93
C LYS B 518 -2.30 11.86 -43.95
N SER B 519 -1.12 12.45 -44.18
CA SER B 519 -0.60 13.46 -43.28
C SER B 519 -1.36 14.77 -43.41
N THR B 520 -1.49 15.48 -42.29
CA THR B 520 -2.20 16.74 -42.22
C THR B 520 -1.21 17.88 -42.03
N GLU B 521 -1.73 19.09 -41.84
CA GLU B 521 -0.91 20.28 -41.69
C GLU B 521 -0.61 20.53 -40.22
N LEU B 522 0.61 20.99 -39.95
CA LEU B 522 1.04 21.27 -38.59
C LEU B 522 0.30 22.47 -38.02
N VAL B 523 -0.16 22.35 -36.77
CA VAL B 523 -0.87 23.41 -36.07
C VAL B 523 -0.16 23.65 -34.74
N LYS B 524 0.26 24.88 -34.51
CA LYS B 524 1.01 25.24 -33.31
C LYS B 524 0.14 26.10 -32.38
N ASN B 525 0.55 26.12 -31.11
CA ASN B 525 -0.09 26.90 -30.05
C ASN B 525 -1.57 26.56 -29.89
N LYS B 526 -1.86 25.26 -29.86
CA LYS B 526 -3.23 24.79 -29.70
C LYS B 526 -3.20 23.38 -29.11
N CYS B 527 -4.06 23.15 -28.13
CA CYS B 527 -4.17 21.84 -27.49
C CYS B 527 -4.79 20.86 -28.48
N VAL B 528 -3.97 20.01 -29.09
CA VAL B 528 -4.39 19.11 -30.16
C VAL B 528 -3.92 17.71 -29.84
N ASN B 529 -4.25 16.78 -30.73
CA ASN B 529 -3.77 15.40 -30.66
C ASN B 529 -2.79 15.19 -31.82
N PHE B 530 -1.58 14.75 -31.50
CA PHE B 530 -0.55 14.56 -32.51
C PHE B 530 -0.19 13.08 -32.64
N ASN B 531 0.41 12.75 -33.79
CA ASN B 531 0.87 11.38 -34.05
C ASN B 531 1.99 11.50 -35.09
N PHE B 532 3.23 11.42 -34.64
CA PHE B 532 4.35 11.70 -35.54
C PHE B 532 4.88 10.43 -36.21
N ASN B 533 5.42 9.49 -35.44
CA ASN B 533 5.76 8.17 -35.97
C ASN B 533 5.29 7.13 -34.95
N GLY B 534 4.02 6.77 -35.03
CA GLY B 534 3.42 5.88 -34.04
C GLY B 534 3.43 6.41 -32.62
N LEU B 535 3.62 7.71 -32.44
CA LEU B 535 3.76 8.34 -31.14
C LEU B 535 2.58 9.28 -30.95
N THR B 536 1.52 8.78 -30.33
CA THR B 536 0.28 9.52 -30.15
C THR B 536 0.30 10.22 -28.79
N GLY B 537 -0.09 11.48 -28.76
CA GLY B 537 -0.15 12.23 -27.52
C GLY B 537 -1.13 13.38 -27.57
N THR B 538 -1.08 14.25 -26.56
CA THR B 538 -1.98 15.41 -26.50
C THR B 538 -1.24 16.55 -25.84
N GLY B 539 -1.28 17.73 -26.45
CA GLY B 539 -0.60 18.88 -25.90
C GLY B 539 -0.55 19.99 -26.93
N VAL B 540 0.29 20.98 -26.64
CA VAL B 540 0.52 22.10 -27.56
C VAL B 540 1.90 21.94 -28.19
N LEU B 541 2.03 22.41 -29.42
CA LEU B 541 3.28 22.35 -30.17
C LEU B 541 3.87 23.74 -30.29
N THR B 542 5.15 23.87 -29.95
CA THR B 542 5.84 25.15 -29.93
C THR B 542 7.23 24.96 -30.55
N SER B 543 7.67 25.93 -31.33
CA SER B 543 9.01 25.89 -31.90
C SER B 543 10.06 25.91 -30.80
N SER B 544 11.09 25.09 -30.97
CA SER B 544 12.06 24.84 -29.92
C SER B 544 13.44 25.33 -30.33
N THR B 545 14.36 25.28 -29.37
CA THR B 545 15.77 25.62 -29.59
C THR B 545 16.71 24.52 -29.15
N LYS B 546 16.19 23.32 -28.88
CA LYS B 546 17.03 22.22 -28.44
C LYS B 546 17.87 21.67 -29.59
N LYS B 547 19.00 21.07 -29.25
CA LYS B 547 19.89 20.45 -30.21
C LYS B 547 19.87 18.94 -30.01
N PHE B 548 19.57 18.19 -31.07
CA PHE B 548 19.50 16.75 -31.04
C PHE B 548 20.72 16.10 -31.69
N GLN B 549 20.82 14.79 -31.47
CA GLN B 549 21.75 13.95 -32.19
C GLN B 549 21.30 13.81 -33.64
N PRO B 550 22.21 13.43 -34.55
CA PRO B 550 21.78 13.24 -35.96
C PRO B 550 20.73 12.17 -36.16
N PHE B 551 20.67 11.15 -35.31
CA PHE B 551 19.67 10.08 -35.44
C PHE B 551 18.62 10.15 -34.33
N GLN B 552 18.58 11.26 -33.58
CA GLN B 552 17.56 11.48 -32.57
C GLN B 552 16.20 11.71 -33.23
N GLN B 553 15.16 11.17 -32.62
CA GLN B 553 13.80 11.39 -33.10
C GLN B 553 12.89 12.05 -32.07
N PHE B 554 13.04 11.74 -30.79
CA PHE B 554 12.27 12.41 -29.75
C PHE B 554 13.12 12.48 -28.48
N GLY B 555 12.86 13.49 -27.68
CA GLY B 555 13.59 13.72 -26.44
C GLY B 555 12.72 13.43 -25.24
N ARG B 556 13.33 12.85 -24.21
CA ARG B 556 12.64 12.48 -22.99
C ARG B 556 13.11 13.35 -21.84
N ASP B 557 12.36 13.28 -20.74
CA ASP B 557 12.58 14.07 -19.54
C ASP B 557 12.98 13.08 -18.45
N VAL B 558 13.47 13.59 -17.31
CA VAL B 558 13.85 12.70 -16.21
C VAL B 558 12.62 12.01 -15.61
N SER B 559 11.44 12.61 -15.78
CA SER B 559 10.19 11.93 -15.43
C SER B 559 9.67 11.03 -16.55
N ASP B 560 10.42 10.94 -17.66
CA ASP B 560 10.19 9.99 -18.76
C ASP B 560 8.84 10.23 -19.44
N PHE B 561 8.71 11.43 -19.99
CA PHE B 561 7.66 11.69 -20.97
C PHE B 561 8.24 12.59 -22.04
N THR B 562 7.69 12.47 -23.25
CA THR B 562 8.24 13.17 -24.41
C THR B 562 7.92 14.66 -24.33
N ASP B 563 8.97 15.49 -24.34
CA ASP B 563 8.81 16.93 -24.34
C ASP B 563 9.32 17.60 -25.61
N SER B 564 9.90 16.83 -26.53
CA SER B 564 10.37 17.38 -27.80
C SER B 564 10.36 16.28 -28.85
N VAL B 565 10.14 16.68 -30.11
CA VAL B 565 10.05 15.74 -31.21
C VAL B 565 10.62 16.42 -32.45
N ARG B 566 11.11 15.61 -33.39
CA ARG B 566 11.60 16.10 -34.67
C ARG B 566 10.57 15.79 -35.75
N ASP B 567 10.17 16.81 -36.49
CA ASP B 567 9.17 16.64 -37.53
C ASP B 567 9.77 15.85 -38.70
N PRO B 568 9.13 14.76 -39.14
CA PRO B 568 9.74 13.92 -40.18
C PRO B 568 9.84 14.58 -41.54
N LYS B 569 8.92 15.50 -41.88
CA LYS B 569 8.96 16.11 -43.21
C LYS B 569 10.01 17.23 -43.26
N THR B 570 9.83 18.26 -42.45
CA THR B 570 10.81 19.34 -42.32
C THR B 570 11.60 19.10 -41.03
N PHE B 571 12.91 18.93 -41.18
CA PHE B 571 13.73 18.49 -40.05
C PHE B 571 13.93 19.61 -39.03
N GLU B 572 12.89 19.91 -38.26
CA GLU B 572 12.94 20.90 -37.19
C GLU B 572 12.49 20.25 -35.89
N ILE B 573 12.88 20.87 -34.79
CA ILE B 573 12.63 20.35 -33.44
C ILE B 573 11.53 21.18 -32.81
N LEU B 574 10.48 20.51 -32.34
CA LEU B 574 9.34 21.14 -31.68
C LEU B 574 9.38 20.87 -30.18
N ASP B 575 8.50 21.55 -29.45
CA ASP B 575 8.36 21.38 -28.02
C ASP B 575 6.94 20.92 -27.69
N ILE B 576 6.82 19.98 -26.77
CA ILE B 576 5.54 19.49 -26.29
C ILE B 576 5.44 19.84 -24.81
N SER B 577 4.42 20.62 -24.45
CA SER B 577 4.07 20.91 -23.08
C SER B 577 2.57 20.69 -22.91
N PRO B 578 2.11 20.37 -21.70
CA PRO B 578 0.67 20.18 -21.48
C PRO B 578 -0.10 21.48 -21.73
N CYS B 579 -1.31 21.33 -22.25
CA CYS B 579 -2.11 22.49 -22.61
C CYS B 579 -2.86 23.09 -21.42
N SER B 580 -2.66 22.54 -20.22
CA SER B 580 -3.06 23.23 -18.99
C SER B 580 -2.16 22.70 -17.88
N TYR B 581 -1.15 23.49 -17.50
CA TYR B 581 -0.30 23.15 -16.38
C TYR B 581 -0.19 24.36 -15.46
N GLY B 582 -0.14 24.09 -14.16
CA GLY B 582 -0.23 25.15 -13.18
C GLY B 582 -1.61 25.18 -12.55
N GLY B 583 -1.67 25.45 -11.24
CA GLY B 583 -2.94 25.40 -10.54
C GLY B 583 -3.81 26.61 -10.80
N VAL B 584 -5.11 26.40 -10.65
CA VAL B 584 -6.11 27.46 -10.75
C VAL B 584 -7.05 27.30 -9.56
N SER B 585 -7.19 28.36 -8.76
CA SER B 585 -8.03 28.33 -7.57
C SER B 585 -9.21 29.27 -7.73
N VAL B 586 -10.37 28.83 -7.26
CA VAL B 586 -11.60 29.61 -7.35
C VAL B 586 -11.99 30.02 -5.93
N ILE B 587 -12.12 31.33 -5.71
CA ILE B 587 -12.50 31.90 -4.42
C ILE B 587 -13.97 32.25 -4.46
N THR B 588 -14.73 31.71 -3.51
CA THR B 588 -16.17 31.92 -3.49
C THR B 588 -16.64 32.23 -2.09
N PRO B 589 -17.72 33.00 -1.95
CA PRO B 589 -18.51 32.95 -0.71
C PRO B 589 -19.43 31.75 -0.72
N GLY B 590 -20.36 31.67 0.23
CA GLY B 590 -21.33 30.60 0.20
C GLY B 590 -22.21 30.65 -1.03
N THR B 591 -22.55 29.46 -1.54
CA THR B 591 -23.44 29.37 -2.70
C THR B 591 -24.83 29.86 -2.35
N ASN B 592 -25.28 29.57 -1.12
CA ASN B 592 -26.53 30.13 -0.63
C ASN B 592 -26.43 31.64 -0.44
N THR B 593 -25.22 32.15 -0.18
CA THR B 593 -25.04 33.57 0.05
C THR B 593 -25.06 34.37 -1.24
N SER B 594 -24.22 33.99 -2.20
CA SER B 594 -24.10 34.74 -3.45
C SER B 594 -23.80 33.78 -4.59
N LYS B 595 -23.55 34.36 -5.76
CA LYS B 595 -23.36 33.60 -6.99
C LYS B 595 -22.00 33.88 -7.64
N ALA B 596 -21.44 35.07 -7.44
CA ALA B 596 -20.21 35.48 -8.10
C ALA B 596 -18.99 34.82 -7.46
N VAL B 597 -17.96 34.57 -8.28
CA VAL B 597 -16.73 33.93 -7.83
C VAL B 597 -15.54 34.72 -8.37
N ALA B 598 -14.37 34.44 -7.81
CA ALA B 598 -13.12 35.00 -8.28
C ALA B 598 -12.14 33.87 -8.56
N VAL B 599 -11.25 34.10 -9.53
CA VAL B 599 -10.32 33.09 -10.01
C VAL B 599 -8.90 33.56 -9.75
N LEU B 600 -8.10 32.71 -9.12
CA LEU B 600 -6.70 32.98 -8.85
C LEU B 600 -5.82 32.02 -9.64
N TYR B 601 -4.90 32.57 -10.42
CA TYR B 601 -3.88 31.78 -11.11
C TYR B 601 -2.62 31.76 -10.25
N GLN B 602 -1.99 30.59 -10.16
CA GLN B 602 -1.03 30.36 -9.09
C GLN B 602 0.28 31.11 -9.22
N ASP B 603 1.07 30.81 -10.25
CA ASP B 603 2.44 31.33 -10.35
C ASP B 603 2.72 31.85 -11.75
N VAL B 604 1.80 32.63 -12.30
CA VAL B 604 1.99 33.22 -13.62
C VAL B 604 1.95 34.73 -13.50
N ASN B 605 2.65 35.41 -14.41
CA ASN B 605 2.44 36.83 -14.59
C ASN B 605 1.07 37.07 -15.19
N CYS B 606 0.54 38.26 -14.98
CA CYS B 606 -0.88 38.47 -15.26
C CYS B 606 -1.08 39.21 -16.57
N THR B 607 -0.01 39.59 -17.26
CA THR B 607 -0.12 40.16 -18.59
C THR B 607 -0.15 39.10 -19.69
N ASP B 608 0.11 37.83 -19.35
CA ASP B 608 0.04 36.72 -20.29
C ASP B 608 -0.83 35.61 -19.74
N VAL B 609 -1.90 35.98 -19.04
CA VAL B 609 -2.93 35.01 -18.66
C VAL B 609 -3.61 34.35 -19.87
N PRO B 610 -4.04 35.08 -20.92
CA PRO B 610 -4.64 34.38 -22.06
C PRO B 610 -3.70 33.47 -22.83
N THR B 611 -2.38 33.62 -22.66
CA THR B 611 -1.44 32.71 -23.32
C THR B 611 -1.48 31.33 -22.68
N MET B 612 -1.53 31.26 -21.35
CA MET B 612 -1.46 30.00 -20.63
C MET B 612 -2.82 29.34 -20.42
N ILE B 613 -3.91 30.01 -20.77
CA ILE B 613 -5.25 29.44 -20.61
C ILE B 613 -5.86 29.05 -21.96
N HIS B 614 -5.29 29.52 -23.07
CA HIS B 614 -5.76 29.27 -24.44
C HIS B 614 -7.20 29.75 -24.60
N VAL B 615 -7.34 31.08 -24.50
CA VAL B 615 -8.65 31.73 -24.54
C VAL B 615 -9.32 31.61 -25.90
N GLU B 616 -8.55 31.31 -26.96
CA GLU B 616 -9.12 31.19 -28.30
C GLU B 616 -10.01 29.95 -28.46
N GLN B 617 -9.89 28.97 -27.56
CA GLN B 617 -10.70 27.76 -27.63
C GLN B 617 -11.32 27.38 -26.29
N VAL B 618 -11.35 28.30 -25.33
CA VAL B 618 -12.03 28.10 -24.06
C VAL B 618 -13.48 28.51 -24.26
N SER B 619 -14.36 28.18 -23.32
CA SER B 619 -15.77 28.53 -23.42
C SER B 619 -15.97 30.04 -23.35
N SER B 620 -17.19 30.47 -23.70
CA SER B 620 -17.47 31.91 -23.80
C SER B 620 -17.54 32.57 -22.43
N ASP B 621 -18.09 31.86 -21.43
CA ASP B 621 -18.21 32.42 -20.08
C ASP B 621 -16.88 32.48 -19.35
N TRP B 622 -15.85 31.80 -19.86
CA TRP B 622 -14.51 31.89 -19.29
C TRP B 622 -13.72 33.09 -19.82
N ARG B 623 -14.22 33.75 -20.87
CA ARG B 623 -13.47 34.85 -21.48
C ARG B 623 -13.49 36.09 -20.60
N VAL B 624 -14.55 36.29 -19.80
CA VAL B 624 -14.62 37.44 -18.93
C VAL B 624 -13.68 37.32 -17.73
N TYR B 625 -13.12 36.14 -17.48
CA TYR B 625 -12.16 35.94 -16.42
C TYR B 625 -10.72 35.86 -16.92
N ALA B 626 -10.47 36.33 -18.14
CA ALA B 626 -9.12 36.35 -18.71
C ALA B 626 -8.80 37.67 -19.38
N PHE B 627 -9.54 38.73 -19.07
CA PHE B 627 -9.31 40.04 -19.67
C PHE B 627 -9.55 41.12 -18.62
N ASN B 628 -8.97 42.30 -18.89
CA ASN B 628 -8.99 43.44 -17.97
C ASN B 628 -9.98 44.50 -18.42
N SER B 629 -11.15 44.07 -18.93
CA SER B 629 -12.14 45.02 -19.43
C SER B 629 -12.74 45.86 -18.33
N TYR B 630 -13.03 45.25 -17.17
CA TYR B 630 -13.68 45.98 -16.09
C TYR B 630 -12.67 46.76 -15.25
N GLY B 631 -11.54 46.15 -14.91
CA GLY B 631 -10.56 46.78 -14.06
C GLY B 631 -10.32 46.03 -12.77
N ASN B 632 -10.84 44.81 -12.69
CA ASN B 632 -10.72 43.97 -11.51
C ASN B 632 -9.53 43.04 -11.57
N MET B 633 -8.69 43.15 -12.59
CA MET B 633 -7.61 42.20 -12.85
C MET B 633 -6.30 42.85 -12.37
N PHE B 634 -5.88 42.49 -11.16
CA PHE B 634 -4.72 43.12 -10.53
C PHE B 634 -3.76 42.05 -10.02
N GLN B 635 -2.47 42.37 -10.03
CA GLN B 635 -1.41 41.41 -9.74
C GLN B 635 -1.08 41.40 -8.24
N THR B 636 -1.04 40.20 -7.67
CA THR B 636 -0.59 39.96 -6.31
C THR B 636 0.76 39.26 -6.32
N GLN B 637 1.23 38.85 -5.15
CA GLN B 637 2.51 38.11 -5.05
C GLN B 637 2.21 36.60 -5.06
N ALA B 638 0.95 36.23 -4.86
CA ALA B 638 0.56 34.80 -4.86
C ALA B 638 -0.04 34.42 -6.20
N GLY B 639 0.12 35.29 -7.20
CA GLY B 639 -0.43 35.02 -8.55
C GLY B 639 -1.20 36.21 -9.09
N CYS B 640 -2.24 35.95 -9.90
CA CYS B 640 -3.01 37.05 -10.53
C CYS B 640 -4.51 36.84 -10.21
N LEU B 641 -5.19 37.88 -9.70
CA LEU B 641 -6.61 37.75 -9.30
C LEU B 641 -7.54 38.40 -10.34
N VAL B 642 -8.70 37.78 -10.61
CA VAL B 642 -9.67 38.28 -11.58
C VAL B 642 -11.04 38.13 -10.97
N GLY B 643 -11.80 39.23 -10.95
CA GLY B 643 -13.12 39.25 -10.36
C GLY B 643 -13.22 39.85 -8.98
N ALA B 644 -12.14 40.42 -8.46
CA ALA B 644 -12.14 41.06 -7.15
C ALA B 644 -11.46 42.41 -7.25
N ILE B 645 -11.94 43.36 -6.45
CA ILE B 645 -11.42 44.73 -6.44
C ILE B 645 -10.59 44.92 -5.19
N TYR B 646 -9.43 45.55 -5.35
CA TYR B 646 -8.51 45.76 -4.23
C TYR B 646 -8.96 46.92 -3.36
N GLU B 647 -8.67 46.82 -2.07
CA GLU B 647 -8.99 47.85 -1.10
C GLU B 647 -7.77 48.15 -0.25
N ASN B 648 -7.60 49.42 0.12
CA ASN B 648 -6.43 49.85 0.88
C ASN B 648 -6.58 49.65 2.37
N THR B 649 -7.81 49.64 2.89
CA THR B 649 -8.02 49.46 4.31
C THR B 649 -7.75 48.00 4.71
N THR B 650 -7.20 47.83 5.90
CA THR B 650 -6.82 46.51 6.40
C THR B 650 -7.89 45.99 7.36
N TYR B 651 -8.18 44.69 7.26
CA TYR B 651 -9.16 44.04 8.10
C TYR B 651 -8.56 42.73 8.62
N GLU B 652 -9.31 42.06 9.51
CA GLU B 652 -8.96 40.72 9.93
C GLU B 652 -9.21 39.74 8.80
N CYS B 653 -8.35 38.73 8.69
CA CYS B 653 -8.41 37.80 7.57
C CYS B 653 -9.65 36.93 7.64
N ASP B 654 -10.34 36.79 6.50
CA ASP B 654 -11.53 35.96 6.39
C ASP B 654 -11.30 34.75 5.48
N ILE B 655 -10.88 34.98 4.24
CA ILE B 655 -10.56 33.90 3.31
C ILE B 655 -9.10 34.03 2.92
N PRO B 656 -8.22 33.17 3.41
CA PRO B 656 -6.79 33.31 3.10
C PRO B 656 -6.49 32.99 1.64
N ILE B 657 -5.65 33.84 1.03
CA ILE B 657 -5.21 33.67 -0.35
C ILE B 657 -3.72 33.37 -0.42
N GLY B 658 -2.91 34.14 0.29
CA GLY B 658 -1.48 33.95 0.33
C GLY B 658 -0.76 35.28 0.27
N ALA B 659 0.45 35.30 0.85
CA ALA B 659 1.34 36.47 0.88
C ALA B 659 0.65 37.69 1.51
N GLY B 660 -0.04 37.47 2.62
CA GLY B 660 -0.63 38.56 3.37
C GLY B 660 -1.84 39.20 2.74
N ILE B 661 -2.52 38.49 1.85
CA ILE B 661 -3.70 39.00 1.16
C ILE B 661 -4.87 38.07 1.45
N CYS B 662 -5.99 38.64 1.88
CA CYS B 662 -7.20 37.88 2.16
C CYS B 662 -8.34 38.42 1.31
N ALA B 663 -9.51 37.79 1.45
CA ALA B 663 -10.71 38.19 0.71
C ALA B 663 -11.92 38.07 1.61
N LYS B 664 -12.97 38.83 1.27
CA LYS B 664 -14.21 38.81 2.01
C LYS B 664 -15.34 39.27 1.10
N PHE B 665 -16.57 39.02 1.54
CA PHE B 665 -17.76 39.36 0.79
C PHE B 665 -18.36 40.66 1.34
N GLY B 666 -18.65 41.60 0.45
CA GLY B 666 -19.24 42.86 0.84
C GLY B 666 -18.19 43.93 1.09
N SER B 667 -18.65 45.18 1.04
CA SER B 667 -17.77 46.32 1.25
C SER B 667 -18.62 47.51 1.72
N ASP B 668 -17.92 48.51 2.26
CA ASP B 668 -18.56 49.72 2.76
C ASP B 668 -18.58 50.84 1.73
N LYS B 669 -18.09 50.60 0.52
CA LYS B 669 -18.06 51.63 -0.51
C LYS B 669 -19.44 51.83 -1.15
N MET B 672 -20.16 51.16 -4.86
CA MET B 672 -21.16 50.38 -4.14
C MET B 672 -20.96 48.88 -4.36
N GLY B 673 -20.32 48.22 -3.40
CA GLY B 673 -20.13 46.79 -3.46
C GLY B 673 -21.23 46.01 -2.80
N GLN B 674 -22.41 45.95 -3.44
CA GLN B 674 -23.52 45.23 -2.83
C GLN B 674 -23.35 43.71 -2.93
N GLU B 675 -22.67 43.22 -3.97
CA GLU B 675 -22.41 41.80 -4.11
C GLU B 675 -21.02 41.47 -4.61
N SER B 676 -20.15 42.47 -4.82
CA SER B 676 -18.79 42.21 -5.25
C SER B 676 -17.92 41.89 -4.05
N ILE B 677 -16.96 40.98 -4.23
CA ILE B 677 -16.02 40.63 -3.18
C ILE B 677 -14.80 41.52 -3.32
N VAL B 678 -14.09 41.72 -2.20
CA VAL B 678 -12.95 42.62 -2.17
C VAL B 678 -11.73 41.85 -1.68
N ALA B 679 -10.56 42.31 -2.10
CA ALA B 679 -9.28 41.77 -1.67
C ALA B 679 -8.50 42.85 -0.94
N TYR B 680 -7.93 42.49 0.21
CA TYR B 680 -7.25 43.46 1.06
C TYR B 680 -6.00 42.82 1.63
N THR B 681 -5.20 43.65 2.30
CA THR B 681 -4.04 43.18 3.04
C THR B 681 -4.42 43.01 4.51
N MET B 682 -4.11 41.84 5.06
CA MET B 682 -4.51 41.54 6.43
C MET B 682 -3.70 42.37 7.42
N SER B 683 -4.30 42.60 8.59
CA SER B 683 -3.69 43.39 9.65
C SER B 683 -3.12 42.48 10.72
N ILE B 684 -2.01 42.92 11.32
CA ILE B 684 -1.34 42.15 12.35
C ILE B 684 -1.53 42.84 13.70
N GLY B 685 -2.54 43.70 13.79
CA GLY B 685 -2.83 44.45 14.99
C GLY B 685 -2.90 45.95 14.71
N GLU B 686 -2.77 46.73 15.77
CA GLU B 686 -2.84 48.18 15.67
C GLU B 686 -1.58 48.78 16.27
N ASP B 687 -1.13 49.88 15.67
CA ASP B 687 0.06 50.56 16.14
C ASP B 687 -0.21 51.27 17.46
N GLN B 688 0.70 51.09 18.42
CA GLN B 688 0.57 51.69 19.75
C GLN B 688 1.97 52.12 20.20
N SER B 689 2.29 53.39 19.99
CA SER B 689 3.58 53.92 20.43
C SER B 689 3.58 54.08 21.95
N ILE B 690 4.67 53.64 22.57
CA ILE B 690 4.83 53.72 24.02
C ILE B 690 6.06 54.58 24.32
N ALA B 691 5.94 55.42 25.34
CA ALA B 691 7.01 56.34 25.71
C ALA B 691 7.93 55.70 26.74
N TYR B 692 9.21 56.00 26.62
CA TYR B 692 10.23 55.51 27.55
C TYR B 692 10.90 56.69 28.24
N SER B 693 11.08 56.56 29.55
CA SER B 693 11.77 57.57 30.34
C SER B 693 12.58 56.88 31.42
N ASN B 694 13.61 57.56 31.90
CA ASN B 694 14.53 57.00 32.88
C ASN B 694 14.07 57.19 34.32
N ASN B 695 13.03 57.99 34.56
CA ASN B 695 12.55 58.22 35.92
C ASN B 695 11.03 58.26 35.98
N ILE B 696 10.35 57.52 35.12
CA ILE B 696 8.90 57.44 35.10
C ILE B 696 8.49 55.97 35.19
N ILE B 697 7.60 55.67 36.14
CA ILE B 697 7.09 54.32 36.33
C ILE B 697 5.56 54.40 36.32
N ALA B 698 4.94 53.28 35.97
CA ALA B 698 3.49 53.16 35.95
C ALA B 698 3.06 52.05 36.91
N ILE B 699 2.15 52.38 37.82
CA ILE B 699 1.69 51.44 38.83
C ILE B 699 0.16 51.42 38.84
N PRO B 700 -0.47 50.25 38.75
CA PRO B 700 -1.93 50.20 38.73
C PRO B 700 -2.55 50.59 40.06
N THR B 701 -3.75 51.15 39.98
CA THR B 701 -4.53 51.52 41.15
C THR B 701 -5.78 50.68 41.33
N ASN B 702 -6.09 49.78 40.39
CA ASN B 702 -7.26 48.93 40.48
C ASN B 702 -6.97 47.65 39.72
N PHE B 703 -7.94 46.72 39.75
CA PHE B 703 -7.76 45.42 39.12
C PHE B 703 -9.13 44.83 38.81
N SER B 704 -9.12 43.78 38.00
CA SER B 704 -10.33 43.07 37.64
C SER B 704 -10.06 41.57 37.63
N ILE B 705 -11.13 40.80 37.82
CA ILE B 705 -11.05 39.34 37.88
C ILE B 705 -11.78 38.78 36.66
N SER B 706 -11.09 37.95 35.89
CA SER B 706 -11.63 37.39 34.66
C SER B 706 -11.63 35.87 34.73
N VAL B 707 -12.54 35.26 33.98
CA VAL B 707 -12.66 33.81 33.88
C VAL B 707 -12.44 33.43 32.43
N THR B 708 -11.48 32.54 32.18
CA THR B 708 -11.09 32.14 30.84
C THR B 708 -11.47 30.69 30.61
N THR B 709 -12.05 30.41 29.44
CA THR B 709 -12.49 29.06 29.07
C THR B 709 -11.63 28.56 27.93
N GLU B 710 -11.00 27.40 28.13
CA GLU B 710 -10.23 26.74 27.08
C GLU B 710 -10.59 25.26 27.03
N VAL B 711 -10.62 24.71 25.83
CA VAL B 711 -11.04 23.32 25.59
C VAL B 711 -9.94 22.59 24.85
N LEU B 712 -9.87 21.27 25.06
CA LEU B 712 -8.91 20.42 24.37
C LEU B 712 -9.38 18.97 24.45
N PRO B 713 -9.30 18.22 23.35
CA PRO B 713 -9.83 16.85 23.35
C PRO B 713 -8.97 15.89 24.16
N VAL B 714 -9.62 14.82 24.62
CA VAL B 714 -8.99 13.81 25.47
C VAL B 714 -8.95 12.44 24.80
N SER B 715 -10.07 12.03 24.20
CA SER B 715 -10.16 10.72 23.59
C SER B 715 -11.09 10.76 22.38
N MET B 716 -10.99 9.74 21.53
CA MET B 716 -11.86 9.57 20.39
C MET B 716 -12.77 8.36 20.60
N THR B 717 -13.53 8.01 19.57
CA THR B 717 -14.38 6.83 19.61
C THR B 717 -13.57 5.58 19.28
N LYS B 718 -13.92 4.48 19.96
CA LYS B 718 -13.26 3.21 19.73
C LYS B 718 -13.99 2.44 18.64
N THR B 719 -13.24 1.91 17.67
CA THR B 719 -13.80 1.23 16.52
C THR B 719 -13.17 -0.14 16.36
N SER B 720 -13.89 -1.02 15.66
CA SER B 720 -13.43 -2.37 15.40
C SER B 720 -13.90 -2.79 14.01
N VAL B 721 -13.16 -3.70 13.38
CA VAL B 721 -13.45 -4.13 12.02
C VAL B 721 -13.32 -5.65 11.94
N ASP B 722 -14.07 -6.24 11.02
CA ASP B 722 -14.00 -7.68 10.72
C ASP B 722 -13.67 -7.82 9.24
N CYS B 723 -12.51 -8.43 8.95
CA CYS B 723 -12.08 -8.59 7.57
C CYS B 723 -12.99 -9.53 6.78
N ASN B 724 -13.38 -10.65 7.39
CA ASN B 724 -14.05 -11.72 6.66
C ASN B 724 -15.43 -11.33 6.16
N MET B 725 -16.08 -10.34 6.79
CA MET B 725 -17.34 -9.83 6.29
C MET B 725 -17.24 -8.46 5.65
N TYR B 726 -16.06 -7.85 5.64
CA TYR B 726 -15.84 -6.63 4.88
C TYR B 726 -15.31 -6.93 3.48
N ILE B 727 -14.25 -7.74 3.40
CA ILE B 727 -13.62 -8.04 2.11
C ILE B 727 -14.51 -8.97 1.29
N CYS B 728 -15.01 -10.04 1.90
CA CYS B 728 -15.88 -10.99 1.22
C CYS B 728 -17.34 -10.89 1.61
N GLY B 729 -17.65 -11.03 2.89
CA GLY B 729 -19.03 -11.14 3.31
C GLY B 729 -19.40 -12.55 3.67
N ASP B 730 -20.42 -13.10 3.01
CA ASP B 730 -20.86 -14.47 3.24
C ASP B 730 -20.37 -15.42 2.17
N SER B 731 -19.45 -14.99 1.31
CA SER B 731 -18.94 -15.82 0.21
C SER B 731 -17.81 -16.69 0.75
N THR B 732 -18.02 -18.00 0.77
CA THR B 732 -16.99 -18.94 1.19
C THR B 732 -16.02 -19.28 0.07
N GLU B 733 -16.29 -18.84 -1.16
CA GLU B 733 -15.36 -19.10 -2.25
C GLU B 733 -14.12 -18.23 -2.15
N CYS B 734 -14.23 -17.05 -1.54
CA CYS B 734 -13.10 -16.15 -1.37
C CYS B 734 -12.59 -16.07 0.06
N SER B 735 -13.24 -16.74 1.02
CA SER B 735 -12.66 -16.87 2.34
C SER B 735 -11.35 -17.66 2.30
N ASN B 736 -11.36 -18.77 1.55
CA ASN B 736 -10.13 -19.55 1.36
C ASN B 736 -9.07 -18.76 0.60
N LEU B 737 -9.48 -17.85 -0.29
CA LEU B 737 -8.53 -17.06 -1.03
C LEU B 737 -7.93 -15.93 -0.18
N LEU B 738 -8.74 -15.36 0.71
CA LEU B 738 -8.23 -14.40 1.68
C LEU B 738 -7.32 -15.07 2.70
N LEU B 739 -7.55 -16.36 2.96
CA LEU B 739 -6.67 -17.11 3.84
C LEU B 739 -5.26 -17.26 3.27
N GLN B 740 -5.09 -17.14 1.95
CA GLN B 740 -3.78 -17.29 1.31
C GLN B 740 -2.97 -16.00 1.28
N TYR B 741 -3.48 -14.91 1.83
CA TYR B 741 -2.77 -13.64 1.82
C TYR B 741 -1.97 -13.38 3.09
N GLY B 742 -1.98 -14.30 4.05
CA GLY B 742 -1.16 -14.16 5.23
C GLY B 742 -1.90 -13.67 6.46
N SER B 743 -1.24 -12.83 7.26
CA SER B 743 -1.79 -12.38 8.53
C SER B 743 -1.86 -10.86 8.61
N PHE B 744 -2.34 -10.22 7.53
CA PHE B 744 -2.51 -8.76 7.56
C PHE B 744 -3.62 -8.36 8.52
N CYS B 745 -4.72 -9.10 8.52
CA CYS B 745 -5.88 -8.73 9.33
C CYS B 745 -5.64 -8.89 10.81
N THR B 746 -4.78 -9.82 11.22
CA THR B 746 -4.38 -9.90 12.63
C THR B 746 -3.64 -8.64 13.05
N GLN B 747 -2.77 -8.13 12.17
CA GLN B 747 -2.08 -6.87 12.44
C GLN B 747 -3.07 -5.70 12.54
N LEU B 748 -4.05 -5.67 11.64
CA LEU B 748 -5.09 -4.63 11.68
C LEU B 748 -5.88 -4.69 12.99
N ASN B 749 -6.28 -5.89 13.41
CA ASN B 749 -7.06 -6.04 14.63
C ASN B 749 -6.24 -5.68 15.86
N ARG B 750 -4.96 -6.06 15.89
CA ARG B 750 -4.11 -5.70 17.02
C ARG B 750 -3.90 -4.19 17.10
N ALA B 751 -3.71 -3.52 15.95
CA ALA B 751 -3.57 -2.07 15.96
C ALA B 751 -4.82 -1.38 16.45
N LEU B 752 -6.00 -1.83 15.98
CA LEU B 752 -7.25 -1.21 16.41
C LEU B 752 -7.52 -1.47 17.89
N SER B 753 -7.17 -2.66 18.38
CA SER B 753 -7.34 -2.97 19.80
C SER B 753 -6.41 -2.12 20.66
N GLY B 754 -5.18 -1.90 20.21
CA GLY B 754 -4.27 -1.02 20.94
C GLY B 754 -4.79 0.41 21.00
N ILE B 755 -5.35 0.91 19.89
CA ILE B 755 -5.95 2.24 19.88
C ILE B 755 -7.13 2.30 20.85
N ALA B 756 -7.97 1.27 20.86
CA ALA B 756 -9.13 1.24 21.73
C ALA B 756 -8.75 1.22 23.21
N VAL B 757 -7.69 0.48 23.55
CA VAL B 757 -7.21 0.47 24.93
C VAL B 757 -6.61 1.80 25.31
N GLU B 758 -5.86 2.42 24.38
CA GLU B 758 -5.22 3.71 24.66
C GLU B 758 -6.26 4.81 24.88
N GLN B 759 -7.39 4.74 24.17
CA GLN B 759 -8.42 5.76 24.33
C GLN B 759 -9.04 5.75 25.72
N ASP B 760 -9.18 4.58 26.34
CA ASP B 760 -9.65 4.52 27.72
C ASP B 760 -8.55 4.85 28.71
N ARG B 761 -7.30 4.52 28.38
CA ARG B 761 -6.18 4.88 29.23
C ARG B 761 -6.02 6.40 29.34
N ASN B 762 -6.31 7.13 28.26
CA ASN B 762 -6.21 8.59 28.30
C ASN B 762 -7.20 9.20 29.28
N THR B 763 -8.47 8.82 29.17
CA THR B 763 -9.49 9.38 30.05
C THR B 763 -9.38 8.86 31.47
N ARG B 764 -8.72 7.70 31.68
CA ARG B 764 -8.37 7.34 33.05
C ARG B 764 -7.23 8.20 33.57
N ASP B 765 -6.27 8.54 32.71
CA ASP B 765 -5.13 9.36 33.14
C ASP B 765 -5.54 10.79 33.48
N VAL B 766 -6.55 11.32 32.81
CA VAL B 766 -6.92 12.72 33.05
C VAL B 766 -7.77 12.85 34.33
N PHE B 767 -8.89 12.15 34.40
CA PHE B 767 -9.86 12.32 35.48
C PHE B 767 -9.66 11.35 36.63
N ALA B 768 -8.44 11.22 37.16
CA ALA B 768 -8.26 10.35 38.33
C ALA B 768 -7.26 10.92 39.32
N GLN B 769 -7.17 12.25 39.43
CA GLN B 769 -6.15 12.86 40.26
C GLN B 769 -6.48 12.79 41.76
N THR B 770 -7.73 12.54 42.12
CA THR B 770 -8.13 12.65 43.52
C THR B 770 -8.21 11.32 44.25
N LYS B 771 -8.52 10.22 43.54
CA LYS B 771 -8.59 8.83 44.03
C LYS B 771 -9.46 8.65 45.30
N SER B 772 -10.29 9.63 45.63
CA SER B 772 -11.17 9.55 46.81
C SER B 772 -12.29 10.55 46.60
N ILE B 773 -13.52 10.04 46.52
CA ILE B 773 -14.66 10.89 46.18
C ILE B 773 -15.08 11.68 47.41
N TYR B 774 -15.13 13.01 47.26
CA TYR B 774 -15.56 13.91 48.31
C TYR B 774 -17.03 14.27 48.10
N LYS B 775 -17.82 14.18 49.16
CA LYS B 775 -19.24 14.49 49.06
C LYS B 775 -19.45 16.00 48.90
N THR B 776 -20.34 16.36 48.00
CA THR B 776 -20.63 17.77 47.74
C THR B 776 -21.39 18.38 48.92
N PRO B 777 -20.90 19.48 49.48
CA PRO B 777 -21.65 20.14 50.56
C PRO B 777 -22.96 20.73 50.07
N ASN B 778 -23.95 20.73 50.96
CA ASN B 778 -25.27 21.26 50.58
C ASN B 778 -25.29 22.79 50.57
N ILE B 779 -24.49 23.43 51.43
CA ILE B 779 -24.48 24.87 51.53
C ILE B 779 -23.27 25.42 50.79
N LYS B 780 -23.40 26.65 50.27
CA LYS B 780 -22.36 27.28 49.47
C LYS B 780 -21.93 28.62 50.05
N ASP B 781 -21.88 28.73 51.38
CA ASP B 781 -21.46 29.97 52.02
C ASP B 781 -19.94 29.96 52.16
N PHE B 782 -19.28 30.26 51.05
CA PHE B 782 -17.82 30.29 50.98
C PHE B 782 -17.27 31.71 51.11
N GLY B 783 -17.91 32.54 51.92
CA GLY B 783 -17.50 33.92 52.06
C GLY B 783 -18.06 34.86 51.01
N GLY B 784 -19.10 34.45 50.30
CA GLY B 784 -19.69 35.25 49.24
C GLY B 784 -19.48 34.71 47.86
N PHE B 785 -18.67 33.67 47.71
CA PHE B 785 -18.39 33.08 46.40
C PHE B 785 -19.43 32.00 46.10
N ASN B 786 -20.08 32.11 44.94
CA ASN B 786 -21.15 31.21 44.55
C ASN B 786 -20.57 30.07 43.72
N PHE B 787 -20.64 28.85 44.25
CA PHE B 787 -20.16 27.66 43.57
C PHE B 787 -21.29 26.80 43.03
N SER B 788 -22.50 27.35 42.94
CA SER B 788 -23.66 26.54 42.60
C SER B 788 -23.71 26.15 41.14
N GLN B 789 -23.23 27.02 40.24
CA GLN B 789 -23.33 26.74 38.82
C GLN B 789 -22.32 25.70 38.35
N ILE B 790 -21.21 25.54 39.07
CA ILE B 790 -20.19 24.56 38.69
C ILE B 790 -20.28 23.28 39.50
N LEU B 791 -21.17 23.22 40.49
CA LEU B 791 -21.41 22.03 41.29
C LEU B 791 -22.78 21.44 40.96
N PRO B 792 -22.95 20.12 41.09
CA PRO B 792 -24.29 19.55 40.88
C PRO B 792 -25.28 19.99 41.94
N ASP B 793 -26.51 20.22 41.51
CA ASP B 793 -27.58 20.70 42.36
C ASP B 793 -28.09 19.57 43.28
N PRO B 794 -28.57 19.91 44.47
CA PRO B 794 -29.28 18.91 45.27
C PRO B 794 -30.59 18.52 44.62
N LYS B 795 -31.05 17.31 44.97
CA LYS B 795 -32.24 16.62 44.44
C LYS B 795 -32.35 16.70 42.91
N LYS B 796 -31.22 16.64 42.24
CA LYS B 796 -31.16 16.85 40.80
C LYS B 796 -31.79 15.69 40.03
N LEU B 797 -32.52 16.03 38.97
CA LEU B 797 -32.96 15.03 38.01
C LEU B 797 -31.81 14.56 37.11
N SER B 798 -30.80 15.40 36.93
CA SER B 798 -29.61 15.04 36.18
C SER B 798 -28.57 14.46 37.13
N TYR B 799 -27.33 14.34 36.66
CA TYR B 799 -26.24 13.85 37.51
C TYR B 799 -24.99 14.71 37.43
N ARG B 800 -25.01 15.82 36.70
CA ARG B 800 -23.87 16.71 36.54
C ARG B 800 -24.30 18.14 36.80
N SER B 801 -23.34 19.06 36.75
CA SER B 801 -23.63 20.46 37.04
C SER B 801 -24.31 21.13 35.85
N PHE B 802 -24.69 22.39 36.05
CA PHE B 802 -25.47 23.11 35.05
C PHE B 802 -24.64 23.55 33.85
N ILE B 803 -23.39 23.95 34.08
CA ILE B 803 -22.54 24.41 32.98
C ILE B 803 -22.21 23.26 32.04
N GLU B 804 -21.86 22.09 32.59
CA GLU B 804 -21.60 20.94 31.74
C GLU B 804 -22.88 20.31 31.20
N ASP B 805 -24.03 20.61 31.80
CA ASP B 805 -25.30 20.31 31.13
C ASP B 805 -25.49 21.19 29.89
N LEU B 806 -25.10 22.46 29.98
CA LEU B 806 -25.28 23.37 28.86
C LEU B 806 -24.37 23.03 27.68
N LEU B 807 -23.18 22.52 27.95
CA LEU B 807 -22.25 22.18 26.89
C LEU B 807 -22.29 20.71 26.49
N TYR B 808 -23.12 19.90 27.15
CA TYR B 808 -23.29 18.52 26.71
C TYR B 808 -24.12 18.45 25.44
N ASN B 809 -25.20 19.21 25.37
CA ASN B 809 -26.05 19.27 24.19
C ASN B 809 -25.61 20.34 23.20
N LYS B 810 -24.53 21.06 23.50
CA LYS B 810 -23.98 22.01 22.53
C LYS B 810 -23.39 21.29 21.33
N VAL B 811 -22.71 20.17 21.58
CA VAL B 811 -22.19 19.33 20.51
C VAL B 811 -23.19 18.22 20.22
N THR B 812 -23.14 17.69 19.01
CA THR B 812 -24.05 16.64 18.57
C THR B 812 -23.24 15.38 18.28
N LEU B 813 -23.43 14.36 19.11
CA LEU B 813 -22.72 13.10 18.91
C LEU B 813 -23.27 12.33 17.72
N SER B 814 -24.54 12.49 17.40
CA SER B 814 -25.16 11.81 16.27
C SER B 814 -24.75 12.49 14.97
N ALA B 831 -31.75 0.72 6.26
CA ALA B 831 -32.09 0.94 4.85
C ALA B 831 -31.07 1.87 4.21
N ARG B 832 -31.51 3.09 3.87
CA ARG B 832 -30.61 4.05 3.23
C ARG B 832 -29.71 4.76 4.24
N ASP B 833 -29.94 4.57 5.53
CA ASP B 833 -29.06 5.13 6.54
C ASP B 833 -27.70 4.43 6.50
N LEU B 834 -26.64 5.21 6.73
CA LEU B 834 -25.29 4.68 6.59
C LEU B 834 -24.88 3.82 7.77
N ILE B 835 -25.60 3.90 8.90
CA ILE B 835 -25.25 3.09 10.08
C ILE B 835 -25.47 1.62 9.79
N CYS B 836 -26.59 1.30 9.12
CA CYS B 836 -26.86 -0.10 8.76
C CYS B 836 -25.87 -0.59 7.72
N ALA B 837 -25.44 0.28 6.81
CA ALA B 837 -24.43 -0.08 5.83
C ALA B 837 -23.09 -0.34 6.50
N GLN B 838 -22.77 0.38 7.58
CA GLN B 838 -21.57 0.09 8.34
C GLN B 838 -21.70 -1.23 9.10
N LYS B 839 -22.88 -1.48 9.68
CA LYS B 839 -23.08 -2.70 10.47
C LYS B 839 -23.08 -3.96 9.61
N PHE B 840 -23.58 -3.86 8.37
CA PHE B 840 -23.61 -5.03 7.50
C PHE B 840 -22.24 -5.40 6.95
N ASN B 841 -21.22 -4.55 7.15
CA ASN B 841 -19.87 -4.80 6.63
C ASN B 841 -18.83 -4.94 7.74
N GLY B 842 -19.26 -5.23 8.97
CA GLY B 842 -18.33 -5.47 10.05
C GLY B 842 -17.74 -4.24 10.69
N LEU B 843 -18.31 -3.06 10.46
CA LEU B 843 -17.81 -1.82 11.05
C LEU B 843 -18.64 -1.53 12.29
N THR B 844 -18.01 -1.61 13.46
CA THR B 844 -18.70 -1.44 14.73
C THR B 844 -17.99 -0.39 15.58
N VAL B 845 -18.76 0.17 16.52
CA VAL B 845 -18.26 1.19 17.45
C VAL B 845 -18.45 0.65 18.86
N LEU B 846 -17.36 0.62 19.63
CA LEU B 846 -17.42 0.11 21.00
C LEU B 846 -17.66 1.26 21.98
N PRO B 847 -18.47 1.02 23.03
CA PRO B 847 -18.73 2.09 23.98
C PRO B 847 -17.55 2.31 24.90
N PRO B 848 -17.38 3.51 25.44
CA PRO B 848 -16.29 3.76 26.38
C PRO B 848 -16.53 3.08 27.71
N LEU B 849 -15.43 2.81 28.42
CA LEU B 849 -15.53 2.13 29.72
C LEU B 849 -16.09 3.06 30.78
N LEU B 850 -15.63 4.31 30.82
CA LEU B 850 -16.12 5.29 31.79
C LEU B 850 -17.31 6.02 31.22
N THR B 851 -18.47 5.84 31.84
CA THR B 851 -19.66 6.59 31.44
C THR B 851 -19.55 8.03 31.93
N ASP B 852 -20.43 8.89 31.40
CA ASP B 852 -20.36 10.31 31.69
C ASP B 852 -20.73 10.64 33.13
N ASP B 853 -21.55 9.80 33.78
CA ASP B 853 -21.89 10.02 35.17
C ASP B 853 -20.67 9.89 36.08
N MET B 854 -19.80 8.91 35.80
CA MET B 854 -18.61 8.72 36.62
C MET B 854 -17.60 9.84 36.40
N ILE B 855 -17.50 10.36 35.17
CA ILE B 855 -16.64 11.50 34.89
C ILE B 855 -17.17 12.76 35.58
N ALA B 856 -18.50 12.94 35.59
CA ALA B 856 -19.11 14.05 36.30
C ALA B 856 -18.87 13.93 37.80
N ALA B 857 -18.91 12.71 38.33
CA ALA B 857 -18.61 12.49 39.75
C ALA B 857 -17.15 12.83 40.06
N TYR B 858 -16.24 12.48 39.14
CA TYR B 858 -14.83 12.83 39.31
C TYR B 858 -14.64 14.36 39.35
N THR B 859 -15.29 15.06 38.42
CA THR B 859 -15.16 16.52 38.40
C THR B 859 -15.79 17.15 39.63
N ALA B 860 -16.92 16.62 40.10
CA ALA B 860 -17.56 17.13 41.30
C ALA B 860 -16.69 16.89 42.53
N ALA B 861 -16.03 15.73 42.59
CA ALA B 861 -15.13 15.44 43.70
C ALA B 861 -13.89 16.32 43.67
N LEU B 862 -13.46 16.74 42.48
CA LEU B 862 -12.36 17.70 42.40
C LEU B 862 -12.80 19.09 42.86
N ILE B 863 -13.97 19.54 42.40
CA ILE B 863 -14.46 20.88 42.75
C ILE B 863 -14.75 20.98 44.25
N SER B 864 -15.51 20.05 44.78
CA SER B 864 -15.76 19.98 46.23
C SER B 864 -14.57 19.27 46.84
N GLY B 865 -13.60 20.05 47.30
CA GLY B 865 -12.33 19.54 47.73
C GLY B 865 -11.22 20.46 47.29
N THR B 866 -11.42 21.13 46.16
CA THR B 866 -10.60 22.29 45.85
C THR B 866 -11.04 23.50 46.66
N ALA B 867 -12.34 23.64 46.88
CA ALA B 867 -12.85 24.81 47.59
C ALA B 867 -12.79 24.64 49.10
N THR B 868 -13.17 23.47 49.61
CA THR B 868 -13.29 23.25 51.05
C THR B 868 -12.00 22.75 51.69
N ALA B 869 -10.97 22.46 50.91
CA ALA B 869 -9.72 21.95 51.47
C ALA B 869 -8.48 22.55 50.83
N GLY B 870 -8.62 23.51 49.92
CA GLY B 870 -7.45 24.07 49.29
C GLY B 870 -6.83 23.12 48.28
N TYR B 871 -5.58 23.42 47.92
CA TYR B 871 -4.83 22.59 47.00
C TYR B 871 -4.04 21.49 47.69
N THR B 872 -4.02 21.47 49.03
CA THR B 872 -3.20 20.53 49.77
C THR B 872 -3.76 19.11 49.79
N PHE B 873 -4.99 18.91 49.32
CA PHE B 873 -5.57 17.58 49.30
C PHE B 873 -4.91 16.67 48.28
N GLY B 874 -4.25 17.24 47.27
CA GLY B 874 -3.58 16.43 46.26
C GLY B 874 -2.15 16.07 46.57
N ALA B 875 -1.55 16.68 47.60
CA ALA B 875 -0.21 16.36 48.06
C ALA B 875 -0.32 16.00 49.53
N GLY B 876 -0.62 14.74 49.80
CA GLY B 876 -0.93 14.29 51.14
C GLY B 876 -2.41 14.23 51.40
N ALA B 877 -2.77 14.32 52.68
CA ALA B 877 -4.16 14.30 53.09
C ALA B 877 -4.79 15.68 52.90
N ALA B 878 -6.11 15.72 53.02
CA ALA B 878 -6.86 16.96 52.88
C ALA B 878 -6.86 17.72 54.21
N LEU B 879 -6.54 19.01 54.14
CA LEU B 879 -6.49 19.86 55.32
C LEU B 879 -7.57 20.94 55.20
N GLN B 880 -8.37 21.10 56.25
CA GLN B 880 -9.46 22.06 56.25
C GLN B 880 -8.92 23.49 56.36
N ILE B 881 -9.51 24.38 55.58
CA ILE B 881 -9.13 25.80 55.61
C ILE B 881 -10.32 26.63 55.14
N PRO B 882 -10.57 27.80 55.72
CA PRO B 882 -11.62 28.68 55.19
C PRO B 882 -11.25 29.20 53.81
N PHE B 883 -12.29 29.49 53.02
CA PHE B 883 -12.06 29.90 51.63
C PHE B 883 -11.45 31.29 51.53
N ALA B 884 -11.81 32.19 52.45
CA ALA B 884 -11.24 33.54 52.44
C ALA B 884 -9.73 33.51 52.71
N MET B 885 -9.30 32.66 53.66
CA MET B 885 -7.89 32.55 53.95
C MET B 885 -7.13 31.90 52.81
N GLN B 886 -7.76 30.94 52.13
CA GLN B 886 -7.14 30.32 50.94
C GLN B 886 -6.98 31.33 49.82
N MET B 887 -8.00 32.18 49.60
CA MET B 887 -7.90 33.21 48.58
C MET B 887 -6.86 34.26 48.96
N ALA B 888 -6.72 34.57 50.25
CA ALA B 888 -5.69 35.48 50.70
C ALA B 888 -4.29 34.90 50.48
N TYR B 889 -4.13 33.60 50.72
CA TYR B 889 -2.86 32.94 50.47
C TYR B 889 -2.53 32.93 48.98
N ARG B 890 -3.54 32.73 48.12
CA ARG B 890 -3.30 32.79 46.69
C ARG B 890 -2.94 34.20 46.22
N PHE B 891 -3.60 35.23 46.80
CA PHE B 891 -3.25 36.61 46.50
C PHE B 891 -1.81 36.91 46.93
N ASN B 892 -1.41 36.40 48.10
CA ASN B 892 -0.02 36.54 48.54
C ASN B 892 0.93 35.80 47.59
N GLY B 893 0.50 34.68 47.04
CA GLY B 893 1.29 33.98 46.04
C GLY B 893 1.41 34.71 44.72
N ILE B 894 0.45 35.59 44.40
CA ILE B 894 0.61 36.43 43.21
C ILE B 894 1.74 37.44 43.39
N GLY B 895 1.79 38.10 44.54
CA GLY B 895 2.77 39.13 44.76
C GLY B 895 2.20 40.30 45.52
N VAL B 896 0.88 40.48 45.42
CA VAL B 896 0.17 41.50 46.18
C VAL B 896 -0.04 40.97 47.60
N THR B 897 -0.02 41.87 48.58
CA THR B 897 -0.15 41.46 49.97
C THR B 897 -1.58 41.00 50.25
N GLN B 898 -1.74 40.30 51.37
CA GLN B 898 -3.06 39.82 51.79
C GLN B 898 -3.81 40.88 52.58
N ASN B 899 -3.87 42.06 52.01
CA ASN B 899 -4.59 43.21 52.54
C ASN B 899 -5.70 43.67 51.61
N VAL B 900 -5.48 43.61 50.30
CA VAL B 900 -6.47 44.03 49.32
C VAL B 900 -7.64 43.07 49.22
N LEU B 901 -7.53 41.87 49.80
CA LEU B 901 -8.67 40.95 49.81
C LEU B 901 -9.60 41.21 50.98
N TYR B 902 -9.05 41.28 52.19
CA TYR B 902 -9.89 41.40 53.39
C TYR B 902 -10.59 42.76 53.46
N GLU B 903 -10.04 43.77 52.81
CA GLU B 903 -10.67 45.08 52.76
C GLU B 903 -11.62 45.25 51.56
N ASN B 904 -11.63 44.28 50.64
CA ASN B 904 -12.45 44.38 49.43
C ASN B 904 -13.11 43.05 49.10
N GLN B 905 -13.43 42.27 50.13
CA GLN B 905 -13.91 40.90 49.94
C GLN B 905 -15.26 40.85 49.25
N LYS B 906 -16.15 41.79 49.59
CA LYS B 906 -17.46 41.83 48.94
C LYS B 906 -17.35 42.16 47.45
N GLN B 907 -16.43 43.06 47.10
CA GLN B 907 -16.21 43.38 45.69
C GLN B 907 -15.64 42.19 44.93
N ILE B 908 -14.71 41.44 45.56
CA ILE B 908 -14.15 40.25 44.93
C ILE B 908 -15.23 39.20 44.70
N ALA B 909 -16.08 38.97 45.71
CA ALA B 909 -17.15 37.99 45.58
C ALA B 909 -18.16 38.41 44.51
N ASN B 910 -18.53 39.69 44.50
CA ASN B 910 -19.52 40.18 43.53
C ASN B 910 -18.99 40.12 42.12
N GLN B 911 -17.70 40.38 41.92
CA GLN B 911 -17.14 40.34 40.57
C GLN B 911 -16.92 38.90 40.13
N PHE B 912 -16.55 38.01 41.06
CA PHE B 912 -16.42 36.59 40.70
C PHE B 912 -17.75 35.99 40.32
N ASN B 913 -18.82 36.33 41.04
CA ASN B 913 -20.13 35.71 40.81
C ASN B 913 -20.73 36.07 39.45
N ASN B 914 -20.45 37.27 38.92
CA ASN B 914 -20.94 37.58 37.59
C ASN B 914 -19.91 37.38 36.49
N ALA B 915 -18.61 37.29 36.82
CA ALA B 915 -17.65 36.79 35.84
C ALA B 915 -17.90 35.33 35.53
N ILE B 916 -18.33 34.55 36.53
CA ILE B 916 -18.76 33.18 36.28
C ILE B 916 -20.03 33.15 35.44
N SER B 917 -20.97 34.04 35.75
CA SER B 917 -22.25 34.07 35.04
C SER B 917 -22.13 34.56 33.60
N LYS B 918 -21.06 35.30 33.28
CA LYS B 918 -20.83 35.70 31.89
C LYS B 918 -20.47 34.53 31.00
N ILE B 919 -20.00 33.42 31.57
CA ILE B 919 -19.71 32.21 30.79
C ILE B 919 -21.01 31.63 30.23
N GLN B 920 -22.13 31.84 30.92
CA GLN B 920 -23.42 31.40 30.42
C GLN B 920 -23.75 32.05 29.08
N ASP B 921 -23.56 33.38 28.99
CA ASP B 921 -23.80 34.08 27.74
C ASP B 921 -22.71 33.80 26.72
N SER B 922 -21.48 33.56 27.18
CA SER B 922 -20.39 33.28 26.24
C SER B 922 -20.54 31.91 25.59
N LEU B 923 -21.20 30.97 26.26
CA LEU B 923 -21.38 29.64 25.71
C LEU B 923 -22.74 29.43 25.04
N THR B 924 -23.82 30.02 25.56
CA THR B 924 -25.15 29.75 25.04
C THR B 924 -25.33 30.33 23.64
N THR B 925 -24.81 31.53 23.40
CA THR B 925 -25.02 32.19 22.10
C THR B 925 -24.01 31.71 21.07
N THR B 926 -22.72 31.80 21.37
CA THR B 926 -21.68 31.42 20.44
C THR B 926 -21.61 29.90 20.29
N SER B 927 -21.39 29.44 19.06
CA SER B 927 -21.30 28.02 18.75
C SER B 927 -20.02 27.71 17.99
N ALA B 928 -18.96 28.46 18.27
CA ALA B 928 -17.67 28.25 17.62
C ALA B 928 -16.55 27.97 18.61
N ALA B 929 -16.83 27.97 19.91
CA ALA B 929 -15.82 27.69 20.92
C ALA B 929 -15.48 26.22 21.02
N LEU B 930 -16.43 25.33 20.70
CA LEU B 930 -16.22 23.89 20.81
C LEU B 930 -15.98 23.23 19.46
N GLY B 931 -15.50 23.99 18.47
CA GLY B 931 -15.16 23.40 17.19
C GLY B 931 -13.99 22.43 17.27
N LYS B 932 -13.03 22.71 18.17
CA LYS B 932 -11.94 21.79 18.44
C LYS B 932 -12.45 20.48 19.03
N LEU B 933 -13.60 20.52 19.71
CA LEU B 933 -14.23 19.34 20.26
C LEU B 933 -15.23 18.70 19.31
N GLN B 934 -15.66 19.43 18.27
CA GLN B 934 -16.62 18.93 17.29
C GLN B 934 -15.97 18.29 16.08
N ASP B 935 -14.79 18.77 15.67
CA ASP B 935 -14.11 18.16 14.54
C ASP B 935 -13.61 16.76 14.85
N VAL B 936 -13.33 16.47 16.13
CA VAL B 936 -12.97 15.12 16.54
C VAL B 936 -14.14 14.16 16.31
N ILE B 937 -15.36 14.60 16.63
CA ILE B 937 -16.55 13.81 16.34
C ILE B 937 -16.74 13.67 14.83
N ASN B 938 -16.54 14.76 14.08
CA ASN B 938 -16.79 14.74 12.64
C ASN B 938 -15.81 13.86 11.88
N GLN B 939 -14.56 13.81 12.32
CA GLN B 939 -13.52 13.09 11.57
C GLN B 939 -13.76 11.59 11.55
N ASN B 940 -14.20 11.02 12.68
CA ASN B 940 -14.47 9.59 12.73
C ASN B 940 -15.65 9.22 11.85
N ALA B 941 -16.70 10.04 11.85
CA ALA B 941 -17.86 9.79 10.99
C ALA B 941 -17.49 9.90 9.52
N VAL B 942 -16.67 10.88 9.17
CA VAL B 942 -16.25 11.03 7.78
C VAL B 942 -15.37 9.86 7.34
N ALA B 943 -14.47 9.42 8.23
CA ALA B 943 -13.57 8.31 7.88
C ALA B 943 -14.32 6.99 7.80
N LEU B 944 -15.34 6.79 8.62
CA LEU B 944 -16.13 5.57 8.54
C LEU B 944 -17.05 5.58 7.32
N ASN B 945 -17.56 6.75 6.95
CA ASN B 945 -18.45 6.83 5.80
C ASN B 945 -17.70 6.68 4.49
N THR B 946 -16.45 7.17 4.42
CA THR B 946 -15.69 7.03 3.19
C THR B 946 -15.08 5.66 3.00
N LEU B 947 -15.09 4.82 4.04
CA LEU B 947 -14.60 3.45 3.94
C LEU B 947 -15.66 2.49 3.39
N VAL B 948 -16.93 2.73 3.71
CA VAL B 948 -17.99 1.87 3.21
C VAL B 948 -18.34 2.18 1.76
N LYS B 949 -17.94 3.35 1.25
CA LYS B 949 -18.19 3.70 -0.14
C LYS B 949 -17.11 3.20 -1.09
N GLN B 950 -16.00 2.69 -0.57
CA GLN B 950 -14.97 2.09 -1.42
C GLN B 950 -15.34 0.70 -1.92
N LEU B 951 -16.39 0.08 -1.35
CA LEU B 951 -16.82 -1.23 -1.80
C LEU B 951 -17.55 -1.19 -3.13
N SER B 952 -17.87 0.00 -3.65
CA SER B 952 -18.59 0.16 -4.91
C SER B 952 -17.66 0.49 -6.06
N SER B 953 -16.41 0.03 -6.01
CA SER B 953 -15.42 0.31 -7.03
C SER B 953 -14.91 -1.00 -7.64
N ASN B 954 -14.61 -0.97 -8.94
CA ASN B 954 -14.25 -2.18 -9.66
C ASN B 954 -12.84 -2.65 -9.31
N PHE B 955 -11.92 -1.71 -9.09
CA PHE B 955 -10.48 -1.97 -8.92
C PHE B 955 -9.91 -2.73 -10.11
N GLY B 956 -10.39 -2.43 -11.31
CA GLY B 956 -9.92 -3.09 -12.51
C GLY B 956 -10.59 -4.39 -12.85
N ALA B 957 -11.63 -4.78 -12.12
CA ALA B 957 -12.38 -6.00 -12.38
C ALA B 957 -13.63 -5.68 -13.20
N ILE B 958 -14.35 -6.73 -13.60
CA ILE B 958 -15.55 -6.54 -14.40
C ILE B 958 -16.71 -5.99 -13.59
N SER B 959 -16.70 -6.19 -12.28
CA SER B 959 -17.79 -5.71 -11.43
C SER B 959 -17.27 -5.54 -10.01
N SER B 960 -18.00 -4.76 -9.24
CA SER B 960 -17.70 -4.56 -7.82
C SER B 960 -18.40 -5.57 -6.92
N VAL B 961 -19.21 -6.46 -7.49
CA VAL B 961 -19.98 -7.44 -6.74
C VAL B 961 -19.34 -8.80 -6.96
N LEU B 962 -19.07 -9.52 -5.86
CA LEU B 962 -18.53 -10.87 -5.96
C LEU B 962 -19.54 -11.83 -6.56
N ASN B 963 -20.84 -11.56 -6.35
CA ASN B 963 -21.88 -12.44 -6.86
C ASN B 963 -22.01 -12.36 -8.37
N ASP B 964 -21.72 -11.19 -8.95
CA ASP B 964 -21.73 -11.06 -10.41
C ASP B 964 -20.58 -11.83 -11.03
N ILE B 965 -19.40 -11.80 -10.40
CA ILE B 965 -18.24 -12.51 -10.93
C ILE B 965 -18.42 -14.02 -10.77
N LEU B 966 -18.91 -14.45 -9.60
CA LEU B 966 -18.96 -15.88 -9.31
C LEU B 966 -20.06 -16.60 -10.09
N SER B 967 -21.14 -15.90 -10.44
CA SER B 967 -22.26 -16.53 -11.15
C SER B 967 -22.10 -16.49 -12.66
N ARG B 968 -21.10 -15.80 -13.18
CA ARG B 968 -20.91 -15.69 -14.62
C ARG B 968 -19.60 -16.28 -15.13
N LEU B 969 -18.66 -16.59 -14.25
CA LEU B 969 -17.37 -17.12 -14.64
C LEU B 969 -17.09 -18.41 -13.89
N ASP B 970 -16.32 -19.29 -14.51
CA ASP B 970 -15.91 -20.53 -13.88
C ASP B 970 -14.80 -20.28 -12.86
N LYS B 971 -14.33 -21.35 -12.22
CA LYS B 971 -13.41 -21.20 -11.10
C LYS B 971 -12.02 -20.78 -11.55
N VAL B 972 -11.66 -21.03 -12.81
CA VAL B 972 -10.28 -20.79 -13.23
C VAL B 972 -10.02 -19.32 -13.52
N GLU B 973 -10.97 -18.59 -14.10
CA GLU B 973 -10.74 -17.18 -14.44
C GLU B 973 -11.45 -16.22 -13.50
N ALA B 974 -12.16 -16.72 -12.49
CA ALA B 974 -12.65 -15.85 -11.42
C ALA B 974 -11.54 -15.46 -10.46
N GLU B 975 -10.43 -16.21 -10.47
CA GLU B 975 -9.32 -15.97 -9.55
C GLU B 975 -8.67 -14.62 -9.81
N VAL B 976 -8.33 -14.36 -11.07
CA VAL B 976 -7.59 -13.15 -11.45
C VAL B 976 -8.44 -11.90 -11.28
N GLN B 977 -9.76 -12.03 -11.27
CA GLN B 977 -10.65 -10.89 -11.10
C GLN B 977 -11.16 -10.74 -9.68
N ILE B 978 -11.04 -11.77 -8.84
CA ILE B 978 -11.34 -11.61 -7.42
C ILE B 978 -10.12 -11.18 -6.63
N ASP B 979 -8.91 -11.46 -7.11
CA ASP B 979 -7.70 -11.03 -6.41
C ASP B 979 -7.55 -9.51 -6.45
N ARG B 980 -7.97 -8.88 -7.55
CA ARG B 980 -7.92 -7.43 -7.64
C ARG B 980 -8.82 -6.77 -6.61
N LEU B 981 -10.04 -7.30 -6.44
CA LEU B 981 -10.95 -6.79 -5.43
C LEU B 981 -10.42 -7.01 -4.02
N ILE B 982 -9.81 -8.17 -3.78
CA ILE B 982 -9.24 -8.47 -2.46
C ILE B 982 -8.12 -7.49 -2.14
N THR B 983 -7.22 -7.25 -3.10
CA THR B 983 -6.11 -6.34 -2.86
C THR B 983 -6.58 -4.90 -2.69
N GLY B 984 -7.58 -4.47 -3.47
CA GLY B 984 -8.10 -3.13 -3.32
C GLY B 984 -8.76 -2.90 -1.97
N ARG B 985 -9.55 -3.87 -1.50
CA ARG B 985 -10.18 -3.72 -0.20
C ARG B 985 -9.18 -3.79 0.94
N LEU B 986 -8.12 -4.60 0.79
CA LEU B 986 -7.06 -4.64 1.79
C LEU B 986 -6.32 -3.30 1.87
N GLN B 987 -6.05 -2.68 0.71
CA GLN B 987 -5.42 -1.37 0.71
C GLN B 987 -6.32 -0.31 1.34
N SER B 988 -7.63 -0.40 1.06
CA SER B 988 -8.59 0.53 1.66
C SER B 988 -8.63 0.41 3.17
N LEU B 989 -8.51 -0.82 3.68
CA LEU B 989 -8.44 -1.01 5.13
C LEU B 989 -7.14 -0.48 5.72
N GLN B 990 -6.02 -0.72 5.02
CA GLN B 990 -4.71 -0.33 5.54
C GLN B 990 -4.57 1.19 5.65
N THR B 991 -5.10 1.92 4.67
CA THR B 991 -5.06 3.39 4.73
C THR B 991 -5.82 3.92 5.94
N TYR B 992 -7.00 3.35 6.20
CA TYR B 992 -7.80 3.73 7.35
C TYR B 992 -7.08 3.45 8.66
N VAL B 993 -6.42 2.29 8.76
CA VAL B 993 -5.70 1.95 9.99
C VAL B 993 -4.52 2.89 10.22
N THR B 994 -3.79 3.24 9.16
CA THR B 994 -2.66 4.17 9.32
C THR B 994 -3.12 5.55 9.76
N GLN B 995 -4.20 6.06 9.16
CA GLN B 995 -4.71 7.38 9.56
C GLN B 995 -5.24 7.36 10.99
N GLN B 996 -5.86 6.24 11.40
CA GLN B 996 -6.33 6.12 12.78
C GLN B 996 -5.16 6.10 13.76
N LEU B 997 -4.06 5.46 13.40
CA LEU B 997 -2.88 5.46 14.26
C LEU B 997 -2.30 6.86 14.43
N ILE B 998 -2.22 7.63 13.33
CA ILE B 998 -1.69 8.99 13.42
C ILE B 998 -2.60 9.88 14.26
N ARG B 999 -3.92 9.75 14.08
CA ARG B 999 -4.87 10.52 14.89
C ARG B 999 -4.80 10.12 16.35
N ALA B 1000 -4.57 8.84 16.63
CA ALA B 1000 -4.42 8.38 18.01
C ALA B 1000 -3.19 8.98 18.67
N ALA B 1001 -2.08 9.11 17.92
CA ALA B 1001 -0.90 9.76 18.45
C ALA B 1001 -1.17 11.23 18.78
N GLU B 1002 -1.87 11.94 17.88
CA GLU B 1002 -2.21 13.35 18.13
C GLU B 1002 -3.08 13.50 19.37
N ILE B 1003 -4.10 12.64 19.50
CA ILE B 1003 -5.00 12.71 20.65
C ILE B 1003 -4.28 12.31 21.94
N ARG B 1004 -3.31 11.39 21.85
CA ARG B 1004 -2.50 11.06 23.03
C ARG B 1004 -1.67 12.25 23.51
N ALA B 1005 -1.08 13.00 22.57
CA ALA B 1005 -0.34 14.20 22.95
C ALA B 1005 -1.25 15.24 23.60
N SER B 1006 -2.45 15.44 23.02
CA SER B 1006 -3.40 16.39 23.60
C SER B 1006 -3.87 15.95 24.98
N ALA B 1007 -4.06 14.64 25.18
CA ALA B 1007 -4.49 14.13 26.47
C ALA B 1007 -3.40 14.25 27.52
N ASN B 1008 -2.13 14.08 27.12
CA ASN B 1008 -1.03 14.31 28.05
C ASN B 1008 -0.97 15.78 28.47
N LEU B 1009 -1.20 16.69 27.52
CA LEU B 1009 -1.25 18.11 27.85
C LEU B 1009 -2.41 18.42 28.81
N ALA B 1010 -3.57 17.81 28.58
CA ALA B 1010 -4.71 18.00 29.47
C ALA B 1010 -4.43 17.44 30.86
N ALA B 1011 -3.76 16.29 30.94
CA ALA B 1011 -3.44 15.70 32.23
C ALA B 1011 -2.47 16.56 33.03
N THR B 1012 -1.42 17.09 32.38
CA THR B 1012 -0.50 17.92 33.14
C THR B 1012 -1.12 19.28 33.49
N LYS B 1013 -2.02 19.80 32.64
CA LYS B 1013 -2.71 21.03 32.97
C LYS B 1013 -3.64 20.84 34.17
N MET B 1014 -4.34 19.70 34.23
CA MET B 1014 -5.16 19.38 35.41
C MET B 1014 -4.29 19.22 36.64
N SER B 1015 -3.14 18.56 36.49
CA SER B 1015 -2.28 18.30 37.66
C SER B 1015 -1.63 19.58 38.18
N GLU B 1016 -1.37 20.56 37.31
CA GLU B 1016 -0.64 21.75 37.73
C GLU B 1016 -1.52 22.96 37.98
N CYS B 1017 -2.78 22.98 37.52
CA CYS B 1017 -3.60 24.18 37.64
C CYS B 1017 -4.85 24.01 38.48
N VAL B 1018 -5.45 22.82 38.51
CA VAL B 1018 -6.64 22.63 39.32
C VAL B 1018 -6.28 22.44 40.78
N LEU B 1019 -5.41 21.47 41.08
CA LEU B 1019 -4.97 21.18 42.42
C LEU B 1019 -3.59 21.77 42.73
N GLY B 1020 -3.27 22.90 42.12
CA GLY B 1020 -2.06 23.64 42.41
C GLY B 1020 -2.13 25.02 41.80
N GLN B 1021 -1.19 25.87 42.18
CA GLN B 1021 -1.08 27.22 41.65
C GLN B 1021 0.22 27.32 40.86
N SER B 1022 0.11 27.69 39.59
CA SER B 1022 1.25 27.68 38.67
C SER B 1022 1.79 29.07 38.47
N LYS B 1023 3.11 29.21 38.57
CA LYS B 1023 3.80 30.47 38.34
C LYS B 1023 4.28 30.63 36.90
N ARG B 1024 4.10 29.62 36.05
CA ARG B 1024 4.49 29.73 34.65
C ARG B 1024 3.59 30.71 33.92
N VAL B 1025 4.16 31.49 32.99
CA VAL B 1025 3.38 32.55 32.29
C VAL B 1025 2.44 31.94 31.23
N ASP B 1026 1.17 32.36 31.21
CA ASP B 1026 0.19 31.91 30.18
C ASP B 1026 0.08 30.38 30.09
N PHE B 1027 0.10 29.68 31.23
CA PHE B 1027 -0.12 28.20 31.19
C PHE B 1027 -1.59 27.95 31.49
N CYS B 1028 -2.20 28.83 32.29
CA CYS B 1028 -3.62 28.70 32.61
C CYS B 1028 -4.20 30.10 32.76
N GLY B 1029 -4.78 30.61 31.68
CA GLY B 1029 -5.34 31.94 31.70
C GLY B 1029 -4.47 32.95 30.98
N LYS B 1030 -4.77 34.22 31.23
CA LYS B 1030 -4.04 35.33 30.62
C LYS B 1030 -3.28 36.15 31.63
N GLY B 1031 -3.91 36.54 32.72
CA GLY B 1031 -3.24 37.34 33.74
C GLY B 1031 -2.45 36.49 34.72
N TYR B 1032 -2.63 36.74 36.01
CA TYR B 1032 -1.96 35.99 37.06
C TYR B 1032 -2.91 34.92 37.59
N HIS B 1033 -2.51 33.67 37.50
CA HIS B 1033 -3.40 32.55 37.77
C HIS B 1033 -3.69 32.44 39.27
N LEU B 1034 -4.98 32.27 39.60
CA LEU B 1034 -5.41 32.10 40.98
C LEU B 1034 -5.88 30.68 41.25
N MET B 1035 -6.86 30.20 40.50
CA MET B 1035 -7.37 28.84 40.64
C MET B 1035 -8.08 28.44 39.36
N SER B 1036 -8.25 27.14 39.17
CA SER B 1036 -8.88 26.59 37.99
C SER B 1036 -9.98 25.62 38.38
N PHE B 1037 -10.96 25.46 37.50
CA PHE B 1037 -12.10 24.58 37.73
C PHE B 1037 -12.29 23.70 36.50
N PRO B 1038 -12.24 22.36 36.64
CA PRO B 1038 -12.47 21.49 35.49
C PRO B 1038 -13.94 21.16 35.30
N GLN B 1039 -14.35 21.11 34.04
CA GLN B 1039 -15.72 20.75 33.67
C GLN B 1039 -15.68 19.64 32.63
N ALA B 1040 -16.51 18.63 32.83
CA ALA B 1040 -16.55 17.49 31.92
C ALA B 1040 -17.21 17.88 30.61
N ALA B 1041 -16.71 17.31 29.51
CA ALA B 1041 -17.19 17.57 28.18
C ALA B 1041 -17.20 16.25 27.41
N PRO B 1042 -18.03 16.15 26.36
CA PRO B 1042 -17.97 14.96 25.50
C PRO B 1042 -16.65 14.89 24.75
N HIS B 1043 -15.88 13.81 25.01
CA HIS B 1043 -14.57 13.56 24.38
C HIS B 1043 -13.58 14.68 24.66
N GLY B 1044 -13.66 15.27 25.84
CA GLY B 1044 -12.75 16.35 26.18
C GLY B 1044 -12.99 16.86 27.58
N VAL B 1045 -12.29 17.94 27.90
CA VAL B 1045 -12.37 18.58 29.21
C VAL B 1045 -12.38 20.09 29.00
N VAL B 1046 -13.10 20.81 29.87
CA VAL B 1046 -13.21 22.26 29.81
C VAL B 1046 -12.63 22.84 31.09
N PHE B 1047 -11.72 23.79 30.96
CA PHE B 1047 -11.06 24.42 32.09
C PHE B 1047 -11.57 25.84 32.28
N LEU B 1048 -11.86 26.20 33.52
CA LEU B 1048 -12.33 27.54 33.89
C LEU B 1048 -11.24 28.19 34.73
N HIS B 1049 -10.43 29.05 34.11
CA HIS B 1049 -9.27 29.64 34.77
C HIS B 1049 -9.65 30.99 35.36
N VAL B 1050 -9.49 31.12 36.68
CA VAL B 1050 -9.73 32.38 37.38
C VAL B 1050 -8.38 33.10 37.51
N THR B 1051 -8.29 34.29 36.94
CA THR B 1051 -7.04 35.03 36.87
C THR B 1051 -7.19 36.42 37.45
N TYR B 1052 -6.05 37.07 37.66
CA TYR B 1052 -5.96 38.41 38.21
C TYR B 1052 -5.31 39.32 37.18
N VAL B 1053 -5.96 40.44 36.87
CA VAL B 1053 -5.40 41.37 35.90
C VAL B 1053 -5.64 42.82 36.34
N PRO B 1054 -4.62 43.67 36.32
CA PRO B 1054 -4.83 45.08 36.65
C PRO B 1054 -5.56 45.82 35.53
N SER B 1055 -6.25 46.89 35.90
CA SER B 1055 -7.10 47.63 34.96
C SER B 1055 -6.61 49.05 34.72
N GLN B 1056 -6.47 49.86 35.76
CA GLN B 1056 -6.14 51.27 35.61
C GLN B 1056 -4.63 51.49 35.76
N GLN B 1057 -4.20 52.71 35.45
CA GLN B 1057 -2.79 53.09 35.55
C GLN B 1057 -2.70 54.52 36.07
N GLN B 1058 -1.49 54.87 36.56
CA GLN B 1058 -1.21 56.23 37.00
C GLN B 1058 0.29 56.44 36.94
N ASN B 1059 0.71 57.53 36.27
CA ASN B 1059 2.12 57.83 36.12
C ASN B 1059 2.71 58.30 37.45
N PHE B 1060 3.98 57.95 37.67
CA PHE B 1060 4.70 58.34 38.87
C PHE B 1060 6.16 58.53 38.52
N THR B 1061 6.87 59.28 39.38
CA THR B 1061 8.30 59.49 39.23
C THR B 1061 9.02 58.67 40.30
N THR B 1062 10.02 57.91 39.88
CA THR B 1062 10.68 56.94 40.73
C THR B 1062 12.18 57.21 40.82
N ALA B 1063 12.82 56.56 41.78
CA ALA B 1063 14.25 56.64 41.99
C ALA B 1063 14.77 55.25 42.33
N PRO B 1064 16.01 54.91 41.93
CA PRO B 1064 16.53 53.58 42.25
C PRO B 1064 16.85 53.41 43.72
N ALA B 1065 17.35 54.46 44.38
CA ALA B 1065 17.76 54.36 45.78
C ALA B 1065 17.67 55.74 46.40
N ILE B 1066 17.82 55.77 47.73
CA ILE B 1066 17.78 57.01 48.50
C ILE B 1066 19.05 57.08 49.34
N CYS B 1067 19.79 58.19 49.20
CA CYS B 1067 20.99 58.45 50.00
C CYS B 1067 20.59 59.37 51.15
N HIS B 1068 20.61 58.84 52.38
CA HIS B 1068 20.11 59.59 53.52
C HIS B 1068 21.15 60.59 54.03
N ASN B 1069 22.28 60.09 54.54
CA ASN B 1069 23.33 60.95 55.08
C ASN B 1069 24.70 60.46 54.62
N GLY B 1070 24.82 60.13 53.34
CA GLY B 1070 26.05 59.61 52.78
C GLY B 1070 26.03 58.13 52.48
N LYS B 1071 25.00 57.41 52.94
CA LYS B 1071 24.88 55.98 52.73
C LYS B 1071 23.56 55.68 52.03
N ALA B 1072 23.59 54.72 51.12
CA ALA B 1072 22.46 54.43 50.25
C ALA B 1072 21.49 53.45 50.91
N TYR B 1073 20.21 53.59 50.55
CA TYR B 1073 19.16 52.71 51.02
C TYR B 1073 18.42 52.13 49.82
N PHE B 1074 18.21 50.81 49.82
CA PHE B 1074 17.53 50.13 48.75
C PHE B 1074 16.26 49.47 49.25
N PRO B 1075 15.19 49.48 48.47
CA PRO B 1075 13.93 48.89 48.93
C PRO B 1075 13.91 47.38 48.76
N ARG B 1076 13.01 46.75 49.52
CA ARG B 1076 12.74 45.33 49.40
C ARG B 1076 11.25 45.14 49.11
N GLU B 1077 10.97 44.19 48.19
CA GLU B 1077 9.66 43.89 47.61
C GLU B 1077 8.81 45.13 47.30
N GLY B 1078 9.43 46.15 46.73
CA GLY B 1078 8.71 47.36 46.39
C GLY B 1078 9.59 48.32 45.63
N VAL B 1079 9.02 49.48 45.31
CA VAL B 1079 9.70 50.53 44.57
C VAL B 1079 9.46 51.86 45.27
N PHE B 1080 10.31 52.83 44.97
CA PHE B 1080 10.20 54.17 45.53
C PHE B 1080 9.34 55.02 44.62
N VAL B 1081 8.21 55.51 45.14
CA VAL B 1081 7.24 56.27 44.37
C VAL B 1081 6.82 57.50 45.17
N MET B 1082 6.89 58.66 44.54
CA MET B 1082 6.47 59.92 45.15
C MET B 1082 5.18 60.39 44.49
N ASN B 1083 4.28 60.98 45.28
CA ASN B 1083 2.93 61.29 44.83
C ASN B 1083 2.73 62.76 44.47
N GLY B 1084 3.75 63.58 44.61
CA GLY B 1084 3.60 65.00 44.33
C GLY B 1084 4.16 65.89 45.43
N THR B 1085 4.16 65.40 46.66
CA THR B 1085 4.71 66.12 47.79
C THR B 1085 5.98 65.50 48.34
N HIS B 1086 5.96 64.22 48.68
CA HIS B 1086 7.13 63.53 49.22
C HIS B 1086 7.02 62.05 48.90
N TRP B 1087 8.14 61.36 49.07
CA TRP B 1087 8.30 60.00 48.56
C TRP B 1087 7.67 58.96 49.48
N PHE B 1088 7.31 57.83 48.88
CA PHE B 1088 6.74 56.69 49.59
C PHE B 1088 7.40 55.42 49.05
N ILE B 1089 6.92 54.27 49.53
CA ILE B 1089 7.33 52.97 49.01
C ILE B 1089 6.07 52.11 48.88
N THR B 1090 5.93 51.46 47.73
CA THR B 1090 4.73 50.69 47.45
C THR B 1090 5.07 49.48 46.60
N GLN B 1091 4.19 48.48 46.64
CA GLN B 1091 4.33 47.30 45.81
C GLN B 1091 3.94 47.63 44.36
N ARG B 1092 4.47 46.83 43.44
CA ARG B 1092 4.34 47.14 42.03
C ARG B 1092 2.95 46.83 41.47
N ASN B 1093 2.32 45.75 41.95
CA ASN B 1093 1.08 45.29 41.38
C ASN B 1093 -0.15 46.01 41.92
N PHE B 1094 0.00 46.89 42.92
CA PHE B 1094 -1.12 47.61 43.47
C PHE B 1094 -0.60 48.88 44.14
N TYR B 1095 -1.29 50.00 43.92
CA TYR B 1095 -0.86 51.27 44.49
C TYR B 1095 -1.32 51.35 45.94
N SER B 1096 -0.45 50.91 46.85
CA SER B 1096 -0.67 50.98 48.29
C SER B 1096 0.55 51.63 48.92
N PRO B 1097 0.63 52.95 48.90
CA PRO B 1097 1.84 53.63 49.36
C PRO B 1097 2.01 53.55 50.88
N GLN B 1098 3.25 53.39 51.31
CA GLN B 1098 3.60 53.29 52.71
C GLN B 1098 4.73 54.26 53.01
N VAL B 1099 4.84 54.65 54.29
CA VAL B 1099 5.91 55.54 54.71
C VAL B 1099 7.24 54.79 54.70
N ILE B 1100 8.30 55.48 54.32
CA ILE B 1100 9.63 54.86 54.24
C ILE B 1100 10.25 54.83 55.63
N THR B 1101 10.48 53.64 56.14
CA THR B 1101 11.10 53.44 57.45
C THR B 1101 12.40 52.66 57.28
N THR B 1102 13.03 52.35 58.41
CA THR B 1102 14.25 51.55 58.40
C THR B 1102 13.98 50.06 58.24
N ASP B 1103 12.72 49.64 58.30
CA ASP B 1103 12.35 48.25 58.09
C ASP B 1103 11.99 47.95 56.64
N ASN B 1104 11.44 48.92 55.91
CA ASN B 1104 11.13 48.76 54.50
C ASN B 1104 12.36 48.84 53.61
N THR B 1105 13.45 49.41 54.10
CA THR B 1105 14.69 49.54 53.36
C THR B 1105 15.82 48.91 54.16
N PHE B 1106 16.96 48.72 53.51
CA PHE B 1106 18.12 48.13 54.15
C PHE B 1106 19.38 48.88 53.75
N GLU B 1107 20.28 49.06 54.72
CA GLU B 1107 21.57 49.73 54.48
C GLU B 1107 22.53 48.79 53.76
N SER B 1108 23.13 49.27 52.69
CA SER B 1108 24.15 48.50 51.96
C SER B 1108 24.98 49.45 51.11
N GLY B 1109 26.27 49.55 51.41
CA GLY B 1109 27.17 50.33 50.60
C GLY B 1109 27.06 51.83 50.84
N SER B 1110 27.70 52.58 49.96
CA SER B 1110 27.70 54.04 50.00
C SER B 1110 26.97 54.60 48.79
N CYS B 1111 26.47 55.82 48.94
CA CYS B 1111 25.67 56.47 47.91
C CYS B 1111 26.50 57.34 46.97
N ASP B 1112 27.83 57.23 47.03
CA ASP B 1112 28.68 58.11 46.23
C ASP B 1112 28.60 57.78 44.74
N VAL B 1113 28.43 56.50 44.39
CA VAL B 1113 28.26 56.09 43.00
C VAL B 1113 27.01 55.22 42.88
N VAL B 1114 25.87 55.87 42.63
CA VAL B 1114 24.63 55.23 42.23
C VAL B 1114 24.01 56.08 41.13
N ILE B 1115 23.67 55.46 40.00
CA ILE B 1115 23.13 56.21 38.87
C ILE B 1115 21.69 56.60 39.20
N GLY B 1116 21.45 57.89 39.36
CA GLY B 1116 20.10 58.38 39.59
C GLY B 1116 19.65 58.45 41.03
N ILE B 1117 20.57 58.43 41.99
CA ILE B 1117 20.16 58.48 43.40
C ILE B 1117 19.68 59.89 43.76
N ILE B 1118 18.86 59.96 44.81
CA ILE B 1118 18.26 61.20 45.27
C ILE B 1118 18.62 61.46 46.71
N ASN B 1119 18.15 62.58 47.26
CA ASN B 1119 18.35 62.93 48.66
C ASN B 1119 17.00 62.93 49.37
N ASN B 1120 16.89 62.12 50.41
CA ASN B 1120 15.67 62.05 51.20
C ASN B 1120 16.00 61.47 52.57
N THR B 1121 15.09 61.67 53.51
CA THR B 1121 15.24 61.17 54.87
C THR B 1121 14.51 59.83 55.03
N VAL B 1122 14.92 59.09 56.05
CA VAL B 1122 14.34 57.80 56.38
C VAL B 1122 13.85 57.85 57.82
N TYR B 1123 12.63 57.35 58.05
CA TYR B 1123 12.02 57.41 59.36
C TYR B 1123 12.66 56.38 60.29
N ASP B 1124 13.03 56.81 61.49
CA ASP B 1124 13.57 55.92 62.51
C ASP B 1124 12.56 55.83 63.66
N PRO B 1125 12.06 54.63 63.99
CA PRO B 1125 11.01 54.52 65.01
C PRO B 1125 11.45 54.91 66.41
N LEU B 1126 12.75 54.93 66.70
CA LEU B 1126 13.22 55.30 68.03
C LEU B 1126 13.09 56.81 68.26
N GLU C 17 42.96 -18.57 -53.11
CA GLU C 17 43.65 -17.89 -54.19
C GLU C 17 45.15 -18.17 -54.16
N GLY C 18 45.50 -19.44 -53.94
CA GLY C 18 46.89 -19.84 -53.88
C GLY C 18 47.55 -19.48 -52.56
N CYS C 19 47.07 -20.09 -51.48
CA CYS C 19 47.55 -19.75 -50.15
C CYS C 19 48.98 -20.21 -49.94
N GLY C 20 49.83 -19.32 -49.43
CA GLY C 20 51.19 -19.68 -49.12
C GLY C 20 51.30 -20.51 -47.84
N ILE C 21 52.43 -21.20 -47.71
CA ILE C 21 52.64 -22.12 -46.60
C ILE C 21 53.91 -21.71 -45.85
N LEU C 22 53.97 -22.12 -44.59
CA LEU C 22 55.14 -21.95 -43.74
C LEU C 22 55.60 -23.30 -43.23
N SER C 23 56.91 -23.49 -43.19
CA SER C 23 57.51 -24.77 -42.83
C SER C 23 57.74 -24.91 -41.33
N ASN C 24 58.51 -24.00 -40.73
CA ASN C 24 58.83 -24.06 -39.31
C ASN C 24 58.42 -22.74 -38.66
N LYS C 25 57.70 -22.83 -37.55
CA LYS C 25 57.33 -21.67 -36.76
C LYS C 25 57.58 -21.94 -35.28
N SER C 26 57.96 -20.90 -34.55
CA SER C 26 58.24 -21.05 -33.13
C SER C 26 56.95 -21.23 -32.34
N ASN C 27 57.09 -21.86 -31.18
CA ASN C 27 55.94 -22.07 -30.31
C ASN C 27 55.47 -20.74 -29.73
N PRO C 28 54.16 -20.51 -29.68
CA PRO C 28 53.65 -19.26 -29.08
C PRO C 28 53.96 -19.17 -27.60
N ALA C 29 54.38 -17.98 -27.17
CA ALA C 29 54.61 -17.67 -25.77
C ALA C 29 53.39 -16.91 -25.25
N LEU C 30 52.58 -17.57 -24.42
CA LEU C 30 51.33 -16.99 -23.95
C LEU C 30 51.58 -16.12 -22.72
N THR C 31 52.28 -15.02 -22.96
CA THR C 31 52.52 -14.04 -21.90
C THR C 31 51.23 -13.30 -21.58
N GLN C 32 50.99 -13.06 -20.31
CA GLN C 32 49.74 -12.48 -19.84
C GLN C 32 49.96 -11.07 -19.30
N TYR C 33 49.12 -10.14 -19.74
CA TYR C 33 49.20 -8.74 -19.34
C TYR C 33 47.95 -8.37 -18.54
N PHE C 34 47.85 -7.09 -18.20
CA PHE C 34 46.75 -6.55 -17.40
C PHE C 34 46.04 -5.46 -18.19
N SER C 35 44.71 -5.48 -18.15
CA SER C 35 43.89 -4.43 -18.74
C SER C 35 43.37 -3.56 -17.61
N SER C 36 43.75 -2.28 -17.62
CA SER C 36 43.49 -1.41 -16.48
C SER C 36 42.02 -1.09 -16.31
N ARG C 37 41.43 -0.38 -17.28
CA ARG C 37 40.01 -0.06 -17.21
C ARG C 37 39.35 -0.13 -18.59
N ARG C 38 39.96 -0.83 -19.54
CA ARG C 38 39.47 -0.88 -20.90
C ARG C 38 38.47 -2.03 -21.08
N GLY C 39 37.67 -1.92 -22.14
CA GLY C 39 36.73 -2.97 -22.48
C GLY C 39 35.29 -2.64 -22.11
N PHE C 40 34.93 -1.37 -22.16
CA PHE C 40 33.57 -0.93 -21.90
C PHE C 40 32.97 -0.40 -23.20
N TYR C 41 31.68 -0.67 -23.39
CA TYR C 41 31.00 -0.30 -24.62
C TYR C 41 29.63 0.28 -24.28
N TYR C 42 29.00 0.88 -25.30
CA TYR C 42 27.63 1.35 -25.17
C TYR C 42 26.68 0.15 -25.21
N PHE C 43 26.04 -0.15 -24.08
CA PHE C 43 25.27 -1.38 -23.96
C PHE C 43 23.87 -1.29 -24.55
N ASP C 44 23.41 -0.09 -24.94
CA ASP C 44 22.11 0.06 -25.57
C ASP C 44 22.14 1.30 -26.45
N ASP C 45 20.95 1.71 -26.91
CA ASP C 45 20.82 2.89 -27.75
C ASP C 45 19.87 3.93 -27.16
N THR C 46 19.42 3.75 -25.92
CA THR C 46 18.58 4.73 -25.26
C THR C 46 19.40 5.99 -24.96
N PHE C 47 18.86 7.14 -25.32
CA PHE C 47 19.56 8.41 -25.13
C PHE C 47 19.36 8.90 -23.70
N ARG C 48 20.47 9.23 -23.05
CA ARG C 48 20.46 9.64 -21.65
C ARG C 48 21.26 10.92 -21.49
N SER C 49 21.07 11.58 -20.35
CA SER C 49 21.79 12.83 -20.07
C SER C 49 21.82 13.05 -18.56
N SER C 50 23.04 13.12 -18.00
CA SER C 50 23.28 13.48 -16.60
C SER C 50 22.58 12.53 -15.63
N VAL C 51 22.77 11.23 -15.84
CA VAL C 51 22.17 10.21 -14.98
C VAL C 51 23.19 9.09 -14.81
N ARG C 52 23.11 8.40 -13.67
CA ARG C 52 23.95 7.25 -13.37
C ARG C 52 23.10 5.99 -13.40
N VAL C 53 23.50 5.03 -14.23
CA VAL C 53 22.71 3.83 -14.50
C VAL C 53 23.48 2.60 -14.02
N LEU C 54 22.78 1.70 -13.34
CA LEU C 54 23.33 0.43 -12.92
C LEU C 54 22.84 -0.65 -13.87
N THR C 55 23.75 -1.28 -14.60
CA THR C 55 23.40 -2.22 -15.66
C THR C 55 24.11 -3.54 -15.46
N THR C 56 23.49 -4.61 -15.97
CA THR C 56 24.02 -5.96 -15.85
C THR C 56 24.12 -6.58 -17.24
N GLY C 57 25.23 -7.26 -17.49
CA GLY C 57 25.43 -7.87 -18.79
C GLY C 57 26.77 -8.57 -18.85
N TYR C 58 27.25 -8.77 -20.07
CA TYR C 58 28.54 -9.41 -20.32
C TYR C 58 29.57 -8.32 -20.60
N PHE C 59 30.48 -8.10 -19.66
CA PHE C 59 31.50 -7.08 -19.76
C PHE C 59 32.86 -7.68 -19.43
N LEU C 60 33.91 -6.98 -19.82
CA LEU C 60 35.27 -7.35 -19.44
C LEU C 60 35.57 -6.78 -18.07
N PRO C 61 35.91 -7.60 -17.08
CA PRO C 61 36.20 -7.07 -15.74
C PRO C 61 37.48 -6.26 -15.71
N PHE C 62 37.52 -5.31 -14.78
CA PHE C 62 38.71 -4.48 -14.63
C PHE C 62 39.84 -5.27 -13.99
N ASN C 63 41.07 -4.93 -14.37
CA ASN C 63 42.31 -5.59 -13.92
C ASN C 63 42.25 -7.10 -14.21
N SER C 64 41.85 -7.43 -15.42
CA SER C 64 41.75 -8.80 -15.88
C SER C 64 43.00 -9.20 -16.66
N ASN C 65 43.09 -10.48 -16.97
CA ASN C 65 44.24 -11.04 -17.67
C ASN C 65 44.01 -11.03 -19.17
N LEU C 66 44.98 -10.52 -19.92
CA LEU C 66 44.95 -10.50 -21.38
C LEU C 66 46.13 -11.31 -21.90
N THR C 67 45.86 -12.21 -22.84
CA THR C 67 46.90 -13.03 -23.44
C THR C 67 47.39 -12.39 -24.72
N GLY C 68 48.70 -12.23 -24.84
CA GLY C 68 49.31 -11.58 -25.99
C GLY C 68 49.87 -12.56 -27.01
N TYR C 69 49.76 -12.19 -28.28
CA TYR C 69 50.25 -13.00 -29.39
C TYR C 69 51.09 -12.13 -30.31
N SER C 70 52.37 -12.45 -30.42
CA SER C 70 53.32 -11.64 -31.18
C SER C 70 53.50 -12.19 -32.59
N SER C 71 54.11 -11.37 -33.45
CA SER C 71 54.33 -11.76 -34.83
C SER C 71 55.68 -11.32 -35.40
N ARG C 72 56.57 -10.75 -34.59
CA ARG C 72 57.82 -10.21 -35.11
C ARG C 72 58.81 -11.30 -35.47
N ASN C 73 59.72 -10.98 -36.40
CA ASN C 73 60.73 -11.92 -36.85
C ASN C 73 61.96 -11.16 -37.32
N SER C 74 63.13 -11.73 -37.04
CA SER C 74 64.40 -11.19 -37.51
C SER C 74 64.89 -11.97 -38.73
N VAL C 75 66.02 -11.53 -39.29
CA VAL C 75 66.54 -12.15 -40.51
C VAL C 75 67.12 -13.54 -40.22
N THR C 76 67.71 -13.73 -39.04
CA THR C 76 68.38 -15.00 -38.73
C THR C 76 68.41 -15.20 -37.23
N GLY C 77 68.72 -16.42 -36.82
CA GLY C 77 68.80 -16.79 -35.43
C GLY C 77 67.51 -17.30 -34.83
N ARG C 78 66.37 -16.75 -35.26
CA ARG C 78 65.06 -17.14 -34.75
C ARG C 78 64.17 -17.60 -35.89
N LEU C 79 63.22 -18.47 -35.55
CA LEU C 79 62.22 -18.89 -36.53
C LEU C 79 61.15 -17.83 -36.67
N ILE C 80 60.23 -18.06 -37.61
CA ILE C 80 59.12 -17.14 -37.81
C ILE C 80 58.17 -17.24 -36.62
N GLN C 81 57.45 -16.14 -36.36
CA GLN C 81 56.49 -16.07 -35.27
C GLN C 81 55.12 -15.74 -35.85
N PHE C 82 54.19 -16.69 -35.76
CA PHE C 82 52.83 -16.48 -36.24
C PHE C 82 51.89 -17.18 -35.27
N ASP C 83 51.37 -16.43 -34.30
CA ASP C 83 50.50 -16.98 -33.26
C ASP C 83 49.06 -16.71 -33.68
N ASN C 84 48.47 -17.65 -34.40
CA ASN C 84 47.06 -17.60 -34.80
C ASN C 84 46.37 -18.92 -34.47
N PRO C 85 46.10 -19.17 -33.19
CA PRO C 85 45.40 -20.40 -32.81
C PRO C 85 43.89 -20.19 -32.84
N ASN C 86 43.16 -21.28 -32.56
CA ASN C 86 41.71 -21.24 -32.50
C ASN C 86 41.29 -20.79 -31.11
N ILE C 87 41.16 -19.48 -30.95
CA ILE C 87 40.72 -18.92 -29.67
C ILE C 87 39.23 -19.18 -29.49
N PRO C 88 38.79 -19.68 -28.34
CA PRO C 88 37.36 -19.92 -28.15
C PRO C 88 36.55 -18.64 -28.08
N PHE C 89 35.33 -18.71 -28.60
CA PHE C 89 34.36 -17.61 -28.56
C PHE C 89 33.26 -18.06 -27.60
N LYS C 90 33.47 -17.83 -26.31
CA LYS C 90 32.55 -18.39 -25.31
C LYS C 90 31.30 -17.53 -25.16
N ASP C 91 31.47 -16.30 -24.69
CA ASP C 91 30.37 -15.35 -24.54
C ASP C 91 30.66 -13.98 -25.12
N GLY C 92 31.83 -13.78 -25.72
CA GLY C 92 32.24 -12.48 -26.19
C GLY C 92 33.74 -12.37 -26.09
N LEU C 93 34.28 -11.43 -26.86
CA LEU C 93 35.72 -11.23 -26.92
C LEU C 93 36.04 -9.76 -26.81
N TYR C 94 37.19 -9.47 -26.22
CA TYR C 94 37.80 -8.14 -26.25
C TYR C 94 39.08 -8.26 -27.06
N PHE C 95 39.09 -7.68 -28.25
CA PHE C 95 40.24 -7.73 -29.15
C PHE C 95 40.90 -6.35 -29.16
N ALA C 96 42.15 -6.30 -28.71
CA ALA C 96 42.93 -5.08 -28.74
C ALA C 96 44.26 -5.35 -29.43
N ALA C 97 44.61 -4.49 -30.37
CA ALA C 97 45.82 -4.66 -31.17
C ALA C 97 46.61 -3.37 -31.20
N THR C 98 47.93 -3.50 -31.07
CA THR C 98 48.84 -2.36 -30.98
C THR C 98 49.88 -2.38 -32.10
N GLU C 99 49.43 -2.57 -33.34
CA GLU C 99 50.38 -2.76 -34.44
C GLU C 99 50.89 -1.42 -34.94
N ARG C 100 52.04 -1.47 -35.61
CA ARG C 100 52.51 -0.39 -36.46
C ARG C 100 52.35 -0.81 -37.91
N SER C 101 52.27 0.18 -38.80
CA SER C 101 51.89 0.02 -40.21
C SER C 101 50.53 -0.67 -40.21
N ASN C 102 50.31 -1.73 -41.01
CA ASN C 102 49.04 -2.46 -41.03
C ASN C 102 49.36 -3.93 -41.23
N VAL C 103 49.42 -4.68 -40.12
CA VAL C 103 49.72 -6.11 -40.14
C VAL C 103 48.47 -6.94 -39.88
N ILE C 104 47.73 -6.63 -38.82
CA ILE C 104 46.51 -7.37 -38.49
C ILE C 104 45.37 -6.81 -39.33
N ARG C 105 44.81 -7.66 -40.19
CA ARG C 105 43.72 -7.27 -41.10
C ARG C 105 42.58 -8.27 -40.95
N GLY C 106 41.70 -8.04 -39.99
CA GLY C 106 40.46 -8.78 -39.90
C GLY C 106 40.55 -10.08 -39.13
N TRP C 107 39.40 -10.76 -39.08
CA TRP C 107 39.21 -11.94 -38.25
C TRP C 107 38.41 -12.99 -39.02
N ILE C 108 38.40 -14.20 -38.46
CA ILE C 108 37.63 -15.32 -39.01
C ILE C 108 36.76 -15.89 -37.89
N PHE C 109 35.45 -15.99 -38.15
CA PHE C 109 34.49 -16.50 -37.18
C PHE C 109 33.87 -17.79 -37.71
N GLY C 110 33.63 -18.74 -36.81
CA GLY C 110 33.05 -20.01 -37.20
C GLY C 110 32.97 -20.96 -36.03
N SER C 111 32.70 -22.22 -36.36
CA SER C 111 32.60 -23.29 -35.36
C SER C 111 33.68 -24.35 -35.54
N THR C 112 33.83 -24.89 -36.74
CA THR C 112 34.88 -25.87 -37.02
C THR C 112 35.95 -25.35 -37.96
N LEU C 113 35.70 -24.22 -38.63
CA LEU C 113 36.66 -23.56 -39.54
C LEU C 113 37.10 -24.49 -40.67
N ASP C 114 36.16 -25.30 -41.17
CA ASP C 114 36.37 -26.11 -42.35
C ASP C 114 35.15 -25.97 -43.26
N ASN C 115 35.18 -26.66 -44.40
CA ASN C 115 34.19 -26.43 -45.44
C ASN C 115 32.94 -27.31 -45.30
N THR C 116 32.81 -28.03 -44.19
CA THR C 116 31.59 -28.79 -43.91
C THR C 116 30.62 -28.02 -43.02
N THR C 117 31.00 -26.81 -42.58
CA THR C 117 30.15 -25.95 -41.77
C THR C 117 30.39 -24.52 -42.19
N GLN C 118 29.34 -23.70 -42.18
CA GLN C 118 29.45 -22.32 -42.62
C GLN C 118 30.29 -21.49 -41.66
N SER C 119 31.11 -20.61 -42.23
CA SER C 119 31.98 -19.73 -41.46
C SER C 119 31.94 -18.33 -42.08
N ALA C 120 32.30 -17.34 -41.27
CA ALA C 120 32.25 -15.95 -41.68
C ALA C 120 33.64 -15.34 -41.67
N VAL C 121 33.87 -14.40 -42.59
CA VAL C 121 35.11 -13.63 -42.65
C VAL C 121 34.77 -12.16 -42.67
N LEU C 122 35.56 -11.36 -41.96
CA LEU C 122 35.43 -9.90 -41.92
C LEU C 122 36.86 -9.35 -41.89
N PHE C 123 37.41 -9.06 -43.06
CA PHE C 123 38.79 -8.63 -43.14
C PHE C 123 38.93 -7.51 -44.15
N ASN C 124 40.01 -6.73 -43.99
CA ASN C 124 40.33 -5.64 -44.89
C ASN C 124 41.12 -6.21 -46.06
N ASN C 125 40.51 -6.16 -47.25
CA ASN C 125 41.13 -6.69 -48.46
C ASN C 125 42.36 -5.90 -48.88
N GLY C 126 42.45 -4.62 -48.48
CA GLY C 126 43.51 -3.75 -48.92
C GLY C 126 42.93 -2.59 -49.69
N THR C 127 41.94 -2.87 -50.53
CA THR C 127 41.17 -1.84 -51.23
C THR C 127 39.69 -1.91 -50.94
N HIS C 128 39.25 -2.85 -50.10
CA HIS C 128 37.84 -3.01 -49.77
C HIS C 128 37.72 -3.69 -48.40
N ILE C 129 36.51 -3.62 -47.84
CA ILE C 129 36.16 -4.38 -46.65
C ILE C 129 35.22 -5.51 -47.09
N VAL C 130 35.66 -6.74 -46.88
CA VAL C 130 34.97 -7.92 -47.42
C VAL C 130 34.31 -8.66 -46.28
N ILE C 131 33.00 -8.86 -46.38
CA ILE C 131 32.22 -9.63 -45.42
C ILE C 131 31.50 -10.74 -46.19
N ASN C 132 31.86 -11.99 -45.91
CA ASN C 132 31.24 -13.14 -46.54
C ASN C 132 31.02 -14.22 -45.50
N VAL C 133 29.88 -14.92 -45.62
CA VAL C 133 29.56 -16.04 -44.73
C VAL C 133 29.30 -17.24 -45.65
N CYS C 134 30.35 -18.01 -45.92
CA CYS C 134 30.27 -19.10 -46.90
C CYS C 134 30.87 -20.37 -46.31
N ASN C 135 30.82 -21.44 -47.09
CA ASN C 135 31.47 -22.71 -46.74
C ASN C 135 32.92 -22.62 -47.23
N PHE C 136 33.78 -22.09 -46.37
CA PHE C 136 35.15 -21.76 -46.75
C PHE C 136 36.08 -22.95 -46.52
N TYR C 137 36.96 -23.20 -47.49
CA TYR C 137 38.04 -24.18 -47.35
C TYR C 137 39.31 -23.39 -47.04
N PHE C 138 39.50 -23.09 -45.75
CA PHE C 138 40.64 -22.30 -45.33
C PHE C 138 41.93 -23.09 -45.45
N CYS C 139 43.01 -22.38 -45.76
CA CYS C 139 44.33 -22.99 -45.77
C CYS C 139 44.88 -23.04 -44.34
N GLN C 140 46.09 -23.59 -44.20
CA GLN C 140 46.68 -23.77 -42.87
C GLN C 140 47.02 -22.44 -42.21
N ASP C 141 47.52 -21.50 -42.98
CA ASP C 141 47.89 -20.17 -42.47
C ASP C 141 47.20 -19.10 -43.31
N PRO C 142 46.04 -18.60 -42.89
CA PRO C 142 45.38 -17.52 -43.63
C PRO C 142 46.17 -16.23 -43.52
N MET C 143 46.39 -15.58 -44.66
CA MET C 143 47.24 -14.40 -44.74
C MET C 143 46.87 -13.61 -45.98
N LEU C 144 47.52 -12.47 -46.14
CA LEU C 144 47.53 -11.74 -47.40
C LEU C 144 48.87 -11.04 -47.52
N ALA C 145 49.45 -11.08 -48.72
CA ALA C 145 50.83 -10.68 -48.94
C ALA C 145 50.90 -9.37 -49.71
N VAL C 146 51.87 -8.52 -49.34
CA VAL C 146 52.13 -7.28 -50.03
C VAL C 146 53.59 -7.26 -50.45
N ALA C 147 53.88 -6.47 -51.48
CA ALA C 147 55.24 -6.39 -52.01
C ALA C 147 55.48 -5.00 -52.56
N ASN C 148 56.62 -4.41 -52.20
CA ASN C 148 57.05 -3.08 -52.64
C ASN C 148 56.02 -2.01 -52.30
N GLY C 149 55.39 -2.15 -51.13
CA GLY C 149 54.40 -1.18 -50.69
C GLY C 149 53.09 -1.20 -51.47
N SER C 150 52.77 -2.32 -52.11
CA SER C 150 51.54 -2.43 -52.88
C SER C 150 50.88 -3.77 -52.58
N HIS C 151 49.56 -3.80 -52.75
CA HIS C 151 48.76 -5.00 -52.47
C HIS C 151 49.04 -6.03 -53.54
N PHE C 152 49.82 -7.06 -53.19
CA PHE C 152 50.19 -8.08 -54.17
C PHE C 152 49.09 -9.13 -54.33
N LYS C 153 48.81 -9.89 -53.26
CA LYS C 153 47.87 -11.00 -53.34
C LYS C 153 47.14 -11.14 -52.01
N SER C 154 45.99 -11.80 -52.05
CA SER C 154 45.24 -12.18 -50.87
C SER C 154 45.15 -13.70 -50.83
N TRP C 155 45.57 -14.29 -49.71
CA TRP C 155 45.70 -15.74 -49.61
C TRP C 155 44.89 -16.29 -48.45
N VAL C 156 43.64 -15.85 -48.31
CA VAL C 156 42.84 -16.23 -47.15
C VAL C 156 42.29 -17.65 -47.32
N PHE C 157 41.48 -17.87 -48.36
CA PHE C 157 40.82 -19.15 -48.56
C PHE C 157 41.15 -19.68 -49.95
N LEU C 158 40.70 -20.91 -50.21
CA LEU C 158 40.87 -21.56 -51.49
C LEU C 158 39.56 -21.71 -52.26
N ASN C 159 38.51 -22.20 -51.60
CA ASN C 159 37.21 -22.39 -52.21
C ASN C 159 36.13 -21.80 -51.32
N ALA C 160 35.05 -21.34 -51.96
CA ALA C 160 33.91 -20.76 -51.25
C ALA C 160 32.64 -21.09 -52.02
N THR C 161 31.74 -21.85 -51.42
CA THR C 161 30.52 -22.29 -52.07
C THR C 161 29.34 -22.17 -51.12
N ASN C 162 28.14 -22.18 -51.70
CA ASN C 162 26.86 -22.29 -50.99
C ASN C 162 26.66 -21.14 -50.00
N CYS C 163 26.54 -19.93 -50.54
CA CYS C 163 26.32 -18.79 -49.68
C CYS C 163 25.59 -17.67 -50.39
N THR C 164 24.98 -16.80 -49.58
CA THR C 164 24.16 -15.68 -50.03
C THR C 164 24.70 -14.33 -49.57
N TYR C 165 25.10 -14.23 -48.30
CA TYR C 165 25.49 -12.94 -47.75
C TYR C 165 26.83 -12.48 -48.31
N ASN C 166 26.87 -11.21 -48.76
CA ASN C 166 28.09 -10.62 -49.32
C ASN C 166 27.94 -9.12 -49.27
N ARG C 167 28.84 -8.44 -48.56
CA ARG C 167 28.86 -6.99 -48.50
C ARG C 167 30.29 -6.51 -48.73
N VAL C 168 30.43 -5.47 -49.55
CA VAL C 168 31.74 -4.90 -49.89
C VAL C 168 31.65 -3.39 -49.72
N HIS C 169 32.53 -2.83 -48.90
CA HIS C 169 32.61 -1.39 -48.68
C HIS C 169 33.92 -0.85 -49.25
N GLY C 170 33.85 0.31 -49.90
CA GLY C 170 35.05 0.94 -50.42
C GLY C 170 35.88 1.52 -49.28
N PHE C 171 37.17 1.21 -49.28
CA PHE C 171 38.07 1.67 -48.24
C PHE C 171 39.50 1.62 -48.80
N GLU C 172 40.42 2.27 -48.09
CA GLU C 172 41.79 2.34 -48.59
C GLU C 172 42.74 2.49 -47.41
N ILE C 173 43.83 1.72 -47.43
CA ILE C 173 44.89 1.80 -46.43
C ILE C 173 46.23 1.84 -47.16
N ASP C 174 47.29 2.06 -46.39
CA ASP C 174 48.64 2.06 -46.92
C ASP C 174 49.35 0.79 -46.51
N PRO C 175 49.69 -0.11 -47.43
CA PRO C 175 50.31 -1.38 -47.07
C PRO C 175 51.82 -1.34 -46.92
N SER C 176 52.45 -0.18 -47.03
CA SER C 176 53.90 -0.10 -46.93
C SER C 176 54.34 -0.26 -45.48
N PRO C 177 55.28 -1.16 -45.19
CA PRO C 177 55.77 -1.32 -43.82
C PRO C 177 56.58 -0.12 -43.37
N ASN C 178 56.55 0.12 -42.06
CA ASN C 178 57.27 1.23 -41.44
C ASN C 178 58.08 0.70 -40.26
N THR C 179 58.72 1.63 -39.55
CA THR C 179 59.45 1.32 -38.33
C THR C 179 59.10 2.35 -37.27
N GLY C 180 59.25 1.93 -36.01
CA GLY C 180 58.91 2.81 -34.90
C GLY C 180 58.64 2.07 -33.61
N SER C 181 57.66 2.55 -32.84
CA SER C 181 57.37 1.99 -31.53
C SER C 181 55.86 1.86 -31.33
N PHE C 182 55.17 1.32 -32.34
CA PHE C 182 53.76 0.92 -32.28
C PHE C 182 52.85 2.10 -31.92
N ILE C 183 52.79 3.06 -32.85
CA ILE C 183 52.09 4.31 -32.59
C ILE C 183 50.57 4.16 -32.58
N HIS C 184 50.03 3.02 -33.04
CA HIS C 184 48.59 2.85 -33.20
C HIS C 184 48.05 1.83 -32.22
N LEU C 185 46.87 2.10 -31.68
CA LEU C 185 46.12 1.15 -30.84
C LEU C 185 44.68 1.11 -31.32
N ARG C 186 44.26 -0.04 -31.83
CA ARG C 186 42.90 -0.25 -32.29
C ARG C 186 42.29 -1.41 -31.52
N GLU C 187 41.07 -1.21 -31.01
CA GLU C 187 40.43 -2.20 -30.17
C GLU C 187 38.98 -2.40 -30.57
N HIS C 188 38.52 -3.65 -30.47
CA HIS C 188 37.16 -4.02 -30.81
C HIS C 188 36.65 -5.02 -29.77
N VAL C 189 35.32 -5.09 -29.64
CA VAL C 189 34.69 -6.19 -28.92
C VAL C 189 33.64 -6.83 -29.82
N PHE C 190 33.44 -8.13 -29.65
CA PHE C 190 32.52 -8.90 -30.47
C PHE C 190 31.57 -9.68 -29.58
N ARG C 191 30.30 -9.74 -29.99
CA ARG C 191 29.30 -10.56 -29.32
C ARG C 191 28.18 -10.84 -30.31
N ASN C 192 27.65 -12.06 -30.27
CA ASN C 192 26.50 -12.40 -31.08
C ASN C 192 25.36 -12.94 -30.22
N VAL C 193 24.20 -12.29 -30.33
CA VAL C 193 22.97 -12.71 -29.66
C VAL C 193 21.82 -12.56 -30.65
N ASP C 194 20.91 -13.53 -30.63
CA ASP C 194 19.68 -13.53 -31.45
C ASP C 194 19.98 -13.43 -32.94
N GLY C 195 21.10 -14.01 -33.39
CA GLY C 195 21.43 -14.01 -34.80
C GLY C 195 22.06 -12.75 -35.33
N PHE C 196 22.41 -11.80 -34.47
CA PHE C 196 23.08 -10.57 -34.88
C PHE C 196 24.48 -10.53 -34.26
N LEU C 197 25.49 -10.33 -35.10
CA LEU C 197 26.85 -10.14 -34.62
C LEU C 197 27.13 -8.66 -34.45
N TYR C 198 27.65 -8.28 -33.29
CA TYR C 198 27.89 -6.89 -32.94
C TYR C 198 29.38 -6.61 -32.96
N VAL C 199 29.77 -5.52 -33.63
CA VAL C 199 31.16 -5.08 -33.69
C VAL C 199 31.22 -3.65 -33.18
N TYR C 200 32.12 -3.41 -32.23
CA TYR C 200 32.35 -2.09 -31.66
C TYR C 200 33.76 -1.63 -32.00
N HIS C 201 33.98 -0.32 -31.95
CA HIS C 201 35.24 0.23 -32.44
C HIS C 201 35.70 1.38 -31.56
N ASN C 202 37.02 1.46 -31.36
CA ASN C 202 37.65 2.59 -30.70
C ASN C 202 39.10 2.67 -31.16
N TYR C 203 39.63 3.89 -31.20
CA TYR C 203 41.00 4.11 -31.63
C TYR C 203 41.60 5.27 -30.84
N GLU C 204 42.86 5.12 -30.45
CA GLU C 204 43.62 6.21 -29.85
C GLU C 204 45.10 5.96 -30.12
N ARG C 205 45.89 7.03 -30.02
CA ARG C 205 47.31 7.00 -30.34
C ARG C 205 48.11 6.89 -29.05
N VAL C 206 48.94 5.84 -28.95
CA VAL C 206 49.77 5.57 -27.80
C VAL C 206 51.21 5.38 -28.27
N ASP C 207 52.13 5.23 -27.32
CA ASP C 207 53.53 4.92 -27.62
C ASP C 207 54.01 3.87 -26.61
N VAL C 208 53.75 2.59 -26.92
CA VAL C 208 54.24 1.47 -26.13
C VAL C 208 54.77 0.44 -27.12
N TYR C 209 55.63 -0.46 -26.64
CA TYR C 209 56.22 -1.47 -27.51
C TYR C 209 55.78 -2.89 -27.17
N ASP C 210 56.00 -3.33 -25.93
CA ASP C 210 55.73 -4.71 -25.55
C ASP C 210 54.91 -4.79 -24.26
N ASN C 211 53.96 -3.88 -24.09
CA ASN C 211 53.11 -3.89 -22.90
C ASN C 211 51.77 -3.28 -23.27
N PHE C 212 50.74 -3.65 -22.50
CA PHE C 212 49.41 -3.11 -22.73
C PHE C 212 49.29 -1.73 -22.12
N PRO C 213 48.90 -0.72 -22.89
CA PRO C 213 48.74 0.63 -22.32
C PRO C 213 47.58 0.70 -21.35
N GLN C 214 47.72 1.57 -20.36
CA GLN C 214 46.71 1.77 -19.34
C GLN C 214 45.76 2.91 -19.72
N GLY C 215 44.66 3.01 -18.98
CA GLY C 215 43.70 4.07 -19.17
C GLY C 215 42.29 3.53 -19.20
N PHE C 216 41.34 4.41 -19.55
CA PHE C 216 39.93 4.09 -19.64
C PHE C 216 39.43 4.43 -21.02
N SER C 217 38.69 3.50 -21.64
CA SER C 217 38.20 3.68 -23.00
C SER C 217 36.78 3.16 -23.11
N VAL C 218 36.02 3.75 -24.04
CA VAL C 218 34.63 3.38 -24.29
C VAL C 218 34.49 3.02 -25.75
N LEU C 219 33.84 1.89 -26.04
CA LEU C 219 33.70 1.37 -27.39
C LEU C 219 32.36 1.80 -27.98
N LYS C 220 32.38 2.18 -29.27
CA LYS C 220 31.18 2.62 -29.97
C LYS C 220 30.77 1.64 -31.06
N PRO C 221 29.47 1.38 -31.21
CA PRO C 221 29.04 0.35 -32.17
C PRO C 221 29.10 0.84 -33.61
N ILE C 222 29.59 -0.03 -34.49
CA ILE C 222 29.64 0.26 -35.91
C ILE C 222 28.92 -0.76 -36.78
N PHE C 223 28.72 -1.99 -36.31
CA PHE C 223 28.12 -3.04 -37.14
C PHE C 223 27.04 -3.77 -36.37
N LYS C 224 26.05 -4.27 -37.11
CA LYS C 224 25.05 -5.20 -36.59
C LYS C 224 24.68 -6.11 -37.77
N LEU C 225 25.33 -7.27 -37.84
CA LEU C 225 25.31 -8.09 -39.03
C LEU C 225 24.34 -9.24 -38.87
N PRO C 226 23.32 -9.37 -39.74
CA PRO C 226 22.26 -10.37 -39.58
C PRO C 226 22.53 -11.70 -40.27
N PHE C 227 23.42 -12.51 -39.70
CA PHE C 227 23.53 -13.91 -40.10
C PHE C 227 23.41 -14.80 -38.87
N GLY C 228 22.62 -15.86 -38.99
CA GLY C 228 22.47 -16.79 -37.90
C GLY C 228 23.54 -17.85 -37.97
N LEU C 229 24.60 -17.66 -37.19
CA LEU C 229 25.78 -18.51 -37.26
C LEU C 229 26.12 -19.04 -35.88
N ASN C 230 26.42 -20.33 -35.79
CA ASN C 230 26.90 -20.95 -34.56
C ASN C 230 28.39 -20.66 -34.47
N ILE C 231 28.75 -19.68 -33.65
CA ILE C 231 30.12 -19.19 -33.53
C ILE C 231 30.70 -19.67 -32.21
N THR C 232 31.75 -20.48 -32.29
CA THR C 232 32.45 -20.96 -31.10
C THR C 232 33.96 -20.79 -31.15
N GLN C 233 34.54 -20.53 -32.31
CA GLN C 233 35.98 -20.34 -32.45
C GLN C 233 36.27 -18.99 -33.12
N PHE C 234 37.56 -18.70 -33.29
CA PHE C 234 38.01 -17.37 -33.66
C PHE C 234 39.46 -17.46 -34.14
N LYS C 235 39.79 -16.71 -35.18
CA LYS C 235 41.12 -16.71 -35.75
C LYS C 235 41.41 -15.35 -36.35
N VAL C 236 42.69 -14.99 -36.43
CA VAL C 236 43.13 -13.66 -36.84
C VAL C 236 43.92 -13.79 -38.13
N ILE C 237 43.64 -12.90 -39.09
CA ILE C 237 44.33 -12.85 -40.36
C ILE C 237 45.43 -11.80 -40.28
N MET C 238 46.65 -12.15 -40.70
CA MET C 238 47.80 -11.26 -40.64
C MET C 238 48.30 -10.96 -42.05
N THR C 239 49.44 -10.27 -42.11
CA THR C 239 50.01 -9.78 -43.35
C THR C 239 51.49 -10.15 -43.42
N LEU C 240 51.96 -10.47 -44.62
CA LEU C 240 53.37 -10.76 -44.86
C LEU C 240 54.00 -9.64 -45.68
N PHE C 241 55.33 -9.54 -45.60
CA PHE C 241 56.06 -8.48 -46.26
C PHE C 241 57.28 -9.07 -46.99
N SER C 242 57.64 -8.42 -48.09
CA SER C 242 58.78 -8.85 -48.89
C SER C 242 59.58 -7.64 -49.32
N PRO C 243 60.91 -7.78 -49.47
CA PRO C 243 61.75 -6.73 -50.05
C PRO C 243 61.80 -6.81 -51.58
N THR C 244 60.63 -6.84 -52.20
CA THR C 244 60.44 -6.98 -53.66
C THR C 244 61.15 -8.24 -54.17
N THR C 245 60.66 -9.39 -53.70
CA THR C 245 61.21 -10.69 -54.07
C THR C 245 60.13 -11.75 -53.83
N SER C 246 60.49 -13.00 -54.11
CA SER C 246 59.56 -14.11 -53.90
C SER C 246 59.44 -14.48 -52.43
N SER C 247 60.53 -14.37 -51.66
CA SER C 247 60.49 -14.75 -50.26
C SER C 247 59.75 -13.69 -49.44
N PHE C 248 58.99 -14.16 -48.45
CA PHE C 248 58.16 -13.30 -47.62
C PHE C 248 58.59 -13.43 -46.17
N ASN C 249 58.58 -12.30 -45.45
CA ASN C 249 58.97 -12.25 -44.04
C ASN C 249 57.93 -11.46 -43.26
N ALA C 250 57.88 -11.71 -41.95
CA ALA C 250 56.89 -11.09 -41.10
C ALA C 250 57.35 -9.71 -40.64
N ASP C 251 56.51 -9.04 -39.86
CA ASP C 251 56.82 -7.75 -39.27
C ASP C 251 56.36 -7.75 -37.82
N ALA C 252 56.67 -6.66 -37.12
CA ALA C 252 56.39 -6.58 -35.69
C ALA C 252 54.95 -6.16 -35.45
N SER C 253 54.20 -6.99 -34.71
CA SER C 253 52.85 -6.68 -34.28
C SER C 253 52.50 -7.58 -33.12
N VAL C 254 51.49 -7.17 -32.34
CA VAL C 254 51.02 -7.95 -31.20
C VAL C 254 49.58 -7.54 -30.91
N TYR C 255 48.75 -8.52 -30.55
CA TYR C 255 47.37 -8.28 -30.17
C TYR C 255 47.06 -9.00 -28.86
N PHE C 256 45.97 -8.58 -28.22
CA PHE C 256 45.57 -9.10 -26.93
C PHE C 256 44.10 -9.53 -26.98
N VAL C 257 43.77 -10.59 -26.26
CA VAL C 257 42.45 -11.20 -26.30
C VAL C 257 41.94 -11.36 -24.87
N GLY C 258 40.74 -10.86 -24.61
CA GLY C 258 40.11 -11.03 -23.32
C GLY C 258 38.69 -11.54 -23.48
N HIS C 259 38.21 -12.23 -22.45
CA HIS C 259 36.90 -12.85 -22.45
C HIS C 259 35.93 -12.08 -21.56
N LEU C 260 34.70 -11.95 -22.03
CA LEU C 260 33.66 -11.24 -21.30
C LEU C 260 33.03 -12.14 -20.25
N LYS C 261 32.63 -11.53 -19.13
CA LYS C 261 32.10 -12.22 -17.98
C LYS C 261 30.78 -11.61 -17.56
N PRO C 262 29.87 -12.39 -16.96
CA PRO C 262 28.59 -11.83 -16.48
C PRO C 262 28.80 -11.08 -15.17
N LEU C 263 28.60 -9.77 -15.20
CA LEU C 263 28.83 -8.94 -14.04
C LEU C 263 28.05 -7.64 -14.18
N THR C 264 28.03 -6.87 -13.09
CA THR C 264 27.30 -5.62 -12.98
C THR C 264 28.29 -4.46 -12.96
N MET C 265 27.97 -3.39 -13.70
CA MET C 265 28.71 -2.14 -13.63
C MET C 265 27.76 -0.97 -13.50
N LEU C 266 28.34 0.18 -13.11
CA LEU C 266 27.63 1.44 -13.01
C LEU C 266 28.23 2.41 -14.03
N ALA C 267 27.38 2.98 -14.86
CA ALA C 267 27.80 3.89 -15.92
C ALA C 267 27.31 5.30 -15.61
N GLU C 268 28.16 6.28 -15.91
CA GLU C 268 27.87 7.68 -15.66
C GLU C 268 27.81 8.42 -17.00
N PHE C 269 26.74 9.17 -17.21
CA PHE C 269 26.52 9.90 -18.45
C PHE C 269 26.59 11.40 -18.19
N ASP C 270 27.14 12.14 -19.14
CA ASP C 270 27.19 13.59 -19.05
C ASP C 270 26.00 14.18 -19.81
N GLU C 271 25.98 15.51 -19.96
CA GLU C 271 24.86 16.18 -20.60
C GLU C 271 24.85 16.02 -22.13
N ASN C 272 25.94 15.55 -22.72
CA ASN C 272 25.99 15.25 -24.14
C ASN C 272 25.69 13.78 -24.44
N GLY C 273 25.39 12.97 -23.44
CA GLY C 273 25.08 11.58 -23.65
C GLY C 273 26.27 10.65 -23.75
N THR C 274 27.49 11.15 -23.55
CA THR C 274 28.67 10.33 -23.57
C THR C 274 28.97 9.78 -22.18
N ILE C 275 29.79 8.73 -22.13
CA ILE C 275 30.18 8.10 -20.88
C ILE C 275 31.54 8.64 -20.48
N THR C 276 31.59 9.31 -19.32
CA THR C 276 32.85 9.86 -18.83
C THR C 276 33.68 8.81 -18.09
N ASP C 277 33.06 8.09 -17.17
CA ASP C 277 33.72 7.01 -16.45
C ASP C 277 32.70 5.98 -16.01
N ALA C 278 33.19 4.78 -15.71
CA ALA C 278 32.36 3.69 -15.24
C ALA C 278 33.01 3.02 -14.04
N VAL C 279 32.18 2.40 -13.21
CA VAL C 279 32.62 1.70 -12.01
C VAL C 279 32.26 0.24 -12.17
N ASP C 280 33.27 -0.63 -12.07
CA ASP C 280 33.04 -2.07 -12.09
C ASP C 280 32.71 -2.53 -10.68
N CYS C 281 31.47 -3.00 -10.50
CA CYS C 281 31.05 -3.47 -9.20
C CYS C 281 31.76 -4.78 -8.86
N SER C 282 31.90 -5.04 -7.56
CA SER C 282 32.53 -6.27 -7.03
C SER C 282 33.98 -6.41 -7.48
N GLN C 283 34.75 -5.33 -7.35
CA GLN C 283 36.19 -5.37 -7.57
C GLN C 283 36.95 -5.17 -6.26
N ASP C 284 36.69 -4.09 -5.56
CA ASP C 284 37.24 -3.77 -4.26
C ASP C 284 36.10 -3.22 -3.42
N PRO C 285 36.24 -3.16 -2.09
CA PRO C 285 35.16 -2.59 -1.26
C PRO C 285 34.81 -1.14 -1.56
N LEU C 286 35.71 -0.37 -2.18
CA LEU C 286 35.39 1.00 -2.52
C LEU C 286 34.40 1.06 -3.68
N SER C 287 34.56 0.19 -4.68
CA SER C 287 33.64 0.20 -5.82
C SER C 287 32.27 -0.33 -5.43
N GLU C 288 32.23 -1.31 -4.52
CA GLU C 288 30.96 -1.83 -4.03
C GLU C 288 30.19 -0.76 -3.26
N LEU C 289 30.90 0.12 -2.54
CA LEU C 289 30.26 1.23 -1.87
C LEU C 289 29.64 2.20 -2.85
N LYS C 290 30.34 2.51 -3.94
CA LYS C 290 29.79 3.39 -4.96
C LYS C 290 28.70 2.69 -5.77
N CYS C 291 28.72 1.35 -5.80
CA CYS C 291 27.77 0.59 -6.60
C CYS C 291 26.40 0.56 -5.96
N THR C 292 26.31 0.68 -4.64
CA THR C 292 25.05 0.66 -3.92
C THR C 292 24.43 2.05 -3.79
N THR C 293 25.25 3.07 -3.55
CA THR C 293 24.75 4.43 -3.40
C THR C 293 24.48 5.12 -4.73
N LYS C 294 24.89 4.49 -5.85
CA LYS C 294 24.66 5.01 -7.21
C LYS C 294 25.25 6.41 -7.40
N SER C 295 26.44 6.62 -6.85
CA SER C 295 27.12 7.91 -6.98
C SER C 295 28.61 7.68 -7.11
N LEU C 296 29.29 8.64 -7.74
CA LEU C 296 30.74 8.57 -7.89
C LEU C 296 31.48 9.18 -6.71
N THR C 297 30.88 10.15 -6.03
CA THR C 297 31.48 10.79 -4.87
C THR C 297 30.65 10.42 -3.64
N VAL C 298 31.33 9.94 -2.60
CA VAL C 298 30.68 9.45 -1.39
C VAL C 298 31.10 10.33 -0.23
N GLU C 299 30.13 10.82 0.54
CA GLU C 299 30.41 11.56 1.75
C GLU C 299 30.91 10.61 2.83
N LYS C 300 31.56 11.18 3.85
CA LYS C 300 32.14 10.37 4.91
C LYS C 300 31.05 9.79 5.81
N GLY C 301 31.37 8.65 6.42
CA GLY C 301 30.45 7.94 7.28
C GLY C 301 30.58 6.45 7.05
N ILE C 302 29.62 5.71 7.60
CA ILE C 302 29.57 4.25 7.50
C ILE C 302 28.26 3.86 6.81
N TYR C 303 28.37 3.01 5.80
CA TYR C 303 27.23 2.65 4.95
C TYR C 303 27.07 1.14 4.90
N GLN C 304 25.83 0.69 4.75
CA GLN C 304 25.50 -0.73 4.66
C GLN C 304 25.46 -1.11 3.19
N THR C 305 26.43 -1.91 2.75
CA THR C 305 26.54 -2.26 1.34
C THR C 305 25.86 -3.61 1.06
N SER C 306 25.34 -3.72 -0.16
CA SER C 306 24.68 -4.94 -0.61
C SER C 306 25.74 -5.93 -1.10
N ASN C 307 25.30 -7.09 -1.56
CA ASN C 307 26.19 -8.16 -1.98
C ASN C 307 26.40 -8.08 -3.50
N PHE C 308 27.67 -8.02 -3.91
CA PHE C 308 28.03 -8.11 -5.31
C PHE C 308 29.18 -9.07 -5.60
N ARG C 309 29.98 -9.43 -4.60
CA ARG C 309 31.16 -10.26 -4.79
C ARG C 309 30.82 -11.75 -4.82
N VAL C 310 29.82 -12.13 -5.60
CA VAL C 310 29.34 -13.50 -5.67
C VAL C 310 29.14 -13.85 -7.15
N SER C 311 29.81 -14.91 -7.60
CA SER C 311 29.74 -15.37 -8.98
C SER C 311 29.49 -16.87 -8.98
N PRO C 312 28.23 -17.30 -8.86
CA PRO C 312 27.93 -18.74 -8.95
C PRO C 312 27.95 -19.20 -10.39
N SER C 313 29.00 -19.94 -10.76
CA SER C 313 29.19 -20.39 -12.13
C SER C 313 29.08 -21.90 -12.29
N THR C 314 29.32 -22.68 -11.24
CA THR C 314 29.29 -24.13 -11.34
C THR C 314 27.85 -24.64 -11.23
N GLU C 315 27.49 -25.57 -12.10
CA GLU C 315 26.19 -26.21 -12.09
C GLU C 315 26.35 -27.64 -11.60
N VAL C 316 25.64 -27.99 -10.53
CA VAL C 316 25.61 -29.35 -10.02
C VAL C 316 24.18 -29.87 -10.11
N VAL C 317 24.02 -31.07 -10.67
CA VAL C 317 22.72 -31.69 -10.88
C VAL C 317 22.76 -33.11 -10.33
N ARG C 318 21.73 -33.50 -9.60
CA ARG C 318 21.63 -34.82 -9.02
C ARG C 318 20.27 -35.42 -9.36
N PHE C 319 20.30 -36.58 -10.03
CA PHE C 319 19.11 -37.29 -10.46
C PHE C 319 19.26 -38.75 -10.05
N PRO C 320 18.14 -39.48 -9.86
CA PRO C 320 18.26 -40.89 -9.43
C PRO C 320 18.83 -41.81 -10.50
N ASN C 321 18.98 -43.08 -10.16
CA ASN C 321 19.64 -44.06 -11.02
C ASN C 321 18.69 -44.74 -12.00
N ILE C 322 17.58 -44.09 -12.36
CA ILE C 322 16.67 -44.64 -13.34
C ILE C 322 17.29 -44.53 -14.72
N THR C 323 17.35 -45.64 -15.45
CA THR C 323 18.08 -45.69 -16.71
C THR C 323 17.30 -46.26 -17.88
N ASN C 324 16.22 -47.00 -17.66
CA ASN C 324 15.51 -47.62 -18.77
C ASN C 324 14.63 -46.62 -19.52
N LEU C 325 14.46 -46.86 -20.81
CA LEU C 325 13.64 -46.00 -21.64
C LEU C 325 12.16 -46.21 -21.31
N CYS C 326 11.38 -45.14 -21.41
CA CYS C 326 10.04 -45.27 -20.86
C CYS C 326 9.08 -45.71 -21.97
N PRO C 327 8.15 -46.64 -21.67
CA PRO C 327 7.38 -47.30 -22.76
C PRO C 327 6.41 -46.38 -23.47
N PHE C 328 6.94 -45.60 -24.41
CA PHE C 328 6.12 -44.80 -25.31
C PHE C 328 5.66 -45.59 -26.52
N GLY C 329 6.19 -46.80 -26.73
CA GLY C 329 5.81 -47.58 -27.89
C GLY C 329 4.49 -48.30 -27.71
N GLN C 330 4.23 -48.80 -26.51
CA GLN C 330 3.01 -49.56 -26.25
C GLN C 330 1.83 -48.69 -25.86
N VAL C 331 2.03 -47.37 -25.76
CA VAL C 331 0.94 -46.45 -25.44
C VAL C 331 0.64 -45.52 -26.61
N PHE C 332 1.54 -45.38 -27.57
CA PHE C 332 1.28 -44.60 -28.79
C PHE C 332 1.11 -45.48 -30.02
N ASN C 333 2.04 -46.40 -30.27
CA ASN C 333 1.92 -47.33 -31.39
C ASN C 333 1.38 -48.65 -30.84
N ALA C 334 0.10 -48.64 -30.52
CA ALA C 334 -0.63 -49.83 -30.12
C ALA C 334 -1.77 -50.06 -31.11
N SER C 335 -2.62 -51.03 -30.80
CA SER C 335 -3.78 -51.32 -31.62
C SER C 335 -5.03 -51.38 -30.75
N ASN C 336 -6.14 -50.91 -31.33
CA ASN C 336 -7.47 -50.98 -30.72
C ASN C 336 -7.53 -50.26 -29.36
N PHE C 337 -7.37 -48.94 -29.41
CA PHE C 337 -7.71 -48.14 -28.24
C PHE C 337 -9.22 -48.23 -27.98
N PRO C 338 -9.65 -48.14 -26.72
CA PRO C 338 -11.08 -48.20 -26.43
C PRO C 338 -11.80 -46.93 -26.86
N SER C 339 -13.12 -47.01 -26.84
CA SER C 339 -13.96 -45.86 -27.10
C SER C 339 -13.92 -44.90 -25.92
N VAL C 340 -14.51 -43.71 -26.12
CA VAL C 340 -14.38 -42.63 -25.14
C VAL C 340 -15.15 -42.92 -23.86
N TYR C 341 -16.29 -43.62 -23.96
CA TYR C 341 -17.07 -43.91 -22.76
C TYR C 341 -16.46 -45.00 -21.90
N ALA C 342 -15.51 -45.76 -22.43
CA ALA C 342 -14.84 -46.85 -21.71
C ALA C 342 -13.34 -46.65 -21.73
N TRP C 343 -12.89 -45.45 -21.40
CA TRP C 343 -11.47 -45.11 -21.42
C TRP C 343 -10.72 -45.87 -20.33
N GLU C 344 -9.43 -46.07 -20.55
CA GLU C 344 -8.60 -46.88 -19.68
C GLU C 344 -7.48 -46.04 -19.08
N ARG C 345 -7.07 -46.41 -17.87
CA ARG C 345 -6.00 -45.75 -17.15
C ARG C 345 -4.76 -46.63 -17.13
N LEU C 346 -3.60 -45.99 -17.17
CA LEU C 346 -2.32 -46.67 -17.11
C LEU C 346 -1.40 -45.94 -16.15
N ARG C 347 -0.77 -46.66 -15.24
CA ARG C 347 0.19 -46.08 -14.32
C ARG C 347 1.59 -46.23 -14.90
N ILE C 348 2.32 -45.13 -14.97
CA ILE C 348 3.65 -45.09 -15.57
C ILE C 348 4.63 -44.72 -14.47
N SER C 349 5.63 -45.57 -14.24
CA SER C 349 6.57 -45.35 -13.15
C SER C 349 7.90 -46.01 -13.48
N ASP C 350 8.95 -45.53 -12.81
CA ASP C 350 10.31 -46.07 -12.87
C ASP C 350 10.86 -46.08 -14.29
N CYS C 351 10.75 -44.93 -14.97
CA CYS C 351 11.23 -44.81 -16.34
C CYS C 351 11.84 -43.42 -16.54
N VAL C 352 12.40 -43.19 -17.73
CA VAL C 352 12.99 -41.92 -18.09
C VAL C 352 12.17 -41.32 -19.22
N ALA C 353 11.54 -40.18 -18.96
CA ALA C 353 10.61 -39.55 -19.89
C ALA C 353 11.40 -38.77 -20.93
N ASP C 354 11.78 -39.46 -22.00
CA ASP C 354 12.48 -38.85 -23.13
C ASP C 354 11.48 -38.62 -24.25
N TYR C 355 11.10 -37.36 -24.46
CA TYR C 355 10.13 -37.02 -25.49
C TYR C 355 10.73 -36.93 -26.88
N ALA C 356 12.05 -36.99 -27.01
CA ALA C 356 12.69 -36.87 -28.32
C ALA C 356 12.58 -38.15 -29.14
N VAL C 357 12.31 -39.29 -28.51
CA VAL C 357 12.18 -40.54 -29.25
C VAL C 357 10.87 -40.64 -30.02
N LEU C 358 9.90 -39.76 -29.74
CA LEU C 358 8.66 -39.73 -30.50
C LEU C 358 8.81 -39.02 -31.83
N TYR C 359 9.93 -38.31 -32.06
CA TYR C 359 10.17 -37.66 -33.34
C TYR C 359 10.46 -38.66 -34.44
N ASN C 360 10.96 -39.84 -34.09
CA ASN C 360 11.35 -40.84 -35.09
C ASN C 360 10.13 -41.51 -35.71
N SER C 361 8.99 -41.50 -35.01
CA SER C 361 7.79 -42.18 -35.50
C SER C 361 7.15 -41.38 -36.63
N SER C 362 6.24 -42.03 -37.34
CA SER C 362 5.54 -41.40 -38.46
C SER C 362 4.35 -40.56 -38.03
N SER C 363 3.89 -40.69 -36.78
CA SER C 363 2.74 -39.93 -36.31
C SER C 363 3.19 -38.61 -35.73
N SER C 364 2.49 -37.54 -36.08
CA SER C 364 2.78 -36.19 -35.60
C SER C 364 1.58 -35.67 -34.83
N PHE C 365 1.84 -35.03 -33.70
CA PHE C 365 0.77 -34.54 -32.84
C PHE C 365 0.23 -33.21 -33.36
N SER C 366 -1.09 -33.14 -33.54
CA SER C 366 -1.74 -31.89 -33.88
C SER C 366 -2.20 -31.10 -32.65
N THR C 367 -2.03 -31.67 -31.45
CA THR C 367 -2.39 -30.99 -30.21
C THR C 367 -1.36 -31.35 -29.16
N PHE C 368 -0.66 -30.35 -28.62
CA PHE C 368 0.37 -30.55 -27.60
C PHE C 368 0.19 -29.50 -26.51
N LYS C 369 -1.03 -29.38 -26.00
CA LYS C 369 -1.35 -28.37 -25.00
C LYS C 369 -1.00 -28.88 -23.61
N CYS C 370 -0.24 -28.08 -22.86
CA CYS C 370 0.12 -28.38 -21.48
C CYS C 370 -0.43 -27.29 -20.58
N TYR C 371 -0.81 -27.67 -19.36
CA TYR C 371 -1.57 -26.78 -18.49
C TYR C 371 -0.81 -26.39 -17.24
N GLY C 372 -0.33 -27.35 -16.44
CA GLY C 372 0.32 -27.00 -15.19
C GLY C 372 1.77 -26.62 -15.33
N VAL C 373 2.43 -27.08 -16.40
CA VAL C 373 3.85 -26.86 -16.61
C VAL C 373 4.07 -26.32 -18.02
N SER C 374 5.24 -25.73 -18.21
CA SER C 374 5.64 -25.29 -19.54
C SER C 374 6.14 -26.47 -20.36
N PRO C 375 5.84 -26.50 -21.67
CA PRO C 375 6.33 -27.62 -22.50
C PRO C 375 7.84 -27.65 -22.68
N THR C 376 8.52 -26.50 -22.55
CA THR C 376 9.97 -26.49 -22.72
C THR C 376 10.69 -27.05 -21.50
N LYS C 377 10.16 -26.81 -20.31
CA LYS C 377 10.80 -27.28 -19.07
C LYS C 377 10.26 -28.63 -18.64
N LEU C 378 10.30 -29.61 -19.54
CA LEU C 378 9.92 -30.97 -19.22
C LEU C 378 11.10 -31.93 -19.13
N ASN C 379 12.26 -31.54 -19.68
CA ASN C 379 13.48 -32.32 -19.53
C ASN C 379 14.21 -32.04 -18.23
N ASP C 380 13.84 -30.98 -17.51
CA ASP C 380 14.48 -30.59 -16.27
C ASP C 380 13.68 -30.95 -15.03
N LEU C 381 12.35 -30.80 -15.13
CA LEU C 381 11.46 -31.12 -14.01
C LEU C 381 11.29 -32.64 -13.91
N CYS C 382 10.99 -33.15 -12.71
CA CYS C 382 10.73 -34.59 -12.55
C CYS C 382 9.47 -34.81 -11.72
N PHE C 383 8.76 -35.94 -11.89
CA PHE C 383 7.45 -36.09 -11.21
C PHE C 383 7.41 -37.25 -10.23
N SER C 384 6.55 -37.15 -9.21
CA SER C 384 6.37 -38.20 -8.21
C SER C 384 5.50 -39.33 -8.71
N SER C 385 4.45 -39.02 -9.47
CA SER C 385 3.58 -40.05 -10.03
C SER C 385 2.86 -39.48 -11.24
N VAL C 386 2.78 -40.26 -12.32
CA VAL C 386 2.08 -39.85 -13.53
C VAL C 386 1.10 -40.94 -13.94
N TYR C 387 0.07 -40.51 -14.67
CA TYR C 387 -0.96 -41.42 -15.16
C TYR C 387 -1.27 -41.07 -16.61
N ALA C 388 -1.81 -42.04 -17.33
CA ALA C 388 -2.16 -41.87 -18.74
C ALA C 388 -3.56 -42.40 -19.01
N ASP C 389 -4.38 -41.59 -19.66
CA ASP C 389 -5.71 -41.98 -20.10
C ASP C 389 -5.78 -41.87 -21.62
N TYR C 390 -6.29 -42.91 -22.28
CA TYR C 390 -6.31 -42.94 -23.74
C TYR C 390 -7.66 -43.43 -24.25
N PHE C 391 -8.12 -42.80 -25.33
CA PHE C 391 -9.42 -43.11 -25.95
C PHE C 391 -9.40 -42.56 -27.37
N VAL C 392 -10.54 -42.65 -28.06
CA VAL C 392 -10.69 -42.21 -29.44
C VAL C 392 -11.93 -41.33 -29.54
N VAL C 393 -11.79 -40.15 -30.15
CA VAL C 393 -12.90 -39.21 -30.27
C VAL C 393 -13.21 -38.89 -31.74
N LYS C 394 -14.17 -38.00 -31.96
CA LYS C 394 -14.74 -37.74 -33.28
C LYS C 394 -13.85 -36.89 -34.17
N GLY C 395 -12.96 -36.08 -33.61
CA GLY C 395 -12.09 -35.26 -34.42
C GLY C 395 -12.29 -33.77 -34.23
N ASP C 396 -13.55 -33.34 -34.13
CA ASP C 396 -13.87 -32.01 -33.66
C ASP C 396 -14.40 -32.02 -32.23
N ASP C 397 -14.31 -33.16 -31.55
CA ASP C 397 -14.54 -33.27 -30.12
C ASP C 397 -13.26 -33.14 -29.31
N VAL C 398 -12.12 -32.94 -29.98
CA VAL C 398 -10.83 -32.85 -29.31
C VAL C 398 -10.73 -31.58 -28.46
N ARG C 399 -11.38 -30.50 -28.89
CA ARG C 399 -11.37 -29.25 -28.13
C ARG C 399 -12.18 -29.35 -26.84
N GLN C 400 -12.98 -30.40 -26.66
CA GLN C 400 -13.68 -30.63 -25.41
C GLN C 400 -12.81 -31.32 -24.37
N ILE C 401 -11.63 -31.80 -24.75
CA ILE C 401 -10.70 -32.42 -23.78
C ILE C 401 -9.84 -31.29 -23.24
N ALA C 402 -10.39 -30.58 -22.27
CA ALA C 402 -9.77 -29.43 -21.65
C ALA C 402 -10.50 -29.13 -20.35
N PRO C 403 -9.86 -28.47 -19.39
CA PRO C 403 -10.57 -28.05 -18.18
C PRO C 403 -11.68 -27.06 -18.49
N ALA C 404 -12.83 -27.26 -17.84
CA ALA C 404 -14.01 -26.40 -17.92
C ALA C 404 -14.52 -26.28 -19.35
N GLN C 405 -14.96 -27.41 -19.90
CA GLN C 405 -15.55 -27.47 -21.23
C GLN C 405 -16.95 -28.05 -21.14
N THR C 406 -17.74 -27.82 -22.18
CA THR C 406 -19.11 -28.33 -22.26
C THR C 406 -19.31 -29.03 -23.60
N GLY C 407 -20.19 -30.02 -23.61
CA GLY C 407 -20.44 -30.79 -24.82
C GLY C 407 -20.93 -32.17 -24.45
N VAL C 408 -20.91 -33.06 -25.45
CA VAL C 408 -21.28 -34.45 -25.20
C VAL C 408 -20.20 -35.15 -24.40
N ILE C 409 -18.94 -34.99 -24.83
CA ILE C 409 -17.82 -35.69 -24.21
C ILE C 409 -17.54 -35.14 -22.82
N ALA C 410 -17.56 -33.81 -22.67
CA ALA C 410 -17.22 -33.20 -21.40
C ALA C 410 -18.29 -33.38 -20.35
N ASP C 411 -19.51 -33.74 -20.74
CA ASP C 411 -20.59 -33.93 -19.78
C ASP C 411 -20.93 -35.39 -19.51
N TYR C 412 -20.84 -36.27 -20.51
CA TYR C 412 -21.28 -37.64 -20.34
C TYR C 412 -20.19 -38.69 -20.50
N ASN C 413 -19.02 -38.33 -21.04
CA ASN C 413 -18.01 -39.33 -21.39
C ASN C 413 -16.72 -39.17 -20.60
N TYR C 414 -16.10 -37.99 -20.61
CA TYR C 414 -14.80 -37.80 -19.98
C TYR C 414 -14.67 -36.34 -19.56
N LYS C 415 -14.53 -36.11 -18.26
CA LYS C 415 -14.44 -34.77 -17.70
C LYS C 415 -13.10 -34.62 -16.99
N LEU C 416 -12.40 -33.51 -17.26
CA LEU C 416 -11.17 -33.15 -16.58
C LEU C 416 -11.47 -32.16 -15.45
N PRO C 417 -10.76 -32.25 -14.33
CA PRO C 417 -10.93 -31.25 -13.28
C PRO C 417 -10.37 -29.90 -13.72
N ASP C 418 -10.92 -28.84 -13.12
CA ASP C 418 -10.50 -27.49 -13.50
C ASP C 418 -9.10 -27.15 -12.95
N ASP C 419 -8.69 -27.86 -11.90
CA ASP C 419 -7.34 -27.71 -11.35
C ASP C 419 -6.42 -28.78 -11.95
N PHE C 420 -6.41 -28.84 -13.28
CA PHE C 420 -5.70 -29.88 -14.02
C PHE C 420 -4.24 -29.49 -14.18
N THR C 421 -3.34 -30.42 -13.87
CA THR C 421 -1.91 -30.27 -14.10
C THR C 421 -1.47 -31.42 -14.99
N GLY C 422 -1.10 -31.11 -16.23
CA GLY C 422 -0.67 -32.14 -17.15
C GLY C 422 -0.67 -31.64 -18.58
N CYS C 423 -0.66 -32.57 -19.51
CA CYS C 423 -0.63 -32.27 -20.93
C CYS C 423 -1.63 -33.15 -21.67
N VAL C 424 -2.10 -32.65 -22.81
CA VAL C 424 -3.08 -33.33 -23.65
C VAL C 424 -2.46 -33.56 -25.02
N LEU C 425 -2.53 -34.80 -25.49
CA LEU C 425 -1.94 -35.20 -26.77
C LEU C 425 -3.04 -35.70 -27.70
N ALA C 426 -2.89 -35.43 -28.99
CA ALA C 426 -3.87 -35.86 -29.98
C ALA C 426 -3.22 -35.91 -31.35
N TRP C 427 -3.58 -36.93 -32.13
CA TRP C 427 -3.08 -37.07 -33.49
C TRP C 427 -4.09 -37.86 -34.32
N ASN C 428 -4.19 -37.52 -35.60
CA ASN C 428 -5.18 -38.11 -36.48
C ASN C 428 -4.72 -39.48 -36.95
N THR C 429 -5.60 -40.49 -36.78
CA THR C 429 -5.36 -41.86 -37.25
C THR C 429 -6.53 -42.26 -38.14
N ASN C 430 -6.45 -41.91 -39.42
CA ASN C 430 -7.53 -42.24 -40.35
C ASN C 430 -7.27 -43.53 -41.12
N SER C 431 -6.02 -43.97 -41.22
CA SER C 431 -5.66 -45.10 -42.06
C SER C 431 -5.60 -46.42 -41.31
N VAL C 432 -5.83 -46.43 -39.99
CA VAL C 432 -5.65 -47.63 -39.18
C VAL C 432 -6.96 -48.10 -38.56
N ASP C 433 -7.82 -47.20 -38.11
CA ASP C 433 -9.06 -47.59 -37.43
C ASP C 433 -10.26 -46.90 -38.07
N SER C 434 -10.33 -46.93 -39.40
CA SER C 434 -11.52 -46.54 -40.13
C SER C 434 -12.03 -47.65 -41.04
N LYS C 435 -11.30 -48.74 -41.18
CA LYS C 435 -11.63 -49.82 -42.10
C LYS C 435 -12.17 -51.07 -41.41
N SER C 436 -11.53 -51.53 -40.34
CA SER C 436 -11.93 -52.74 -39.66
C SER C 436 -11.92 -52.50 -38.15
N GLY C 437 -12.75 -53.26 -37.44
CA GLY C 437 -12.88 -53.10 -36.00
C GLY C 437 -13.50 -51.78 -35.60
N ASN C 438 -14.45 -51.29 -36.38
CA ASN C 438 -15.11 -50.01 -36.11
C ASN C 438 -16.23 -50.22 -35.09
N ASN C 439 -15.81 -50.39 -33.84
CA ASN C 439 -16.73 -50.52 -32.71
C ASN C 439 -16.57 -49.36 -31.74
N PHE C 440 -16.42 -48.16 -32.28
CA PHE C 440 -16.24 -46.96 -31.47
C PHE C 440 -17.59 -46.33 -31.18
N TYR C 441 -17.85 -46.05 -29.89
CA TYR C 441 -19.12 -45.52 -29.44
C TYR C 441 -18.89 -44.35 -28.50
N TYR C 442 -19.90 -43.51 -28.38
CA TYR C 442 -19.92 -42.47 -27.37
C TYR C 442 -21.30 -42.43 -26.74
N ARG C 443 -21.36 -42.01 -25.48
CA ARG C 443 -22.59 -42.05 -24.71
C ARG C 443 -23.39 -40.76 -24.92
N LEU C 444 -24.57 -40.89 -25.50
CA LEU C 444 -25.59 -39.86 -25.46
C LEU C 444 -26.58 -40.19 -24.35
N PHE C 445 -27.47 -39.24 -24.08
CA PHE C 445 -28.70 -39.48 -23.32
C PHE C 445 -28.43 -40.02 -21.91
N ARG C 446 -27.82 -39.17 -21.09
CA ARG C 446 -27.57 -39.48 -19.70
C ARG C 446 -28.37 -38.54 -18.80
N HIS C 447 -28.79 -39.06 -17.65
CA HIS C 447 -29.52 -38.28 -16.65
C HIS C 447 -28.51 -37.69 -15.67
N GLY C 448 -27.98 -36.54 -16.03
CA GLY C 448 -27.02 -35.85 -15.18
C GLY C 448 -25.61 -35.89 -15.73
N LYS C 449 -24.80 -34.93 -15.30
CA LYS C 449 -23.43 -34.81 -15.75
C LYS C 449 -22.52 -35.79 -15.01
N ILE C 450 -21.29 -35.92 -15.50
CA ILE C 450 -20.33 -36.87 -14.95
C ILE C 450 -19.33 -36.08 -14.09
N LYS C 451 -18.78 -36.77 -13.09
CA LYS C 451 -17.75 -36.20 -12.24
C LYS C 451 -16.38 -36.32 -12.91
N PRO C 452 -15.41 -35.48 -12.51
CA PRO C 452 -14.06 -35.60 -13.06
C PRO C 452 -13.43 -36.94 -12.75
N TYR C 453 -12.70 -37.48 -13.74
CA TYR C 453 -11.95 -38.74 -13.64
C TYR C 453 -12.86 -39.92 -13.27
N GLU C 454 -14.07 -39.94 -13.82
CA GLU C 454 -15.01 -41.02 -13.57
C GLU C 454 -15.60 -41.50 -14.90
N ARG C 455 -16.03 -42.76 -14.90
CA ARG C 455 -16.65 -43.37 -16.07
C ARG C 455 -17.80 -44.26 -15.62
N ASP C 456 -18.71 -44.52 -16.57
CA ASP C 456 -19.82 -45.44 -16.32
C ASP C 456 -19.97 -46.35 -17.53
N ILE C 457 -19.52 -47.59 -17.39
CA ILE C 457 -19.69 -48.59 -18.45
C ILE C 457 -20.99 -49.32 -18.13
N SER C 458 -22.10 -48.72 -18.58
CA SER C 458 -23.42 -49.28 -18.37
C SER C 458 -24.22 -49.14 -19.66
N ASN C 459 -25.00 -50.17 -19.96
CA ASN C 459 -25.82 -50.20 -21.16
C ASN C 459 -27.30 -50.32 -20.81
N VAL C 460 -27.72 -49.62 -19.75
CA VAL C 460 -29.13 -49.57 -19.39
C VAL C 460 -29.87 -48.72 -20.41
N LEU C 461 -31.09 -49.12 -20.73
CA LEU C 461 -31.82 -48.53 -21.83
C LEU C 461 -32.53 -47.27 -21.36
N TYR C 462 -32.22 -46.14 -22.00
CA TYR C 462 -32.56 -44.82 -21.50
C TYR C 462 -33.99 -44.43 -21.86
N ASN C 463 -34.77 -44.05 -20.86
CA ASN C 463 -36.12 -43.53 -21.05
C ASN C 463 -36.17 -42.11 -20.50
N SER C 464 -36.65 -41.18 -21.31
CA SER C 464 -36.85 -39.82 -20.86
C SER C 464 -38.05 -39.74 -19.93
N ALA C 465 -38.01 -38.77 -19.01
CA ALA C 465 -39.03 -38.54 -17.99
C ALA C 465 -39.26 -39.79 -17.14
N GLY C 466 -38.21 -40.20 -16.44
CA GLY C 466 -38.25 -41.41 -15.66
C GLY C 466 -37.71 -42.61 -16.41
N GLY C 467 -36.93 -43.44 -15.74
CA GLY C 467 -36.26 -44.56 -16.37
C GLY C 467 -37.10 -45.82 -16.40
N THR C 468 -36.42 -46.93 -16.72
CA THR C 468 -36.97 -48.29 -16.76
C THR C 468 -38.16 -48.39 -17.72
N CYS C 469 -37.89 -48.15 -19.01
CA CYS C 469 -38.89 -48.41 -20.03
C CYS C 469 -38.97 -49.91 -20.33
N SER C 470 -37.83 -50.59 -20.31
CA SER C 470 -37.67 -52.04 -20.45
C SER C 470 -38.04 -52.56 -21.84
N SER C 471 -38.22 -51.68 -22.83
CA SER C 471 -38.49 -52.11 -24.20
C SER C 471 -38.13 -50.97 -25.15
N ILE C 472 -37.52 -51.34 -26.28
CA ILE C 472 -37.12 -50.33 -27.26
C ILE C 472 -38.31 -49.83 -28.08
N SER C 473 -39.40 -50.60 -28.15
CA SER C 473 -40.53 -50.24 -29.00
C SER C 473 -41.47 -49.23 -28.36
N GLN C 474 -41.28 -48.88 -27.09
CA GLN C 474 -42.14 -47.91 -26.44
C GLN C 474 -41.83 -46.49 -26.90
N LEU C 475 -42.72 -45.57 -26.55
CA LEU C 475 -42.59 -44.18 -26.98
C LEU C 475 -41.70 -43.43 -25.99
N GLY C 476 -40.59 -42.89 -26.49
CA GLY C 476 -39.73 -42.04 -25.71
C GLY C 476 -38.53 -42.70 -25.08
N CYS C 477 -38.26 -43.96 -25.38
CA CYS C 477 -37.15 -44.70 -24.79
C CYS C 477 -36.14 -45.02 -25.87
N TYR C 478 -34.87 -44.71 -25.61
CA TYR C 478 -33.81 -44.78 -26.63
C TYR C 478 -32.58 -45.49 -26.08
N GLU C 479 -31.75 -45.99 -27.01
CA GLU C 479 -30.45 -46.51 -26.64
C GLU C 479 -29.54 -45.36 -26.19
N PRO C 480 -28.70 -45.57 -25.18
CA PRO C 480 -27.81 -44.49 -24.73
C PRO C 480 -26.57 -44.32 -25.59
N LEU C 481 -26.02 -45.40 -26.13
CA LEU C 481 -24.78 -45.32 -26.89
C LEU C 481 -25.07 -45.11 -28.37
N LYS C 482 -24.33 -44.19 -28.98
CA LYS C 482 -24.43 -43.91 -30.40
C LYS C 482 -23.09 -44.18 -31.06
N SER C 483 -23.12 -44.84 -32.21
CA SER C 483 -21.89 -45.27 -32.87
C SER C 483 -21.26 -44.14 -33.68
N TYR C 484 -19.96 -43.96 -33.49
CA TYR C 484 -19.17 -43.17 -34.42
C TYR C 484 -19.25 -43.77 -35.82
N GLY C 485 -19.56 -42.93 -36.80
CA GLY C 485 -19.64 -43.39 -38.18
C GLY C 485 -18.31 -43.30 -38.89
N PHE C 486 -17.31 -44.02 -38.38
CA PHE C 486 -15.96 -43.92 -38.91
C PHE C 486 -15.85 -44.71 -40.20
N THR C 487 -15.44 -44.03 -41.26
CA THR C 487 -15.26 -44.63 -42.58
C THR C 487 -14.30 -43.75 -43.36
N PRO C 488 -13.52 -44.31 -44.29
CA PRO C 488 -12.64 -43.49 -45.11
C PRO C 488 -13.44 -42.61 -46.06
N THR C 489 -12.72 -41.65 -46.67
CA THR C 489 -13.25 -40.64 -47.58
C THR C 489 -14.36 -39.83 -46.92
N VAL C 490 -14.02 -39.24 -45.76
CA VAL C 490 -14.83 -38.22 -45.11
C VAL C 490 -13.91 -37.04 -44.79
N GLY C 491 -14.54 -35.93 -44.38
CA GLY C 491 -13.80 -34.71 -44.13
C GLY C 491 -13.01 -34.75 -42.85
N VAL C 492 -12.23 -33.69 -42.62
CA VAL C 492 -11.53 -33.52 -41.35
C VAL C 492 -12.54 -33.11 -40.30
N GLY C 493 -12.63 -33.88 -39.22
CA GLY C 493 -13.82 -33.88 -38.40
C GLY C 493 -14.75 -34.92 -38.97
N TYR C 494 -15.33 -35.78 -38.11
CA TYR C 494 -15.88 -37.10 -38.44
C TYR C 494 -14.76 -38.07 -38.82
N GLN C 495 -13.54 -37.79 -38.41
CA GLN C 495 -12.39 -38.66 -38.60
C GLN C 495 -11.77 -39.01 -37.25
N PRO C 496 -11.38 -40.27 -37.05
CA PRO C 496 -10.93 -40.69 -35.72
C PRO C 496 -9.61 -40.05 -35.31
N TYR C 497 -9.54 -39.61 -34.06
CA TYR C 497 -8.35 -39.07 -33.45
C TYR C 497 -8.03 -39.86 -32.19
N ARG C 498 -6.76 -40.13 -31.97
CA ARG C 498 -6.31 -40.84 -30.77
C ARG C 498 -5.79 -39.81 -29.77
N VAL C 499 -6.34 -39.83 -28.56
CA VAL C 499 -6.06 -38.83 -27.54
C VAL C 499 -5.43 -39.52 -26.34
N VAL C 500 -4.31 -38.96 -25.87
CA VAL C 500 -3.65 -39.40 -24.65
C VAL C 500 -3.59 -38.22 -23.69
N VAL C 501 -4.08 -38.41 -22.48
CA VAL C 501 -4.07 -37.39 -21.44
C VAL C 501 -3.09 -37.83 -20.35
N LEU C 502 -2.09 -37.01 -20.09
CA LEU C 502 -1.09 -37.28 -19.06
C LEU C 502 -1.35 -36.37 -17.87
N SER C 503 -1.40 -36.96 -16.68
CA SER C 503 -1.67 -36.23 -15.45
C SER C 503 -0.43 -36.28 -14.56
N PHE C 504 0.08 -35.12 -14.17
CA PHE C 504 1.30 -35.02 -13.38
C PHE C 504 0.96 -34.79 -11.91
N GLU C 505 1.95 -35.04 -11.06
CA GLU C 505 1.77 -34.89 -9.62
C GLU C 505 3.13 -34.62 -9.00
N LEU C 506 3.33 -33.40 -8.51
CA LEU C 506 4.62 -32.95 -7.98
C LEU C 506 4.51 -32.80 -6.47
N LEU C 507 5.06 -33.77 -5.73
CA LEU C 507 4.95 -33.77 -4.28
C LEU C 507 6.30 -33.91 -3.60
N ASN C 508 6.29 -34.12 -2.28
CA ASN C 508 7.48 -34.42 -1.50
C ASN C 508 7.81 -35.90 -1.47
N ALA C 509 7.07 -36.71 -2.24
CA ALA C 509 7.34 -38.13 -2.34
C ALA C 509 8.60 -38.36 -3.18
N PRO C 510 9.24 -39.54 -3.05
CA PRO C 510 10.36 -39.86 -3.93
C PRO C 510 9.94 -39.91 -5.39
N ALA C 511 10.83 -39.45 -6.26
CA ALA C 511 10.54 -39.37 -7.68
C ALA C 511 10.58 -40.76 -8.32
N THR C 512 9.72 -40.95 -9.31
CA THR C 512 9.64 -42.21 -10.05
C THR C 512 10.02 -42.08 -11.51
N VAL C 513 9.60 -41.01 -12.17
CA VAL C 513 9.90 -40.78 -13.59
C VAL C 513 10.73 -39.51 -13.69
N CYS C 514 11.96 -39.63 -14.19
CA CYS C 514 12.82 -38.46 -14.37
C CYS C 514 13.49 -38.47 -15.73
N GLY C 515 13.52 -37.27 -16.35
CA GLY C 515 13.92 -37.13 -17.73
C GLY C 515 15.43 -37.10 -17.90
N PRO C 516 15.85 -36.88 -19.15
CA PRO C 516 17.27 -37.03 -19.56
C PRO C 516 18.18 -35.83 -19.29
N LYS C 517 18.69 -35.75 -18.06
CA LYS C 517 19.77 -34.83 -17.72
C LYS C 517 20.93 -35.62 -17.15
N LYS C 518 22.14 -35.33 -17.64
CA LYS C 518 23.34 -36.01 -17.18
C LYS C 518 23.76 -35.40 -15.84
N SER C 519 23.83 -36.24 -14.81
CA SER C 519 24.22 -35.77 -13.49
C SER C 519 25.72 -35.48 -13.43
N THR C 520 26.09 -34.56 -12.55
CA THR C 520 27.47 -34.16 -12.35
C THR C 520 27.92 -34.55 -10.94
N GLU C 521 29.13 -34.14 -10.59
CA GLU C 521 29.72 -34.49 -9.30
C GLU C 521 29.37 -33.45 -8.25
N LEU C 522 29.08 -33.92 -7.03
CA LEU C 522 28.74 -33.05 -5.93
C LEU C 522 29.95 -32.21 -5.51
N VAL C 523 29.70 -30.93 -5.23
CA VAL C 523 30.72 -30.01 -4.74
C VAL C 523 30.15 -29.26 -3.54
N LYS C 524 31.00 -29.04 -2.54
CA LYS C 524 30.57 -28.45 -1.28
C LYS C 524 31.39 -27.20 -0.98
N ASN C 525 30.82 -26.38 -0.08
CA ASN C 525 31.44 -25.15 0.43
C ASN C 525 31.76 -24.15 -0.69
N LYS C 526 30.88 -24.10 -1.69
CA LYS C 526 30.99 -23.14 -2.78
C LYS C 526 29.61 -22.64 -3.15
N CYS C 527 29.52 -21.36 -3.49
CA CYS C 527 28.26 -20.78 -3.98
C CYS C 527 28.04 -21.25 -5.40
N VAL C 528 27.15 -22.24 -5.56
CA VAL C 528 26.89 -22.87 -6.85
C VAL C 528 25.40 -22.82 -7.12
N ASN C 529 25.03 -23.26 -8.33
CA ASN C 529 23.64 -23.44 -8.71
C ASN C 529 23.35 -24.94 -8.74
N PHE C 530 22.43 -25.39 -7.90
CA PHE C 530 22.15 -26.81 -7.76
C PHE C 530 20.81 -27.16 -8.41
N ASN C 531 20.56 -28.46 -8.50
CA ASN C 531 19.29 -28.97 -9.04
C ASN C 531 19.10 -30.39 -8.50
N PHE C 532 18.14 -30.55 -7.59
CA PHE C 532 17.85 -31.83 -6.94
C PHE C 532 16.42 -32.23 -7.29
N ASN C 533 16.25 -32.95 -8.39
CA ASN C 533 14.95 -33.39 -8.91
C ASN C 533 14.02 -32.20 -9.16
N GLY C 534 14.49 -31.26 -9.97
CA GLY C 534 13.72 -30.06 -10.26
C GLY C 534 13.55 -29.14 -9.07
N LEU C 535 14.61 -28.92 -8.30
CA LEU C 535 14.61 -28.05 -7.13
C LEU C 535 15.76 -27.04 -7.26
N THR C 536 15.81 -26.36 -8.40
CA THR C 536 16.91 -25.44 -8.71
C THR C 536 16.98 -24.31 -7.70
N GLY C 537 18.21 -23.89 -7.40
CA GLY C 537 18.41 -22.82 -6.44
C GLY C 537 19.85 -22.34 -6.47
N THR C 538 20.21 -21.56 -5.46
CA THR C 538 21.54 -20.99 -5.35
C THR C 538 21.96 -20.96 -3.88
N GLY C 539 23.17 -21.42 -3.59
CA GLY C 539 23.67 -21.42 -2.24
C GLY C 539 24.89 -22.31 -2.12
N VAL C 540 25.23 -22.64 -0.88
CA VAL C 540 26.32 -23.56 -0.60
C VAL C 540 25.74 -24.84 -0.03
N LEU C 541 26.47 -25.94 -0.21
CA LEU C 541 26.06 -27.25 0.28
C LEU C 541 27.02 -27.68 1.38
N THR C 542 26.45 -28.08 2.52
CA THR C 542 27.23 -28.46 3.70
C THR C 542 26.63 -29.73 4.27
N SER C 543 27.48 -30.63 4.76
CA SER C 543 27.02 -31.85 5.40
C SER C 543 26.20 -31.53 6.64
N SER C 544 25.08 -32.21 6.80
CA SER C 544 24.09 -31.90 7.82
C SER C 544 24.05 -32.99 8.89
N THR C 545 23.25 -32.72 9.93
CA THR C 545 23.01 -33.67 11.01
C THR C 545 21.53 -33.81 11.31
N LYS C 546 20.67 -33.32 10.44
CA LYS C 546 19.23 -33.38 10.64
C LYS C 546 18.70 -34.79 10.37
N LYS C 547 17.51 -35.07 10.90
CA LYS C 547 16.86 -36.35 10.74
C LYS C 547 15.57 -36.16 9.96
N PHE C 548 15.41 -36.93 8.89
CA PHE C 548 14.24 -36.86 8.02
C PHE C 548 13.35 -38.07 8.19
N GLN C 549 12.13 -37.94 7.67
CA GLN C 549 11.23 -39.06 7.52
C GLN C 549 11.74 -39.98 6.41
N PRO C 550 11.31 -41.25 6.41
CA PRO C 550 11.76 -42.17 5.35
C PRO C 550 11.38 -41.76 3.93
N PHE C 551 10.33 -40.96 3.75
CA PHE C 551 9.94 -40.47 2.45
C PHE C 551 10.14 -38.97 2.29
N GLN C 552 10.84 -38.34 3.23
CA GLN C 552 11.17 -36.92 3.12
C GLN C 552 12.19 -36.71 2.01
N GLN C 553 12.01 -35.64 1.24
CA GLN C 553 12.95 -35.28 0.18
C GLN C 553 13.63 -33.94 0.41
N PHE C 554 12.92 -32.94 0.93
CA PHE C 554 13.52 -31.67 1.27
C PHE C 554 12.81 -31.10 2.50
N GLY C 555 13.55 -30.31 3.26
CA GLY C 555 13.03 -29.69 4.47
C GLY C 555 12.83 -28.21 4.26
N ARG C 556 11.72 -27.69 4.79
CA ARG C 556 11.38 -26.28 4.68
C ARG C 556 11.66 -25.56 5.99
N ASP C 557 11.54 -24.24 5.93
CA ASP C 557 11.83 -23.35 7.04
C ASP C 557 10.52 -22.66 7.44
N VAL C 558 10.57 -21.90 8.54
CA VAL C 558 9.40 -21.13 8.98
C VAL C 558 9.03 -20.08 7.94
N SER C 559 10.03 -19.48 7.30
CA SER C 559 9.80 -18.56 6.18
C SER C 559 9.65 -19.29 4.85
N ASP C 560 9.54 -20.62 4.87
CA ASP C 560 9.18 -21.45 3.72
C ASP C 560 10.22 -21.34 2.59
N PHE C 561 11.45 -21.75 2.91
CA PHE C 561 12.47 -21.96 1.90
C PHE C 561 13.26 -23.20 2.28
N THR C 562 13.83 -23.86 1.27
CA THR C 562 14.54 -25.11 1.50
C THR C 562 15.88 -24.84 2.18
N ASP C 563 16.05 -25.37 3.38
CA ASP C 563 17.32 -25.32 4.09
C ASP C 563 18.02 -26.67 4.16
N SER C 564 17.38 -27.73 3.64
CA SER C 564 17.98 -29.06 3.63
C SER C 564 17.39 -29.86 2.48
N VAL C 565 18.15 -30.85 2.03
CA VAL C 565 17.74 -31.69 0.91
C VAL C 565 18.42 -33.06 1.08
N ARG C 566 17.79 -34.09 0.54
CA ARG C 566 18.36 -35.44 0.52
C ARG C 566 18.90 -35.73 -0.88
N ASP C 567 20.16 -36.15 -0.94
CA ASP C 567 20.80 -36.42 -2.22
C ASP C 567 20.21 -37.68 -2.83
N PRO C 568 19.71 -37.64 -4.08
CA PRO C 568 19.04 -38.82 -4.66
C PRO C 568 19.91 -40.04 -4.83
N LYS C 569 21.21 -39.87 -5.13
CA LYS C 569 22.05 -41.03 -5.38
C LYS C 569 22.52 -41.68 -4.08
N THR C 570 23.26 -40.94 -3.27
CA THR C 570 23.68 -41.40 -1.95
C THR C 570 22.77 -40.75 -0.91
N PHE C 571 22.06 -41.58 -0.15
CA PHE C 571 21.00 -41.10 0.75
C PHE C 571 21.63 -40.42 1.96
N GLU C 572 22.06 -39.19 1.76
CA GLU C 572 22.63 -38.35 2.80
C GLU C 572 21.93 -36.99 2.79
N ILE C 573 22.08 -36.26 3.88
CA ILE C 573 21.38 -35.00 4.08
C ILE C 573 22.39 -33.86 3.96
N LEU C 574 22.05 -32.86 3.15
CA LEU C 574 22.90 -31.69 2.95
C LEU C 574 22.14 -30.44 3.38
N ASP C 575 22.87 -29.45 3.90
CA ASP C 575 22.29 -28.18 4.31
C ASP C 575 22.47 -27.14 3.21
N ILE C 576 21.51 -26.24 3.11
CA ILE C 576 21.57 -25.11 2.18
C ILE C 576 21.50 -23.83 2.99
N SER C 577 22.51 -22.98 2.83
CA SER C 577 22.53 -21.65 3.39
C SER C 577 22.92 -20.67 2.29
N PRO C 578 22.48 -19.41 2.38
CA PRO C 578 22.88 -18.42 1.38
C PRO C 578 24.39 -18.22 1.36
N CYS C 579 24.94 -18.04 0.16
CA CYS C 579 26.38 -17.95 0.00
C CYS C 579 26.92 -16.55 0.29
N SER C 580 26.05 -15.59 0.58
CA SER C 580 26.48 -14.31 1.12
C SER C 580 25.35 -13.79 2.01
N TYR C 581 25.43 -14.10 3.30
CA TYR C 581 24.45 -13.64 4.27
C TYR C 581 25.17 -13.01 5.45
N GLY C 582 24.51 -12.04 6.07
CA GLY C 582 25.15 -11.24 7.11
C GLY C 582 25.55 -9.89 6.58
N GLY C 583 25.54 -8.88 7.44
CA GLY C 583 25.82 -7.53 6.98
C GLY C 583 27.31 -7.24 6.88
N VAL C 584 27.64 -6.37 5.92
CA VAL C 584 29.00 -5.89 5.72
C VAL C 584 28.93 -4.37 5.53
N SER C 585 29.67 -3.64 6.35
CA SER C 585 29.67 -2.18 6.31
C SER C 585 31.04 -1.67 5.90
N VAL C 586 31.05 -0.61 5.09
CA VAL C 586 32.28 0.01 4.61
C VAL C 586 32.38 1.40 5.22
N ILE C 587 33.49 1.68 5.89
CA ILE C 587 33.74 2.95 6.56
C ILE C 587 34.77 3.71 5.76
N THR C 588 34.43 4.94 5.37
CA THR C 588 35.30 5.73 4.53
C THR C 588 35.29 7.19 4.99
N PRO C 589 36.37 7.92 4.73
CA PRO C 589 36.27 9.39 4.69
C PRO C 589 35.69 9.84 3.36
N GLY C 590 35.71 11.15 3.10
CA GLY C 590 35.18 11.64 1.84
C GLY C 590 35.99 11.17 0.65
N THR C 591 35.31 11.06 -0.49
CA THR C 591 35.98 10.65 -1.73
C THR C 591 36.94 11.72 -2.22
N ASN C 592 36.65 12.99 -1.91
CA ASN C 592 37.60 14.06 -2.21
C ASN C 592 38.87 13.92 -1.38
N THR C 593 38.73 13.46 -0.14
CA THR C 593 39.87 13.06 0.67
C THR C 593 40.43 11.75 0.11
N SER C 594 41.68 11.42 0.51
CA SER C 594 42.38 10.25 -0.02
C SER C 594 41.60 8.96 0.22
N LYS C 595 41.50 8.14 -0.82
CA LYS C 595 40.62 6.99 -0.84
C LYS C 595 41.21 5.84 -0.06
N ALA C 596 40.59 5.51 1.07
CA ALA C 596 41.03 4.40 1.92
C ALA C 596 39.83 3.97 2.75
N VAL C 597 39.45 2.70 2.65
CA VAL C 597 38.23 2.22 3.26
C VAL C 597 38.56 1.13 4.29
N ALA C 598 37.65 0.96 5.24
CA ALA C 598 37.70 -0.12 6.22
C ALA C 598 36.41 -0.91 6.13
N VAL C 599 36.52 -2.23 6.25
CA VAL C 599 35.39 -3.14 6.12
C VAL C 599 35.06 -3.69 7.49
N LEU C 600 33.80 -3.56 7.89
CA LEU C 600 33.31 -4.09 9.16
C LEU C 600 32.32 -5.21 8.90
N TYR C 601 32.59 -6.38 9.47
CA TYR C 601 31.67 -7.50 9.43
C TYR C 601 30.85 -7.47 10.72
N GLN C 602 29.54 -7.73 10.58
CA GLN C 602 28.59 -7.32 11.62
C GLN C 602 28.69 -8.20 12.87
N ASP C 603 28.40 -9.49 12.74
CA ASP C 603 28.26 -10.33 13.93
C ASP C 603 28.96 -11.67 13.73
N VAL C 604 30.20 -11.64 13.26
CA VAL C 604 30.99 -12.85 13.12
C VAL C 604 32.32 -12.68 13.86
N ASN C 605 32.87 -13.79 14.33
CA ASN C 605 34.24 -13.79 14.77
C ASN C 605 35.17 -13.63 13.57
N CYS C 606 36.40 -13.20 13.83
CA CYS C 606 37.32 -12.88 12.75
C CYS C 606 38.55 -13.78 12.75
N THR C 607 38.40 -14.98 13.30
CA THR C 607 39.28 -16.09 12.95
C THR C 607 38.72 -16.93 11.81
N ASP C 608 37.48 -16.64 11.37
CA ASP C 608 36.84 -17.38 10.29
C ASP C 608 36.10 -16.43 9.36
N VAL C 609 36.68 -15.26 9.09
CA VAL C 609 36.17 -14.40 8.01
C VAL C 609 36.24 -15.07 6.63
N PRO C 610 37.35 -15.72 6.22
CA PRO C 610 37.32 -16.39 4.90
C PRO C 610 36.32 -17.52 4.79
N THR C 611 35.86 -18.09 5.90
CA THR C 611 34.82 -19.11 5.83
C THR C 611 33.48 -18.51 5.38
N MET C 612 33.11 -17.37 5.95
CA MET C 612 31.82 -16.75 5.66
C MET C 612 31.86 -15.82 4.45
N ILE C 613 33.04 -15.53 3.91
CA ILE C 613 33.16 -14.65 2.76
C ILE C 613 33.50 -15.39 1.47
N HIS C 614 33.94 -16.65 1.57
CA HIS C 614 34.32 -17.50 0.44
C HIS C 614 35.42 -16.84 -0.40
N VAL C 615 36.58 -16.72 0.25
CA VAL C 615 37.72 -16.01 -0.33
C VAL C 615 38.29 -16.74 -1.55
N GLU C 616 38.03 -18.03 -1.69
CA GLU C 616 38.59 -18.81 -2.79
C GLU C 616 37.97 -18.45 -4.14
N GLN C 617 36.84 -17.74 -4.16
CA GLN C 617 36.22 -17.33 -5.41
C GLN C 617 35.83 -15.85 -5.42
N VAL C 618 36.30 -15.07 -4.44
CA VAL C 618 36.08 -13.63 -4.42
C VAL C 618 37.15 -13.01 -5.30
N SER C 619 37.02 -11.72 -5.61
CA SER C 619 37.96 -11.02 -6.47
C SER C 619 39.33 -10.90 -5.80
N SER C 620 40.32 -10.45 -6.59
CA SER C 620 41.70 -10.41 -6.11
C SER C 620 41.91 -9.29 -5.11
N ASP C 621 41.24 -8.14 -5.30
CA ASP C 621 41.41 -7.01 -4.41
C ASP C 621 40.64 -7.15 -3.11
N TRP C 622 39.79 -8.17 -2.99
CA TRP C 622 39.06 -8.45 -1.75
C TRP C 622 39.83 -9.34 -0.79
N ARG C 623 40.92 -9.98 -1.26
CA ARG C 623 41.67 -10.89 -0.40
C ARG C 623 42.47 -10.13 0.66
N VAL C 624 42.87 -8.89 0.36
CA VAL C 624 43.62 -8.09 1.33
C VAL C 624 42.75 -7.61 2.49
N TYR C 625 41.42 -7.69 2.34
CA TYR C 625 40.49 -7.32 3.40
C TYR C 625 39.94 -8.52 4.15
N ALA C 626 40.55 -9.70 3.98
CA ALA C 626 40.09 -10.92 4.65
C ALA C 626 41.25 -11.71 5.25
N PHE C 627 42.39 -11.09 5.47
CA PHE C 627 43.55 -11.77 6.02
C PHE C 627 44.29 -10.85 6.97
N ASN C 628 45.08 -11.46 7.85
CA ASN C 628 45.82 -10.77 8.90
C ASN C 628 47.31 -10.67 8.56
N SER C 629 47.63 -10.43 7.29
CA SER C 629 49.03 -10.26 6.89
C SER C 629 49.64 -9.02 7.53
N TYR C 630 48.89 -7.93 7.55
CA TYR C 630 49.30 -6.71 8.24
C TYR C 630 48.54 -6.62 9.56
N GLY C 631 49.12 -5.91 10.52
CA GLY C 631 48.49 -5.73 11.82
C GLY C 631 47.35 -4.74 11.80
N ASN C 632 46.25 -5.09 11.12
CA ASN C 632 45.08 -4.22 11.05
C ASN C 632 43.77 -4.92 11.41
N MET C 633 43.75 -6.24 11.51
CA MET C 633 42.54 -6.99 11.83
C MET C 633 42.47 -7.19 13.33
N PHE C 634 41.60 -6.43 13.99
CA PHE C 634 41.40 -6.51 15.43
C PHE C 634 39.92 -6.64 15.74
N GLN C 635 39.59 -7.43 16.75
CA GLN C 635 38.21 -7.80 17.05
C GLN C 635 37.57 -6.78 17.98
N THR C 636 36.37 -6.34 17.61
CA THR C 636 35.56 -5.43 18.43
C THR C 636 34.37 -6.19 19.00
N GLN C 637 33.52 -5.45 19.72
CA GLN C 637 32.29 -6.04 20.24
C GLN C 637 31.23 -6.17 19.16
N ALA C 638 31.27 -5.30 18.15
CA ALA C 638 30.32 -5.32 17.04
C ALA C 638 30.92 -5.92 15.78
N GLY C 639 31.73 -6.97 15.94
CA GLY C 639 32.42 -7.57 14.81
C GLY C 639 33.90 -7.29 14.84
N CYS C 640 34.49 -6.98 13.69
CA CYS C 640 35.89 -6.57 13.66
C CYS C 640 36.13 -5.65 12.48
N LEU C 641 37.21 -4.88 12.58
CA LEU C 641 37.60 -3.91 11.56
C LEU C 641 38.84 -4.42 10.83
N VAL C 642 38.78 -4.36 9.50
CA VAL C 642 39.92 -4.67 8.64
C VAL C 642 40.30 -3.41 7.88
N GLY C 643 41.55 -3.01 7.99
CA GLY C 643 42.03 -1.80 7.33
C GLY C 643 42.18 -0.60 8.24
N ALA C 644 41.97 -0.75 9.54
CA ALA C 644 42.13 0.34 10.49
C ALA C 644 42.94 -0.14 11.68
N ILE C 645 43.74 0.77 12.25
CA ILE C 645 44.60 0.45 13.39
C ILE C 645 43.96 1.01 14.66
N TYR C 646 44.11 0.27 15.75
CA TYR C 646 43.53 0.66 17.03
C TYR C 646 44.44 1.63 17.77
N GLU C 647 43.83 2.55 18.52
CA GLU C 647 44.55 3.52 19.32
C GLU C 647 44.00 3.52 20.74
N ASN C 648 44.88 3.81 21.70
CA ASN C 648 44.50 3.76 23.10
C ASN C 648 43.98 5.10 23.62
N THR C 649 44.39 6.21 23.02
CA THR C 649 43.94 7.52 23.48
C THR C 649 42.50 7.76 23.04
N THR C 650 41.68 8.24 23.97
CA THR C 650 40.28 8.50 23.68
C THR C 650 40.11 9.89 23.08
N TYR C 651 39.16 10.01 22.15
CA TYR C 651 38.85 11.27 21.48
C TYR C 651 37.34 11.47 21.45
N GLU C 652 36.92 12.52 20.78
CA GLU C 652 35.50 12.75 20.52
C GLU C 652 35.08 11.96 19.29
N CYS C 653 33.86 11.42 19.33
CA CYS C 653 33.40 10.53 18.27
C CYS C 653 33.19 11.30 16.97
N ASP C 654 33.70 10.73 15.87
CA ASP C 654 33.59 11.32 14.55
C ASP C 654 32.71 10.46 13.64
N ILE C 655 33.07 9.20 13.45
CA ILE C 655 32.29 8.25 12.67
C ILE C 655 31.89 7.11 13.59
N PRO C 656 30.62 7.06 14.00
CA PRO C 656 30.19 6.01 14.94
C PRO C 656 30.15 4.64 14.28
N ILE C 657 30.65 3.64 15.01
CA ILE C 657 30.68 2.26 14.55
C ILE C 657 29.77 1.38 15.39
N GLY C 658 29.86 1.49 16.70
CA GLY C 658 29.03 0.73 17.61
C GLY C 658 29.83 0.26 18.81
N ALA C 659 29.11 0.04 19.92
CA ALA C 659 29.68 -0.44 21.19
C ALA C 659 30.81 0.46 21.70
N GLY C 660 30.61 1.77 21.60
CA GLY C 660 31.57 2.72 22.13
C GLY C 660 32.86 2.84 21.36
N ILE C 661 32.84 2.53 20.07
CA ILE C 661 34.03 2.59 19.23
C ILE C 661 33.72 3.47 18.03
N CYS C 662 34.59 4.44 17.76
CA CYS C 662 34.42 5.35 16.65
C CYS C 662 35.66 5.28 15.75
N ALA C 663 35.63 6.06 14.67
CA ALA C 663 36.71 6.11 13.70
C ALA C 663 36.92 7.53 13.22
N LYS C 664 38.14 7.80 12.73
CA LYS C 664 38.49 9.12 12.25
C LYS C 664 39.64 8.98 11.25
N PHE C 665 39.88 10.06 10.50
CA PHE C 665 40.91 10.10 9.49
C PHE C 665 42.14 10.83 10.04
N GLY C 666 43.30 10.18 9.93
CA GLY C 666 44.54 10.77 10.39
C GLY C 666 44.88 10.40 11.83
N SER C 667 46.14 10.60 12.18
CA SER C 667 46.63 10.28 13.51
C SER C 667 47.86 11.13 13.81
N ASP C 668 48.20 11.21 15.09
CA ASP C 668 49.36 11.96 15.55
C ASP C 668 50.60 11.09 15.70
N LYS C 669 50.51 9.80 15.38
CA LYS C 669 51.66 8.91 15.51
C LYS C 669 52.64 9.11 14.37
N MET C 672 55.21 6.67 10.63
CA MET C 672 54.20 7.71 10.82
C MET C 672 52.95 7.45 9.99
N GLY C 673 51.80 7.85 10.52
CA GLY C 673 50.54 7.65 9.82
C GLY C 673 49.77 8.93 9.55
N GLN C 674 49.62 9.27 8.27
CA GLN C 674 48.88 10.46 7.87
C GLN C 674 47.67 10.17 6.99
N GLU C 675 47.58 8.99 6.38
CA GLU C 675 46.47 8.64 5.52
C GLU C 675 45.66 7.44 6.01
N SER C 676 46.20 6.64 6.92
CA SER C 676 45.46 5.52 7.46
C SER C 676 44.44 6.00 8.49
N ILE C 677 43.26 5.39 8.47
CA ILE C 677 42.22 5.73 9.43
C ILE C 677 42.41 4.90 10.69
N VAL C 678 42.10 5.48 11.83
CA VAL C 678 42.30 4.83 13.12
C VAL C 678 40.97 4.59 13.79
N ALA C 679 40.97 3.64 14.73
CA ALA C 679 39.79 3.31 15.52
C ALA C 679 40.13 3.47 16.98
N TYR C 680 39.21 4.08 17.74
CA TYR C 680 39.45 4.40 19.13
C TYR C 680 38.18 4.19 19.93
N THR C 681 38.31 4.26 21.24
CA THR C 681 37.17 4.24 22.15
C THR C 681 36.77 5.68 22.47
N MET C 682 35.49 6.00 22.31
CA MET C 682 35.04 7.37 22.50
C MET C 682 35.08 7.76 23.96
N SER C 683 35.24 9.05 24.21
CA SER C 683 35.35 9.60 25.55
C SER C 683 34.02 10.21 25.98
N ILE C 684 33.72 10.07 27.27
CA ILE C 684 32.49 10.60 27.84
C ILE C 684 32.77 11.75 28.79
N GLY C 685 33.95 12.36 28.69
CA GLY C 685 34.35 13.44 29.57
C GLY C 685 35.71 13.17 30.21
N GLU C 686 35.99 13.90 31.28
CA GLU C 686 37.25 13.75 32.00
C GLU C 686 36.97 13.71 33.49
N ASP C 687 37.89 13.09 34.22
CA ASP C 687 37.75 12.99 35.67
C ASP C 687 37.94 14.34 36.33
N GLN C 688 37.16 14.58 37.38
CA GLN C 688 37.23 15.82 38.15
C GLN C 688 37.63 15.60 39.60
N SER C 689 37.02 14.61 40.26
CA SER C 689 37.36 14.18 41.63
C SER C 689 37.22 15.33 42.63
N ILE C 690 35.98 15.80 42.78
CA ILE C 690 35.68 16.85 43.74
C ILE C 690 35.72 16.26 45.15
N ALA C 691 36.18 17.07 46.10
CA ALA C 691 36.36 16.63 47.48
C ALA C 691 35.19 17.09 48.35
N TYR C 692 34.81 16.26 49.31
CA TYR C 692 33.71 16.53 50.22
C TYR C 692 34.21 16.75 51.62
N SER C 693 33.67 17.76 52.30
CA SER C 693 33.99 18.04 53.69
C SER C 693 32.73 18.50 54.39
N ASN C 694 32.71 18.33 55.72
CA ASN C 694 31.54 18.65 56.52
C ASN C 694 31.47 20.11 56.93
N ASN C 695 32.55 20.89 56.78
CA ASN C 695 32.52 22.29 57.14
C ASN C 695 33.28 23.16 56.14
N ILE C 696 33.16 22.86 54.85
CA ILE C 696 33.81 23.63 53.80
C ILE C 696 32.77 23.99 52.74
N ILE C 697 32.71 25.26 52.36
CA ILE C 697 31.77 25.74 51.36
C ILE C 697 32.57 26.46 50.29
N ALA C 698 32.01 26.54 49.09
CA ALA C 698 32.57 27.34 48.00
C ALA C 698 31.54 28.38 47.61
N ILE C 699 31.93 29.66 47.69
CA ILE C 699 31.03 30.77 47.40
C ILE C 699 31.66 31.66 46.34
N PRO C 700 30.97 31.95 45.24
CA PRO C 700 31.56 32.77 44.17
C PRO C 700 31.76 34.22 44.59
N THR C 701 32.77 34.84 44.00
CA THR C 701 33.08 36.24 44.23
C THR C 701 32.96 37.09 42.97
N ASN C 702 32.65 36.49 41.83
CA ASN C 702 32.47 37.22 40.59
C ASN C 702 31.52 36.44 39.70
N PHE C 703 31.19 37.03 38.55
CA PHE C 703 30.22 36.41 37.65
C PHE C 703 30.44 36.93 36.24
N SER C 704 29.83 36.24 35.28
CA SER C 704 29.87 36.64 33.89
C SER C 704 28.50 36.46 33.28
N ILE C 705 28.23 37.21 32.21
CA ILE C 705 26.94 37.19 31.52
C ILE C 705 27.17 36.57 30.14
N SER C 706 26.45 35.51 29.84
CA SER C 706 26.58 34.79 28.57
C SER C 706 25.27 34.83 27.81
N VAL C 707 25.37 34.85 26.48
CA VAL C 707 24.22 34.83 25.60
C VAL C 707 24.31 33.58 24.75
N THR C 708 23.28 32.74 24.83
CA THR C 708 23.23 31.48 24.10
C THR C 708 22.20 31.56 22.99
N THR C 709 22.35 30.67 22.00
CA THR C 709 21.50 30.65 20.83
C THR C 709 20.77 29.30 20.76
N GLU C 710 19.45 29.35 20.64
CA GLU C 710 18.62 28.16 20.50
C GLU C 710 17.76 28.31 19.27
N VAL C 711 17.82 27.34 18.37
CA VAL C 711 17.07 27.36 17.11
C VAL C 711 16.25 26.08 17.02
N LEU C 712 15.01 26.21 16.53
CA LEU C 712 14.11 25.08 16.38
C LEU C 712 13.08 25.38 15.31
N PRO C 713 12.73 24.40 14.47
CA PRO C 713 11.81 24.68 13.36
C PRO C 713 10.37 24.93 13.84
N VAL C 714 9.64 25.69 13.03
CA VAL C 714 8.27 26.08 13.33
C VAL C 714 7.30 25.52 12.30
N SER C 715 7.54 25.77 11.02
CA SER C 715 6.66 25.31 9.96
C SER C 715 7.49 24.85 8.77
N MET C 716 6.85 24.10 7.89
CA MET C 716 7.48 23.60 6.67
C MET C 716 6.70 24.09 5.45
N THR C 717 7.14 23.64 4.27
CA THR C 717 6.53 24.09 3.02
C THR C 717 5.20 23.40 2.78
N LYS C 718 4.26 24.15 2.21
CA LYS C 718 2.94 23.63 1.86
C LYS C 718 2.94 23.20 0.40
N THR C 719 2.45 21.99 0.13
CA THR C 719 2.47 21.42 -1.20
C THR C 719 1.09 20.93 -1.58
N SER C 720 0.88 20.79 -2.89
CA SER C 720 -0.40 20.32 -3.43
C SER C 720 -0.11 19.39 -4.61
N VAL C 721 -1.01 18.42 -4.80
CA VAL C 721 -0.85 17.42 -5.85
C VAL C 721 -2.14 17.35 -6.66
N ASP C 722 -2.01 16.96 -7.93
CA ASP C 722 -3.13 16.73 -8.82
C ASP C 722 -3.03 15.31 -9.34
N CYS C 723 -3.99 14.46 -8.95
CA CYS C 723 -3.98 13.07 -9.39
C CYS C 723 -4.20 12.94 -10.89
N ASN C 724 -5.11 13.74 -11.44
CA ASN C 724 -5.45 13.64 -12.85
C ASN C 724 -4.35 14.15 -13.76
N MET C 725 -3.25 14.66 -13.20
CA MET C 725 -2.08 15.05 -13.97
C MET C 725 -0.85 14.21 -13.62
N TYR C 726 -0.75 13.71 -12.39
CA TYR C 726 0.40 12.91 -11.99
C TYR C 726 0.25 11.44 -12.38
N ILE C 727 -0.91 10.85 -12.10
CA ILE C 727 -1.15 9.44 -12.43
C ILE C 727 -1.08 9.23 -13.94
N CYS C 728 -1.68 10.15 -14.69
CA CYS C 728 -1.52 10.20 -16.13
C CYS C 728 -1.79 11.63 -16.58
N GLY C 729 -1.35 11.94 -17.79
CA GLY C 729 -1.44 13.29 -18.28
C GLY C 729 -2.83 13.66 -18.78
N ASP C 730 -2.88 14.30 -19.95
CA ASP C 730 -4.14 14.74 -20.54
C ASP C 730 -4.70 13.73 -21.54
N SER C 731 -4.47 12.44 -21.32
CA SER C 731 -5.08 11.40 -22.13
C SER C 731 -6.42 10.99 -21.54
N THR C 732 -7.45 10.97 -22.37
CA THR C 732 -8.81 10.67 -21.90
C THR C 732 -9.07 9.18 -21.74
N GLU C 733 -8.19 8.31 -22.25
CA GLU C 733 -8.35 6.88 -22.07
C GLU C 733 -7.98 6.41 -20.67
N CYS C 734 -7.31 7.25 -19.89
CA CYS C 734 -6.87 6.92 -18.54
C CYS C 734 -7.78 7.49 -17.46
N SER C 735 -8.42 8.64 -17.72
CA SER C 735 -9.32 9.22 -16.72
C SER C 735 -10.54 8.34 -16.47
N ASN C 736 -11.08 7.73 -17.53
CA ASN C 736 -12.21 6.83 -17.37
C ASN C 736 -11.85 5.58 -16.59
N LEU C 737 -10.61 5.12 -16.72
CA LEU C 737 -10.15 3.97 -15.93
C LEU C 737 -9.86 4.37 -14.49
N LEU C 738 -9.36 5.59 -14.28
CA LEU C 738 -9.06 6.06 -12.92
C LEU C 738 -10.34 6.40 -12.15
N LEU C 739 -11.43 6.70 -12.85
CA LEU C 739 -12.70 6.97 -12.18
C LEU C 739 -13.26 5.75 -11.45
N GLN C 740 -12.82 4.55 -11.81
CA GLN C 740 -13.28 3.33 -11.17
C GLN C 740 -12.41 2.89 -10.00
N TYR C 741 -11.34 3.61 -9.71
CA TYR C 741 -10.45 3.27 -8.59
C TYR C 741 -10.83 4.01 -7.33
N GLY C 742 -12.10 3.94 -6.93
CA GLY C 742 -12.54 4.51 -5.67
C GLY C 742 -12.45 6.02 -5.60
N SER C 743 -12.17 6.51 -4.39
CA SER C 743 -12.02 7.93 -4.10
C SER C 743 -10.79 8.17 -3.23
N PHE C 744 -9.67 7.55 -3.61
CA PHE C 744 -8.43 7.69 -2.84
C PHE C 744 -7.88 9.11 -2.96
N CYS C 745 -8.06 9.74 -4.12
CA CYS C 745 -7.42 11.02 -4.37
C CYS C 745 -8.09 12.16 -3.63
N THR C 746 -9.39 12.03 -3.35
CA THR C 746 -10.05 12.99 -2.47
C THR C 746 -9.45 12.94 -1.07
N GLN C 747 -9.15 11.72 -0.58
CA GLN C 747 -8.47 11.57 0.70
C GLN C 747 -7.08 12.19 0.67
N LEU C 748 -6.34 11.98 -0.43
CA LEU C 748 -5.00 12.56 -0.56
C LEU C 748 -5.06 14.09 -0.52
N ASN C 749 -5.99 14.68 -1.27
CA ASN C 749 -6.10 16.13 -1.32
C ASN C 749 -6.56 16.71 0.02
N ARG C 750 -7.48 16.02 0.71
CA ARG C 750 -7.90 16.48 2.02
C ARG C 750 -6.77 16.43 3.05
N ALA C 751 -5.96 15.36 3.00
CA ALA C 751 -4.81 15.27 3.91
C ALA C 751 -3.80 16.37 3.64
N LEU C 752 -3.49 16.63 2.36
CA LEU C 752 -2.51 17.67 2.05
C LEU C 752 -3.04 19.06 2.39
N SER C 753 -4.35 19.29 2.19
CA SER C 753 -4.94 20.58 2.56
C SER C 753 -4.92 20.79 4.08
N GLY C 754 -5.18 19.73 4.84
CA GLY C 754 -5.08 19.83 6.29
C GLY C 754 -3.67 20.14 6.76
N ILE C 755 -2.67 19.51 6.13
CA ILE C 755 -1.28 19.80 6.46
C ILE C 755 -0.94 21.26 6.11
N ALA C 756 -1.42 21.74 4.97
CA ALA C 756 -1.14 23.12 4.55
C ALA C 756 -1.77 24.13 5.49
N VAL C 757 -2.99 23.86 5.99
CA VAL C 757 -3.61 24.76 6.95
C VAL C 757 -2.87 24.72 8.29
N GLU C 758 -2.44 23.53 8.70
CA GLU C 758 -1.73 23.38 9.97
C GLU C 758 -0.39 24.12 9.96
N GLN C 759 0.27 24.17 8.80
CA GLN C 759 1.55 24.87 8.71
C GLN C 759 1.41 26.37 8.95
N ASP C 760 0.34 26.99 8.45
CA ASP C 760 0.11 28.39 8.75
C ASP C 760 -0.39 28.59 10.18
N ARG C 761 -1.15 27.62 10.71
CA ARG C 761 -1.65 27.73 12.07
C ARG C 761 -0.51 27.69 13.09
N ASN C 762 0.55 26.92 12.80
CA ASN C 762 1.71 26.90 13.70
C ASN C 762 2.40 28.26 13.76
N THR C 763 2.60 28.88 12.59
CA THR C 763 3.23 30.19 12.54
C THR C 763 2.37 31.25 13.22
N ARG C 764 1.04 31.14 13.08
CA ARG C 764 0.14 32.01 13.81
C ARG C 764 0.26 31.80 15.32
N ASP C 765 0.41 30.54 15.75
CA ASP C 765 0.51 30.25 17.18
C ASP C 765 1.80 30.79 17.79
N VAL C 766 2.91 30.76 17.05
CA VAL C 766 4.18 31.18 17.62
C VAL C 766 4.27 32.72 17.71
N PHE C 767 4.16 33.40 16.58
CA PHE C 767 4.43 34.84 16.51
C PHE C 767 3.18 35.70 16.65
N ALA C 768 2.35 35.47 17.68
CA ALA C 768 1.19 36.33 17.88
C ALA C 768 0.92 36.61 19.36
N GLN C 769 1.95 36.66 20.19
CA GLN C 769 1.76 36.74 21.63
C GLN C 769 1.45 38.15 22.12
N THR C 770 1.51 39.17 21.26
CA THR C 770 1.35 40.55 21.71
C THR C 770 0.08 41.24 21.21
N LYS C 771 -0.41 40.86 20.01
CA LYS C 771 -1.63 41.39 19.34
C LYS C 771 -1.72 42.93 19.35
N SER C 772 -0.60 43.62 19.47
CA SER C 772 -0.59 45.09 19.48
C SER C 772 0.81 45.53 19.11
N ILE C 773 0.96 46.15 17.94
CA ILE C 773 2.28 46.52 17.43
C ILE C 773 2.78 47.76 18.16
N TYR C 774 3.97 47.65 18.75
CA TYR C 774 4.59 48.75 19.47
C TYR C 774 5.62 49.43 18.57
N LYS C 775 5.61 50.76 18.56
CA LYS C 775 6.54 51.50 17.73
C LYS C 775 7.96 51.41 18.29
N THR C 776 8.91 51.15 17.39
CA THR C 776 10.31 51.04 17.79
C THR C 776 10.86 52.42 18.15
N PRO C 777 11.42 52.59 19.35
CA PRO C 777 12.01 53.88 19.70
C PRO C 777 13.24 54.19 18.86
N ASN C 778 13.42 55.47 18.55
CA ASN C 778 14.58 55.89 17.76
C ASN C 778 15.87 55.89 18.55
N ILE C 779 15.80 56.12 19.86
CA ILE C 779 16.97 56.20 20.72
C ILE C 779 17.09 54.90 21.52
N LYS C 780 18.33 54.53 21.85
CA LYS C 780 18.61 53.29 22.56
C LYS C 780 19.35 53.55 23.86
N ASP C 781 19.01 54.62 24.57
CA ASP C 781 19.63 54.95 25.85
C ASP C 781 18.91 54.18 26.95
N PHE C 782 19.19 52.88 27.03
CA PHE C 782 18.58 51.99 28.00
C PHE C 782 19.48 51.76 29.21
N GLY C 783 20.23 52.79 29.62
CA GLY C 783 21.15 52.65 30.72
C GLY C 783 22.47 52.02 30.36
N GLY C 784 22.89 52.14 29.09
CA GLY C 784 24.13 51.56 28.63
C GLY C 784 23.97 50.28 27.84
N PHE C 785 22.77 49.73 27.76
CA PHE C 785 22.52 48.49 27.03
C PHE C 785 22.18 48.82 25.58
N ASN C 786 22.93 48.22 24.65
CA ASN C 786 22.79 48.50 23.23
C ASN C 786 21.83 47.50 22.61
N PHE C 787 20.67 47.99 22.15
CA PHE C 787 19.65 47.16 21.52
C PHE C 787 19.62 47.36 20.00
N SER C 788 20.67 47.92 19.42
CA SER C 788 20.64 48.31 18.02
C SER C 788 20.75 47.09 17.09
N GLN C 789 21.51 46.07 17.49
CA GLN C 789 21.72 44.93 16.59
C GLN C 789 20.50 44.02 16.51
N ILE C 790 19.66 43.98 17.56
CA ILE C 790 18.49 43.12 17.57
C ILE C 790 17.22 43.86 17.20
N LEU C 791 17.30 45.17 16.95
CA LEU C 791 16.17 45.98 16.53
C LEU C 791 16.40 46.50 15.11
N PRO C 792 15.33 46.73 14.33
CA PRO C 792 15.52 47.31 13.00
C PRO C 792 16.02 48.75 13.08
N ASP C 793 16.86 49.12 12.10
CA ASP C 793 17.46 50.44 12.09
C ASP C 793 16.45 51.49 11.65
N PRO C 794 16.57 52.72 12.14
CA PRO C 794 15.80 53.82 11.55
C PRO C 794 16.28 54.09 10.13
N LYS C 795 15.31 54.37 9.25
CA LYS C 795 15.54 54.50 7.80
C LYS C 795 16.26 53.28 7.24
N LYS C 796 15.72 52.11 7.56
CA LYS C 796 16.37 50.85 7.21
C LYS C 796 16.25 50.56 5.71
N LEU C 797 17.33 50.01 5.16
CA LEU C 797 17.29 49.52 3.78
C LEU C 797 16.43 48.26 3.69
N SER C 798 16.58 47.35 4.65
CA SER C 798 15.76 46.16 4.75
C SER C 798 14.53 46.47 5.59
N TYR C 799 13.79 45.43 6.01
CA TYR C 799 12.65 45.59 6.88
C TYR C 799 12.81 44.90 8.23
N ARG C 800 13.92 44.20 8.45
CA ARG C 800 14.13 43.44 9.68
C ARG C 800 15.43 43.90 10.34
N SER C 801 15.72 43.32 11.50
CA SER C 801 16.90 43.71 12.25
C SER C 801 18.16 43.14 11.59
N PHE C 802 19.31 43.61 12.06
CA PHE C 802 20.57 43.33 11.39
C PHE C 802 21.05 41.91 11.65
N ILE C 803 20.73 41.34 12.82
CA ILE C 803 21.12 39.96 13.11
C ILE C 803 20.33 38.98 12.25
N GLU C 804 19.02 39.16 12.15
CA GLU C 804 18.22 38.23 11.35
C GLU C 804 18.38 38.41 9.86
N ASP C 805 19.00 39.51 9.41
CA ASP C 805 19.49 39.58 8.03
C ASP C 805 20.66 38.64 7.81
N LEU C 806 21.51 38.47 8.83
CA LEU C 806 22.71 37.67 8.67
C LEU C 806 22.40 36.18 8.65
N LEU C 807 21.36 35.75 9.34
CA LEU C 807 20.95 34.35 9.33
C LEU C 807 19.86 34.07 8.31
N TYR C 808 19.37 35.07 7.60
CA TYR C 808 18.42 34.83 6.51
C TYR C 808 19.12 34.26 5.29
N ASN C 809 20.30 34.77 4.96
CA ASN C 809 21.08 34.26 3.84
C ASN C 809 22.09 33.20 4.27
N LYS C 810 22.15 32.88 5.56
CA LYS C 810 22.99 31.76 5.99
C LYS C 810 22.41 30.43 5.54
N VAL C 811 21.09 30.32 5.53
CA VAL C 811 20.40 29.16 4.97
C VAL C 811 19.89 29.52 3.58
N THR C 812 19.86 28.53 2.70
CA THR C 812 19.45 28.72 1.31
C THR C 812 18.14 27.99 1.08
N LEU C 813 17.12 28.73 0.64
CA LEU C 813 15.82 28.13 0.36
C LEU C 813 15.83 27.28 -0.90
N SER C 814 16.65 27.64 -1.87
CA SER C 814 16.76 26.87 -3.12
C SER C 814 17.51 25.57 -2.89
N ALA C 831 16.51 23.92 -19.70
CA ALA C 831 17.59 23.86 -18.72
C ALA C 831 17.58 22.51 -18.00
N ARG C 832 16.55 21.71 -18.28
CA ARG C 832 16.34 20.39 -17.69
C ARG C 832 16.30 20.44 -16.16
N ASP C 833 15.68 21.49 -15.64
CA ASP C 833 15.55 21.63 -14.19
C ASP C 833 14.46 20.72 -13.66
N LEU C 834 14.59 20.35 -12.39
CA LEU C 834 13.58 19.49 -11.76
C LEU C 834 12.30 20.25 -11.44
N ILE C 835 12.36 21.58 -11.38
CA ILE C 835 11.18 22.38 -11.06
C ILE C 835 10.13 22.28 -12.16
N CYS C 836 10.56 22.35 -13.42
CA CYS C 836 9.63 22.22 -14.54
C CYS C 836 9.05 20.80 -14.62
N ALA C 837 9.87 19.79 -14.29
CA ALA C 837 9.38 18.42 -14.24
C ALA C 837 8.34 18.24 -13.13
N GLN C 838 8.52 18.92 -12.00
CA GLN C 838 7.49 18.89 -10.95
C GLN C 838 6.23 19.62 -11.39
N LYS C 839 6.39 20.74 -12.08
CA LYS C 839 5.23 21.54 -12.49
C LYS C 839 4.43 20.85 -13.58
N PHE C 840 5.08 20.10 -14.46
CA PHE C 840 4.37 19.40 -15.52
C PHE C 840 3.61 18.17 -15.04
N ASN C 841 3.82 17.75 -13.79
CA ASN C 841 3.16 16.56 -13.24
C ASN C 841 2.26 16.88 -12.07
N GLY C 842 1.85 18.13 -11.90
CA GLY C 842 0.88 18.49 -10.90
C GLY C 842 1.42 18.72 -9.50
N LEU C 843 2.72 18.88 -9.34
CA LEU C 843 3.33 19.14 -8.03
C LEU C 843 3.65 20.62 -7.93
N THR C 844 2.88 21.33 -7.11
CA THR C 844 3.06 22.76 -6.91
C THR C 844 3.37 23.04 -5.44
N VAL C 845 3.87 24.24 -5.18
CA VAL C 845 4.20 24.70 -3.83
C VAL C 845 3.42 25.97 -3.56
N LEU C 846 2.63 25.96 -2.48
CA LEU C 846 1.82 27.13 -2.11
C LEU C 846 2.62 28.07 -1.22
N PRO C 847 2.48 29.38 -1.41
CA PRO C 847 3.23 30.32 -0.58
C PRO C 847 2.61 30.43 0.80
N PRO C 848 3.39 30.78 1.82
CA PRO C 848 2.82 30.96 3.15
C PRO C 848 1.95 32.21 3.25
N LEU C 849 1.01 32.18 4.19
CA LEU C 849 0.10 33.30 4.36
C LEU C 849 0.80 34.53 4.92
N LEU C 850 1.62 34.34 5.94
CA LEU C 850 2.35 35.44 6.56
C LEU C 850 3.70 35.60 5.88
N THR C 851 3.93 36.77 5.29
CA THR C 851 5.24 37.05 4.71
C THR C 851 6.25 37.36 5.82
N ASP C 852 7.54 37.36 5.45
CA ASP C 852 8.59 37.56 6.42
C ASP C 852 8.61 38.97 6.99
N ASP C 853 8.05 39.95 6.28
CA ASP C 853 7.98 41.31 6.80
C ASP C 853 7.09 41.39 8.03
N MET C 854 5.94 40.70 8.00
CA MET C 854 5.05 40.71 9.15
C MET C 854 5.63 39.93 10.32
N ILE C 855 6.39 38.86 10.05
CA ILE C 855 7.07 38.14 11.12
C ILE C 855 8.15 39.01 11.76
N ALA C 856 8.87 39.77 10.94
CA ALA C 856 9.86 40.71 11.46
C ALA C 856 9.20 41.81 12.28
N ALA C 857 8.02 42.28 11.83
CA ALA C 857 7.27 43.27 12.60
C ALA C 857 6.82 42.70 13.94
N TYR C 858 6.40 41.43 13.96
CA TYR C 858 6.01 40.78 15.21
C TYR C 858 7.18 40.68 16.18
N THR C 859 8.35 40.28 15.68
CA THR C 859 9.53 40.18 16.53
C THR C 859 9.99 41.55 17.03
N ALA C 860 9.90 42.57 16.17
CA ALA C 860 10.26 43.93 16.59
C ALA C 860 9.29 44.47 17.64
N ALA C 861 8.01 44.14 17.50
CA ALA C 861 7.03 44.55 18.50
C ALA C 861 7.23 43.83 19.82
N LEU C 862 7.72 42.59 19.77
CA LEU C 862 8.05 41.89 21.01
C LEU C 862 9.27 42.50 21.68
N ILE C 863 10.32 42.81 20.90
CA ILE C 863 11.54 43.37 21.47
C ILE C 863 11.30 44.77 22.02
N SER C 864 10.86 45.70 21.15
CA SER C 864 10.46 47.02 21.63
C SER C 864 9.13 46.89 22.34
N GLY C 865 9.17 46.73 23.66
CA GLY C 865 8.00 46.40 24.44
C GLY C 865 8.37 45.41 25.53
N THR C 866 9.34 44.54 25.24
CA THR C 866 10.01 43.82 26.31
C THR C 866 10.98 44.72 27.06
N ALA C 867 11.75 45.52 26.31
CA ALA C 867 12.77 46.38 26.92
C ALA C 867 12.16 47.59 27.61
N THR C 868 11.18 48.25 26.98
CA THR C 868 10.66 49.51 27.48
C THR C 868 9.45 49.35 28.40
N ALA C 869 8.96 48.13 28.58
CA ALA C 869 7.79 47.93 29.43
C ALA C 869 7.91 46.70 30.33
N GLY C 870 9.05 46.01 30.32
CA GLY C 870 9.17 44.83 31.14
C GLY C 870 8.39 43.65 30.58
N TYR C 871 8.17 42.65 31.44
CA TYR C 871 7.42 41.46 31.07
C TYR C 871 5.93 41.60 31.31
N THR C 872 5.48 42.70 31.93
CA THR C 872 4.09 42.82 32.35
C THR C 872 3.13 43.09 31.21
N PHE C 873 3.62 43.40 30.00
CA PHE C 873 2.72 43.61 28.88
C PHE C 873 2.17 42.30 28.33
N GLY C 874 2.79 41.16 28.64
CA GLY C 874 2.27 39.87 28.23
C GLY C 874 1.12 39.36 29.05
N ALA C 875 0.88 39.94 30.23
CA ALA C 875 -0.24 39.59 31.10
C ALA C 875 -0.88 40.90 31.54
N GLY C 876 -1.83 41.39 30.75
CA GLY C 876 -2.46 42.67 31.01
C GLY C 876 -1.93 43.77 30.13
N ALA C 877 -2.08 45.00 30.62
CA ALA C 877 -1.62 46.17 29.90
C ALA C 877 -0.12 46.39 30.11
N ALA C 878 0.46 47.25 29.29
CA ALA C 878 1.88 47.57 29.35
C ALA C 878 2.11 48.66 30.40
N LEU C 879 3.08 48.44 31.26
CA LEU C 879 3.43 49.38 32.32
C LEU C 879 4.83 49.92 32.10
N GLN C 880 4.97 51.24 32.19
CA GLN C 880 6.26 51.89 32.01
C GLN C 880 7.18 51.60 33.18
N ILE C 881 8.45 51.33 32.87
CA ILE C 881 9.48 51.09 33.89
C ILE C 881 10.84 51.38 33.28
N PRO C 882 11.76 51.99 34.02
CA PRO C 882 13.14 52.11 33.53
C PRO C 882 13.81 50.76 33.40
N PHE C 883 14.77 50.67 32.48
CA PHE C 883 15.42 49.40 32.20
C PHE C 883 16.32 48.96 33.35
N ALA C 884 16.97 49.91 34.04
CA ALA C 884 17.82 49.56 35.17
C ALA C 884 17.03 48.94 36.31
N MET C 885 15.83 49.46 36.57
CA MET C 885 14.99 48.88 37.61
C MET C 885 14.47 47.50 37.22
N GLN C 886 14.24 47.28 35.92
CA GLN C 886 13.88 45.95 35.45
C GLN C 886 15.03 44.97 35.63
N MET C 887 16.27 45.42 35.36
CA MET C 887 17.44 44.60 35.63
C MET C 887 17.58 44.29 37.11
N ALA C 888 17.30 45.27 37.97
CA ALA C 888 17.37 45.06 39.41
C ALA C 888 16.32 44.05 39.87
N TYR C 889 15.10 44.13 39.33
CA TYR C 889 14.05 43.19 39.69
C TYR C 889 14.38 41.78 39.22
N ARG C 890 14.95 41.65 38.02
CA ARG C 890 15.32 40.33 37.52
C ARG C 890 16.48 39.75 38.31
N PHE C 891 17.45 40.59 38.69
CA PHE C 891 18.54 40.14 39.55
C PHE C 891 18.04 39.70 40.91
N ASN C 892 17.06 40.43 41.47
CA ASN C 892 16.44 40.02 42.73
C ASN C 892 15.70 38.69 42.57
N GLY C 893 15.04 38.50 41.42
CA GLY C 893 14.37 37.23 41.15
C GLY C 893 15.32 36.08 40.94
N ILE C 894 16.57 36.35 40.56
CA ILE C 894 17.58 35.30 40.48
C ILE C 894 17.89 34.74 41.87
N GLY C 895 18.08 35.64 42.84
CA GLY C 895 18.42 35.23 44.19
C GLY C 895 19.44 36.12 44.82
N VAL C 896 20.20 36.83 43.99
CA VAL C 896 21.19 37.79 44.46
C VAL C 896 20.49 39.13 44.69
N THR C 897 20.99 39.90 45.64
CA THR C 897 20.40 41.20 45.94
C THR C 897 20.65 42.18 44.81
N GLN C 898 19.92 43.30 44.84
CA GLN C 898 19.96 44.29 43.78
C GLN C 898 21.11 45.29 43.97
N ASN C 899 22.00 45.06 44.92
CA ASN C 899 23.20 45.87 45.08
C ASN C 899 24.24 45.57 44.02
N VAL C 900 24.34 44.32 43.57
CA VAL C 900 25.35 43.94 42.59
C VAL C 900 25.09 44.51 41.21
N LEU C 901 23.89 45.05 40.96
CA LEU C 901 23.59 45.74 39.72
C LEU C 901 24.00 47.21 39.76
N TYR C 902 23.44 47.96 40.72
CA TYR C 902 23.60 49.41 40.74
C TYR C 902 25.05 49.81 41.03
N GLU C 903 25.80 48.97 41.72
CA GLU C 903 27.20 49.26 42.01
C GLU C 903 28.14 48.80 40.89
N ASN C 904 27.64 48.08 39.90
CA ASN C 904 28.49 47.53 38.84
C ASN C 904 27.79 47.65 37.48
N GLN C 905 26.97 48.69 37.31
CA GLN C 905 26.08 48.78 36.15
C GLN C 905 26.85 48.93 34.84
N LYS C 906 27.95 49.68 34.85
CA LYS C 906 28.76 49.83 33.66
C LYS C 906 29.40 48.51 33.25
N GLN C 907 29.79 47.69 34.24
CA GLN C 907 30.35 46.38 33.93
C GLN C 907 29.30 45.45 33.32
N ILE C 908 28.07 45.50 33.83
CA ILE C 908 26.99 44.70 33.25
C ILE C 908 26.71 45.13 31.82
N ALA C 909 26.65 46.44 31.59
CA ALA C 909 26.40 46.95 30.25
C ALA C 909 27.51 46.58 29.27
N ASN C 910 28.77 46.69 29.70
CA ASN C 910 29.89 46.36 28.84
C ASN C 910 29.97 44.86 28.57
N GLN C 911 29.60 44.02 29.54
CA GLN C 911 29.59 42.60 29.29
C GLN C 911 28.45 42.19 28.36
N PHE C 912 27.28 42.80 28.53
CA PHE C 912 26.15 42.49 27.67
C PHE C 912 26.42 42.93 26.23
N ASN C 913 27.05 44.10 26.05
CA ASN C 913 27.24 44.65 24.72
C ASN C 913 28.16 43.80 23.85
N ASN C 914 29.23 43.24 24.42
CA ASN C 914 30.09 42.37 23.63
C ASN C 914 29.69 40.90 23.69
N ALA C 915 28.88 40.50 24.68
CA ALA C 915 28.26 39.18 24.61
C ALA C 915 27.26 39.11 23.46
N ILE C 916 26.56 40.21 23.18
CA ILE C 916 25.69 40.27 22.01
C ILE C 916 26.52 40.25 20.73
N SER C 917 27.64 40.97 20.70
CA SER C 917 28.47 41.06 19.50
C SER C 917 29.27 39.79 19.22
N LYS C 918 29.46 38.91 20.21
CA LYS C 918 30.08 37.62 19.94
C LYS C 918 29.21 36.71 19.10
N ILE C 919 27.89 36.94 19.09
CA ILE C 919 26.98 36.16 18.24
C ILE C 919 27.28 36.43 16.76
N GLN C 920 27.80 37.62 16.45
CA GLN C 920 28.22 37.92 15.08
C GLN C 920 29.31 36.97 14.60
N ASP C 921 30.33 36.76 15.43
CA ASP C 921 31.38 35.80 15.08
C ASP C 921 30.89 34.36 15.17
N SER C 922 29.94 34.09 16.07
CA SER C 922 29.41 32.73 16.20
C SER C 922 28.51 32.33 15.04
N LEU C 923 27.93 33.31 14.33
CA LEU C 923 27.02 33.01 13.23
C LEU C 923 27.60 33.32 11.85
N THR C 924 28.59 34.21 11.75
CA THR C 924 29.10 34.59 10.44
C THR C 924 30.11 33.58 9.92
N THR C 925 31.23 33.41 10.63
CA THR C 925 32.30 32.54 10.16
C THR C 925 31.91 31.07 10.30
N THR C 926 31.37 30.69 11.44
CA THR C 926 31.06 29.29 11.71
C THR C 926 29.75 28.88 11.03
N SER C 927 29.72 27.65 10.54
CA SER C 927 28.55 27.07 9.90
C SER C 927 28.07 25.87 10.72
N ALA C 928 27.09 25.15 10.16
CA ALA C 928 26.47 23.96 10.73
C ALA C 928 25.81 24.22 12.09
N ALA C 929 25.50 25.49 12.39
CA ALA C 929 24.75 25.82 13.59
C ALA C 929 23.24 25.86 13.34
N LEU C 930 22.83 25.92 12.07
CA LEU C 930 21.43 25.91 11.68
C LEU C 930 21.08 24.68 10.85
N GLY C 931 21.74 23.56 11.14
CA GLY C 931 21.46 22.33 10.41
C GLY C 931 20.06 21.79 10.68
N LYS C 932 19.55 21.97 11.89
CA LYS C 932 18.18 21.59 12.22
C LYS C 932 17.17 22.43 11.46
N LEU C 933 17.57 23.58 10.92
CA LEU C 933 16.70 24.43 10.14
C LEU C 933 16.92 24.27 8.65
N GLN C 934 18.09 23.79 8.23
CA GLN C 934 18.40 23.51 6.84
C GLN C 934 17.89 22.14 6.40
N ASP C 935 17.88 21.16 7.29
CA ASP C 935 17.38 19.84 6.94
C ASP C 935 15.88 19.84 6.63
N VAL C 936 15.12 20.76 7.24
CA VAL C 936 13.70 20.91 6.92
C VAL C 936 13.52 21.33 5.47
N ILE C 937 14.36 22.27 5.01
CA ILE C 937 14.32 22.68 3.61
C ILE C 937 14.79 21.54 2.70
N ASN C 938 15.80 20.79 3.13
CA ASN C 938 16.36 19.74 2.29
C ASN C 938 15.39 18.57 2.11
N GLN C 939 14.64 18.23 3.17
CA GLN C 939 13.80 17.04 3.13
C GLN C 939 12.66 17.16 2.13
N ASN C 940 12.05 18.36 2.03
CA ASN C 940 10.98 18.56 1.08
C ASN C 940 11.47 18.44 -0.36
N ALA C 941 12.64 19.02 -0.65
CA ALA C 941 13.21 18.92 -1.99
C ALA C 941 13.57 17.48 -2.34
N VAL C 942 14.12 16.74 -1.36
CA VAL C 942 14.46 15.34 -1.61
C VAL C 942 13.21 14.50 -1.83
N ALA C 943 12.15 14.75 -1.05
CA ALA C 943 10.92 13.97 -1.18
C ALA C 943 10.19 14.30 -2.48
N LEU C 944 10.24 15.56 -2.92
CA LEU C 944 9.58 15.91 -4.18
C LEU C 944 10.38 15.42 -5.38
N ASN C 945 11.72 15.43 -5.28
CA ASN C 945 12.53 14.93 -6.38
C ASN C 945 12.43 13.41 -6.53
N THR C 946 12.29 12.70 -5.42
CA THR C 946 12.19 11.24 -5.48
C THR C 946 10.81 10.76 -5.88
N LEU C 947 9.81 11.65 -5.93
CA LEU C 947 8.48 11.28 -6.36
C LEU C 947 8.31 11.40 -7.88
N VAL C 948 8.93 12.41 -8.49
CA VAL C 948 8.82 12.60 -9.93
C VAL C 948 9.65 11.57 -10.70
N LYS C 949 10.64 10.95 -10.05
CA LYS C 949 11.44 9.93 -10.71
C LYS C 949 10.81 8.54 -10.65
N GLN C 950 9.71 8.37 -9.92
CA GLN C 950 9.00 7.10 -9.91
C GLN C 950 8.16 6.89 -11.16
N LEU C 951 7.95 7.93 -11.96
CA LEU C 951 7.18 7.80 -13.19
C LEU C 951 7.94 7.09 -14.29
N SER C 952 9.24 6.85 -14.10
CA SER C 952 10.09 6.21 -15.10
C SER C 952 10.27 4.72 -14.84
N SER C 953 9.33 4.09 -14.15
CA SER C 953 9.42 2.68 -13.82
C SER C 953 8.28 1.91 -14.47
N ASN C 954 8.55 0.66 -14.83
CA ASN C 954 7.59 -0.14 -15.58
C ASN C 954 6.43 -0.61 -14.71
N PHE C 955 6.71 -0.94 -13.45
CA PHE C 955 5.77 -1.58 -12.53
C PHE C 955 5.22 -2.89 -13.10
N GLY C 956 6.05 -3.63 -13.83
CA GLY C 956 5.63 -4.88 -14.42
C GLY C 956 4.93 -4.77 -15.77
N ALA C 957 4.89 -3.57 -16.35
CA ALA C 957 4.28 -3.36 -17.66
C ALA C 957 5.35 -3.39 -18.74
N ILE C 958 4.90 -3.31 -19.99
CA ILE C 958 5.84 -3.36 -21.11
C ILE C 958 6.62 -2.05 -21.23
N SER C 959 6.06 -0.94 -20.74
CA SER C 959 6.72 0.35 -20.85
C SER C 959 6.23 1.24 -19.72
N SER C 960 7.00 2.29 -19.45
CA SER C 960 6.64 3.31 -18.48
C SER C 960 5.90 4.48 -19.10
N VAL C 961 5.69 4.46 -20.41
CA VAL C 961 5.01 5.53 -21.12
C VAL C 961 3.65 5.02 -21.57
N LEU C 962 2.59 5.76 -21.22
CA LEU C 962 1.25 5.35 -21.61
C LEU C 962 1.02 5.50 -23.11
N ASN C 963 1.76 6.39 -23.76
CA ASN C 963 1.64 6.57 -25.20
C ASN C 963 2.17 5.36 -25.96
N ASP C 964 3.22 4.71 -25.43
CA ASP C 964 3.73 3.50 -26.05
C ASP C 964 2.72 2.35 -25.94
N ILE C 965 2.05 2.25 -24.80
CA ILE C 965 1.07 1.18 -24.60
C ILE C 965 -0.16 1.42 -25.46
N LEU C 966 -0.66 2.66 -25.49
CA LEU C 966 -1.92 2.94 -26.17
C LEU C 966 -1.78 2.88 -27.69
N SER C 967 -0.60 3.21 -28.22
CA SER C 967 -0.43 3.25 -29.67
C SER C 967 -0.05 1.90 -30.26
N ARG C 968 0.32 0.93 -29.43
CA ARG C 968 0.76 -0.37 -29.94
C ARG C 968 -0.21 -1.50 -29.65
N LEU C 969 -1.10 -1.33 -28.67
CA LEU C 969 -2.03 -2.38 -28.29
C LEU C 969 -3.46 -1.88 -28.45
N ASP C 970 -4.35 -2.81 -28.76
CA ASP C 970 -5.77 -2.49 -28.90
C ASP C 970 -6.40 -2.29 -27.53
N LYS C 971 -7.67 -1.90 -27.54
CA LYS C 971 -8.38 -1.48 -26.34
C LYS C 971 -8.63 -2.64 -25.37
N VAL C 972 -8.75 -3.87 -25.86
CA VAL C 972 -9.16 -4.98 -25.00
C VAL C 972 -8.04 -5.37 -24.02
N GLU C 973 -6.79 -5.38 -24.48
CA GLU C 973 -5.68 -5.82 -23.64
C GLU C 973 -4.81 -4.67 -23.16
N ALA C 974 -5.23 -3.43 -23.35
CA ALA C 974 -4.48 -2.30 -22.83
C ALA C 974 -4.73 -2.06 -21.35
N GLU C 975 -5.92 -2.42 -20.85
CA GLU C 975 -6.27 -2.13 -19.45
C GLU C 975 -5.42 -2.94 -18.48
N VAL C 976 -5.07 -4.18 -18.86
CA VAL C 976 -4.31 -5.06 -17.97
C VAL C 976 -2.90 -4.53 -17.72
N GLN C 977 -2.41 -3.64 -18.58
CA GLN C 977 -1.12 -3.00 -18.36
C GLN C 977 -1.23 -1.53 -17.97
N ILE C 978 -2.37 -0.89 -18.23
CA ILE C 978 -2.60 0.46 -17.69
C ILE C 978 -2.80 0.39 -16.18
N ASP C 979 -3.51 -0.64 -15.70
CA ASP C 979 -3.83 -0.76 -14.29
C ASP C 979 -2.60 -0.97 -13.42
N ARG C 980 -1.56 -1.63 -13.95
CA ARG C 980 -0.32 -1.80 -13.21
C ARG C 980 0.34 -0.45 -12.93
N LEU C 981 0.43 0.40 -13.96
CA LEU C 981 0.99 1.74 -13.80
C LEU C 981 0.13 2.58 -12.85
N ILE C 982 -1.19 2.43 -12.96
CA ILE C 982 -2.10 3.17 -12.09
C ILE C 982 -1.88 2.79 -10.62
N THR C 983 -1.79 1.49 -10.35
CA THR C 983 -1.59 1.01 -8.98
C THR C 983 -0.23 1.42 -8.43
N GLY C 984 0.82 1.36 -9.26
CA GLY C 984 2.15 1.77 -8.80
C GLY C 984 2.22 3.25 -8.46
N ARG C 985 1.65 4.09 -9.33
CA ARG C 985 1.67 5.53 -9.07
C ARG C 985 0.78 5.90 -7.88
N LEU C 986 -0.34 5.20 -7.71
CA LEU C 986 -1.19 5.42 -6.55
C LEU C 986 -0.47 5.02 -5.26
N GLN C 987 0.28 3.92 -5.29
CA GLN C 987 1.06 3.50 -4.12
C GLN C 987 2.14 4.54 -3.79
N SER C 988 2.78 5.10 -4.81
CA SER C 988 3.76 6.16 -4.58
C SER C 988 3.13 7.37 -3.93
N LEU C 989 1.93 7.77 -4.38
CA LEU C 989 1.24 8.90 -3.79
C LEU C 989 0.84 8.62 -2.33
N GLN C 990 0.35 7.40 -2.05
CA GLN C 990 0.01 7.02 -0.68
C GLN C 990 1.23 7.13 0.23
N THR C 991 2.38 6.63 -0.22
CA THR C 991 3.59 6.68 0.59
C THR C 991 4.02 8.11 0.85
N TYR C 992 3.99 8.96 -0.19
CA TYR C 992 4.42 10.34 -0.05
C TYR C 992 3.55 11.07 0.97
N VAL C 993 2.23 10.86 0.91
CA VAL C 993 1.34 11.49 1.88
C VAL C 993 1.57 10.94 3.28
N THR C 994 1.94 9.67 3.41
CA THR C 994 2.19 9.09 4.74
C THR C 994 3.40 9.73 5.44
N GLN C 995 4.55 9.81 4.76
CA GLN C 995 5.65 10.54 5.42
C GLN C 995 5.38 12.03 5.55
N GLN C 996 4.57 12.63 4.66
CA GLN C 996 4.21 14.04 4.85
C GLN C 996 3.42 14.24 6.14
N LEU C 997 2.47 13.34 6.44
CA LEU C 997 1.71 13.42 7.68
C LEU C 997 2.60 13.23 8.90
N ILE C 998 3.53 12.26 8.85
CA ILE C 998 4.41 12.02 9.98
C ILE C 998 5.33 13.22 10.25
N ARG C 999 5.89 13.81 9.17
CA ARG C 999 6.73 14.98 9.33
C ARG C 999 5.94 16.18 9.85
N ALA C 1000 4.68 16.30 9.43
CA ALA C 1000 3.82 17.37 9.93
C ALA C 1000 3.58 17.22 11.43
N ALA C 1001 3.40 15.98 11.89
CA ALA C 1001 3.25 15.74 13.34
C ALA C 1001 4.50 16.14 14.11
N GLU C 1002 5.68 15.77 13.58
CA GLU C 1002 6.94 16.13 14.23
C GLU C 1002 7.11 17.64 14.32
N ILE C 1003 6.84 18.35 13.21
CA ILE C 1003 7.02 19.79 13.23
C ILE C 1003 5.93 20.50 14.02
N ARG C 1004 4.75 19.86 14.19
CA ARG C 1004 3.74 20.43 15.08
C ARG C 1004 4.17 20.35 16.54
N ALA C 1005 4.79 19.23 16.94
CA ALA C 1005 5.33 19.13 18.29
C ALA C 1005 6.45 20.15 18.51
N SER C 1006 7.32 20.33 17.51
CA SER C 1006 8.38 21.33 17.63
C SER C 1006 7.81 22.74 17.71
N ALA C 1007 6.74 23.03 16.96
CA ALA C 1007 6.13 24.35 16.99
C ALA C 1007 5.44 24.61 18.33
N ASN C 1008 4.84 23.57 18.93
CA ASN C 1008 4.27 23.72 20.28
C ASN C 1008 5.36 24.03 21.30
N LEU C 1009 6.51 23.35 21.19
CA LEU C 1009 7.63 23.66 22.08
C LEU C 1009 8.12 25.09 21.89
N ALA C 1010 8.19 25.55 20.64
CA ALA C 1010 8.60 26.93 20.36
C ALA C 1010 7.60 27.93 20.93
N ALA C 1011 6.30 27.62 20.83
CA ALA C 1011 5.27 28.51 21.36
C ALA C 1011 5.33 28.62 22.87
N THR C 1012 5.50 27.49 23.58
CA THR C 1012 5.58 27.59 25.03
C THR C 1012 6.88 28.23 25.49
N LYS C 1013 7.97 28.05 24.73
CA LYS C 1013 9.21 28.77 25.05
C LYS C 1013 9.05 30.27 24.85
N MET C 1014 8.35 30.68 23.78
CA MET C 1014 8.04 32.08 23.55
C MET C 1014 7.19 32.66 24.68
N SER C 1015 6.22 31.89 25.15
CA SER C 1015 5.32 32.39 26.18
C SER C 1015 6.03 32.47 27.54
N GLU C 1016 6.92 31.54 27.84
CA GLU C 1016 7.48 31.45 29.18
C GLU C 1016 8.83 32.14 29.35
N CYS C 1017 9.57 32.40 28.28
CA CYS C 1017 10.90 32.98 28.41
C CYS C 1017 11.04 34.38 27.85
N VAL C 1018 10.19 34.78 26.91
CA VAL C 1018 10.23 36.15 26.40
C VAL C 1018 9.27 37.05 27.17
N LEU C 1019 8.09 36.54 27.50
CA LEU C 1019 7.07 37.32 28.20
C LEU C 1019 7.19 37.21 29.71
N GLY C 1020 8.20 36.53 30.22
CA GLY C 1020 8.37 36.40 31.66
C GLY C 1020 9.73 35.82 31.98
N GLN C 1021 9.97 35.64 33.27
CA GLN C 1021 11.20 35.04 33.78
C GLN C 1021 10.89 33.66 34.34
N SER C 1022 11.56 32.64 33.82
CA SER C 1022 11.25 31.26 34.15
C SER C 1022 12.22 30.74 35.20
N LYS C 1023 11.68 30.12 36.24
CA LYS C 1023 12.47 29.51 37.29
C LYS C 1023 12.80 28.05 37.02
N ARG C 1024 12.28 27.48 35.95
CA ARG C 1024 12.63 26.10 35.58
C ARG C 1024 14.09 26.04 35.14
N VAL C 1025 14.84 25.13 35.73
CA VAL C 1025 16.28 25.07 35.49
C VAL C 1025 16.57 24.44 34.14
N ASP C 1026 17.46 25.08 33.38
CA ASP C 1026 17.92 24.66 32.06
C ASP C 1026 16.72 24.48 31.11
N PHE C 1027 15.93 25.54 31.02
CA PHE C 1027 14.86 25.63 30.05
C PHE C 1027 15.13 26.68 28.99
N CYS C 1028 15.81 27.76 29.36
CA CYS C 1028 16.24 28.80 28.43
C CYS C 1028 17.64 29.24 28.84
N GLY C 1029 18.65 28.66 28.18
CA GLY C 1029 20.02 28.94 28.52
C GLY C 1029 20.63 27.85 29.38
N LYS C 1030 21.77 28.19 29.99
CA LYS C 1030 22.51 27.27 30.82
C LYS C 1030 22.51 27.67 32.29
N GLY C 1031 22.83 28.91 32.60
CA GLY C 1031 22.87 29.36 33.99
C GLY C 1031 21.51 29.78 34.50
N TYR C 1032 21.44 30.94 35.14
CA TYR C 1032 20.18 31.46 35.68
C TYR C 1032 19.59 32.44 34.67
N HIS C 1033 18.35 32.16 34.24
CA HIS C 1033 17.76 32.90 33.14
C HIS C 1033 17.37 34.31 33.56
N LEU C 1034 17.68 35.29 32.70
CA LEU C 1034 17.32 36.68 32.92
C LEU C 1034 16.25 37.15 31.94
N MET C 1035 16.50 37.05 30.64
CA MET C 1035 15.49 37.34 29.63
C MET C 1035 15.88 36.66 28.33
N SER C 1036 14.96 36.69 27.37
CA SER C 1036 15.18 36.11 26.06
C SER C 1036 14.76 37.10 24.98
N PHE C 1037 15.37 36.97 23.80
CA PHE C 1037 15.08 37.84 22.67
C PHE C 1037 14.77 36.98 21.46
N PRO C 1038 13.57 37.11 20.87
CA PRO C 1038 13.26 36.32 19.67
C PRO C 1038 13.77 36.96 18.39
N GLN C 1039 14.28 36.12 17.49
CA GLN C 1039 14.74 36.56 16.18
C GLN C 1039 14.09 35.68 15.12
N ALA C 1040 13.58 36.30 14.06
CA ALA C 1040 12.92 35.56 13.00
C ALA C 1040 13.94 34.82 12.15
N ALA C 1041 13.56 33.63 11.71
CA ALA C 1041 14.38 32.78 10.88
C ALA C 1041 13.52 32.20 9.78
N PRO C 1042 14.10 31.80 8.64
CA PRO C 1042 13.32 31.09 7.62
C PRO C 1042 12.88 29.73 8.13
N HIS C 1043 11.56 29.52 8.14
CA HIS C 1043 10.92 28.28 8.61
C HIS C 1043 11.26 27.94 10.05
N GLY C 1044 11.50 28.94 10.89
CA GLY C 1044 11.86 28.67 12.27
C GLY C 1044 12.01 29.95 13.07
N VAL C 1045 12.49 29.79 14.30
CA VAL C 1045 12.69 30.90 15.22
C VAL C 1045 14.02 30.70 15.95
N VAL C 1046 14.69 31.80 16.27
CA VAL C 1046 15.96 31.80 16.96
C VAL C 1046 15.79 32.57 18.26
N PHE C 1047 16.22 31.95 19.37
CA PHE C 1047 16.10 32.53 20.70
C PHE C 1047 17.46 32.93 21.22
N LEU C 1048 17.56 34.14 21.76
CA LEU C 1048 18.80 34.67 22.35
C LEU C 1048 18.60 34.74 23.86
N HIS C 1049 19.13 33.74 24.57
CA HIS C 1049 18.90 33.61 26.00
C HIS C 1049 20.02 34.31 26.77
N VAL C 1050 19.67 35.33 27.53
CA VAL C 1050 20.63 36.04 28.37
C VAL C 1050 20.57 35.43 29.77
N THR C 1051 21.69 34.88 30.23
CA THR C 1051 21.75 34.16 31.49
C THR C 1051 22.81 34.76 32.40
N TYR C 1052 22.86 34.23 33.62
CA TYR C 1052 23.78 34.67 34.66
C TYR C 1052 24.54 33.46 35.17
N VAL C 1053 25.86 33.53 35.15
CA VAL C 1053 26.69 32.41 35.60
C VAL C 1053 27.84 32.91 36.46
N PRO C 1054 28.08 32.31 37.63
CA PRO C 1054 29.25 32.66 38.43
C PRO C 1054 30.53 32.12 37.81
N SER C 1055 31.64 32.82 38.08
CA SER C 1055 32.91 32.51 37.46
C SER C 1055 33.96 32.00 38.44
N GLN C 1056 34.26 32.77 39.49
CA GLN C 1056 35.34 32.42 40.41
C GLN C 1056 34.78 31.74 41.65
N GLN C 1057 35.68 31.15 42.44
CA GLN C 1057 35.30 30.46 43.68
C GLN C 1057 36.31 30.80 44.76
N GLN C 1058 35.91 30.57 46.01
CA GLN C 1058 36.80 30.72 47.16
C GLN C 1058 36.28 29.86 48.30
N ASN C 1059 37.18 29.07 48.90
CA ASN C 1059 36.81 28.19 50.00
C ASN C 1059 36.55 28.98 51.28
N PHE C 1060 35.60 28.48 52.07
CA PHE C 1060 35.26 29.09 53.35
C PHE C 1060 34.79 27.99 54.29
N THR C 1061 34.75 28.31 55.58
CA THR C 1061 34.29 27.39 56.60
C THR C 1061 32.96 27.86 57.17
N THR C 1062 32.04 26.92 57.39
CA THR C 1062 30.68 27.23 57.80
C THR C 1062 30.37 26.62 59.16
N ALA C 1063 29.11 26.81 59.58
CA ALA C 1063 28.52 26.25 60.77
C ALA C 1063 27.02 26.30 60.57
N PRO C 1064 26.27 25.23 60.91
CA PRO C 1064 24.82 25.26 60.72
C PRO C 1064 24.10 26.32 61.53
N ALA C 1065 24.59 26.62 62.73
CA ALA C 1065 23.94 27.60 63.60
C ALA C 1065 24.98 28.18 64.54
N ILE C 1066 24.56 29.17 65.32
CA ILE C 1066 25.40 29.85 66.29
C ILE C 1066 24.68 29.88 67.63
N CYS C 1067 25.34 29.40 68.68
CA CYS C 1067 24.79 29.45 70.03
C CYS C 1067 25.41 30.62 70.76
N HIS C 1068 24.56 31.54 71.23
CA HIS C 1068 25.02 32.76 71.90
C HIS C 1068 24.96 32.66 73.42
N ASN C 1069 23.77 32.41 73.96
CA ASN C 1069 23.55 32.31 75.40
C ASN C 1069 22.67 31.11 75.72
N GLY C 1070 23.00 29.97 75.14
CA GLY C 1070 22.20 28.78 75.31
C GLY C 1070 21.08 28.61 74.32
N LYS C 1071 20.89 29.56 73.41
CA LYS C 1071 19.85 29.50 72.40
C LYS C 1071 20.48 29.56 71.01
N ALA C 1072 20.01 28.69 70.13
CA ALA C 1072 20.57 28.60 68.79
C ALA C 1072 20.00 29.71 67.89
N TYR C 1073 20.83 30.14 66.93
CA TYR C 1073 20.45 31.17 65.98
C TYR C 1073 20.65 30.64 64.57
N PHE C 1074 19.62 30.77 63.74
CA PHE C 1074 19.67 30.29 62.36
C PHE C 1074 19.51 31.46 61.39
N PRO C 1075 20.17 31.44 60.24
CA PRO C 1075 20.08 32.56 59.30
C PRO C 1075 18.91 32.40 58.33
N ARG C 1076 18.56 33.52 57.70
CA ARG C 1076 17.60 33.56 56.62
C ARG C 1076 18.29 34.05 55.35
N GLU C 1077 17.95 33.43 54.23
CA GLU C 1077 18.51 33.64 52.88
C GLU C 1077 20.02 33.85 52.86
N GLY C 1078 20.75 33.07 53.65
CA GLY C 1078 22.19 33.20 53.70
C GLY C 1078 22.83 32.06 54.46
N VAL C 1079 24.16 32.12 54.57
CA VAL C 1079 24.94 31.12 55.28
C VAL C 1079 25.92 31.83 56.19
N PHE C 1080 26.40 31.11 57.20
CA PHE C 1080 27.38 31.63 58.14
C PHE C 1080 28.77 31.34 57.62
N VAL C 1081 29.52 32.39 57.28
CA VAL C 1081 30.82 32.27 56.65
C VAL C 1081 31.82 33.16 57.38
N MET C 1082 32.94 32.59 57.79
CA MET C 1082 34.03 33.35 58.39
C MET C 1082 35.14 33.53 57.38
N ASN C 1083 35.84 34.67 57.45
CA ASN C 1083 36.87 35.01 56.49
C ASN C 1083 38.28 34.78 57.03
N GLY C 1084 38.42 34.25 58.24
CA GLY C 1084 39.73 34.01 58.83
C GLY C 1084 39.88 34.60 60.21
N THR C 1085 39.16 35.68 60.50
CA THR C 1085 39.22 36.34 61.79
C THR C 1085 37.94 36.13 62.59
N HIS C 1086 36.79 36.47 62.03
CA HIS C 1086 35.51 36.29 62.71
C HIS C 1086 34.42 36.10 61.67
N TRP C 1087 33.27 35.61 62.14
CA TRP C 1087 32.23 35.11 61.26
C TRP C 1087 31.40 36.26 60.68
N PHE C 1088 30.77 35.97 59.54
CA PHE C 1088 29.89 36.91 58.85
C PHE C 1088 28.66 36.15 58.37
N ILE C 1089 27.85 36.81 57.55
CA ILE C 1089 26.71 36.19 56.89
C ILE C 1089 26.61 36.76 55.48
N THR C 1090 26.42 35.88 54.50
CA THR C 1090 26.38 36.30 53.11
C THR C 1090 25.45 35.38 52.33
N GLN C 1091 24.98 35.88 51.19
CA GLN C 1091 24.18 35.05 50.30
C GLN C 1091 25.07 34.11 49.51
N ARG C 1092 24.46 33.04 49.00
CA ARG C 1092 25.24 31.95 48.41
C ARG C 1092 25.74 32.31 47.01
N ASN C 1093 24.96 33.05 46.23
CA ASN C 1093 25.31 33.30 44.83
C ASN C 1093 26.32 34.43 44.64
N PHE C 1094 26.65 35.17 45.69
CA PHE C 1094 27.63 36.25 45.58
C PHE C 1094 28.21 36.51 46.95
N TYR C 1095 29.53 36.68 47.00
CA TYR C 1095 30.24 36.89 48.28
C TYR C 1095 30.12 38.35 48.67
N SER C 1096 29.10 38.65 49.46
CA SER C 1096 28.89 39.99 50.02
C SER C 1096 28.69 39.83 51.53
N PRO C 1097 29.77 39.72 52.29
CA PRO C 1097 29.64 39.41 53.72
C PRO C 1097 29.07 40.59 54.51
N GLN C 1098 28.23 40.27 55.49
CA GLN C 1098 27.60 41.26 56.34
C GLN C 1098 27.79 40.86 57.79
N VAL C 1099 27.69 41.86 58.68
CA VAL C 1099 27.82 41.59 60.11
C VAL C 1099 26.57 40.87 60.61
N ILE C 1100 26.75 39.96 61.55
CA ILE C 1100 25.64 39.17 62.08
C ILE C 1100 24.93 39.96 63.16
N THR C 1101 23.66 40.29 62.90
CA THR C 1101 22.81 41.01 63.85
C THR C 1101 21.60 40.15 64.18
N THR C 1102 20.75 40.68 65.07
CA THR C 1102 19.52 39.99 65.43
C THR C 1102 18.44 40.12 64.35
N ASP C 1103 18.62 41.02 63.39
CA ASP C 1103 17.72 41.13 62.25
C ASP C 1103 17.98 40.03 61.24
N ASN C 1104 19.24 39.68 61.03
CA ASN C 1104 19.60 38.65 60.04
C ASN C 1104 19.20 37.26 60.49
N THR C 1105 19.31 36.96 61.78
CA THR C 1105 19.06 35.64 62.32
C THR C 1105 17.77 35.64 63.14
N PHE C 1106 17.39 34.46 63.63
CA PHE C 1106 16.18 34.32 64.43
C PHE C 1106 16.37 33.22 65.47
N GLU C 1107 15.85 33.47 66.67
CA GLU C 1107 15.99 32.53 67.78
C GLU C 1107 14.98 31.39 67.64
N SER C 1108 15.45 30.16 67.86
CA SER C 1108 14.56 29.00 67.88
C SER C 1108 15.16 27.93 68.78
N GLY C 1109 14.50 27.66 69.91
CA GLY C 1109 14.87 26.55 70.76
C GLY C 1109 16.19 26.74 71.48
N SER C 1110 16.74 25.61 71.91
CA SER C 1110 18.01 25.57 72.62
C SER C 1110 19.10 25.02 71.70
N CYS C 1111 20.35 25.31 72.06
CA CYS C 1111 21.50 24.91 71.27
C CYS C 1111 22.18 23.65 71.79
N ASP C 1112 21.53 22.92 72.71
CA ASP C 1112 22.17 21.76 73.32
C ASP C 1112 22.34 20.61 72.34
N VAL C 1113 21.41 20.43 71.40
CA VAL C 1113 21.50 19.38 70.38
C VAL C 1113 21.36 20.00 68.99
N VAL C 1114 22.49 20.43 68.43
CA VAL C 1114 22.61 20.82 67.03
C VAL C 1114 23.94 20.24 66.54
N ILE C 1115 23.90 19.51 65.42
CA ILE C 1115 25.09 18.86 64.92
C ILE C 1115 25.99 19.92 64.27
N GLY C 1116 27.12 20.19 64.90
CA GLY C 1116 28.09 21.12 64.35
C GLY C 1116 27.97 22.57 64.76
N ILE C 1117 27.25 22.85 65.85
CA ILE C 1117 27.06 24.24 66.28
C ILE C 1117 28.37 24.78 66.87
N ILE C 1118 28.49 26.10 66.87
CA ILE C 1118 29.67 26.80 67.35
C ILE C 1118 29.26 27.80 68.41
N ASN C 1119 30.25 28.53 68.94
CA ASN C 1119 30.05 29.58 69.93
C ASN C 1119 30.45 30.92 69.32
N ASN C 1120 29.52 31.85 69.27
CA ASN C 1120 29.79 33.18 68.75
C ASN C 1120 28.74 34.15 69.30
N THR C 1121 29.06 35.44 69.22
CA THR C 1121 28.17 36.49 69.68
C THR C 1121 27.37 37.06 68.51
N VAL C 1122 26.22 37.66 68.84
CA VAL C 1122 25.33 38.28 67.86
C VAL C 1122 25.12 39.73 68.27
N TYR C 1123 25.19 40.63 67.27
CA TYR C 1123 25.11 42.06 67.53
C TYR C 1123 23.66 42.45 67.84
N ASP C 1124 23.46 43.18 68.93
CA ASP C 1124 22.19 43.77 69.27
C ASP C 1124 22.27 45.27 69.03
N PRO C 1125 21.39 45.86 68.20
CA PRO C 1125 21.50 47.29 67.90
C PRO C 1125 21.21 48.20 69.08
N LEU C 1126 20.57 47.71 70.14
CA LEU C 1126 20.29 48.53 71.32
C LEU C 1126 21.57 48.81 72.10
#